data_5OY7
#
_entry.id   5OY7
#
_cell.length_a   66.624
_cell.length_b   161.465
_cell.length_c   227.915
_cell.angle_alpha   78.94
_cell.angle_beta   83.86
_cell.angle_gamma   83.74
#
_symmetry.space_group_name_H-M   'P 1'
#
loop_
_entity.id
_entity.type
_entity.pdbx_description
1 polymer 'Histone H2B 1.1'
2 polymer 'Histone H3'
3 polymer 'Histone H4'
4 polymer 'Histone H2A'
5 polymer 'DNA (619-MER)'
6 polymer 'DNA (619-MER)'
7 non-polymer 'CHLORIDE ION'
#
loop_
_entity_poly.entity_id
_entity_poly.type
_entity_poly.pdbx_seq_one_letter_code
_entity_poly.pdbx_strand_id
1 'polypeptide(L)'
;MPEPAKSAPAPKKGSKKAVTKTQKKDGKKRRKTRKESYAIYVYKVLKQVHPDTGISSKAMSIMNSFVNDVFERIAGEASR
LAHYNKRSTITSREIQTAVRLLLPGELAKHAVSEGTKAVTKYTSAK
;
L,P,D,H,T,X,b,f
2 'polypeptide(L)'
;ARTKQTARKSTGGKAPRKQLATKAARKSAPATGGVKKPHRYRPGTVALREIRRYQKSTELLIRKLPFQRLVREIAQDFKT
DLRFQSSAVMALQEASEAYLVALFEDTNLCAIHAKRVTIMPKDIQLARRIRGERA
;
M,Q,I,A,E,U,Y,c
3 'polypeptide(L)'
;SGRGKGGKGLGKGGAKRHRKVLRDNIQGITKPAIRRLARRGGVKRISGLIYEETRGVLKVFLENVIRDAVTYTEHAKRKT
VTAMDVVYALKRQGRTLYGFGG
;
N,R,J,B,F,V,Z,d
4 'polypeptide(L)'
;MSGRGKQGGKTRAKAKTRSSRAGLQFPVGRVHRLLRKGNYAERVGAGAPVYLAAVLEYLTAEILELAGNAARDNKKTRII
PRHLQLAVRNDEELNKLLGRVTIAQGGVLPNIQSVLLPKKTESSKSAKSK
;
O,C,G,K,S,W,a,e
5 'polydeoxyribonucleotide'
;(DG)(DA)(DT)(DA)(DT)(DC)(DC)(DC)(DC)(DT)(DG)(DG)(DA)(DG)(DA)(DA)(DT)(DC)(DC)(DC)
(DG)(DG)(DT)(DG)(DC)(DC)(DG)(DA)(DG)(DG)(DC)(DC)(DG)(DC)(DT)(DC)(DA)(DA)(DT)(DT)
(DG)(DG)(DT)(DC)(DG)(DT)(DA)(DG)(DA)(DC)(DA)(DG)(DC)(DT)(DC)(DT)(DA)(DG)(DC)(DA)
(DC)(DC)(DG)(DC)(DT)(DT)(DA)(DA)(DA)(DC)(DG)(DC)(DA)(DC)(DG)(DT)(DA)(DC)(DG)(DC)
(DG)(DC)(DT)(DG)(DT)(DC)(DC)(DC)(DC)(DC)(DG)(DC)(DG)(DT)(DT)(DT)(DT)(DA)(DA)(DC)
(DC)(DG)(DC)(DC)(DA)(DA)(DG)(DG)(DG)(DG)(DA)(DT)(DT)(DA)(DC)(DT)(DC)(DC)(DC)(DT)
(DA)(DG)(DT)(DC)(DT)(DC)(DC)(DA)(DG)(DG)(DC)(DA)(DC)(DG)(DT)(DG)(DT)(DC)(DA)(DG)
(DA)(DT)(DA)(DT)(DA)(DT)(DA)(DC)(DA)(DT)(DC)(DC)(DT)(DG)(DT)(DG)(DC)(DA)(DG)(DT)
(DA)(DC)(DT)(DC)(DC)(DC)(DT)(DG)(DG)(DA)(DG)(DA)(DA)(DT)(DC)(DC)(DC)(DG)(DG)(DT)
(DG)(DC)(DC)(DG)(DA)(DG)(DG)(DC)(DC)(DG)(DC)(DT)(DC)(DA)(DA)(DT)(DT)(DG)(DG)(DT)
(DC)(DG)(DT)(DA)(DG)(DA)(DC)(DA)(DG)(DC)(DT)(DC)(DT)(DA)(DG)(DC)(DA)(DC)(DC)(DG)
(DC)(DT)(DT)(DA)(DA)(DA)(DC)(DG)(DC)(DA)(DC)(DG)(DT)(DA)(DC)(DG)(DC)(DG)(DC)(DT)
(DG)(DT)(DC)(DC)(DC)(DC)(DC)(DG)(DC)(DG)(DT)(DT)(DT)(DT)(DA)(DA)(DC)(DC)(DG)(DC)
(DC)(DA)(DA)(DG)(DG)(DG)(DG)(DA)(DT)(DT)(DA)(DC)(DT)(DC)(DC)(DC)(DT)(DA)(DG)(DT)
(DC)(DT)(DC)(DC)(DA)(DG)(DG)(DC)(DA)(DC)(DG)(DT)(DG)(DT)(DC)(DA)(DG)(DA)(DT)(DA)
(DT)(DA)(DT)(DA)(DC)(DA)(DT)(DC)(DC)(DT)(DG)(DT)(DG)(DC)(DA)(DG)(DT)(DA)(DC)(DT)
(DC)(DC)(DC)(DT)(DG)(DG)(DA)(DG)(DA)(DA)(DT)(DC)(DC)(DC)(DG)(DG)(DT)(DG)(DC)(DC)
(DG)(DA)(DG)(DG)(DC)(DC)(DG)(DC)(DT)(DC)(DA)(DA)(DT)(DT)(DG)(DG)(DT)(DC)(DG)(DT)
(DA)(DG)(DA)(DC)(DA)(DG)(DC)(DT)(DC)(DT)(DA)(DG)(DC)(DA)(DC)(DC)(DG)(DC)(DT)(DT)
(DA)(DA)(DA)(DC)(DG)(DC)(DA)(DC)(DG)(DT)(DA)(DC)(DG)(DC)(DG)(DC)(DT)(DG)(DT)(DC)
(DC)(DC)(DC)(DC)(DG)(DC)(DG)(DT)(DT)(DT)(DT)(DA)(DA)(DC)(DC)(DG)(DC)(DC)(DA)(DA)
(DG)(DG)(DG)(DG)(DA)(DT)(DT)(DA)(DC)(DT)(DC)(DC)(DC)(DT)(DA)(DG)(DT)(DC)(DT)(DC)
(DC)(DA)(DG)(DG)(DC)(DA)(DC)(DG)(DT)(DG)(DT)(DC)(DA)(DG)(DA)(DT)(DA)(DT)(DA)(DT)
(DA)(DC)(DA)(DT)(DC)(DC)(DT)(DG)(DT)(DG)(DC)(DA)(DG)(DT)(DA)(DC)(DT)(DC)(DC)(DC)
(DT)(DG)(DG)(DA)(DG)(DA)(DA)(DT)(DC)(DC)(DC)(DG)(DG)(DT)(DG)(DC)(DC)(DG)(DA)(DG)
(DG)(DC)(DC)(DG)(DC)(DT)(DC)(DA)(DA)(DT)(DT)(DG)(DG)(DT)(DC)(DG)(DT)(DA)(DG)(DA)
(DC)(DA)(DG)(DC)(DT)(DC)(DT)(DA)(DG)(DC)(DA)(DC)(DC)(DG)(DC)(DT)(DT)(DA)(DA)(DA)
(DC)(DG)(DC)(DA)(DC)(DG)(DT)(DA)(DC)(DG)(DC)(DG)(DC)(DT)(DG)(DT)(DC)(DC)(DC)(DC)
(DC)(DG)(DC)(DG)(DT)(DT)(DT)(DT)(DA)(DA)(DC)(DC)(DG)(DC)(DC)(DA)(DA)(DG)(DG)(DG)
(DG)(DA)(DT)(DT)(DA)(DC)(DT)(DC)(DC)(DC)(DT)(DA)(DG)(DT)(DC)(DT)(DC)(DC)(DA)(DG)
(DG)(DC)(DA)(DC)(DG)(DT)(DG)(DT)(DC)(DA)(DG)(DA)(DT)(DA)(DT)(DA)(DT)(DA)(DC)(DA)
(DT)(DC)(DC)(DT)(DG)(DT)(DG)(DC)(DG)(DA)(DT)(DA)(DT)(DC)
;
g
6 'polydeoxyribonucleotide'
;(DA)(DT)(DC)(DG)(DC)(DA)(DC)(DA)(DG)(DG)(DA)(DT)(DG)(DT)(DA)(DT)(DA)(DT)(DA)(DT)
(DC)(DT)(DG)(DA)(DC)(DA)(DC)(DG)(DT)(DG)(DC)(DC)(DT)(DG)(DG)(DA)(DG)(DA)(DC)(DT)
(DA)(DG)(DG)(DG)(DA)(DG)(DT)(DA)(DA)(DT)(DC)(DC)(DC)(DC)(DT)(DT)(DG)(DG)(DC)(DG)
(DG)(DT)(DT)(DA)(DA)(DA)(DA)(DC)(DG)(DC)(DG)(DG)(DG)(DG)(DG)(DA)(DC)(DA)(DG)(DC)
(DG)(DC)(DG)(DT)(DA)(DC)(DG)(DT)(DG)(DC)(DG)(DT)(DT)(DT)(DA)(DA)(DG)(DC)(DG)(DG)
(DT)(DG)(DC)(DT)(DA)(DG)(DA)(DG)(DC)(DT)(DG)(DT)(DC)(DT)(DA)(DC)(DG)(DA)(DC)(DC)
(DA)(DA)(DT)(DT)(DG)(DA)(DG)(DC)(DG)(DG)(DC)(DC)(DT)(DC)(DG)(DG)(DC)(DA)(DC)(DC)
(DG)(DG)(DG)(DA)(DT)(DT)(DC)(DT)(DC)(DC)(DA)(DG)(DG)(DG)(DA)(DG)(DT)(DA)(DC)(DT)
(DG)(DC)(DA)(DC)(DA)(DG)(DG)(DA)(DT)(DG)(DT)(DA)(DT)(DA)(DT)(DA)(DT)(DC)(DT)(DG)
(DA)(DC)(DA)(DC)(DG)(DT)(DG)(DC)(DC)(DT)(DG)(DG)(DA)(DG)(DA)(DC)(DT)(DA)(DG)(DG)
(DG)(DA)(DG)(DT)(DA)(DA)(DT)(DC)(DC)(DC)(DC)(DT)(DT)(DG)(DG)(DC)(DG)(DG)(DT)(DT)
(DA)(DA)(DA)(DA)(DC)(DG)(DC)(DG)(DG)(DG)(DG)(DG)(DA)(DC)(DA)(DG)(DC)(DG)(DC)(DG)
(DT)(DA)(DC)(DG)(DT)(DG)(DC)(DG)(DT)(DT)(DT)(DA)(DA)(DG)(DC)(DG)(DG)(DT)(DG)(DC)
(DT)(DA)(DG)(DA)(DG)(DC)(DT)(DG)(DT)(DC)(DT)(DA)(DC)(DG)(DA)(DC)(DC)(DA)(DA)(DT)
(DT)(DG)(DA)(DG)(DC)(DG)(DG)(DC)(DC)(DT)(DC)(DG)(DG)(DC)(DA)(DC)(DC)(DG)(DG)(DG)
(DA)(DT)(DT)(DC)(DT)(DC)(DC)(DA)(DG)(DG)(DG)(DA)(DG)(DT)(DA)(DC)(DT)(DG)(DC)(DA)
(DC)(DA)(DG)(DG)(DA)(DT)(DG)(DT)(DA)(DT)(DA)(DT)(DA)(DT)(DC)(DT)(DG)(DA)(DC)(DA)
(DC)(DG)(DT)(DG)(DC)(DC)(DT)(DG)(DG)(DA)(DG)(DA)(DC)(DT)(DA)(DG)(DG)(DG)(DA)(DG)
(DT)(DA)(DA)(DT)(DC)(DC)(DC)(DC)(DT)(DT)(DG)(DG)(DC)(DG)(DG)(DT)(DT)(DA)(DA)(DA)
(DA)(DC)(DG)(DC)(DG)(DG)(DG)(DG)(DG)(DA)(DC)(DA)(DG)(DC)(DG)(DC)(DG)(DT)(DA)(DC)
(DG)(DT)(DG)(DC)(DG)(DT)(DT)(DT)(DA)(DA)(DG)(DC)(DG)(DG)(DT)(DG)(DC)(DT)(DA)(DG)
(DA)(DG)(DC)(DT)(DG)(DT)(DC)(DT)(DA)(DC)(DG)(DA)(DC)(DC)(DA)(DA)(DT)(DT)(DG)(DA)
(DG)(DC)(DG)(DG)(DC)(DC)(DT)(DC)(DG)(DG)(DC)(DA)(DC)(DC)(DG)(DG)(DG)(DA)(DT)(DT)
(DC)(DT)(DC)(DC)(DA)(DG)(DG)(DG)(DA)(DG)(DT)(DA)(DC)(DT)(DG)(DC)(DA)(DC)(DA)(DG)
(DG)(DA)(DT)(DG)(DT)(DA)(DT)(DA)(DT)(DA)(DT)(DC)(DT)(DG)(DA)(DC)(DA)(DC)(DG)(DT)
(DG)(DC)(DC)(DT)(DG)(DG)(DA)(DG)(DA)(DC)(DT)(DA)(DG)(DG)(DG)(DA)(DG)(DT)(DA)(DA)
(DT)(DC)(DC)(DC)(DC)(DT)(DT)(DG)(DG)(DC)(DG)(DG)(DT)(DT)(DA)(DA)(DA)(DA)(DC)(DG)
(DC)(DG)(DG)(DG)(DG)(DG)(DA)(DC)(DA)(DG)(DC)(DG)(DC)(DG)(DT)(DA)(DC)(DG)(DT)(DG)
(DC)(DG)(DT)(DT)(DT)(DA)(DA)(DG)(DC)(DG)(DG)(DT)(DG)(DC)(DT)(DA)(DG)(DA)(DG)(DC)
(DT)(DG)(DT)(DC)(DT)(DA)(DC)(DG)(DA)(DC)(DC)(DA)(DA)(DT)(DT)(DG)(DA)(DG)(DC)(DG)
(DG)(DC)(DC)(DT)(DC)(DG)(DG)(DC)(DA)(DC)(DC)(DG)(DG)(DG)(DA)(DT)(DT)(DC)(DT)(DC)
(DC)(DA)(DG)(DG)(DG)(DG)(DA)(DT)
;
h
#
# COMPACT_ATOMS: atom_id res chain seq x y z
N LYS A 32 -30.28 99.29 4.75
CA LYS A 32 -30.50 97.89 4.25
C LYS A 32 -31.35 97.94 2.97
N THR A 33 -30.66 97.94 1.82
CA THR A 33 -31.24 98.22 0.50
C THR A 33 -32.65 97.68 0.21
N ARG A 34 -33.41 98.48 -0.53
CA ARG A 34 -34.84 98.31 -0.71
C ARG A 34 -35.18 97.58 -2.02
N LYS A 35 -34.71 96.34 -2.16
CA LYS A 35 -34.88 95.58 -3.41
C LYS A 35 -36.35 95.23 -3.75
N GLU A 36 -36.76 95.64 -4.95
CA GLU A 36 -38.13 95.42 -5.44
C GLU A 36 -38.39 94.00 -5.92
N SER A 37 -39.67 93.67 -6.12
CA SER A 37 -40.08 92.45 -6.82
C SER A 37 -41.54 92.56 -7.20
N TYR A 38 -42.11 91.45 -7.70
CA TYR A 38 -43.54 91.36 -7.97
C TYR A 38 -44.29 90.55 -6.91
N ALA A 39 -43.57 90.12 -5.86
CA ALA A 39 -44.07 89.18 -4.85
C ALA A 39 -45.51 89.38 -4.39
N ILE A 40 -45.83 90.56 -3.88
CA ILE A 40 -47.16 90.83 -3.28
C ILE A 40 -48.31 90.71 -4.28
N TYR A 41 -48.04 91.06 -5.54
CA TYR A 41 -49.06 91.02 -6.60
C TYR A 41 -49.31 89.62 -7.10
N VAL A 42 -48.23 88.84 -7.20
CA VAL A 42 -48.31 87.42 -7.44
C VAL A 42 -49.30 86.82 -6.43
N TYR A 43 -49.10 87.14 -5.16
CA TYR A 43 -49.95 86.67 -4.07
C TYR A 43 -51.43 87.05 -4.25
N LYS A 44 -51.71 88.34 -4.35
CA LYS A 44 -53.05 88.83 -4.62
C LYS A 44 -53.73 88.08 -5.77
N VAL A 45 -53.00 87.85 -6.86
CA VAL A 45 -53.53 87.07 -7.97
C VAL A 45 -53.73 85.60 -7.60
N LEU A 46 -52.83 85.07 -6.77
CA LEU A 46 -52.97 83.72 -6.23
C LEU A 46 -54.31 83.59 -5.50
N LYS A 47 -54.64 84.59 -4.68
CA LYS A 47 -55.91 84.61 -3.97
C LYS A 47 -57.09 84.69 -4.92
N GLN A 48 -56.94 85.51 -5.97
CA GLN A 48 -57.95 85.61 -7.02
C GLN A 48 -58.28 84.28 -7.69
N VAL A 49 -57.39 83.29 -7.60
CA VAL A 49 -57.60 82.02 -8.31
C VAL A 49 -57.69 80.81 -7.41
N HIS A 50 -56.97 80.83 -6.31
CA HIS A 50 -56.95 79.72 -5.35
C HIS A 50 -56.96 80.25 -3.93
N PRO A 51 -58.07 80.89 -3.50
CA PRO A 51 -58.14 81.63 -2.24
C PRO A 51 -57.56 80.89 -1.04
N ASP A 52 -57.81 79.59 -0.94
CA ASP A 52 -57.32 78.81 0.19
C ASP A 52 -56.05 78.03 -0.15
N THR A 53 -55.04 78.73 -0.68
CA THR A 53 -53.75 78.12 -1.04
C THR A 53 -52.59 79.09 -0.83
N GLY A 54 -51.41 78.56 -0.48
CA GLY A 54 -50.23 79.39 -0.25
C GLY A 54 -49.01 79.06 -1.11
N ILE A 55 -47.89 79.74 -0.84
CA ILE A 55 -46.68 79.61 -1.67
C ILE A 55 -45.38 79.64 -0.85
N SER A 56 -44.35 78.96 -1.35
CA SER A 56 -43.03 78.99 -0.73
C SER A 56 -42.16 80.09 -1.34
N SER A 57 -41.14 80.51 -0.60
CA SER A 57 -40.19 81.52 -1.07
C SER A 57 -39.51 81.03 -2.34
N LYS A 58 -39.09 79.77 -2.33
CA LYS A 58 -38.43 79.16 -3.47
C LYS A 58 -39.26 79.21 -4.75
N ALA A 59 -40.56 78.99 -4.63
CA ALA A 59 -41.48 79.08 -5.76
C ALA A 59 -41.80 80.54 -6.07
N MET A 60 -41.69 81.39 -5.07
CA MET A 60 -41.95 82.82 -5.22
C MET A 60 -40.89 83.47 -6.10
N SER A 61 -39.65 83.03 -5.92
CA SER A 61 -38.57 83.48 -6.77
C SER A 61 -38.90 83.11 -8.22
N ILE A 62 -39.27 81.84 -8.43
CA ILE A 62 -39.62 81.34 -9.76
C ILE A 62 -40.73 82.15 -10.41
N MET A 63 -41.72 82.57 -9.63
CA MET A 63 -42.79 83.40 -10.15
C MET A 63 -42.26 84.78 -10.51
N ASN A 64 -41.41 85.33 -9.65
CA ASN A 64 -40.78 86.61 -9.97
C ASN A 64 -39.83 86.53 -11.17
N SER A 65 -39.05 85.45 -11.27
CA SER A 65 -38.19 85.26 -12.44
C SER A 65 -39.07 85.22 -13.68
N PHE A 66 -40.12 84.39 -13.61
CA PHE A 66 -41.03 84.21 -14.71
C PHE A 66 -41.55 85.53 -15.21
N VAL A 67 -41.94 86.40 -14.28
CA VAL A 67 -42.50 87.70 -14.64
C VAL A 67 -41.50 88.58 -15.39
N ASN A 68 -40.30 88.72 -14.83
CA ASN A 68 -39.25 89.50 -15.47
C ASN A 68 -38.86 88.97 -16.85
N ASP A 69 -38.73 87.65 -16.97
CA ASP A 69 -38.40 87.05 -18.26
C ASP A 69 -39.46 87.41 -19.30
N VAL A 70 -40.72 87.23 -18.92
CA VAL A 70 -41.80 87.47 -19.85
C VAL A 70 -41.86 88.95 -20.20
N PHE A 71 -41.67 89.81 -19.20
CA PHE A 71 -41.60 91.25 -19.40
C PHE A 71 -40.53 91.66 -20.42
N GLU A 72 -39.31 91.09 -20.29
CA GLU A 72 -38.25 91.38 -21.26
C GLU A 72 -38.66 90.96 -22.66
N ARG A 73 -39.07 89.70 -22.80
CA ARG A 73 -39.33 89.13 -24.11
C ARG A 73 -40.38 89.96 -24.86
N ILE A 74 -41.42 90.39 -24.14
CA ILE A 74 -42.50 91.15 -24.76
C ILE A 74 -41.99 92.56 -25.07
N ALA A 75 -41.41 93.19 -24.05
CA ALA A 75 -40.83 94.52 -24.20
C ALA A 75 -39.82 94.58 -25.38
N GLY A 76 -38.91 93.59 -25.43
CA GLY A 76 -37.91 93.46 -26.46
C GLY A 76 -38.49 93.42 -27.86
N GLU A 77 -39.45 92.52 -28.08
CA GLU A 77 -40.15 92.35 -29.37
C GLU A 77 -40.80 93.64 -29.82
N ALA A 78 -41.45 94.27 -28.86
CA ALA A 78 -42.11 95.53 -29.05
C ALA A 78 -41.11 96.54 -29.55
N SER A 79 -39.98 96.60 -28.85
CA SER A 79 -38.87 97.47 -29.23
C SER A 79 -38.41 97.33 -30.68
N ARG A 80 -38.26 96.10 -31.17
CA ARG A 80 -37.82 95.90 -32.54
C ARG A 80 -38.91 96.35 -33.51
N LEU A 81 -40.15 95.92 -33.21
CA LEU A 81 -41.37 96.35 -33.90
C LEU A 81 -41.38 97.84 -34.25
N ALA A 82 -41.27 98.67 -33.21
CA ALA A 82 -41.08 100.11 -33.39
C ALA A 82 -39.98 100.43 -34.42
N HIS A 83 -38.75 100.01 -34.11
CA HIS A 83 -37.61 100.23 -35.02
C HIS A 83 -37.92 99.82 -36.46
N TYR A 84 -38.34 98.58 -36.62
CA TYR A 84 -38.67 98.02 -37.92
C TYR A 84 -39.58 98.94 -38.73
N ASN A 85 -40.44 99.66 -38.01
CA ASN A 85 -41.46 100.47 -38.63
C ASN A 85 -41.14 101.96 -38.51
N LYS A 86 -39.87 102.27 -38.34
CA LYS A 86 -39.38 103.66 -38.28
C LYS A 86 -40.29 104.54 -37.45
N ARG A 87 -40.51 104.15 -36.21
CA ARG A 87 -41.41 104.86 -35.30
C ARG A 87 -40.85 104.82 -33.89
N SER A 88 -41.11 105.88 -33.13
CA SER A 88 -40.44 106.14 -31.86
C SER A 88 -41.21 105.71 -30.63
N THR A 89 -42.41 105.20 -30.81
CA THR A 89 -43.28 104.96 -29.64
C THR A 89 -43.75 103.52 -29.55
N ILE A 90 -43.66 102.99 -28.33
CA ILE A 90 -44.17 101.68 -27.98
C ILE A 90 -45.55 101.84 -27.37
N THR A 91 -46.57 101.64 -28.20
CA THR A 91 -47.96 101.74 -27.76
C THR A 91 -48.51 100.38 -27.38
N SER A 92 -49.71 100.38 -26.84
CA SER A 92 -50.44 99.15 -26.53
C SER A 92 -50.53 98.23 -27.74
N ARG A 93 -50.55 98.82 -28.94
CA ARG A 93 -50.61 98.08 -30.19
C ARG A 93 -49.31 97.30 -30.41
N GLU A 94 -48.19 98.01 -30.35
CA GLU A 94 -46.90 97.34 -30.38
C GLU A 94 -46.88 96.23 -29.35
N ILE A 95 -47.21 96.53 -28.10
CA ILE A 95 -47.25 95.47 -27.10
C ILE A 95 -48.09 94.33 -27.59
N GLN A 96 -49.24 94.66 -28.14
CA GLN A 96 -50.17 93.64 -28.57
C GLN A 96 -49.49 92.70 -29.53
N THR A 97 -49.06 93.20 -30.68
CA THR A 97 -48.52 92.30 -31.70
C THR A 97 -47.28 91.53 -31.20
N ALA A 98 -46.48 92.17 -30.36
CA ALA A 98 -45.39 91.52 -29.62
C ALA A 98 -45.85 90.22 -28.96
N VAL A 99 -46.94 90.34 -28.21
CA VAL A 99 -47.68 89.24 -27.59
C VAL A 99 -48.07 88.18 -28.59
N ARG A 100 -48.48 88.59 -29.78
CA ARG A 100 -48.92 87.61 -30.77
C ARG A 100 -47.78 86.84 -31.40
N LEU A 101 -46.60 87.45 -31.43
CA LEU A 101 -45.40 86.77 -31.87
C LEU A 101 -44.84 85.93 -30.70
N LEU A 102 -44.94 86.43 -29.49
CA LEU A 102 -44.35 85.70 -28.39
C LEU A 102 -45.10 84.49 -27.87
N LEU A 103 -46.43 84.50 -28.03
CA LEU A 103 -47.28 83.50 -27.38
C LEU A 103 -47.90 82.49 -28.32
N PRO A 104 -48.08 81.24 -27.83
CA PRO A 104 -48.75 80.10 -28.50
C PRO A 104 -50.27 80.27 -28.67
N GLY A 105 -50.70 80.31 -29.94
CA GLY A 105 -52.13 80.34 -30.33
C GLY A 105 -53.18 80.66 -29.25
N GLU A 106 -53.32 79.77 -28.26
CA GLU A 106 -54.41 79.90 -27.29
C GLU A 106 -54.09 80.92 -26.21
N LEU A 107 -52.85 80.87 -25.72
CA LEU A 107 -52.40 81.69 -24.60
C LEU A 107 -52.32 83.15 -25.02
N ALA A 108 -51.92 83.34 -26.28
CA ALA A 108 -51.96 84.62 -26.97
C ALA A 108 -53.38 85.17 -26.99
N LYS A 109 -54.31 84.31 -27.40
CA LYS A 109 -55.72 84.66 -27.58
C LYS A 109 -56.29 85.30 -26.33
N HIS A 110 -56.22 84.58 -25.23
CA HIS A 110 -56.68 85.13 -23.96
C HIS A 110 -55.94 86.41 -23.58
N ALA A 111 -54.62 86.39 -23.74
CA ALA A 111 -53.76 87.54 -23.44
C ALA A 111 -54.23 88.81 -24.14
N VAL A 112 -54.54 88.73 -25.43
CA VAL A 112 -55.04 89.89 -26.16
C VAL A 112 -56.34 90.38 -25.53
N SER A 113 -57.24 89.44 -25.19
CA SER A 113 -58.45 89.75 -24.44
C SER A 113 -58.09 90.65 -23.28
N GLU A 114 -57.57 90.03 -22.22
CA GLU A 114 -57.25 90.72 -20.97
C GLU A 114 -56.53 92.04 -21.24
N GLY A 115 -55.68 92.03 -22.27
CA GLY A 115 -55.00 93.22 -22.74
C GLY A 115 -55.94 94.28 -23.23
N THR A 116 -56.74 93.96 -24.25
CA THR A 116 -57.68 94.93 -24.81
C THR A 116 -58.74 95.38 -23.77
N LYS A 117 -59.17 94.44 -22.93
CA LYS A 117 -60.11 94.70 -21.83
C LYS A 117 -59.59 95.77 -20.87
N ALA A 118 -58.54 95.44 -20.11
CA ALA A 118 -58.01 96.35 -19.07
C ALA A 118 -57.67 97.73 -19.62
N VAL A 119 -57.25 97.78 -20.87
CA VAL A 119 -56.96 99.04 -21.55
C VAL A 119 -58.23 99.87 -21.73
N THR A 120 -59.28 99.28 -22.33
CA THR A 120 -60.55 99.99 -22.52
C THR A 120 -61.12 100.41 -21.18
N LYS A 121 -61.09 99.51 -20.21
CA LYS A 121 -61.55 99.80 -18.86
C LYS A 121 -60.75 100.92 -18.21
N TYR A 122 -59.48 100.99 -18.56
CA TYR A 122 -58.60 102.07 -18.10
C TYR A 122 -59.03 103.38 -18.74
N THR A 123 -59.18 103.37 -20.06
CA THR A 123 -59.58 104.58 -20.78
C THR A 123 -61.01 105.03 -20.45
N SER A 124 -61.76 104.17 -19.75
CA SER A 124 -63.06 104.54 -19.17
C SER A 124 -62.79 105.57 -18.07
N ALA A 125 -62.24 105.07 -16.96
CA ALA A 125 -61.89 105.90 -15.79
C ALA A 125 -60.82 106.94 -16.13
N LYS A 126 -60.70 107.94 -15.27
CA LYS A 126 -59.73 109.04 -15.43
C LYS A 126 -59.63 109.86 -14.13
N HIS B 39 -33.84 36.96 -1.13
CA HIS B 39 -33.55 36.49 -2.51
C HIS B 39 -32.89 37.57 -3.39
N ARG B 40 -32.97 37.38 -4.70
CA ARG B 40 -32.31 38.25 -5.67
C ARG B 40 -33.30 38.83 -6.67
N TYR B 41 -33.25 40.16 -6.85
CA TYR B 41 -34.05 40.84 -7.86
C TYR B 41 -33.39 40.76 -9.24
N ARG B 42 -34.20 40.41 -10.23
CA ARG B 42 -33.72 40.24 -11.61
C ARG B 42 -33.06 41.52 -12.14
N PRO B 43 -31.83 41.40 -12.66
CA PRO B 43 -31.09 42.50 -13.30
C PRO B 43 -31.98 43.46 -14.10
N GLY B 44 -32.07 44.70 -13.62
CA GLY B 44 -32.83 45.75 -14.30
C GLY B 44 -34.09 46.19 -13.58
N THR B 45 -34.42 45.51 -12.49
CA THR B 45 -35.71 45.72 -11.85
C THR B 45 -35.64 46.77 -10.74
N VAL B 46 -34.46 46.92 -10.15
CA VAL B 46 -34.20 48.02 -9.24
C VAL B 46 -33.95 49.29 -10.05
N ALA B 47 -33.41 49.11 -11.26
CA ALA B 47 -33.22 50.20 -12.22
C ALA B 47 -34.54 50.90 -12.46
N LEU B 48 -35.54 50.14 -12.89
CA LEU B 48 -36.89 50.67 -13.08
C LEU B 48 -37.42 51.32 -11.80
N ARG B 49 -37.22 50.65 -10.67
CA ARG B 49 -37.64 51.18 -9.38
C ARG B 49 -36.95 52.50 -9.02
N GLU B 50 -35.66 52.60 -9.31
CA GLU B 50 -34.90 53.84 -9.07
C GLU B 50 -35.36 54.98 -9.96
N ILE B 51 -35.58 54.70 -11.24
CA ILE B 51 -36.11 55.71 -12.16
C ILE B 51 -37.33 56.36 -11.51
N ARG B 52 -38.27 55.53 -11.08
CA ARG B 52 -39.52 56.00 -10.46
C ARG B 52 -39.25 56.94 -9.30
N ARG B 53 -38.29 56.55 -8.47
CA ARG B 53 -37.94 57.28 -7.26
C ARG B 53 -37.37 58.68 -7.53
N TYR B 54 -36.56 58.79 -8.58
CA TYR B 54 -35.86 60.04 -8.90
C TYR B 54 -36.68 61.02 -9.70
N GLN B 55 -37.56 60.49 -10.56
CA GLN B 55 -38.47 61.34 -11.31
C GLN B 55 -39.57 61.89 -10.40
N LYS B 56 -39.76 61.22 -9.26
CA LYS B 56 -40.70 61.69 -8.24
C LYS B 56 -40.11 62.75 -7.33
N SER B 57 -38.78 62.82 -7.27
CA SER B 57 -38.10 63.75 -6.38
C SER B 57 -37.45 64.89 -7.16
N THR B 58 -37.14 65.98 -6.47
CA THR B 58 -36.54 67.15 -7.09
C THR B 58 -35.22 67.52 -6.44
N GLU B 59 -34.76 66.70 -5.51
CA GLU B 59 -33.49 66.96 -4.84
C GLU B 59 -32.30 66.69 -5.77
N LEU B 60 -31.22 67.45 -5.56
CA LEU B 60 -30.03 67.40 -6.41
C LEU B 60 -29.22 66.14 -6.20
N LEU B 61 -28.59 65.67 -7.26
CA LEU B 61 -28.06 64.32 -7.28
C LEU B 61 -26.54 64.22 -7.20
N ILE B 62 -25.85 65.34 -7.42
CA ILE B 62 -24.42 65.40 -7.15
C ILE B 62 -24.27 66.09 -5.81
N ARG B 63 -23.59 65.43 -4.87
CA ARG B 63 -23.32 66.05 -3.58
C ARG B 63 -22.50 67.33 -3.74
N LYS B 64 -22.89 68.34 -2.97
CA LYS B 64 -22.50 69.74 -3.22
C LYS B 64 -21.00 70.00 -3.27
N LEU B 65 -20.25 69.39 -2.37
CA LEU B 65 -18.86 69.78 -2.17
C LEU B 65 -17.87 69.35 -3.26
N PRO B 66 -17.97 68.08 -3.72
CA PRO B 66 -17.16 67.72 -4.90
C PRO B 66 -17.47 68.68 -6.04
N PHE B 67 -18.76 68.86 -6.31
CA PHE B 67 -19.23 69.77 -7.34
C PHE B 67 -18.67 71.16 -7.10
N GLN B 68 -18.82 71.64 -5.88
CA GLN B 68 -18.33 72.96 -5.53
C GLN B 68 -16.84 73.08 -5.82
N ARG B 69 -16.09 72.03 -5.47
CA ARG B 69 -14.65 72.04 -5.72
C ARG B 69 -14.34 71.99 -7.20
N LEU B 70 -15.19 71.30 -7.96
CA LEU B 70 -15.02 71.29 -9.41
C LEU B 70 -15.23 72.69 -9.99
N VAL B 71 -16.19 73.42 -9.44
CA VAL B 71 -16.54 74.75 -9.93
C VAL B 71 -15.39 75.73 -9.74
N ARG B 72 -14.85 75.77 -8.52
CA ARG B 72 -13.73 76.67 -8.18
C ARG B 72 -12.50 76.40 -9.03
N GLU B 73 -12.18 75.12 -9.21
CA GLU B 73 -11.09 74.70 -10.08
C GLU B 73 -11.22 75.32 -11.47
N ILE B 74 -12.38 75.12 -12.09
CA ILE B 74 -12.61 75.56 -13.47
C ILE B 74 -12.52 77.07 -13.64
N ALA B 75 -13.00 77.80 -12.63
CA ALA B 75 -13.01 79.25 -12.66
C ALA B 75 -11.62 79.84 -12.44
N GLN B 76 -10.85 79.21 -11.55
CA GLN B 76 -9.46 79.61 -11.30
C GLN B 76 -8.69 79.72 -12.61
N ASP B 77 -8.97 78.81 -13.55
CA ASP B 77 -8.37 78.83 -14.88
C ASP B 77 -8.74 80.06 -15.69
N PHE B 78 -9.77 80.79 -15.27
CA PHE B 78 -10.18 82.01 -15.97
C PHE B 78 -9.78 83.25 -15.21
N LYS B 79 -9.79 83.18 -13.89
CA LYS B 79 -9.36 84.29 -13.04
C LYS B 79 -9.00 83.83 -11.63
N THR B 80 -7.95 84.44 -11.10
CA THR B 80 -7.36 84.07 -9.81
C THR B 80 -7.99 84.83 -8.65
N ASP B 81 -7.89 84.27 -7.45
CA ASP B 81 -8.32 84.93 -6.21
C ASP B 81 -9.78 85.38 -6.37
N LEU B 82 -10.67 84.40 -6.52
CA LEU B 82 -12.09 84.64 -6.76
C LEU B 82 -12.96 84.07 -5.67
N ARG B 83 -14.10 84.71 -5.43
CA ARG B 83 -15.07 84.23 -4.45
C ARG B 83 -16.42 83.95 -5.11
N PHE B 84 -17.14 82.96 -4.60
CA PHE B 84 -18.44 82.62 -5.15
C PHE B 84 -19.53 82.82 -4.11
N GLN B 85 -20.65 83.41 -4.54
CA GLN B 85 -21.85 83.40 -3.70
C GLN B 85 -22.41 81.98 -3.66
N SER B 86 -22.82 81.53 -2.47
CA SER B 86 -23.37 80.17 -2.32
C SER B 86 -24.58 79.94 -3.22
N SER B 87 -25.34 81.00 -3.47
CA SER B 87 -26.41 80.96 -4.46
C SER B 87 -25.86 80.85 -5.86
N ALA B 88 -24.67 81.41 -6.09
CA ALA B 88 -24.05 81.35 -7.41
C ALA B 88 -23.64 79.93 -7.74
N VAL B 89 -23.28 79.17 -6.71
CA VAL B 89 -22.90 77.76 -6.90
C VAL B 89 -24.14 76.89 -7.10
N MET B 90 -25.17 77.13 -6.30
CA MET B 90 -26.46 76.43 -6.47
C MET B 90 -26.98 76.63 -7.87
N ALA B 91 -27.04 77.88 -8.31
CA ALA B 91 -27.50 78.24 -9.66
C ALA B 91 -26.81 77.39 -10.72
N LEU B 92 -25.49 77.40 -10.70
CA LEU B 92 -24.70 76.53 -11.56
C LEU B 92 -25.13 75.07 -11.42
N GLN B 93 -25.23 74.60 -10.18
CA GLN B 93 -25.58 73.20 -9.94
C GLN B 93 -26.90 72.80 -10.57
N GLU B 94 -27.93 73.60 -10.31
CA GLU B 94 -29.24 73.36 -10.90
C GLU B 94 -29.14 73.32 -12.42
N ALA B 95 -28.57 74.38 -12.98
CA ALA B 95 -28.45 74.54 -14.44
C ALA B 95 -27.77 73.34 -15.09
N SER B 96 -26.77 72.81 -14.39
CA SER B 96 -25.93 71.73 -14.90
C SER B 96 -26.64 70.40 -14.85
N GLU B 97 -27.18 70.07 -13.68
CA GLU B 97 -27.92 68.83 -13.54
C GLU B 97 -29.10 68.80 -14.51
N ALA B 98 -30.04 69.73 -14.35
CA ALA B 98 -31.18 69.85 -15.27
C ALA B 98 -30.76 69.56 -16.71
N TYR B 99 -29.62 70.13 -17.11
CA TYR B 99 -29.05 69.98 -18.45
C TYR B 99 -28.65 68.56 -18.78
N LEU B 100 -28.06 67.90 -17.79
CA LEU B 100 -27.48 66.57 -17.97
C LEU B 100 -28.59 65.56 -18.06
N VAL B 101 -29.69 65.85 -17.38
CA VAL B 101 -30.85 64.97 -17.28
C VAL B 101 -31.54 65.00 -18.63
N ALA B 102 -31.96 66.20 -19.02
CA ALA B 102 -32.35 66.47 -20.39
C ALA B 102 -31.47 65.69 -21.34
N LEU B 103 -30.15 65.86 -21.21
CA LEU B 103 -29.21 65.14 -22.09
C LEU B 103 -29.33 63.62 -22.07
N PHE B 104 -29.45 63.03 -20.90
CA PHE B 104 -29.63 61.59 -20.83
C PHE B 104 -30.93 61.17 -21.51
N GLU B 105 -32.02 61.89 -21.22
CA GLU B 105 -33.28 61.74 -21.95
C GLU B 105 -32.99 61.57 -23.43
N ASP B 106 -32.37 62.55 -24.05
CA ASP B 106 -32.17 62.50 -25.50
C ASP B 106 -31.17 61.43 -25.87
N THR B 107 -30.21 61.18 -24.98
CA THR B 107 -29.23 60.13 -25.20
C THR B 107 -29.99 58.84 -25.32
N ASN B 108 -30.72 58.54 -24.25
CA ASN B 108 -31.55 57.35 -24.14
C ASN B 108 -32.44 57.06 -25.35
N LEU B 109 -32.94 58.10 -26.00
CA LEU B 109 -33.74 57.92 -27.21
C LEU B 109 -32.89 57.37 -28.33
N CYS B 110 -31.66 57.86 -28.44
CA CYS B 110 -30.75 57.36 -29.47
C CYS B 110 -30.42 55.88 -29.24
N ALA B 111 -30.13 55.53 -27.99
CA ALA B 111 -29.91 54.14 -27.61
C ALA B 111 -31.06 53.33 -28.17
N ILE B 112 -32.27 53.72 -27.77
CA ILE B 112 -33.50 53.10 -28.24
C ILE B 112 -33.61 53.10 -29.77
N HIS B 113 -33.20 54.19 -30.42
CA HIS B 113 -33.30 54.25 -31.87
C HIS B 113 -32.48 53.14 -32.53
N ALA B 114 -31.43 52.71 -31.82
CA ALA B 114 -30.50 51.69 -32.29
C ALA B 114 -30.86 50.28 -31.78
N LYS B 115 -32.15 50.10 -31.47
CA LYS B 115 -32.69 48.84 -30.94
C LYS B 115 -31.95 48.38 -29.68
N ARG B 116 -31.20 49.30 -29.07
CA ARG B 116 -30.46 49.03 -27.84
C ARG B 116 -31.26 49.44 -26.57
N VAL B 117 -30.70 49.16 -25.40
CA VAL B 117 -31.35 49.49 -24.13
C VAL B 117 -30.33 50.08 -23.17
N THR B 118 -29.07 50.04 -23.60
CA THR B 118 -27.95 50.58 -22.87
C THR B 118 -27.49 51.84 -23.59
N ILE B 119 -27.37 52.95 -22.86
CA ILE B 119 -26.78 54.15 -23.44
C ILE B 119 -25.27 54.01 -23.54
N MET B 120 -24.70 54.60 -24.59
CA MET B 120 -23.28 54.46 -24.89
C MET B 120 -22.76 55.79 -25.36
N PRO B 121 -21.45 56.04 -25.21
CA PRO B 121 -20.93 57.35 -25.59
C PRO B 121 -21.31 57.76 -27.01
N LYS B 122 -21.50 56.78 -27.90
CA LYS B 122 -21.80 57.09 -29.30
C LYS B 122 -23.18 57.76 -29.45
N ASP B 123 -24.03 57.56 -28.44
CA ASP B 123 -25.37 58.14 -28.40
C ASP B 123 -25.27 59.62 -28.04
N ILE B 124 -24.70 59.90 -26.88
CA ILE B 124 -24.38 61.25 -26.43
C ILE B 124 -23.80 62.09 -27.57
N GLN B 125 -22.81 61.55 -28.28
CA GLN B 125 -22.18 62.25 -29.39
C GLN B 125 -23.21 62.60 -30.47
N LEU B 126 -24.07 61.66 -30.80
CA LEU B 126 -25.16 61.91 -31.76
C LEU B 126 -26.18 62.92 -31.21
N ALA B 127 -26.50 62.81 -29.92
CA ALA B 127 -27.48 63.71 -29.32
C ALA B 127 -26.97 65.12 -29.45
N ARG B 128 -25.81 65.36 -28.85
CA ARG B 128 -25.14 66.65 -28.89
C ARG B 128 -24.90 67.15 -30.32
N ARG B 129 -24.46 66.26 -31.20
CA ARG B 129 -24.23 66.63 -32.58
C ARG B 129 -25.48 67.29 -33.13
N ILE B 130 -26.63 66.65 -32.91
CA ILE B 130 -27.87 67.11 -33.51
C ILE B 130 -28.43 68.35 -32.82
N ARG B 131 -28.24 68.42 -31.51
CA ARG B 131 -28.48 69.64 -30.76
C ARG B 131 -27.70 70.80 -31.34
N GLY B 132 -26.56 70.49 -31.95
CA GLY B 132 -25.63 71.50 -32.44
C GLY B 132 -24.76 72.04 -31.31
N GLU B 133 -24.55 71.22 -30.28
CA GLU B 133 -23.67 71.60 -29.18
C GLU B 133 -22.24 71.34 -29.63
N ARG B 134 -21.89 70.05 -29.68
CA ARG B 134 -20.71 69.58 -30.37
C ARG B 134 -20.84 69.83 -31.89
N ALA B 135 -19.70 69.81 -32.58
CA ALA B 135 -19.58 70.03 -34.02
C ALA B 135 -20.27 68.91 -34.82
N ASN C 25 -10.51 65.79 -8.51
CA ASN C 25 -11.48 66.92 -8.73
C ASN C 25 -12.65 66.58 -9.65
N ILE C 26 -12.39 66.50 -10.95
CA ILE C 26 -13.41 66.10 -11.91
C ILE C 26 -13.93 64.71 -11.50
N GLN C 27 -13.01 63.79 -11.24
CA GLN C 27 -13.36 62.45 -10.79
C GLN C 27 -14.15 62.50 -9.48
N GLY C 28 -14.30 63.70 -8.93
CA GLY C 28 -15.18 63.95 -7.78
C GLY C 28 -16.65 63.81 -8.14
N ILE C 29 -16.94 63.92 -9.44
CA ILE C 29 -18.26 63.61 -9.98
C ILE C 29 -18.36 62.08 -10.02
N THR C 30 -18.91 61.53 -8.94
CA THR C 30 -18.88 60.08 -8.71
C THR C 30 -19.78 59.30 -9.68
N LYS C 31 -19.35 58.09 -9.99
CA LYS C 31 -20.14 57.12 -10.76
C LYS C 31 -21.61 57.05 -10.26
N PRO C 32 -21.83 56.83 -8.95
CA PRO C 32 -23.22 56.77 -8.49
C PRO C 32 -24.01 58.05 -8.74
N ALA C 33 -23.37 59.21 -8.59
CA ALA C 33 -24.03 60.49 -8.84
C ALA C 33 -24.47 60.58 -10.30
N ILE C 34 -23.56 60.24 -11.21
CA ILE C 34 -23.84 60.18 -12.64
C ILE C 34 -24.95 59.16 -12.92
N ARG C 35 -25.00 58.11 -12.12
CA ARG C 35 -26.01 57.08 -12.28
C ARG C 35 -27.39 57.63 -11.96
N ARG C 36 -27.48 58.35 -10.84
CA ARG C 36 -28.75 58.96 -10.41
C ARG C 36 -29.29 59.92 -11.47
N LEU C 37 -28.42 60.74 -12.03
CA LEU C 37 -28.82 61.72 -13.03
C LEU C 37 -29.40 61.02 -14.25
N ALA C 38 -28.78 59.90 -14.64
CA ALA C 38 -29.30 59.15 -15.76
C ALA C 38 -30.63 58.47 -15.42
N ARG C 39 -30.83 58.11 -14.15
CA ARG C 39 -32.09 57.51 -13.71
C ARG C 39 -33.23 58.51 -13.82
N ARG C 40 -33.05 59.68 -13.21
CA ARG C 40 -33.95 60.83 -13.40
C ARG C 40 -34.05 61.16 -14.87
N GLY C 41 -33.04 60.74 -15.63
CA GLY C 41 -32.99 60.93 -17.08
C GLY C 41 -33.85 59.95 -17.86
N GLY C 42 -34.25 58.87 -17.21
CA GLY C 42 -35.10 57.85 -17.84
C GLY C 42 -34.33 56.65 -18.35
N VAL C 43 -33.04 56.62 -18.03
CA VAL C 43 -32.10 55.60 -18.55
C VAL C 43 -32.08 54.34 -17.68
N LYS C 44 -32.15 53.17 -18.30
CA LYS C 44 -32.17 51.91 -17.56
C LYS C 44 -30.79 51.27 -17.41
N ARG C 45 -30.04 51.22 -18.50
CA ARG C 45 -28.76 50.51 -18.53
C ARG C 45 -27.60 51.40 -19.01
N ILE C 46 -26.50 51.37 -18.27
CA ILE C 46 -25.38 52.28 -18.52
C ILE C 46 -24.02 51.59 -18.78
N SER C 47 -23.47 51.82 -19.97
CA SER C 47 -22.10 51.42 -20.33
C SER C 47 -21.06 52.06 -19.42
N GLY C 48 -19.90 51.41 -19.29
CA GLY C 48 -18.81 51.91 -18.44
C GLY C 48 -18.20 53.20 -18.94
N LEU C 49 -18.08 53.33 -20.25
CA LEU C 49 -17.37 54.46 -20.87
C LEU C 49 -18.16 55.77 -20.79
N ILE C 50 -19.47 55.65 -20.59
CA ILE C 50 -20.36 56.78 -20.36
C ILE C 50 -19.84 57.73 -19.28
N TYR C 51 -19.52 57.17 -18.12
CA TYR C 51 -19.16 57.97 -16.94
C TYR C 51 -18.13 59.04 -17.25
N GLU C 52 -17.02 58.63 -17.87
CA GLU C 52 -15.98 59.54 -18.31
C GLU C 52 -16.51 60.51 -19.36
N GLU C 53 -17.27 59.99 -20.32
CA GLU C 53 -17.86 60.85 -21.36
C GLU C 53 -18.70 61.97 -20.74
N THR C 54 -19.58 61.59 -19.82
CA THR C 54 -20.36 62.53 -19.02
C THR C 54 -19.49 63.65 -18.45
N ARG C 55 -18.30 63.28 -17.97
CA ARG C 55 -17.41 64.21 -17.31
C ARG C 55 -16.89 65.28 -18.25
N GLY C 56 -16.39 64.86 -19.41
CA GLY C 56 -15.97 65.84 -20.42
C GLY C 56 -17.11 66.79 -20.77
N VAL C 57 -18.28 66.18 -21.00
CA VAL C 57 -19.51 66.89 -21.27
C VAL C 57 -19.84 67.95 -20.22
N LEU C 58 -19.83 67.53 -18.96
CA LEU C 58 -20.17 68.41 -17.86
C LEU C 58 -19.15 69.52 -17.77
N LYS C 59 -17.89 69.16 -17.98
CA LYS C 59 -16.77 70.08 -17.92
C LYS C 59 -16.98 71.20 -18.93
N VAL C 60 -17.14 70.81 -20.21
CA VAL C 60 -17.39 71.75 -21.31
C VAL C 60 -18.49 72.70 -20.93
N PHE C 61 -19.56 72.13 -20.39
CA PHE C 61 -20.72 72.89 -19.97
C PHE C 61 -20.36 74.00 -18.99
N LEU C 62 -19.85 73.62 -17.81
CA LEU C 62 -19.44 74.60 -16.81
C LEU C 62 -18.45 75.63 -17.38
N GLU C 63 -17.43 75.14 -18.08
CA GLU C 63 -16.45 76.04 -18.64
C GLU C 63 -17.18 77.18 -19.33
N ASN C 64 -17.95 76.86 -20.38
CA ASN C 64 -18.59 77.91 -21.17
C ASN C 64 -19.43 78.86 -20.32
N VAL C 65 -20.16 78.29 -19.36
CA VAL C 65 -21.05 79.07 -18.50
C VAL C 65 -20.25 79.92 -17.54
N ILE C 66 -19.21 79.33 -16.98
CA ILE C 66 -18.34 80.05 -16.05
C ILE C 66 -17.44 81.08 -16.77
N ARG C 67 -17.03 80.77 -17.99
CA ARG C 67 -16.29 81.75 -18.78
C ARG C 67 -17.12 83.03 -18.95
N ASP C 68 -18.35 82.86 -19.41
CA ASP C 68 -19.29 83.96 -19.57
C ASP C 68 -19.59 84.64 -18.22
N ALA C 69 -19.83 83.81 -17.19
CA ALA C 69 -20.08 84.33 -15.85
C ALA C 69 -18.95 85.25 -15.43
N VAL C 70 -17.74 84.71 -15.40
CA VAL C 70 -16.60 85.46 -14.92
C VAL C 70 -16.49 86.77 -15.71
N THR C 71 -16.54 86.69 -17.03
CA THR C 71 -16.54 87.89 -17.87
C THR C 71 -17.47 88.96 -17.32
N TYR C 72 -18.63 88.57 -16.79
CA TYR C 72 -19.54 89.53 -16.18
C TYR C 72 -18.90 90.09 -14.91
N THR C 73 -18.37 89.21 -14.06
CA THR C 73 -17.66 89.65 -12.85
C THR C 73 -16.47 90.56 -13.18
N GLU C 74 -15.60 90.11 -14.10
CA GLU C 74 -14.48 90.95 -14.55
C GLU C 74 -14.96 92.32 -14.98
N HIS C 75 -16.15 92.39 -15.58
CA HIS C 75 -16.66 93.67 -16.08
C HIS C 75 -17.35 94.47 -14.97
N ALA C 76 -17.74 93.77 -13.91
CA ALA C 76 -18.38 94.41 -12.77
C ALA C 76 -17.33 94.81 -11.75
N LYS C 77 -16.06 94.56 -12.10
CA LYS C 77 -14.92 94.84 -11.24
C LYS C 77 -15.13 94.26 -9.84
N ARG C 78 -15.41 92.97 -9.77
CA ARG C 78 -15.63 92.34 -8.49
C ARG C 78 -14.75 91.09 -8.36
N LYS C 79 -14.34 90.79 -7.13
CA LYS C 79 -13.61 89.56 -6.85
C LYS C 79 -14.57 88.47 -6.42
N THR C 80 -15.86 88.77 -6.46
CA THR C 80 -16.89 87.80 -6.09
C THR C 80 -17.96 87.60 -7.16
N VAL C 81 -17.81 86.51 -7.93
CA VAL C 81 -18.83 86.02 -8.85
C VAL C 81 -20.18 85.87 -8.13
N THR C 82 -21.19 86.57 -8.66
CA THR C 82 -22.52 86.60 -8.04
C THR C 82 -23.40 85.53 -8.68
N ALA C 83 -24.65 85.42 -8.20
CA ALA C 83 -25.63 84.56 -8.86
C ALA C 83 -26.07 85.19 -10.19
N MET C 84 -26.17 86.51 -10.20
CA MET C 84 -26.65 87.23 -11.35
C MET C 84 -25.72 87.13 -12.57
N ASP C 85 -24.42 86.99 -12.31
CA ASP C 85 -23.46 86.74 -13.38
C ASP C 85 -23.75 85.38 -13.98
N VAL C 86 -23.88 84.36 -13.11
CA VAL C 86 -24.30 83.04 -13.54
C VAL C 86 -25.58 83.15 -14.36
N VAL C 87 -26.66 83.61 -13.72
CA VAL C 87 -27.94 83.77 -14.39
C VAL C 87 -27.81 84.48 -15.75
N TYR C 88 -27.02 85.55 -15.81
CA TYR C 88 -26.86 86.25 -17.08
C TYR C 88 -26.16 85.35 -18.10
N ALA C 89 -25.33 84.46 -17.59
CA ALA C 89 -24.54 83.61 -18.46
C ALA C 89 -25.45 82.59 -19.12
N LEU C 90 -26.23 81.93 -18.28
CA LEU C 90 -27.18 80.92 -18.73
C LEU C 90 -28.15 81.51 -19.76
N LYS C 91 -28.58 82.76 -19.55
CA LYS C 91 -29.40 83.45 -20.55
C LYS C 91 -28.65 83.52 -21.88
N ARG C 92 -27.53 84.26 -21.90
CA ARG C 92 -26.60 84.25 -23.03
C ARG C 92 -26.58 82.93 -23.77
N GLN C 93 -26.48 81.83 -23.03
CA GLN C 93 -26.32 80.49 -23.61
C GLN C 93 -27.63 79.77 -23.93
N GLY C 94 -28.76 80.44 -23.69
CA GLY C 94 -30.05 79.83 -23.96
C GLY C 94 -30.38 78.68 -23.05
N ARG C 95 -29.94 78.79 -21.79
CA ARG C 95 -30.27 77.81 -20.77
C ARG C 95 -30.77 78.52 -19.52
N THR C 96 -31.68 79.49 -19.75
CA THR C 96 -32.29 80.33 -18.72
C THR C 96 -32.71 79.58 -17.49
N LEU C 97 -32.40 80.13 -16.33
CA LEU C 97 -32.75 79.52 -15.06
C LEU C 97 -33.56 80.49 -14.16
N TYR C 98 -34.57 79.93 -13.51
CA TYR C 98 -35.48 80.69 -12.67
C TYR C 98 -35.22 80.38 -11.21
N GLY C 99 -35.21 81.41 -10.38
CA GLY C 99 -35.14 81.20 -8.94
C GLY C 99 -33.88 81.71 -8.29
N PHE C 100 -33.19 82.62 -8.96
CA PHE C 100 -31.99 83.24 -8.40
C PHE C 100 -31.96 84.73 -8.75
N GLY C 101 -33.14 85.32 -8.82
CA GLY C 101 -33.27 86.71 -9.21
C GLY C 101 -33.35 86.82 -10.72
N GLY C 102 -34.43 86.32 -11.32
CA GLY C 102 -34.65 86.47 -12.76
C GLY C 102 -34.66 87.94 -13.13
N ALA D 15 -6.62 115.43 -40.50
CA ALA D 15 -7.85 114.83 -41.12
C ALA D 15 -9.14 115.22 -40.36
N LYS D 16 -10.24 115.30 -41.11
CA LYS D 16 -11.55 115.65 -40.52
C LYS D 16 -12.32 114.39 -40.10
N THR D 17 -12.49 113.45 -41.04
CA THR D 17 -13.15 112.16 -40.76
C THR D 17 -12.61 111.47 -39.52
N ARG D 18 -13.48 111.22 -38.55
CA ARG D 18 -13.14 110.46 -37.33
C ARG D 18 -12.58 109.10 -37.67
N SER D 19 -12.93 108.63 -38.87
CA SER D 19 -12.42 107.39 -39.41
C SER D 19 -10.92 107.50 -39.56
N SER D 20 -10.49 108.62 -40.13
CA SER D 20 -9.07 108.84 -40.35
C SER D 20 -8.30 109.02 -39.04
N ARG D 21 -8.84 109.80 -38.13
CA ARG D 21 -8.28 109.89 -36.78
C ARG D 21 -8.03 108.52 -36.16
N ALA D 22 -8.81 107.53 -36.57
CA ALA D 22 -8.68 106.19 -36.02
C ALA D 22 -7.98 105.28 -36.99
N GLY D 23 -7.69 105.82 -38.18
CA GLY D 23 -7.05 105.05 -39.23
C GLY D 23 -7.88 103.82 -39.51
N LEU D 24 -9.13 104.08 -39.91
CA LEU D 24 -10.10 103.03 -40.19
C LEU D 24 -10.80 103.28 -41.51
N GLN D 25 -11.21 102.18 -42.13
CA GLN D 25 -12.03 102.22 -43.34
C GLN D 25 -13.52 102.44 -43.04
N PHE D 26 -13.96 102.06 -41.86
CA PHE D 26 -15.38 102.09 -41.53
C PHE D 26 -15.84 103.46 -41.04
N PRO D 27 -17.08 103.86 -41.39
CA PRO D 27 -17.55 105.19 -41.04
C PRO D 27 -17.98 105.29 -39.57
N VAL D 28 -17.11 105.85 -38.75
CA VAL D 28 -17.28 105.99 -37.29
C VAL D 28 -18.44 106.94 -36.96
N GLY D 29 -18.76 107.83 -37.90
CA GLY D 29 -19.91 108.73 -37.76
C GLY D 29 -21.22 107.96 -37.86
N ARG D 30 -21.27 107.06 -38.84
CA ARG D 30 -22.43 106.18 -39.02
C ARG D 30 -22.61 105.30 -37.77
N VAL D 31 -21.59 104.53 -37.43
CA VAL D 31 -21.67 103.67 -36.25
C VAL D 31 -22.08 104.47 -35.01
N HIS D 32 -21.90 105.78 -35.06
CA HIS D 32 -22.23 106.61 -33.90
C HIS D 32 -23.71 106.96 -33.90
N ARG D 33 -24.21 107.39 -35.05
CA ARG D 33 -25.62 107.71 -35.19
C ARG D 33 -26.43 106.45 -34.85
N LEU D 34 -26.10 105.33 -35.48
CA LEU D 34 -26.82 104.09 -35.25
C LEU D 34 -26.92 103.75 -33.77
N LEU D 35 -25.81 103.75 -33.05
CA LEU D 35 -25.86 103.41 -31.62
C LEU D 35 -26.84 104.28 -30.82
N ARG D 36 -27.09 105.50 -31.28
CA ARG D 36 -28.03 106.38 -30.60
C ARG D 36 -29.49 106.18 -31.06
N LYS D 37 -29.70 106.21 -32.37
CA LYS D 37 -31.01 105.88 -32.94
C LYS D 37 -31.27 104.37 -32.81
N GLY D 38 -31.02 103.81 -31.63
CA GLY D 38 -31.08 102.37 -31.45
C GLY D 38 -31.38 101.96 -30.02
N ASN D 39 -31.47 102.93 -29.13
CA ASN D 39 -32.01 102.67 -27.81
C ASN D 39 -31.27 101.50 -27.17
N TYR D 40 -29.95 101.65 -27.01
CA TYR D 40 -29.13 100.66 -26.33
C TYR D 40 -28.80 101.23 -24.96
N ALA D 41 -28.71 102.56 -24.92
CA ALA D 41 -28.58 103.30 -23.67
C ALA D 41 -28.85 104.78 -23.89
N GLU D 42 -29.15 105.46 -22.80
CA GLU D 42 -29.29 106.90 -22.78
C GLU D 42 -28.17 107.50 -23.62
N ARG D 43 -26.96 107.30 -23.11
CA ARG D 43 -25.79 108.00 -23.61
C ARG D 43 -24.78 107.01 -24.18
N VAL D 44 -24.02 107.46 -25.18
CA VAL D 44 -22.98 106.67 -25.79
C VAL D 44 -21.63 107.35 -25.57
N GLY D 45 -20.62 106.57 -25.16
CA GLY D 45 -19.24 107.06 -25.12
C GLY D 45 -18.75 107.46 -26.50
N ALA D 46 -17.50 107.87 -26.61
CA ALA D 46 -16.97 108.25 -27.92
C ALA D 46 -15.96 107.25 -28.42
N GLY D 47 -15.54 106.35 -27.54
CA GLY D 47 -14.60 105.28 -27.93
C GLY D 47 -15.31 104.04 -28.43
N ALA D 48 -16.54 103.86 -27.93
CA ALA D 48 -17.40 102.75 -28.30
C ALA D 48 -17.71 102.67 -29.82
N PRO D 49 -18.13 103.77 -30.45
CA PRO D 49 -18.26 103.72 -31.93
C PRO D 49 -16.98 103.26 -32.58
N VAL D 50 -15.88 103.92 -32.21
CA VAL D 50 -14.54 103.68 -32.75
C VAL D 50 -14.19 102.22 -32.67
N TYR D 51 -14.22 101.70 -31.44
CA TYR D 51 -13.96 100.31 -31.16
C TYR D 51 -14.83 99.42 -32.04
N LEU D 52 -16.15 99.58 -31.90
CA LEU D 52 -17.09 98.82 -32.74
C LEU D 52 -16.83 98.98 -34.25
N ALA D 53 -16.60 100.20 -34.72
CA ALA D 53 -16.40 100.40 -36.17
C ALA D 53 -15.20 99.61 -36.66
N ALA D 54 -14.23 99.46 -35.77
CA ALA D 54 -13.01 98.72 -36.03
C ALA D 54 -13.21 97.21 -36.02
N VAL D 55 -13.90 96.73 -34.99
CA VAL D 55 -14.25 95.30 -34.90
C VAL D 55 -15.09 94.88 -36.08
N LEU D 56 -16.03 95.72 -36.49
CA LEU D 56 -16.74 95.44 -37.72
C LEU D 56 -15.76 95.18 -38.87
N GLU D 57 -14.78 96.08 -39.04
CA GLU D 57 -13.70 96.00 -40.04
C GLU D 57 -12.81 94.76 -39.96
N TYR D 58 -12.38 94.43 -38.73
CA TYR D 58 -11.56 93.25 -38.57
C TYR D 58 -12.29 92.09 -39.23
N LEU D 59 -13.56 91.86 -38.83
CA LEU D 59 -14.39 90.76 -39.34
C LEU D 59 -14.70 90.81 -40.84
N THR D 60 -15.10 91.96 -41.38
CA THR D 60 -15.36 91.97 -42.82
C THR D 60 -14.07 91.60 -43.56
N ALA D 61 -12.94 92.09 -43.05
CA ALA D 61 -11.60 91.74 -43.56
C ALA D 61 -11.29 90.27 -43.40
N GLU D 62 -11.30 89.78 -42.17
CA GLU D 62 -11.13 88.37 -41.88
C GLU D 62 -11.95 87.49 -42.82
N ILE D 63 -13.18 87.89 -43.18
CA ILE D 63 -14.03 87.06 -44.04
C ILE D 63 -13.69 87.24 -45.49
N LEU D 64 -13.71 88.47 -45.96
CA LEU D 64 -13.32 88.77 -47.34
C LEU D 64 -12.01 88.08 -47.74
N GLU D 65 -11.06 88.00 -46.81
CA GLU D 65 -9.79 87.32 -47.01
C GLU D 65 -10.04 85.90 -47.49
N LEU D 66 -10.69 85.11 -46.64
CA LEU D 66 -11.01 83.70 -46.95
C LEU D 66 -11.98 83.48 -48.13
N ALA D 67 -12.82 84.46 -48.40
CA ALA D 67 -13.74 84.37 -49.53
C ALA D 67 -12.95 84.46 -50.83
N GLY D 68 -12.15 85.51 -50.95
CA GLY D 68 -11.21 85.70 -52.08
C GLY D 68 -10.35 84.51 -52.40
N ASN D 69 -9.89 83.83 -51.35
CA ASN D 69 -9.13 82.62 -51.55
C ASN D 69 -10.01 81.57 -52.16
N ALA D 70 -11.27 81.55 -51.70
CA ALA D 70 -12.25 80.60 -52.18
C ALA D 70 -12.56 80.93 -53.62
N ALA D 71 -12.65 82.22 -53.92
CA ALA D 71 -12.95 82.68 -55.26
C ALA D 71 -11.82 82.24 -56.18
N ARG D 72 -10.58 82.40 -55.69
CA ARG D 72 -9.34 82.11 -56.42
C ARG D 72 -9.29 80.66 -56.89
N ASP D 73 -9.43 79.72 -55.95
CA ASP D 73 -9.42 78.30 -56.28
C ASP D 73 -10.49 78.00 -57.32
N ASN D 74 -11.64 78.64 -57.21
CA ASN D 74 -12.68 78.45 -58.20
C ASN D 74 -12.45 79.32 -59.46
N LYS D 75 -11.19 79.67 -59.68
CA LYS D 75 -10.74 80.48 -60.84
C LYS D 75 -11.57 81.73 -61.11
N LYS D 76 -11.94 82.47 -60.08
CA LYS D 76 -12.84 83.58 -60.32
C LYS D 76 -12.40 84.90 -59.71
N THR D 77 -12.63 85.94 -60.52
CA THR D 77 -12.40 87.35 -60.26
C THR D 77 -13.34 87.91 -59.20
N ARG D 78 -14.53 87.33 -59.09
CA ARG D 78 -15.60 87.99 -58.36
C ARG D 78 -16.19 87.08 -57.30
N ILE D 79 -16.19 87.56 -56.06
CA ILE D 79 -16.76 86.85 -54.89
C ILE D 79 -18.29 86.75 -54.93
N ILE D 80 -18.79 85.54 -55.15
CA ILE D 80 -20.21 85.21 -55.13
C ILE D 80 -20.51 84.37 -53.85
N PRO D 81 -21.77 84.36 -53.35
CA PRO D 81 -22.00 83.79 -52.01
C PRO D 81 -21.48 82.37 -51.74
N ARG D 82 -21.46 81.48 -52.74
CA ARG D 82 -20.79 80.20 -52.54
C ARG D 82 -19.44 80.49 -51.88
N HIS D 83 -18.71 81.45 -52.47
CA HIS D 83 -17.41 81.82 -51.96
C HIS D 83 -17.48 82.29 -50.52
N LEU D 84 -18.56 82.96 -50.12
CA LEU D 84 -18.63 83.34 -48.71
C LEU D 84 -18.91 82.09 -47.87
N GLN D 85 -19.77 81.21 -48.41
CA GLN D 85 -20.19 80.04 -47.70
C GLN D 85 -19.02 79.09 -47.42
N LEU D 86 -18.37 78.63 -48.50
CA LEU D 86 -17.07 77.93 -48.40
C LEU D 86 -16.11 78.57 -47.37
N ALA D 87 -15.92 79.89 -47.48
CA ALA D 87 -15.16 80.61 -46.51
C ALA D 87 -15.66 80.28 -45.07
N VAL D 88 -16.90 80.67 -44.75
CA VAL D 88 -17.45 80.52 -43.42
C VAL D 88 -17.43 79.13 -42.79
N ARG D 89 -17.82 78.09 -43.53
CA ARG D 89 -17.98 76.79 -42.93
C ARG D 89 -16.68 76.02 -42.91
N ASN D 90 -15.70 76.52 -43.65
CA ASN D 90 -14.33 75.96 -43.55
C ASN D 90 -13.54 76.49 -42.34
N ASP D 91 -13.87 77.70 -41.88
CA ASP D 91 -13.25 78.23 -40.70
C ASP D 91 -13.92 77.86 -39.36
N GLU D 92 -13.41 76.85 -38.66
CA GLU D 92 -13.98 76.47 -37.37
C GLU D 92 -14.68 77.66 -36.73
N GLU D 93 -13.92 78.73 -36.47
CA GLU D 93 -14.40 79.87 -35.68
C GLU D 93 -15.47 80.78 -36.31
N LEU D 94 -15.27 81.22 -37.56
CA LEU D 94 -16.27 82.04 -38.27
C LEU D 94 -17.56 81.25 -38.34
N ASN D 95 -17.42 79.97 -38.70
CA ASN D 95 -18.53 79.04 -38.77
C ASN D 95 -19.39 78.97 -37.52
N LYS D 96 -18.83 79.33 -36.37
CA LYS D 96 -19.54 79.22 -35.10
C LYS D 96 -20.22 80.54 -34.83
N LEU D 97 -19.49 81.64 -35.04
CA LEU D 97 -20.15 82.96 -35.08
C LEU D 97 -21.44 82.94 -35.93
N LEU D 98 -21.39 82.26 -37.07
CA LEU D 98 -22.56 82.19 -37.96
C LEU D 98 -23.14 80.77 -37.99
N GLY D 99 -23.18 80.14 -36.82
CA GLY D 99 -23.64 78.78 -36.71
C GLY D 99 -25.14 78.66 -36.84
N ARG D 100 -25.87 79.74 -36.58
CA ARG D 100 -27.31 79.77 -36.86
C ARG D 100 -27.66 80.73 -38.00
N VAL D 101 -26.92 80.70 -39.12
CA VAL D 101 -27.19 81.70 -40.17
C VAL D 101 -27.20 81.14 -41.58
N THR D 102 -28.01 81.71 -42.42
CA THR D 102 -28.12 81.12 -43.73
C THR D 102 -27.69 82.09 -44.73
N ILE D 103 -26.90 81.62 -45.67
CA ILE D 103 -26.48 82.49 -46.74
C ILE D 103 -27.22 82.15 -48.00
N ALA D 104 -28.14 83.03 -48.40
CA ALA D 104 -28.74 82.94 -49.76
C ALA D 104 -27.71 82.42 -50.81
N GLN D 105 -28.02 81.35 -51.53
CA GLN D 105 -27.11 80.84 -52.56
C GLN D 105 -25.77 80.21 -52.08
N GLY D 106 -25.53 80.20 -50.77
CA GLY D 106 -24.49 79.36 -50.18
C GLY D 106 -24.32 77.95 -50.72
N GLY D 107 -25.33 77.09 -50.63
CA GLY D 107 -25.10 75.67 -50.96
C GLY D 107 -24.54 75.05 -49.69
N VAL D 108 -24.09 73.80 -49.75
CA VAL D 108 -23.43 73.17 -48.58
C VAL D 108 -22.00 72.66 -48.86
N LEU D 109 -21.25 72.30 -47.81
CA LEU D 109 -19.89 71.72 -48.02
C LEU D 109 -19.95 70.29 -48.54
N PRO D 110 -19.12 69.96 -49.56
CA PRO D 110 -19.06 68.60 -50.05
C PRO D 110 -18.51 67.69 -48.97
N ASN D 111 -19.39 66.84 -48.43
CA ASN D 111 -19.08 65.88 -47.40
C ASN D 111 -20.06 64.72 -47.58
N ILE D 112 -19.53 63.53 -47.88
CA ILE D 112 -20.30 62.31 -48.07
C ILE D 112 -19.87 61.31 -47.02
N GLN D 113 -20.84 60.76 -46.29
CA GLN D 113 -20.54 59.87 -45.19
C GLN D 113 -19.87 58.60 -45.68
N SER D 114 -19.02 58.04 -44.83
CA SER D 114 -18.21 56.84 -45.12
C SER D 114 -19.05 55.67 -45.60
N VAL D 115 -19.94 55.22 -44.73
CA VAL D 115 -20.75 54.01 -44.94
C VAL D 115 -21.56 54.03 -46.24
N LEU D 116 -21.62 55.17 -46.92
CA LEU D 116 -22.37 55.30 -48.17
C LEU D 116 -21.46 55.11 -49.39
N LEU D 117 -20.15 55.04 -49.13
CA LEU D 117 -19.12 54.83 -50.17
C LEU D 117 -18.93 53.35 -50.47
N PRO D 118 -18.83 52.99 -51.77
CA PRO D 118 -18.62 51.60 -52.21
C PRO D 118 -17.28 51.02 -51.71
N LYS D 119 -17.23 49.70 -51.53
CA LYS D 119 -16.02 49.04 -51.00
C LYS D 119 -15.24 48.28 -52.06
N THR E 33 -35.01 107.03 -53.45
CA THR E 33 -34.50 107.64 -52.18
C THR E 33 -33.18 107.01 -51.72
N ARG E 34 -32.57 107.60 -50.69
CA ARG E 34 -31.28 107.11 -50.17
C ARG E 34 -31.44 105.78 -49.42
N LYS E 35 -30.83 104.74 -49.99
CA LYS E 35 -30.65 103.48 -49.26
C LYS E 35 -29.18 103.38 -48.85
N GLU E 36 -28.91 103.63 -47.56
CA GLU E 36 -27.57 103.48 -47.02
C GLU E 36 -27.12 102.05 -47.03
N SER E 37 -25.80 101.86 -47.01
CA SER E 37 -25.16 100.56 -47.14
C SER E 37 -23.68 100.66 -46.77
N TYR E 38 -23.13 99.55 -46.33
CA TYR E 38 -21.70 99.42 -46.10
C TYR E 38 -21.01 98.98 -47.38
N ALA E 39 -21.58 99.30 -48.53
CA ALA E 39 -21.04 98.78 -49.80
C ALA E 39 -19.68 99.38 -50.15
N ILE E 40 -19.44 100.61 -49.73
CA ILE E 40 -18.18 101.27 -50.06
C ILE E 40 -17.07 100.77 -49.14
N TYR E 41 -17.34 100.82 -47.84
CA TYR E 41 -16.39 100.32 -46.85
C TYR E 41 -16.06 98.86 -47.10
N VAL E 42 -17.01 98.05 -47.51
CA VAL E 42 -16.66 96.68 -47.82
C VAL E 42 -15.78 96.64 -49.04
N TYR E 43 -16.09 97.42 -50.07
CA TYR E 43 -15.20 97.49 -51.24
C TYR E 43 -13.78 97.87 -50.78
N LYS E 44 -13.69 99.02 -50.12
CA LYS E 44 -12.42 99.51 -49.64
C LYS E 44 -11.60 98.37 -49.10
N VAL E 45 -12.09 97.75 -48.02
CA VAL E 45 -11.39 96.64 -47.36
C VAL E 45 -11.08 95.47 -48.30
N LEU E 46 -12.04 95.04 -49.11
CA LEU E 46 -11.70 94.03 -50.13
C LEU E 46 -10.52 94.49 -51.00
N LYS E 47 -10.47 95.77 -51.39
CA LYS E 47 -9.39 96.20 -52.28
C LYS E 47 -8.05 96.18 -51.57
N GLN E 48 -8.04 96.69 -50.36
CA GLN E 48 -6.94 96.44 -49.45
C GLN E 48 -6.53 94.99 -49.35
N VAL E 49 -7.43 94.03 -49.46
CA VAL E 49 -7.08 92.65 -49.14
C VAL E 49 -6.96 91.72 -50.32
N HIS E 50 -7.72 91.98 -51.37
CA HIS E 50 -7.61 91.20 -52.61
C HIS E 50 -7.82 92.11 -53.80
N PRO E 51 -6.85 93.01 -54.08
CA PRO E 51 -6.98 94.08 -55.09
C PRO E 51 -7.39 93.68 -56.52
N ASP E 52 -7.20 92.44 -56.94
CA ASP E 52 -7.71 92.10 -58.28
C ASP E 52 -9.03 91.33 -58.19
N THR E 53 -9.91 91.76 -57.28
CA THR E 53 -11.07 90.93 -56.96
C THR E 53 -12.34 91.72 -56.72
N GLY E 54 -13.40 91.32 -57.44
CA GLY E 54 -14.68 92.01 -57.36
C GLY E 54 -15.77 91.23 -56.64
N ILE E 55 -16.81 91.95 -56.23
CA ILE E 55 -17.89 91.30 -55.50
C ILE E 55 -19.19 91.43 -56.28
N SER E 56 -19.95 90.33 -56.33
CA SER E 56 -21.29 90.30 -56.97
C SER E 56 -22.33 91.01 -56.14
N SER E 57 -23.34 91.51 -56.82
CA SER E 57 -24.51 92.12 -56.19
C SER E 57 -25.06 91.36 -54.98
N LYS E 58 -25.26 90.05 -55.13
CA LYS E 58 -25.75 89.19 -54.05
C LYS E 58 -24.75 89.10 -52.91
N ALA E 59 -23.52 88.74 -53.25
CA ALA E 59 -22.40 88.73 -52.31
C ALA E 59 -22.32 90.03 -51.51
N MET E 60 -22.36 91.15 -52.21
CA MET E 60 -22.32 92.41 -51.49
C MET E 60 -23.44 92.36 -50.48
N SER E 61 -24.67 92.14 -50.99
CA SER E 61 -25.87 92.11 -50.17
C SER E 61 -25.62 91.28 -48.89
N ILE E 62 -25.23 90.02 -49.06
CA ILE E 62 -24.85 89.16 -47.94
C ILE E 62 -23.89 89.83 -46.98
N MET E 63 -22.68 90.18 -47.45
CA MET E 63 -21.75 90.98 -46.66
C MET E 63 -22.52 92.02 -45.88
N ASN E 64 -23.20 92.90 -46.61
CA ASN E 64 -24.01 93.95 -45.99
C ASN E 64 -24.91 93.47 -44.87
N SER E 65 -25.42 92.24 -44.98
CA SER E 65 -26.22 91.67 -43.92
C SER E 65 -25.35 91.39 -42.70
N PHE E 66 -24.27 90.66 -42.95
CA PHE E 66 -23.32 90.22 -41.91
C PHE E 66 -22.87 91.37 -41.02
N VAL E 67 -22.56 92.52 -41.63
CA VAL E 67 -22.15 93.66 -40.83
C VAL E 67 -23.28 94.05 -39.87
N ASN E 68 -24.48 94.26 -40.43
CA ASN E 68 -25.66 94.59 -39.60
C ASN E 68 -25.96 93.55 -38.45
N ASP E 69 -25.82 92.26 -38.72
CA ASP E 69 -26.12 91.25 -37.75
C ASP E 69 -25.20 91.41 -36.54
N VAL E 70 -23.90 91.37 -36.82
CA VAL E 70 -22.84 91.52 -35.82
C VAL E 70 -22.88 92.86 -35.15
N PHE E 71 -23.23 93.91 -35.89
CA PHE E 71 -23.56 95.18 -35.23
C PHE E 71 -24.59 95.03 -34.09
N GLU E 72 -25.79 94.47 -34.38
CA GLU E 72 -26.82 94.35 -33.35
C GLU E 72 -26.33 93.45 -32.25
N ARG E 73 -25.72 92.34 -32.61
CA ARG E 73 -25.37 91.35 -31.64
C ARG E 73 -24.46 91.97 -30.58
N ILE E 74 -23.44 92.68 -31.08
CA ILE E 74 -22.52 93.43 -30.25
C ILE E 74 -23.28 94.49 -29.49
N ALA E 75 -23.87 95.43 -30.22
CA ALA E 75 -24.56 96.57 -29.61
C ALA E 75 -25.54 96.16 -28.53
N GLY E 76 -26.39 95.17 -28.83
CA GLY E 76 -27.33 94.61 -27.88
C GLY E 76 -26.68 94.12 -26.59
N GLU E 77 -25.68 93.25 -26.72
CA GLU E 77 -25.05 92.63 -25.55
C GLU E 77 -24.30 93.67 -24.72
N ALA E 78 -23.86 94.74 -25.38
CA ALA E 78 -23.26 95.86 -24.66
C ALA E 78 -24.34 96.54 -23.81
N SER E 79 -25.48 96.81 -24.47
CA SER E 79 -26.66 97.38 -23.83
C SER E 79 -27.12 96.63 -22.57
N ARG E 80 -27.15 95.31 -22.65
CA ARG E 80 -27.40 94.48 -21.47
C ARG E 80 -26.40 94.75 -20.36
N LEU E 81 -25.11 94.90 -20.71
CA LEU E 81 -24.03 95.14 -19.74
C LEU E 81 -24.15 96.48 -19.02
N ALA E 82 -24.41 97.53 -19.79
CA ALA E 82 -24.77 98.80 -19.18
C ALA E 82 -25.88 98.56 -18.14
N HIS E 83 -27.01 98.01 -18.62
CA HIS E 83 -28.18 97.78 -17.77
C HIS E 83 -27.88 96.97 -16.53
N TYR E 84 -27.18 95.85 -16.68
CA TYR E 84 -26.95 94.93 -15.59
C TYR E 84 -26.18 95.59 -14.47
N ASN E 85 -25.44 96.63 -14.83
CA ASN E 85 -24.55 97.34 -13.92
C ASN E 85 -25.05 98.73 -13.60
N LYS E 86 -26.38 98.86 -13.56
CA LYS E 86 -27.05 100.14 -13.38
C LYS E 86 -26.25 101.30 -13.99
N ARG E 87 -26.04 101.25 -15.30
CA ARG E 87 -25.20 102.25 -15.95
C ARG E 87 -25.86 102.86 -17.20
N SER E 88 -25.78 104.18 -17.32
CA SER E 88 -26.56 104.92 -18.32
C SER E 88 -25.90 105.06 -19.68
N THR E 89 -24.73 104.46 -19.83
CA THR E 89 -23.89 104.78 -21.00
C THR E 89 -23.04 103.62 -21.50
N ILE E 90 -23.04 103.44 -22.82
CA ILE E 90 -22.24 102.43 -23.48
C ILE E 90 -20.93 103.06 -23.93
N THR E 91 -19.85 102.70 -23.21
CA THR E 91 -18.49 103.12 -23.54
C THR E 91 -17.79 101.91 -24.12
N SER E 92 -16.68 102.14 -24.83
CA SER E 92 -15.92 101.04 -25.41
C SER E 92 -15.49 99.95 -24.43
N ARG E 93 -15.54 100.22 -23.12
CA ARG E 93 -15.31 99.13 -22.18
C ARG E 93 -16.39 98.06 -22.37
N GLU E 94 -17.65 98.50 -22.44
CA GLU E 94 -18.83 97.68 -22.79
C GLU E 94 -18.67 96.94 -24.12
N ILE E 95 -18.46 97.71 -25.20
CA ILE E 95 -18.25 97.14 -26.54
C ILE E 95 -17.13 96.12 -26.52
N GLN E 96 -16.10 96.38 -25.74
CA GLN E 96 -15.10 95.34 -25.55
C GLN E 96 -15.65 94.10 -24.91
N THR E 97 -16.14 94.18 -23.68
CA THR E 97 -16.52 92.93 -23.02
C THR E 97 -17.64 92.21 -23.74
N ALA E 98 -18.55 93.00 -24.33
CA ALA E 98 -19.52 92.51 -25.33
C ALA E 98 -18.84 91.57 -26.32
N VAL E 99 -17.70 92.02 -26.84
CA VAL E 99 -16.95 91.24 -27.82
C VAL E 99 -16.43 89.93 -27.24
N ARG E 100 -16.05 89.96 -25.95
CA ARG E 100 -15.48 88.78 -25.33
C ARG E 100 -16.51 87.70 -25.06
N LEU E 101 -17.79 88.08 -25.04
CA LEU E 101 -18.90 87.12 -24.92
C LEU E 101 -19.34 86.57 -26.28
N LEU E 102 -19.51 87.47 -27.24
CA LEU E 102 -19.97 87.14 -28.59
C LEU E 102 -19.09 86.29 -29.47
N LEU E 103 -17.82 86.66 -29.59
CA LEU E 103 -16.90 86.03 -30.56
C LEU E 103 -16.20 84.79 -30.00
N PRO E 104 -15.82 83.85 -30.89
CA PRO E 104 -14.93 82.78 -30.44
C PRO E 104 -13.45 83.25 -30.35
N GLY E 105 -12.67 82.59 -29.48
CA GLY E 105 -11.26 82.95 -29.17
C GLY E 105 -10.40 83.76 -30.14
N GLU E 106 -9.77 83.09 -31.10
CA GLU E 106 -8.81 83.80 -31.94
C GLU E 106 -9.45 85.03 -32.56
N LEU E 107 -10.69 84.88 -33.02
CA LEU E 107 -11.47 85.98 -33.54
C LEU E 107 -11.61 87.08 -32.49
N ALA E 108 -12.05 86.72 -31.28
CA ALA E 108 -12.24 87.69 -30.19
C ALA E 108 -10.94 88.43 -29.89
N LYS E 109 -9.88 87.69 -29.58
CA LYS E 109 -8.58 88.26 -29.20
C LYS E 109 -8.08 89.29 -30.20
N HIS E 110 -7.90 88.88 -31.44
CA HIS E 110 -7.54 89.81 -32.49
C HIS E 110 -8.43 91.05 -32.57
N ALA E 111 -9.74 90.82 -32.68
CA ALA E 111 -10.74 91.91 -32.72
C ALA E 111 -10.59 92.91 -31.57
N VAL E 112 -10.44 92.39 -30.34
CA VAL E 112 -10.16 93.21 -29.15
C VAL E 112 -8.93 94.08 -29.38
N SER E 113 -7.81 93.45 -29.75
CA SER E 113 -6.57 94.19 -29.95
C SER E 113 -6.81 95.26 -31.01
N GLU E 114 -7.24 94.82 -32.19
CA GLU E 114 -7.63 95.68 -33.28
C GLU E 114 -8.46 96.89 -32.86
N GLY E 115 -9.43 96.62 -31.97
CA GLY E 115 -10.33 97.64 -31.50
C GLY E 115 -9.69 98.64 -30.58
N THR E 116 -9.05 98.16 -29.49
CA THR E 116 -8.47 99.04 -28.48
C THR E 116 -7.30 99.83 -29.05
N LYS E 117 -6.76 99.32 -30.15
CA LYS E 117 -5.75 100.02 -30.91
C LYS E 117 -6.32 101.31 -31.52
N ALA E 118 -7.41 101.21 -32.26
CA ALA E 118 -7.96 102.38 -32.99
C ALA E 118 -8.51 103.46 -32.05
N VAL E 119 -8.77 103.06 -30.81
CA VAL E 119 -9.26 103.94 -29.75
C VAL E 119 -8.11 104.79 -29.26
N THR E 120 -7.09 104.09 -28.76
CA THR E 120 -5.80 104.68 -28.50
C THR E 120 -5.42 105.64 -29.65
N LYS E 121 -5.34 105.14 -30.88
CA LYS E 121 -5.06 105.96 -32.07
C LYS E 121 -5.97 107.18 -32.15
N TYR E 122 -7.23 106.98 -31.81
CA TYR E 122 -8.26 108.03 -31.89
C TYR E 122 -8.13 109.12 -30.82
N THR E 123 -7.88 108.74 -29.57
CA THR E 123 -7.63 109.67 -28.48
C THR E 123 -6.53 110.69 -28.87
N SER E 124 -5.34 110.16 -29.12
CA SER E 124 -4.14 110.95 -29.42
C SER E 124 -4.34 111.96 -30.57
N ALA E 125 -4.96 111.50 -31.65
CA ALA E 125 -5.20 112.32 -32.85
C ALA E 125 -6.50 113.13 -32.75
N PRO F 38 14.08 41.30 -19.08
CA PRO F 38 14.33 42.12 -17.88
C PRO F 38 15.22 41.41 -16.84
N HIS F 39 15.32 41.99 -15.65
CA HIS F 39 16.20 41.48 -14.60
C HIS F 39 15.57 41.56 -13.20
N ARG F 40 15.89 40.57 -12.36
CA ARG F 40 15.27 40.42 -11.04
C ARG F 40 16.23 39.82 -10.01
N TYR F 41 16.71 40.65 -9.09
CA TYR F 41 17.50 40.18 -7.95
C TYR F 41 16.68 39.22 -7.10
N ARG F 42 17.30 38.12 -6.70
CA ARG F 42 16.66 37.08 -5.91
C ARG F 42 16.28 37.58 -4.51
N PRO F 43 15.26 36.96 -3.88
CA PRO F 43 14.85 37.39 -2.55
C PRO F 43 15.98 37.29 -1.54
N GLY F 44 16.22 38.37 -0.83
CA GLY F 44 17.23 38.44 0.22
C GLY F 44 18.50 39.10 -0.23
N THR F 45 18.60 39.34 -1.54
CA THR F 45 19.80 39.86 -2.15
C THR F 45 19.92 41.35 -1.91
N VAL F 46 18.79 42.05 -1.97
CA VAL F 46 18.80 43.50 -1.75
C VAL F 46 18.82 43.81 -0.25
N ALA F 47 18.33 42.86 0.55
CA ALA F 47 18.32 43.02 2.00
C ALA F 47 19.75 43.15 2.49
N LEU F 48 20.55 42.13 2.17
CA LEU F 48 21.99 42.10 2.43
C LEU F 48 22.69 43.35 1.92
N ARG F 49 22.34 43.80 0.71
CA ARG F 49 22.91 45.03 0.20
C ARG F 49 22.55 46.19 1.12
N GLU F 50 21.25 46.34 1.40
CA GLU F 50 20.74 47.45 2.21
C GLU F 50 21.34 47.48 3.61
N ILE F 51 21.49 46.31 4.23
CA ILE F 51 22.16 46.20 5.51
C ILE F 51 23.51 46.90 5.38
N ARG F 52 24.31 46.47 4.41
CA ARG F 52 25.64 47.03 4.24
C ARG F 52 25.58 48.53 3.98
N ARG F 53 24.60 48.97 3.19
CA ARG F 53 24.45 50.40 2.99
C ARG F 53 24.32 51.08 4.35
N TYR F 54 23.31 50.68 5.12
CA TYR F 54 22.94 51.44 6.32
C TYR F 54 23.92 51.24 7.47
N GLN F 55 24.69 50.15 7.42
CA GLN F 55 25.80 49.95 8.38
C GLN F 55 27.09 50.78 8.06
N LYS F 56 27.23 51.30 6.85
CA LYS F 56 28.35 52.20 6.56
C LYS F 56 28.08 53.61 7.03
N SER F 57 26.82 54.05 6.98
CA SER F 57 26.50 55.45 7.29
C SER F 57 25.95 55.62 8.70
N THR F 58 25.61 56.89 8.99
CA THR F 58 25.28 57.39 10.34
C THR F 58 24.05 58.32 10.35
N GLU F 59 23.71 58.83 9.16
CA GLU F 59 22.54 59.68 8.92
C GLU F 59 21.28 58.98 9.39
N LEU F 60 20.38 59.77 9.99
CA LEU F 60 19.15 59.29 10.60
C LEU F 60 18.22 58.64 9.60
N LEU F 61 17.47 57.65 10.07
CA LEU F 61 16.73 56.79 9.18
C LEU F 61 15.23 57.11 9.12
N ILE F 62 14.70 57.60 10.24
CA ILE F 62 13.35 58.09 10.33
C ILE F 62 13.38 59.48 9.71
N ARG F 63 12.31 59.85 9.02
CA ARG F 63 12.25 61.16 8.38
C ARG F 63 12.00 62.19 9.43
N LYS F 64 12.42 63.42 9.13
CA LYS F 64 12.68 64.40 10.17
C LYS F 64 11.38 64.97 10.68
N LEU F 65 10.46 65.16 9.73
CA LEU F 65 9.25 65.92 9.97
C LEU F 65 8.22 65.08 10.69
N PRO F 66 7.84 63.92 10.10
CA PRO F 66 7.07 62.92 10.82
C PRO F 66 7.54 62.81 12.27
N PHE F 67 8.82 62.52 12.45
CA PHE F 67 9.36 62.35 13.80
C PHE F 67 8.92 63.44 14.76
N GLN F 68 8.96 64.69 14.28
CA GLN F 68 8.75 65.83 15.14
C GLN F 68 7.27 65.87 15.52
N ARG F 69 6.42 65.84 14.49
CA ARG F 69 4.98 65.75 14.70
C ARG F 69 4.68 64.74 15.80
N LEU F 70 5.27 63.55 15.69
CA LEU F 70 5.06 62.52 16.73
C LEU F 70 5.41 63.05 18.12
N VAL F 71 6.63 63.54 18.28
CA VAL F 71 7.10 64.01 19.59
C VAL F 71 6.23 65.14 20.12
N ARG F 72 5.89 66.11 19.28
CA ARG F 72 4.95 67.18 19.71
C ARG F 72 3.58 66.63 20.22
N GLU F 73 2.99 65.69 19.48
CA GLU F 73 1.85 64.98 20.00
C GLU F 73 2.13 64.50 21.41
N ILE F 74 2.76 63.35 21.57
CA ILE F 74 3.03 62.76 22.90
C ILE F 74 3.28 63.79 24.02
N ALA F 75 3.97 64.87 23.71
CA ALA F 75 4.35 65.83 24.72
C ALA F 75 3.16 66.69 25.12
N GLN F 76 2.37 67.08 24.12
CA GLN F 76 1.09 67.80 24.29
C GLN F 76 0.22 67.07 25.30
N ASP F 77 -0.03 65.80 25.01
CA ASP F 77 -0.78 64.87 25.85
C ASP F 77 -0.17 64.62 27.25
N PHE F 78 0.79 65.43 27.65
CA PHE F 78 1.45 65.36 28.98
C PHE F 78 1.36 66.75 29.59
N LYS F 79 1.50 67.75 28.72
CA LYS F 79 1.32 69.13 29.06
C LYS F 79 1.18 69.90 27.77
N THR F 80 0.17 70.76 27.74
CA THR F 80 -0.14 71.53 26.56
C THR F 80 0.83 72.68 26.54
N ASP F 81 0.88 73.38 25.40
CA ASP F 81 1.56 74.66 25.32
C ASP F 81 3.08 74.55 25.58
N LEU F 82 3.70 73.49 25.04
CA LEU F 82 5.16 73.29 25.07
C LEU F 82 5.82 73.62 23.73
N ARG F 83 6.97 74.30 23.81
CA ARG F 83 7.85 74.47 22.65
C ARG F 83 9.13 73.61 22.74
N PHE F 84 9.84 73.46 21.62
CA PHE F 84 11.09 72.68 21.56
C PHE F 84 12.24 73.41 20.85
N GLN F 85 13.40 73.46 21.53
CA GLN F 85 14.68 73.64 20.82
C GLN F 85 14.85 72.59 19.72
N SER F 86 15.12 73.04 18.50
CA SER F 86 15.17 72.11 17.38
C SER F 86 16.22 71.04 17.62
N SER F 87 17.25 71.40 18.38
CA SER F 87 18.25 70.45 18.83
C SER F 87 17.71 69.43 19.85
N ALA F 88 16.63 69.78 20.57
CA ALA F 88 16.05 68.90 21.60
C ALA F 88 15.24 67.78 20.96
N VAL F 89 14.61 68.08 19.83
CA VAL F 89 13.94 67.03 19.05
C VAL F 89 15.05 66.11 18.62
N MET F 90 15.99 66.70 17.88
CA MET F 90 17.15 65.99 17.32
C MET F 90 17.88 65.09 18.34
N ALA F 91 17.94 65.54 19.59
CA ALA F 91 18.43 64.68 20.65
C ALA F 91 17.57 63.43 20.78
N LEU F 92 16.27 63.60 21.11
CA LEU F 92 15.31 62.49 21.23
C LEU F 92 15.35 61.54 20.06
N GLN F 93 15.48 62.06 18.83
CA GLN F 93 15.61 61.15 17.70
C GLN F 93 16.91 60.34 17.73
N GLU F 94 18.05 61.04 17.83
CA GLU F 94 19.31 60.36 18.05
C GLU F 94 19.12 59.24 19.06
N ALA F 95 18.48 59.56 20.17
CA ALA F 95 18.33 58.59 21.23
C ALA F 95 17.36 57.49 20.83
N SER F 96 16.45 57.81 19.91
CA SER F 96 15.35 56.91 19.56
C SER F 96 15.84 55.80 18.66
N GLU F 97 16.42 56.23 17.53
CA GLU F 97 17.00 55.34 16.55
C GLU F 97 18.08 54.42 17.20
N ALA F 98 19.11 54.97 17.82
CA ALA F 98 20.03 54.15 18.60
C ALA F 98 19.37 52.94 19.32
N TYR F 99 18.27 53.22 20.00
CA TYR F 99 17.54 52.26 20.81
C TYR F 99 16.96 51.18 19.96
N LEU F 100 16.43 51.59 18.82
CA LEU F 100 15.63 50.70 18.03
C LEU F 100 16.58 49.84 17.26
N VAL F 101 17.69 50.43 16.87
CA VAL F 101 18.73 49.67 16.18
C VAL F 101 19.35 48.68 17.16
N ALA F 102 19.67 49.13 18.36
CA ALA F 102 20.07 48.21 19.42
C ALA F 102 19.00 47.14 19.51
N LEU F 103 17.73 47.54 19.54
CA LEU F 103 16.60 46.59 19.64
C LEU F 103 16.53 45.52 18.56
N PHE F 104 16.44 45.96 17.30
CA PHE F 104 16.53 45.07 16.19
C PHE F 104 17.71 44.09 16.28
N GLU F 105 18.91 44.61 16.60
CA GLU F 105 20.08 43.76 16.90
C GLU F 105 19.67 42.55 17.75
N ASP F 106 19.14 42.81 18.95
CA ASP F 106 18.75 41.77 19.88
C ASP F 106 17.51 41.02 19.42
N THR F 107 16.61 41.69 18.71
CA THR F 107 15.48 40.96 18.12
C THR F 107 16.11 39.93 17.22
N ASN F 108 16.93 40.40 16.29
CA ASN F 108 17.52 39.52 15.29
C ASN F 108 18.12 38.27 15.91
N LEU F 109 18.72 38.40 17.08
CA LEU F 109 19.37 37.28 17.73
C LEU F 109 18.33 36.27 18.11
N CYS F 110 17.17 36.76 18.51
CA CYS F 110 16.06 35.92 18.95
C CYS F 110 15.43 35.11 17.81
N ALA F 111 15.29 35.75 16.65
CA ALA F 111 14.90 35.09 15.42
C ALA F 111 15.84 33.93 15.17
N ILE F 112 17.15 34.22 15.19
CA ILE F 112 18.17 33.21 14.94
C ILE F 112 18.19 32.15 16.03
N HIS F 113 17.76 32.50 17.23
CA HIS F 113 17.79 31.51 18.29
C HIS F 113 16.82 30.40 17.96
N ALA F 114 15.76 30.78 17.24
CA ALA F 114 14.62 29.92 16.96
C ALA F 114 14.73 29.26 15.60
N LYS F 115 15.98 29.07 15.17
CA LYS F 115 16.30 28.46 13.88
C LYS F 115 15.54 29.16 12.75
N ARG F 116 15.21 30.43 12.97
CA ARG F 116 14.51 31.27 12.01
C ARG F 116 15.43 32.38 11.52
N VAL F 117 15.01 33.11 10.48
CA VAL F 117 15.81 34.16 9.84
C VAL F 117 14.99 35.44 9.73
N THR F 118 13.69 35.29 9.95
CA THR F 118 12.69 36.35 9.90
C THR F 118 12.35 36.82 11.32
N ILE F 119 12.45 38.11 11.59
CA ILE F 119 12.06 38.65 12.92
C ILE F 119 10.55 38.85 13.10
N MET F 120 10.07 38.62 14.31
CA MET F 120 8.63 38.57 14.56
C MET F 120 8.32 39.31 15.83
N PRO F 121 7.09 39.83 15.97
CA PRO F 121 6.79 40.48 17.21
C PRO F 121 7.26 39.63 18.40
N LYS F 122 7.01 38.30 18.40
CA LYS F 122 7.38 37.51 19.59
C LYS F 122 8.85 37.61 19.90
N ASP F 123 9.70 37.68 18.87
CA ASP F 123 11.13 37.95 19.09
C ASP F 123 11.33 39.24 19.88
N ILE F 124 10.99 40.39 19.27
CA ILE F 124 11.02 41.67 20.01
C ILE F 124 10.58 41.48 21.47
N GLN F 125 9.49 40.74 21.65
CA GLN F 125 8.88 40.55 22.95
C GLN F 125 9.78 39.83 23.93
N LEU F 126 10.55 38.88 23.42
CA LEU F 126 11.50 38.17 24.26
C LEU F 126 12.70 39.05 24.62
N ALA F 127 13.13 39.88 23.67
CA ALA F 127 14.25 40.78 23.92
C ALA F 127 13.90 41.76 25.06
N ARG F 128 12.68 42.30 25.01
CA ARG F 128 12.24 43.27 25.99
C ARG F 128 12.01 42.60 27.33
N ARG F 129 11.40 41.42 27.37
CA ARG F 129 11.29 40.76 28.66
C ARG F 129 12.68 40.62 29.29
N ILE F 130 13.64 40.16 28.48
CA ILE F 130 15.00 39.86 28.96
C ILE F 130 15.82 41.12 29.34
N ARG F 131 15.81 42.12 28.47
CA ARG F 131 16.28 43.46 28.82
C ARG F 131 15.66 43.97 30.14
N GLY F 132 14.53 43.38 30.52
CA GLY F 132 13.80 43.83 31.69
C GLY F 132 13.15 45.18 31.43
N GLU F 133 12.63 45.35 30.21
CA GLU F 133 11.77 46.47 29.89
C GLU F 133 10.28 46.07 30.21
N ARG F 134 9.41 47.07 30.30
CA ARG F 134 7.95 46.86 30.44
C ARG F 134 7.11 47.86 29.65
N LYS G 20 -3.13 73.84 15.93
CA LYS G 20 -4.07 72.91 15.24
C LYS G 20 -3.88 71.45 15.64
N VAL G 21 -5.00 70.73 15.74
CA VAL G 21 -5.04 69.46 16.48
C VAL G 21 -4.18 68.42 15.81
N LEU G 22 -3.60 67.51 16.62
CA LEU G 22 -2.65 66.50 16.17
C LEU G 22 -3.09 65.10 16.52
N ARG G 23 -3.11 64.26 15.50
CA ARG G 23 -3.79 62.97 15.57
C ARG G 23 -3.10 61.94 14.66
N ASP G 24 -2.94 60.71 15.18
CA ASP G 24 -2.39 59.55 14.47
C ASP G 24 -0.93 59.63 14.00
N ASN G 25 -0.16 60.59 14.54
CA ASN G 25 1.20 60.83 14.03
C ASN G 25 2.22 59.67 14.05
N ILE G 26 2.12 58.79 15.04
CA ILE G 26 2.85 57.51 15.02
C ILE G 26 2.86 56.87 13.61
N GLN G 27 1.88 57.17 12.77
CA GLN G 27 1.91 56.54 11.44
C GLN G 27 2.83 57.32 10.49
N GLY G 28 3.47 58.35 11.03
CA GLY G 28 4.55 59.04 10.34
C GLY G 28 5.72 58.08 10.18
N ILE G 29 5.98 57.32 11.26
CA ILE G 29 6.93 56.22 11.30
C ILE G 29 6.56 55.17 10.24
N THR G 30 6.66 55.58 8.98
CA THR G 30 6.44 54.74 7.83
C THR G 30 7.14 53.39 7.90
N LYS G 31 6.71 52.44 7.08
CA LYS G 31 7.27 51.09 7.03
C LYS G 31 8.70 50.99 6.42
N PRO G 32 8.99 51.77 5.36
CA PRO G 32 10.35 51.77 4.86
C PRO G 32 11.40 52.24 5.88
N ALA G 33 11.03 53.16 6.79
CA ALA G 33 11.97 53.61 7.81
C ALA G 33 12.15 52.52 8.87
N ILE G 34 11.08 52.14 9.55
CA ILE G 34 11.12 50.99 10.47
C ILE G 34 11.89 49.85 9.80
N ARG G 35 12.07 49.94 8.49
CA ARG G 35 12.85 48.98 7.72
C ARG G 35 14.34 49.35 7.80
N ARG G 36 14.68 50.50 7.22
CA ARG G 36 15.99 51.08 7.33
C ARG G 36 16.65 50.87 8.72
N ALA G 38 15.93 48.56 10.96
CA ALA G 38 16.18 47.11 11.10
C ALA G 38 17.39 46.60 10.32
N ARG G 39 17.84 47.39 9.33
CA ARG G 39 18.90 46.96 8.42
C ARG G 39 20.23 47.32 9.06
N ARG G 40 20.36 48.56 9.50
CA ARG G 40 21.44 48.94 10.35
C ARG G 40 21.41 48.01 11.56
N GLY G 41 20.32 47.28 11.75
CA GLY G 41 20.24 46.41 12.92
C GLY G 41 20.64 44.99 12.59
N GLY G 42 20.91 44.75 11.32
CA GLY G 42 21.41 43.46 10.90
C GLY G 42 20.34 42.45 10.55
N VAL G 43 19.10 42.90 10.53
CA VAL G 43 17.95 42.10 10.17
C VAL G 43 17.75 42.08 8.64
N LYS G 44 17.51 40.86 8.13
CA LYS G 44 17.40 40.58 6.72
C LYS G 44 15.94 40.32 6.34
N ARG G 45 15.26 39.52 7.15
CA ARG G 45 13.87 39.17 6.90
C ARG G 45 12.91 39.66 7.98
N ILE G 46 11.97 40.49 7.57
CA ILE G 46 11.05 41.17 8.47
C ILE G 46 9.59 40.72 8.33
N SER G 47 9.05 40.10 9.37
CA SER G 47 7.64 39.72 9.44
C SER G 47 6.70 40.93 9.44
N GLY G 48 5.59 40.83 8.74
CA GLY G 48 4.65 41.95 8.58
C GLY G 48 4.04 42.50 9.87
N LEU G 49 3.91 41.65 10.88
CA LEU G 49 3.39 42.08 12.17
C LEU G 49 4.42 42.84 13.02
N ILE G 50 5.63 42.99 12.50
CA ILE G 50 6.67 43.76 13.16
C ILE G 50 6.39 45.26 13.18
N TYR G 51 5.98 45.83 12.04
CA TYR G 51 5.87 47.30 11.92
C TYR G 51 4.97 47.92 12.99
N GLU G 52 3.89 47.25 13.38
CA GLU G 52 3.04 47.83 14.42
C GLU G 52 3.65 47.65 15.79
N GLU G 53 4.27 46.51 16.04
CA GLU G 53 4.92 46.33 17.33
C GLU G 53 6.04 47.38 17.55
N THR G 54 6.72 47.75 16.46
CA THR G 54 7.81 48.70 16.58
C THR G 54 7.27 50.05 17.00
N ARG G 55 6.21 50.47 16.35
CA ARG G 55 5.55 51.73 16.70
C ARG G 55 5.08 51.69 18.16
N GLY G 56 4.63 50.51 18.57
CA GLY G 56 4.15 50.32 19.93
C GLY G 56 5.27 50.70 20.85
N VAL G 57 6.43 50.07 20.60
CA VAL G 57 7.67 50.20 21.36
C VAL G 57 8.24 51.62 21.33
N LEU G 58 8.27 52.20 20.14
CA LEU G 58 8.81 53.52 19.99
C LEU G 58 8.03 54.49 20.85
N LYS G 59 6.70 54.29 20.87
CA LYS G 59 5.80 55.11 21.68
C LYS G 59 6.10 54.99 23.18
N VAL G 60 6.13 53.74 23.71
CA VAL G 60 6.46 53.54 25.13
C VAL G 60 7.79 54.19 25.39
N PHE G 61 8.69 54.11 24.41
CA PHE G 61 10.01 54.74 24.54
C PHE G 61 9.89 56.26 24.63
N LEU G 62 9.31 56.91 23.61
CA LEU G 62 9.18 58.38 23.66
C LEU G 62 8.31 58.89 24.85
N GLU G 63 7.35 58.07 25.26
CA GLU G 63 6.53 58.49 26.37
C GLU G 63 7.41 58.49 27.59
N ASN G 64 8.41 57.61 27.63
CA ASN G 64 9.25 57.64 28.82
C ASN G 64 10.24 58.78 28.90
N VAL G 65 10.89 59.05 27.78
CA VAL G 65 11.91 60.08 27.80
C VAL G 65 11.21 61.40 28.00
N ILE G 66 10.04 61.59 27.37
CA ILE G 66 9.40 62.93 27.42
C ILE G 66 8.64 63.22 28.71
N ARG G 67 8.00 62.20 29.28
CA ARG G 67 7.51 62.35 30.65
C ARG G 67 8.62 62.98 31.51
N ASP G 68 9.81 62.41 31.47
CA ASP G 68 10.96 62.94 32.23
C ASP G 68 11.51 64.27 31.69
N ALA G 69 11.71 64.37 30.39
CA ALA G 69 12.21 65.63 29.81
C ALA G 69 11.35 66.74 30.33
N VAL G 70 10.04 66.54 30.19
CA VAL G 70 9.02 67.52 30.58
C VAL G 70 9.08 67.85 32.05
N THR G 71 9.08 66.85 32.93
CA THR G 71 9.27 67.10 34.35
C THR G 71 10.45 68.02 34.67
N TYR G 72 11.57 67.85 33.97
CA TYR G 72 12.67 68.82 34.08
C TYR G 72 12.18 70.20 33.58
N THR G 73 11.51 70.24 32.43
CA THR G 73 11.07 71.53 31.86
C THR G 73 10.13 72.27 32.79
N GLU G 74 9.25 71.52 33.45
CA GLU G 74 8.31 72.07 34.42
C GLU G 74 9.06 72.59 35.63
N HIS G 75 10.09 71.85 36.03
CA HIS G 75 10.84 72.28 37.21
C HIS G 75 11.65 73.55 36.88
N ALA G 76 12.27 73.57 35.72
CA ALA G 76 12.97 74.77 35.29
C ALA G 76 11.99 75.93 35.02
N LYS G 77 10.69 75.72 35.29
CA LYS G 77 9.63 76.72 35.08
C LYS G 77 9.64 77.32 33.68
N ARG G 78 9.61 76.46 32.66
CA ARG G 78 9.76 76.89 31.28
C ARG G 78 8.62 76.40 30.39
N LYS G 79 8.41 77.08 29.26
CA LYS G 79 7.43 76.67 28.25
C LYS G 79 8.17 76.07 27.06
N THR G 80 9.50 76.07 27.12
CA THR G 80 10.31 75.51 26.03
C THR G 80 11.14 74.38 26.56
N VAL G 81 11.08 73.25 25.88
CA VAL G 81 11.87 72.06 26.22
C VAL G 81 13.22 72.14 25.51
N THR G 82 14.28 72.05 26.31
CA THR G 82 15.64 72.25 25.81
C THR G 82 16.37 70.94 25.54
N ALA G 83 17.41 71.03 24.69
CA ALA G 83 18.27 69.88 24.44
C ALA G 83 18.74 69.24 25.76
N MET G 84 19.02 70.07 26.76
CA MET G 84 19.48 69.61 28.04
C MET G 84 18.48 68.79 28.84
N ASP G 85 17.19 69.15 28.78
CA ASP G 85 16.16 68.45 29.53
C ASP G 85 16.07 67.04 28.98
N VAL G 86 16.07 66.95 27.66
CA VAL G 86 16.17 65.66 26.98
C VAL G 86 17.36 64.84 27.48
N VAL G 87 18.55 65.46 27.54
CA VAL G 87 19.76 64.70 27.76
C VAL G 87 19.81 64.16 29.18
N TYR G 88 19.31 64.97 30.10
CA TYR G 88 19.20 64.61 31.47
C TYR G 88 18.20 63.45 31.69
N ALA G 89 17.21 63.38 30.79
CA ALA G 89 16.16 62.40 30.93
C ALA G 89 16.76 61.06 30.56
N LEU G 90 17.28 60.99 29.32
CA LEU G 90 18.06 59.84 28.87
C LEU G 90 19.07 59.36 29.93
N LYS G 91 19.93 60.26 30.44
CA LYS G 91 20.86 59.86 31.48
C LYS G 91 20.10 59.13 32.60
N ARG G 92 18.98 59.73 33.04
CA ARG G 92 18.09 59.16 34.07
C ARG G 92 17.68 57.73 33.74
N GLN G 93 17.23 57.53 32.51
CA GLN G 93 16.73 56.23 32.04
C GLN G 93 17.88 55.31 31.64
N GLY G 94 19.11 55.63 32.06
CA GLY G 94 20.25 54.81 31.70
C GLY G 94 20.48 54.65 30.21
N ARG G 95 20.23 55.72 29.46
CA ARG G 95 20.50 55.76 28.03
C ARG G 95 21.25 57.05 27.72
N THR G 96 22.39 57.22 28.40
CA THR G 96 23.21 58.43 28.29
C THR G 96 23.54 58.76 26.83
N LEU G 97 23.52 60.04 26.50
CA LEU G 97 23.74 60.48 25.11
C LEU G 97 24.76 61.61 25.04
N TYR G 98 25.76 61.41 24.18
CA TYR G 98 26.77 62.44 23.93
C TYR G 98 26.45 63.13 22.63
N GLY G 99 26.76 64.43 22.56
CA GLY G 99 26.62 65.19 21.35
C GLY G 99 25.76 66.44 21.44
N PHE G 100 25.09 66.63 22.59
CA PHE G 100 24.11 67.70 22.72
C PHE G 100 24.22 68.55 23.98
N GLY G 101 25.38 68.57 24.62
CA GLY G 101 25.57 69.28 25.88
C GLY G 101 25.63 68.25 26.99
N GLY G 102 25.97 68.71 28.20
CA GLY G 102 26.03 67.82 29.36
C GLY G 102 27.43 67.32 29.75
N PRO H 38 -27.39 46.47 -73.85
CA PRO H 38 -27.58 47.74 -73.16
C PRO H 38 -26.71 47.89 -71.89
N HIS H 39 -26.97 48.92 -71.10
CA HIS H 39 -26.15 49.24 -69.93
C HIS H 39 -26.99 49.69 -68.72
N ARG H 40 -26.53 49.33 -67.52
CA ARG H 40 -27.28 49.57 -66.29
C ARG H 40 -26.36 49.82 -65.09
N TYR H 41 -26.30 51.07 -64.63
CA TYR H 41 -25.60 51.43 -63.40
C TYR H 41 -26.22 50.72 -62.23
N ARG H 42 -25.37 50.17 -61.37
CA ARG H 42 -25.79 49.43 -60.19
C ARG H 42 -26.51 50.33 -59.17
N PRO H 43 -27.40 49.72 -58.34
CA PRO H 43 -28.12 50.52 -57.35
C PRO H 43 -27.18 51.24 -56.39
N GLY H 44 -27.39 52.55 -56.25
CA GLY H 44 -26.63 53.38 -55.34
C GLY H 44 -25.55 54.17 -56.06
N THR H 45 -25.33 53.84 -57.33
CA THR H 45 -24.25 54.42 -58.10
C THR H 45 -24.62 55.81 -58.56
N VAL H 46 -25.88 56.00 -58.94
CA VAL H 46 -26.33 57.32 -59.41
C VAL H 46 -26.65 58.23 -58.21
N ALA H 47 -26.94 57.61 -57.07
CA ALA H 47 -27.23 58.36 -55.85
C ALA H 47 -26.00 59.15 -55.46
N LEU H 48 -24.90 58.43 -55.28
CA LEU H 48 -23.58 59.00 -55.02
C LEU H 48 -23.21 60.06 -56.06
N ARG H 49 -23.48 59.80 -57.33
CA ARG H 49 -23.23 60.80 -58.34
C ARG H 49 -24.05 62.06 -58.06
N GLU H 50 -25.36 61.86 -57.89
CA GLU H 50 -26.30 62.98 -57.67
C GLU H 50 -25.97 63.81 -56.44
N ILE H 51 -25.58 63.13 -55.35
CA ILE H 51 -25.12 63.82 -54.16
C ILE H 51 -24.04 64.80 -54.58
N ARG H 52 -23.00 64.30 -55.25
CA ARG H 52 -21.89 65.13 -55.65
C ARG H 52 -22.34 66.25 -56.56
N ARG H 53 -23.28 65.96 -57.47
CA ARG H 53 -23.80 67.03 -58.30
C ARG H 53 -24.34 68.15 -57.41
N TYR H 54 -25.31 67.80 -56.55
CA TYR H 54 -26.06 68.81 -55.82
C TYR H 54 -25.26 69.47 -54.71
N GLN H 55 -24.20 68.79 -54.26
CA GLN H 55 -23.26 69.42 -53.30
C GLN H 55 -22.23 70.41 -53.95
N LYS H 56 -22.06 70.37 -55.26
CA LYS H 56 -21.24 71.38 -55.93
C LYS H 56 -21.97 72.67 -56.15
N SER H 57 -23.28 72.59 -56.41
CA SER H 57 -24.06 73.78 -56.77
C SER H 57 -24.86 74.36 -55.60
N THR H 58 -25.58 75.43 -55.92
CA THR H 58 -26.25 76.31 -54.96
C THR H 58 -27.69 76.69 -55.37
N GLU H 59 -27.98 76.49 -56.67
CA GLU H 59 -29.29 76.70 -57.28
C GLU H 59 -30.35 75.90 -56.55
N LEU H 60 -31.52 76.52 -56.39
CA LEU H 60 -32.64 75.97 -55.62
C LEU H 60 -33.16 74.68 -56.22
N LEU H 61 -33.65 73.80 -55.35
CA LEU H 61 -33.96 72.44 -55.76
C LEU H 61 -35.45 72.18 -55.97
N ILE H 62 -36.26 72.90 -55.20
CA ILE H 62 -37.70 72.89 -55.34
C ILE H 62 -37.98 73.81 -56.53
N ARG H 63 -39.00 73.46 -57.32
CA ARG H 63 -39.33 74.27 -58.49
C ARG H 63 -40.05 75.49 -58.03
N LYS H 64 -39.97 76.53 -58.85
CA LYS H 64 -40.18 77.89 -58.37
C LYS H 64 -41.66 78.14 -58.19
N LEU H 65 -42.42 77.60 -59.11
CA LEU H 65 -43.83 77.93 -59.26
C LEU H 65 -44.67 77.19 -58.25
N PRO H 66 -44.59 75.83 -58.24
CA PRO H 66 -45.13 75.05 -57.15
C PRO H 66 -44.88 75.73 -55.81
N PHE H 67 -43.62 76.00 -55.50
CA PHE H 67 -43.27 76.61 -54.23
C PHE H 67 -44.16 77.79 -53.87
N GLN H 68 -44.41 78.64 -54.86
CA GLN H 68 -45.08 79.91 -54.63
C GLN H 68 -46.56 79.61 -54.32
N ARG H 69 -47.19 78.85 -55.22
CA ARG H 69 -48.54 78.39 -55.00
C ARG H 69 -48.70 77.91 -53.56
N LEU H 70 -47.78 77.06 -53.10
CA LEU H 70 -47.84 76.57 -51.72
C LEU H 70 -47.88 77.71 -50.72
N VAL H 71 -46.91 78.63 -50.79
CA VAL H 71 -46.80 79.73 -49.83
C VAL H 71 -48.04 80.61 -49.88
N ARG H 72 -48.52 80.95 -51.09
CA ARG H 72 -49.78 81.72 -51.19
C ARG H 72 -50.99 81.02 -50.49
N GLU H 73 -51.15 79.71 -50.73
CA GLU H 73 -52.11 78.95 -49.95
C GLU H 73 -51.92 79.26 -48.48
N ILE H 74 -51.01 78.56 -47.81
CA ILE H 74 -50.79 78.73 -46.35
C ILE H 74 -51.04 80.16 -45.81
N ALA H 75 -50.65 81.17 -46.59
CA ALA H 75 -50.75 82.54 -46.13
C ALA H 75 -52.19 83.02 -46.17
N GLN H 76 -52.88 82.66 -47.24
CA GLN H 76 -54.32 82.91 -47.42
C GLN H 76 -55.09 82.44 -46.20
N ASP H 77 -54.91 81.15 -45.89
CA ASP H 77 -55.47 80.49 -44.71
C ASP H 77 -55.05 81.08 -43.35
N PHE H 78 -54.43 82.26 -43.36
CA PHE H 78 -54.01 82.99 -42.13
C PHE H 78 -54.60 84.38 -42.22
N LYS H 79 -54.62 84.90 -43.46
CA LYS H 79 -55.26 86.15 -43.78
C LYS H 79 -55.42 86.18 -45.29
N THR H 80 -56.62 86.55 -45.71
CA THR H 80 -56.95 86.59 -47.12
C THR H 80 -56.38 87.87 -47.64
N ASP H 81 -56.35 87.99 -48.97
CA ASP H 81 -56.08 89.26 -49.64
C ASP H 81 -54.66 89.79 -49.34
N LEU H 82 -53.68 88.87 -49.34
CA LEU H 82 -52.25 89.21 -49.22
C LEU H 82 -51.51 89.14 -50.55
N ARG H 83 -50.64 90.13 -50.79
CA ARG H 83 -49.68 90.07 -51.89
C ARG H 83 -48.23 89.82 -51.41
N PHE H 84 -47.34 89.45 -52.34
CA PHE H 84 -45.92 89.18 -52.03
C PHE H 84 -44.96 89.89 -52.98
N GLN H 85 -43.98 90.60 -52.40
CA GLN H 85 -42.72 90.88 -53.11
C GLN H 85 -42.07 89.60 -53.60
N SER H 86 -41.76 89.53 -54.89
CA SER H 86 -41.26 88.29 -55.47
C SER H 86 -39.99 87.84 -54.76
N SER H 87 -39.25 88.81 -54.24
CA SER H 87 -38.09 88.55 -53.40
C SER H 87 -38.46 87.95 -52.02
N ALA H 88 -39.68 88.20 -51.54
CA ALA H 88 -40.14 87.69 -50.24
C ALA H 88 -40.47 86.21 -50.30
N VAL H 89 -40.97 85.76 -51.45
CA VAL H 89 -41.18 84.34 -51.66
C VAL H 89 -39.79 83.75 -51.62
N MET H 90 -38.96 84.24 -52.55
CA MET H 90 -37.57 83.80 -52.71
C MET H 90 -36.78 83.73 -51.39
N ALA H 91 -37.05 84.65 -50.48
CA ALA H 91 -36.50 84.55 -49.14
C ALA H 91 -36.97 83.26 -48.46
N LEU H 92 -38.29 83.12 -48.25
CA LEU H 92 -38.88 81.91 -47.64
C LEU H 92 -38.38 80.63 -48.26
N GLN H 93 -38.22 80.59 -49.58
CA GLN H 93 -37.65 79.38 -50.18
C GLN H 93 -36.18 79.14 -49.78
N GLU H 94 -35.33 80.17 -49.99
CA GLU H 94 -33.98 80.11 -49.48
C GLU H 94 -33.99 79.54 -48.06
N ALA H 95 -34.85 80.08 -47.23
CA ALA H 95 -34.88 79.66 -45.85
C ALA H 95 -35.40 78.23 -45.71
N SER H 96 -36.21 77.81 -46.69
CA SER H 96 -36.93 76.53 -46.58
C SER H 96 -35.99 75.38 -46.88
N GLU H 97 -35.39 75.45 -48.07
CA GLU H 97 -34.43 74.48 -48.53
C GLU H 97 -33.24 74.34 -47.54
N ALA H 98 -32.53 75.42 -47.23
CA ALA H 98 -31.54 75.37 -46.14
C ALA H 98 -31.92 74.44 -44.97
N TYR H 99 -33.15 74.61 -44.49
CA TYR H 99 -33.68 73.91 -43.33
C TYR H 99 -33.77 72.44 -43.60
N LEU H 100 -34.21 72.11 -44.80
CA LEU H 100 -34.57 70.76 -45.11
C LEU H 100 -33.30 70.03 -45.40
N VAL H 101 -32.37 70.74 -46.01
CA VAL H 101 -31.06 70.14 -46.27
C VAL H 101 -30.34 69.94 -44.94
N ALA H 102 -30.36 70.94 -44.08
CA ALA H 102 -29.88 70.77 -42.72
C ALA H 102 -30.57 69.54 -42.14
N LEU H 103 -31.91 69.46 -42.31
CA LEU H 103 -32.69 68.33 -41.79
C LEU H 103 -32.29 66.94 -42.27
N PHE H 104 -32.30 66.75 -43.58
CA PHE H 104 -31.78 65.54 -44.17
C PHE H 104 -30.39 65.17 -43.64
N GLU H 105 -29.45 66.13 -43.59
CA GLU H 105 -28.15 65.94 -42.92
C GLU H 105 -28.32 65.15 -41.61
N ASP H 106 -29.07 65.72 -40.67
CA ASP H 106 -29.28 65.11 -39.37
C ASP H 106 -30.15 63.86 -39.45
N THR H 107 -31.08 63.82 -40.39
CA THR H 107 -31.84 62.58 -40.58
C THR H 107 -30.80 61.54 -40.91
N ASN H 108 -30.03 61.82 -41.95
CA ASN H 108 -29.06 60.84 -42.43
C ASN H 108 -28.21 60.26 -41.31
N LEU H 109 -27.87 61.08 -40.32
CA LEU H 109 -27.02 60.62 -39.23
C LEU H 109 -27.76 59.59 -38.44
N CYS H 110 -29.07 59.79 -38.32
CA CYS H 110 -29.94 58.90 -37.54
C CYS H 110 -30.11 57.52 -38.19
N ALA H 111 -30.25 57.52 -39.52
CA ALA H 111 -30.22 56.30 -40.31
C ALA H 111 -28.96 55.54 -40.00
N ILE H 112 -27.82 56.22 -40.11
CA ILE H 112 -26.51 55.62 -39.86
C ILE H 112 -26.35 55.20 -38.40
N HIS H 113 -27.06 55.87 -37.50
CA HIS H 113 -26.91 55.51 -36.11
C HIS H 113 -27.43 54.10 -35.90
N ALA H 114 -28.42 53.75 -36.72
CA ALA H 114 -29.20 52.53 -36.58
C ALA H 114 -28.68 51.43 -37.48
N LYS H 115 -27.38 51.51 -37.77
CA LYS H 115 -26.70 50.55 -38.64
C LYS H 115 -27.44 50.40 -39.99
N ARG H 116 -28.17 51.45 -40.36
CA ARG H 116 -28.92 51.52 -41.60
C ARG H 116 -28.30 52.54 -42.54
N VAL H 117 -28.75 52.55 -43.80
CA VAL H 117 -28.21 53.43 -44.84
C VAL H 117 -29.35 54.19 -45.54
N THR H 118 -30.56 53.71 -45.28
CA THR H 118 -31.81 54.26 -45.81
C THR H 118 -32.50 55.14 -44.76
N ILE H 119 -32.82 56.38 -45.11
CA ILE H 119 -33.55 57.26 -44.18
C ILE H 119 -35.07 57.00 -44.12
N MET H 120 -35.65 57.17 -42.94
CA MET H 120 -37.02 56.74 -42.70
C MET H 120 -37.73 57.81 -41.90
N PRO H 121 -39.07 57.88 -42.03
CA PRO H 121 -39.74 58.86 -41.21
C PRO H 121 -39.24 58.82 -39.77
N LYS H 122 -39.08 57.63 -39.16
CA LYS H 122 -38.68 57.59 -37.76
C LYS H 122 -37.38 58.31 -37.51
N ASP H 123 -36.44 58.21 -38.45
CA ASP H 123 -35.21 59.00 -38.36
C ASP H 123 -35.53 60.49 -38.26
N ILE H 124 -36.09 61.09 -39.33
CA ILE H 124 -36.55 62.48 -39.24
C ILE H 124 -37.15 62.80 -37.86
N GLN H 125 -37.99 61.89 -37.38
CA GLN H 125 -38.70 62.09 -36.14
C GLN H 125 -37.79 62.20 -34.93
N LEU H 126 -36.71 61.45 -34.95
CA LEU H 126 -35.73 61.53 -33.88
C LEU H 126 -34.93 62.83 -33.94
N ALA H 127 -34.61 63.26 -35.17
CA ALA H 127 -33.87 64.50 -35.34
C ALA H 127 -34.67 65.69 -34.78
N ARG H 128 -35.97 65.71 -35.09
CA ARG H 128 -36.83 66.79 -34.66
C ARG H 128 -37.05 66.74 -33.16
N ARG H 129 -37.29 65.55 -32.58
CA ARG H 129 -37.40 65.52 -31.14
C ARG H 129 -36.14 66.13 -30.51
N ILE H 130 -34.97 65.73 -31.01
CA ILE H 130 -33.68 66.14 -30.43
C ILE H 130 -33.35 67.63 -30.67
N ARG H 131 -33.52 68.11 -31.90
CA ARG H 131 -33.52 69.53 -32.20
C ARG H 131 -34.47 70.31 -31.26
N GLY H 132 -35.41 69.60 -30.66
CA GLY H 132 -36.43 70.24 -29.84
C GLY H 132 -37.40 71.03 -30.68
N GLU H 133 -37.73 70.49 -31.85
CA GLU H 133 -38.84 71.00 -32.64
C GLU H 133 -40.16 70.30 -32.20
N ARG H 134 -41.30 70.88 -32.57
CA ARG H 134 -42.63 70.26 -32.35
C ARG H 134 -43.59 70.49 -33.54
N LYS I 20 -58.77 82.97 -57.63
CA LYS I 20 -59.28 81.58 -57.84
C LYS I 20 -58.73 80.58 -56.81
N VAL I 21 -59.58 79.65 -56.40
CA VAL I 21 -59.37 78.89 -55.17
C VAL I 21 -58.14 78.01 -55.28
N LEU I 22 -57.45 77.81 -54.14
CA LEU I 22 -56.18 77.08 -54.08
C LEU I 22 -56.25 75.90 -53.13
N ARG I 23 -55.85 74.76 -53.65
CA ARG I 23 -56.11 73.48 -53.01
C ARG I 23 -55.02 72.46 -53.34
N ASP I 24 -54.60 71.70 -52.31
CA ASP I 24 -53.62 70.61 -52.42
C ASP I 24 -52.18 70.97 -52.86
N ASN I 25 -51.84 72.26 -52.82
CA ASN I 25 -50.54 72.71 -53.38
C ASN I 25 -49.24 72.07 -52.82
N ILE I 26 -49.22 71.72 -51.53
CA ILE I 26 -48.15 70.89 -50.97
C ILE I 26 -47.74 69.75 -51.93
N GLN I 27 -48.62 69.32 -52.82
CA GLN I 27 -48.20 68.23 -53.71
C GLN I 27 -47.42 68.79 -54.92
N GLY I 28 -47.20 70.10 -54.90
CA GLY I 28 -46.27 70.74 -55.83
C GLY I 28 -44.87 70.26 -55.51
N ILE I 29 -44.57 70.17 -54.21
CA ILE I 29 -43.35 69.58 -53.66
C ILE I 29 -43.22 68.13 -54.13
N THR I 30 -43.04 67.97 -55.43
CA THR I 30 -42.82 66.69 -56.09
C THR I 30 -41.77 65.83 -55.39
N LYS I 31 -41.77 64.54 -55.70
CA LYS I 31 -40.83 63.56 -55.12
C LYS I 31 -39.36 63.71 -55.61
N PRO I 32 -39.14 64.00 -56.90
CA PRO I 32 -37.78 64.25 -57.34
C PRO I 32 -37.10 65.43 -56.64
N ALA I 33 -37.86 66.47 -56.25
CA ALA I 33 -37.28 67.60 -55.56
C ALA I 33 -36.95 67.19 -54.11
N ILE I 34 -37.95 66.81 -53.34
CA ILE I 34 -37.71 66.26 -51.99
C ILE I 34 -36.55 65.26 -52.05
N ARG I 35 -36.20 64.84 -53.27
CA ARG I 35 -35.06 63.97 -53.50
C ARG I 35 -33.77 64.81 -53.60
N ARG I 36 -33.71 65.65 -54.64
CA ARG I 36 -32.66 66.61 -54.80
C ARG I 36 -32.20 67.26 -53.48
N LEU I 37 -33.11 67.82 -52.68
CA LEU I 37 -32.70 68.31 -51.35
C LEU I 37 -31.98 67.24 -50.52
N ALA I 38 -32.54 66.03 -50.43
CA ALA I 38 -31.91 64.97 -49.64
C ALA I 38 -30.48 64.61 -50.09
N ARG I 39 -30.14 64.99 -51.32
CA ARG I 39 -28.88 64.61 -51.93
C ARG I 39 -27.83 65.63 -51.52
N ARG I 40 -28.15 66.90 -51.70
CA ARG I 40 -27.37 67.95 -51.10
C ARG I 40 -27.31 67.67 -49.61
N GLY I 41 -28.15 66.77 -49.12
CA GLY I 41 -28.16 66.52 -47.68
C GLY I 41 -27.31 65.32 -47.32
N GLY I 42 -26.78 64.66 -48.34
CA GLY I 42 -25.86 63.58 -48.12
C GLY I 42 -26.50 62.21 -47.97
N VAL I 43 -27.81 62.17 -48.21
CA VAL I 43 -28.60 60.95 -48.17
C VAL I 43 -28.63 60.42 -49.61
N LYS I 44 -28.51 59.10 -49.70
CA LYS I 44 -28.51 58.31 -50.91
C LYS I 44 -29.60 57.18 -51.06
N ARG I 45 -30.01 56.72 -49.87
CA ARG I 45 -31.06 55.73 -49.76
C ARG I 45 -32.28 56.27 -49.02
N ILE I 46 -33.35 56.48 -49.78
CA ILE I 46 -34.57 57.14 -49.28
C ILE I 46 -35.78 56.20 -49.23
N SER I 47 -36.27 55.96 -48.01
CA SER I 47 -37.50 55.18 -47.78
C SER I 47 -38.74 55.88 -48.33
N GLY I 48 -39.65 55.13 -48.92
CA GLY I 48 -40.84 55.69 -49.58
C GLY I 48 -41.78 56.50 -48.70
N LEU I 49 -41.81 56.17 -47.41
CA LEU I 49 -42.62 56.90 -46.46
C LEU I 49 -42.02 58.26 -46.04
N ILE I 50 -40.85 58.56 -46.56
CA ILE I 50 -40.18 59.85 -46.31
C ILE I 50 -40.90 61.02 -47.00
N TYR I 51 -41.28 60.86 -48.28
CA TYR I 51 -41.80 62.01 -49.04
C TYR I 51 -42.99 62.69 -48.39
N GLU I 52 -43.89 61.93 -47.73
CA GLU I 52 -45.02 62.58 -47.08
C GLU I 52 -44.61 63.22 -45.77
N GLU I 53 -43.71 62.58 -45.03
CA GLU I 53 -43.26 63.20 -43.79
C GLU I 53 -42.55 64.54 -44.08
N THR I 54 -41.85 64.62 -45.22
CA THR I 54 -41.12 65.84 -45.52
C THR I 54 -42.09 66.97 -45.77
N ARG I 55 -43.12 66.69 -46.56
CA ARG I 55 -44.17 67.68 -46.82
C ARG I 55 -44.82 68.10 -45.51
N GLY I 56 -44.98 67.13 -44.60
CA GLY I 56 -45.57 67.40 -43.31
C GLY I 56 -44.78 68.49 -42.65
N VAL I 57 -43.46 68.25 -42.58
CA VAL I 57 -42.46 69.10 -41.95
C VAL I 57 -42.33 70.45 -42.63
N LEU I 58 -42.29 70.45 -43.95
CA LEU I 58 -42.14 71.68 -44.69
C LEU I 58 -43.31 72.59 -44.37
N LYS I 59 -44.50 72.00 -44.26
CA LYS I 59 -45.71 72.72 -43.92
C LYS I 59 -45.64 73.36 -42.53
N VAL I 60 -45.32 72.56 -41.48
CA VAL I 60 -45.19 73.11 -40.13
C VAL I 60 -44.16 74.21 -40.20
N PHE I 61 -43.13 74.02 -41.03
CA PHE I 61 -42.09 75.05 -41.19
C PHE I 61 -42.67 76.33 -41.81
N LEU I 62 -43.24 76.23 -43.01
CA LEU I 62 -43.82 77.44 -43.65
C LEU I 62 -44.97 78.09 -42.82
N GLU I 63 -45.70 77.25 -42.09
CA GLU I 63 -46.77 77.81 -41.29
C GLU I 63 -46.14 78.63 -40.21
N ASN I 64 -44.96 78.25 -39.77
CA ASN I 64 -44.35 79.06 -38.71
C ASN I 64 -43.76 80.38 -39.15
N VAL I 65 -43.05 80.35 -40.28
CA VAL I 65 -42.40 81.56 -40.71
C VAL I 65 -43.48 82.52 -41.15
N ILE I 66 -44.55 82.02 -41.81
CA ILE I 66 -45.56 82.94 -42.37
C ILE I 66 -46.56 83.49 -41.35
N ARG I 67 -46.95 82.67 -40.38
CA ARG I 67 -47.67 83.22 -39.25
C ARG I 67 -46.95 84.48 -38.77
N ASP I 68 -45.65 84.38 -38.53
CA ASP I 68 -44.85 85.54 -38.09
C ASP I 68 -44.64 86.61 -39.16
N ALA I 69 -44.26 86.21 -40.37
CA ALA I 69 -44.08 87.18 -41.46
C ALA I 69 -45.31 88.04 -41.51
N VAL I 70 -46.46 87.39 -41.54
CA VAL I 70 -47.78 88.02 -41.65
C VAL I 70 -48.04 88.95 -40.50
N THR I 71 -47.89 88.49 -39.27
CA THR I 71 -48.01 89.38 -38.12
C THR I 71 -47.22 90.67 -38.24
N TYR I 72 -46.00 90.61 -38.78
CA TYR I 72 -45.28 91.83 -39.12
C TYR I 72 -46.05 92.61 -40.20
N THR I 73 -46.53 91.94 -41.25
CA THR I 73 -47.22 92.63 -42.34
C THR I 73 -48.48 93.33 -41.86
N GLU I 74 -49.19 92.68 -40.93
CA GLU I 74 -50.39 93.25 -40.32
C GLU I 74 -50.02 94.45 -39.48
N HIS I 75 -48.91 94.36 -38.77
CA HIS I 75 -48.51 95.47 -37.93
C HIS I 75 -48.07 96.66 -38.78
N ALA I 76 -47.32 96.40 -39.83
CA ALA I 76 -46.95 97.45 -40.75
C ALA I 76 -48.16 97.97 -41.54
N LYS I 77 -49.37 97.48 -41.19
CA LYS I 77 -50.64 97.87 -41.85
C LYS I 77 -50.58 97.78 -43.37
N ARG I 78 -50.18 96.62 -43.88
CA ARG I 78 -49.96 96.44 -45.31
C ARG I 78 -50.75 95.26 -45.88
N LYS I 79 -50.98 95.28 -47.19
CA LYS I 79 -51.61 94.17 -47.91
C LYS I 79 -50.55 93.40 -48.70
N THR I 80 -49.30 93.88 -48.62
CA THR I 80 -48.21 93.22 -49.34
C THR I 80 -47.17 92.78 -48.35
N VAL I 81 -46.78 91.52 -48.44
CA VAL I 81 -45.75 90.93 -47.59
C VAL I 81 -44.38 91.14 -48.25
N THR I 82 -43.48 91.76 -47.50
CA THR I 82 -42.18 92.18 -48.02
C THR I 82 -41.07 91.20 -47.67
N ALA I 83 -39.98 91.27 -48.45
CA ALA I 83 -38.79 90.48 -48.14
C ALA I 83 -38.37 90.67 -46.68
N MET I 84 -38.51 91.90 -46.17
CA MET I 84 -38.14 92.20 -44.81
C MET I 84 -38.96 91.52 -43.73
N ASP I 85 -40.28 91.37 -43.97
CA ASP I 85 -41.16 90.75 -42.97
C ASP I 85 -40.74 89.31 -42.82
N VAL I 86 -40.50 88.67 -43.96
CA VAL I 86 -39.92 87.33 -43.97
C VAL I 86 -38.63 87.25 -43.15
N VAL I 87 -37.71 88.20 -43.37
CA VAL I 87 -36.37 88.05 -42.82
C VAL I 87 -36.39 88.23 -41.31
N TYR I 88 -37.25 89.13 -40.86
CA TYR I 88 -37.47 89.38 -39.48
C TYR I 88 -38.09 88.17 -38.76
N ALA I 89 -38.87 87.40 -39.53
CA ALA I 89 -39.59 86.27 -38.97
C ALA I 89 -38.57 85.20 -38.69
N LEU I 90 -37.85 84.78 -39.75
CA LEU I 90 -36.70 83.90 -39.63
C LEU I 90 -35.77 84.28 -38.45
N LYS I 91 -35.33 85.54 -38.41
CA LYS I 91 -34.49 85.96 -37.30
C LYS I 91 -35.17 85.57 -35.97
N ARG I 92 -36.47 85.89 -35.85
CA ARG I 92 -37.30 85.56 -34.69
C ARG I 92 -37.21 84.09 -34.34
N GLN I 93 -37.39 83.23 -35.34
CA GLN I 93 -37.39 81.78 -35.17
C GLN I 93 -35.98 81.22 -35.09
N GLY I 94 -34.98 82.07 -34.87
CA GLY I 94 -33.61 81.61 -34.80
C GLY I 94 -33.11 80.92 -36.05
N ARG I 95 -33.53 81.42 -37.21
CA ARG I 95 -33.07 80.92 -38.50
C ARG I 95 -32.70 82.13 -39.35
N THR I 96 -31.77 82.94 -38.82
CA THR I 96 -31.34 84.19 -39.47
C THR I 96 -30.90 83.95 -40.91
N LEU I 97 -31.25 84.87 -41.80
CA LEU I 97 -30.95 84.72 -43.22
C LEU I 97 -30.33 85.98 -43.82
N TYR I 98 -29.17 85.78 -44.47
CA TYR I 98 -28.49 86.88 -45.15
C TYR I 98 -28.79 86.80 -46.63
N GLY I 99 -28.88 87.97 -47.28
CA GLY I 99 -29.04 88.02 -48.72
C GLY I 99 -30.24 88.82 -49.20
N PHE I 100 -31.10 89.26 -48.27
CA PHE I 100 -32.37 89.89 -48.65
C PHE I 100 -32.71 91.17 -47.92
N GLY I 101 -31.73 91.84 -47.35
CA GLY I 101 -31.96 93.05 -46.56
C GLY I 101 -31.77 92.69 -45.09
N GLY I 102 -31.79 93.69 -44.23
CA GLY I 102 -31.64 93.48 -42.78
C GLY I 102 -30.24 93.69 -42.20
N PRO J 38 -56.22 -11.33 -34.07
CA PRO J 38 -55.79 -12.68 -34.45
C PRO J 38 -54.91 -13.37 -33.39
N HIS J 39 -54.32 -14.51 -33.76
CA HIS J 39 -53.53 -15.31 -32.82
C HIS J 39 -52.27 -15.90 -33.45
N ARG J 40 -51.21 -16.02 -32.65
CA ARG J 40 -49.90 -16.43 -33.15
C ARG J 40 -49.09 -17.20 -32.09
N TYR J 41 -48.97 -18.52 -32.29
CA TYR J 41 -48.11 -19.36 -31.46
C TYR J 41 -46.67 -18.90 -31.57
N ARG J 42 -46.00 -18.81 -30.42
CA ARG J 42 -44.61 -18.37 -30.35
C ARG J 42 -43.65 -19.35 -31.05
N PRO J 43 -42.49 -18.83 -31.52
CA PRO J 43 -41.53 -19.71 -32.20
C PRO J 43 -41.08 -20.86 -31.30
N GLY J 44 -41.17 -22.07 -31.84
CA GLY J 44 -40.73 -23.27 -31.16
C GLY J 44 -41.88 -24.03 -30.53
N THR J 45 -43.06 -23.41 -30.52
CA THR J 45 -44.22 -23.95 -29.85
C THR J 45 -44.84 -25.05 -30.69
N VAL J 46 -44.88 -24.85 -32.00
CA VAL J 46 -45.47 -25.84 -32.90
C VAL J 46 -44.46 -26.97 -33.19
N ALA J 47 -43.18 -26.66 -33.03
CA ALA J 47 -42.13 -27.65 -33.24
C ALA J 47 -42.30 -28.77 -32.23
N LEU J 48 -42.29 -28.38 -30.95
CA LEU J 48 -42.56 -29.25 -29.82
C LEU J 48 -43.86 -30.03 -30.01
N ARG J 49 -44.91 -29.37 -30.47
CA ARG J 49 -46.15 -30.06 -30.74
C ARG J 49 -45.92 -31.14 -31.81
N GLU J 50 -45.34 -30.74 -32.93
CA GLU J 50 -45.11 -31.64 -34.08
C GLU J 50 -44.24 -32.83 -33.72
N ILE J 51 -43.19 -32.60 -32.93
CA ILE J 51 -42.37 -33.69 -32.42
C ILE J 51 -43.29 -34.71 -31.78
N ARG J 52 -44.10 -34.27 -30.83
CA ARG J 52 -44.98 -35.17 -30.11
C ARG J 52 -45.95 -35.86 -31.05
N ARG J 53 -46.47 -35.13 -32.04
CA ARG J 53 -47.32 -35.78 -33.03
C ARG J 53 -46.57 -36.95 -33.63
N TYR J 54 -45.42 -36.67 -34.25
CA TYR J 54 -44.75 -37.67 -35.07
C TYR J 54 -44.08 -38.77 -34.27
N GLN J 55 -43.82 -38.49 -32.98
CA GLN J 55 -43.34 -39.55 -32.06
C GLN J 55 -44.45 -40.51 -31.53
N LYS J 56 -45.73 -40.13 -31.65
CA LYS J 56 -46.81 -41.06 -31.32
C LYS J 56 -47.09 -42.05 -32.43
N SER J 57 -46.94 -41.62 -33.68
CA SER J 57 -47.31 -42.46 -34.81
C SER J 57 -46.11 -43.18 -35.46
N THR J 58 -46.43 -43.92 -36.51
CA THR J 58 -45.54 -44.89 -37.17
C THR J 58 -45.59 -44.81 -38.71
N GLU J 59 -46.67 -44.19 -39.22
CA GLU J 59 -46.91 -43.93 -40.64
C GLU J 59 -45.75 -43.17 -41.23
N LEU J 60 -45.39 -43.55 -42.47
CA LEU J 60 -44.23 -43.01 -43.18
C LEU J 60 -44.35 -41.52 -43.44
N LEU J 61 -43.21 -40.85 -43.45
CA LEU J 61 -43.20 -39.40 -43.45
C LEU J 61 -42.90 -38.78 -44.82
N ILE J 62 -42.11 -39.50 -45.61
CA ILE J 62 -41.82 -39.14 -46.97
C ILE J 62 -43.05 -39.60 -47.76
N ARG J 63 -43.42 -38.83 -48.79
CA ARG J 63 -44.58 -39.17 -49.60
C ARG J 63 -44.22 -40.30 -50.49
N LYS J 64 -45.23 -41.06 -50.91
CA LYS J 64 -45.02 -42.42 -51.38
C LYS J 64 -44.48 -42.39 -52.78
N LEU J 65 -45.00 -41.45 -53.55
CA LEU J 65 -44.81 -41.43 -54.99
C LEU J 65 -43.46 -40.83 -55.33
N PRO J 66 -43.18 -39.59 -54.87
CA PRO J 66 -41.83 -39.07 -54.92
C PRO J 66 -40.80 -40.13 -54.57
N PHE J 67 -40.94 -40.75 -53.41
CA PHE J 67 -39.99 -41.75 -52.98
C PHE J 67 -39.66 -42.77 -54.05
N GLN J 68 -40.70 -43.23 -54.75
CA GLN J 68 -40.56 -44.33 -55.68
C GLN J 68 -39.78 -43.82 -56.90
N ARG J 69 -40.27 -42.72 -57.48
CA ARG J 69 -39.57 -42.07 -58.57
C ARG J 69 -38.08 -42.01 -58.25
N LEU J 70 -37.74 -41.53 -57.05
CA LEU J 70 -36.32 -41.47 -56.66
C LEU J 70 -35.63 -42.82 -56.79
N VAL J 71 -36.17 -43.85 -56.16
CA VAL J 71 -35.56 -45.18 -56.16
C VAL J 71 -35.44 -45.72 -57.58
N ARG J 72 -36.50 -45.60 -58.38
CA ARG J 72 -36.40 -46.01 -59.80
C ARG J 72 -35.24 -45.30 -60.58
N GLU J 73 -35.12 -43.99 -60.41
CA GLU J 73 -33.96 -43.29 -60.92
C GLU J 73 -32.70 -44.04 -60.50
N ILE J 74 -32.18 -43.78 -59.30
CA ILE J 74 -30.94 -44.40 -58.82
C ILE J 74 -30.68 -45.83 -59.33
N ALA J 75 -31.74 -46.63 -59.43
CA ALA J 75 -31.58 -48.03 -59.80
C ALA J 75 -31.31 -48.17 -61.28
N GLN J 76 -32.04 -47.37 -62.08
CA GLN J 76 -31.83 -47.25 -63.53
C GLN J 76 -30.37 -46.99 -63.84
N ASP J 77 -29.84 -45.92 -63.24
CA ASP J 77 -28.44 -45.52 -63.31
C ASP J 77 -27.42 -46.55 -62.78
N PHE J 78 -27.87 -47.78 -62.53
CA PHE J 78 -27.02 -48.90 -62.08
C PHE J 78 -27.24 -50.06 -63.04
N LYS J 79 -28.49 -50.18 -63.47
CA LYS J 79 -28.89 -51.11 -64.50
C LYS J 79 -30.24 -50.67 -65.00
N THR J 80 -30.38 -50.64 -66.32
CA THR J 80 -31.60 -50.21 -66.95
C THR J 80 -32.55 -51.39 -66.89
N ASP J 81 -33.81 -51.12 -67.21
CA ASP J 81 -34.78 -52.17 -67.45
C ASP J 81 -35.05 -53.04 -66.21
N LEU J 82 -35.12 -52.39 -65.04
CA LEU J 82 -35.50 -53.05 -63.76
C LEU J 82 -36.93 -52.76 -63.36
N ARG J 83 -37.63 -53.80 -62.88
CA ARG J 83 -38.92 -53.63 -62.21
C ARG J 83 -38.84 -53.84 -60.68
N PHE J 84 -39.88 -53.41 -59.96
CA PHE J 84 -39.95 -53.56 -58.50
C PHE J 84 -41.26 -54.15 -57.99
N GLN J 85 -41.17 -55.19 -57.16
CA GLN J 85 -42.25 -55.53 -56.22
C GLN J 85 -42.61 -54.32 -55.36
N SER J 86 -43.89 -53.95 -55.34
CA SER J 86 -44.30 -52.73 -54.66
C SER J 86 -43.92 -52.79 -53.19
N SER J 87 -43.85 -54.01 -52.64
CA SER J 87 -43.36 -54.24 -51.31
C SER J 87 -41.82 -54.00 -51.18
N ALA J 88 -41.08 -54.10 -52.28
CA ALA J 88 -39.62 -53.91 -52.27
C ALA J 88 -39.26 -52.44 -52.18
N VAL J 89 -40.08 -51.59 -52.78
CA VAL J 89 -39.91 -50.15 -52.62
C VAL J 89 -40.15 -49.91 -51.14
N MET J 90 -41.36 -50.28 -50.72
CA MET J 90 -41.82 -50.12 -49.33
C MET J 90 -40.80 -50.59 -48.28
N ALA J 91 -40.08 -51.65 -48.59
CA ALA J 91 -38.97 -52.06 -47.74
C ALA J 91 -37.91 -50.97 -47.66
N LEU J 92 -37.31 -50.61 -48.80
CA LEU J 92 -36.30 -49.53 -48.89
C LEU J 92 -36.73 -48.26 -48.20
N GLN J 93 -38.01 -47.89 -48.33
CA GLN J 93 -38.46 -46.69 -47.59
C GLN J 93 -38.46 -46.91 -46.07
N GLU J 94 -39.13 -47.97 -45.62
CA GLU J 94 -39.03 -48.36 -44.22
C GLU J 94 -37.59 -48.24 -43.76
N ALA J 95 -36.67 -48.79 -44.52
CA ALA J 95 -35.29 -48.79 -44.12
C ALA J 95 -34.70 -47.39 -44.18
N SER J 96 -35.28 -46.54 -45.03
CA SER J 96 -34.69 -45.22 -45.31
C SER J 96 -34.99 -44.26 -44.18
N GLU J 97 -36.28 -44.11 -43.92
CA GLU J 97 -36.77 -43.27 -42.84
C GLU J 97 -36.17 -43.69 -41.47
N ALA J 98 -36.31 -44.94 -41.05
CA ALA J 98 -35.59 -45.42 -39.87
C ALA J 98 -34.18 -44.81 -39.69
N TYR J 99 -33.41 -44.83 -40.78
CA TYR J 99 -32.02 -44.39 -40.82
C TYR J 99 -31.93 -42.93 -40.54
N LEU J 100 -32.85 -42.19 -41.14
CA LEU J 100 -32.73 -40.76 -41.16
C LEU J 100 -33.20 -40.25 -39.85
N VAL J 101 -34.20 -40.94 -39.31
CA VAL J 101 -34.69 -40.60 -37.98
C VAL J 101 -33.62 -40.94 -36.95
N ALA J 102 -33.02 -42.12 -37.05
CA ALA J 102 -31.86 -42.45 -36.26
C ALA J 102 -30.86 -41.32 -36.42
N LEU J 103 -30.61 -40.92 -37.68
CA LEU J 103 -29.65 -39.84 -37.99
C LEU J 103 -29.91 -38.48 -37.31
N PHE J 104 -31.09 -37.93 -37.57
CA PHE J 104 -31.51 -36.76 -36.88
C PHE J 104 -31.34 -36.85 -35.36
N GLU J 105 -31.79 -37.96 -34.75
CA GLU J 105 -31.48 -38.25 -33.33
C GLU J 105 -30.05 -37.86 -32.97
N ASP J 106 -29.08 -38.49 -33.62
CA ASP J 106 -27.67 -38.26 -33.35
C ASP J 106 -27.22 -36.88 -33.83
N THR J 107 -27.81 -36.37 -34.91
CA THR J 107 -27.50 -35.01 -35.31
C THR J 107 -27.88 -34.15 -34.11
N ASN J 108 -29.13 -34.27 -33.70
CA ASN J 108 -29.65 -33.44 -32.62
C ASN J 108 -28.72 -33.39 -31.42
N LEU J 109 -28.08 -34.51 -31.11
CA LEU J 109 -27.21 -34.58 -29.95
C LEU J 109 -26.02 -33.69 -30.17
N CYS J 110 -25.58 -33.63 -31.42
CA CYS J 110 -24.41 -32.84 -31.81
C CYS J 110 -24.66 -31.32 -31.72
N ALA J 111 -25.85 -30.91 -32.16
CA ALA J 111 -26.33 -29.56 -31.96
C ALA J 111 -26.24 -29.20 -30.50
N ILE J 112 -26.83 -30.06 -29.65
CA ILE J 112 -26.84 -29.83 -28.21
C ILE J 112 -25.43 -29.89 -27.62
N HIS J 113 -24.54 -30.63 -28.25
CA HIS J 113 -23.21 -30.72 -27.70
C HIS J 113 -22.55 -29.35 -27.75
N ALA J 114 -22.95 -28.60 -28.77
CA ALA J 114 -22.32 -27.32 -29.11
C ALA J 114 -23.08 -26.15 -28.53
N LYS J 115 -23.74 -26.41 -27.40
CA LYS J 115 -24.54 -25.42 -26.68
C LYS J 115 -25.53 -24.73 -27.64
N ARG J 116 -25.90 -25.45 -28.69
CA ARG J 116 -26.85 -24.98 -29.70
C ARG J 116 -28.14 -25.81 -29.61
N VAL J 117 -29.17 -25.37 -30.32
CA VAL J 117 -30.50 -26.00 -30.30
C VAL J 117 -30.99 -26.27 -31.73
N THR J 118 -30.29 -25.64 -32.67
CA THR J 118 -30.54 -25.73 -34.10
C THR J 118 -29.57 -26.71 -34.75
N ILE J 119 -30.06 -27.70 -35.49
CA ILE J 119 -29.18 -28.64 -36.21
C ILE J 119 -28.63 -28.08 -37.53
N MET J 120 -27.40 -28.46 -37.86
CA MET J 120 -26.68 -27.84 -38.97
C MET J 120 -25.97 -28.91 -39.76
N PRO J 121 -25.72 -28.66 -41.05
CA PRO J 121 -24.98 -29.67 -41.77
C PRO J 121 -23.77 -30.15 -40.96
N LYS J 122 -22.99 -29.24 -40.35
CA LYS J 122 -21.78 -29.70 -39.65
C LYS J 122 -22.09 -30.72 -38.57
N ASP J 123 -23.22 -30.55 -37.88
CA ASP J 123 -23.67 -31.57 -36.94
C ASP J 123 -23.81 -32.93 -37.63
N ILE J 124 -24.77 -33.07 -38.56
CA ILE J 124 -24.87 -34.29 -39.37
C ILE J 124 -23.48 -34.86 -39.70
N GLN J 125 -22.58 -33.97 -40.13
CA GLN J 125 -21.26 -34.36 -40.57
C GLN J 125 -20.43 -35.01 -39.48
N LEU J 126 -20.59 -34.53 -38.26
CA LEU J 126 -19.89 -35.11 -37.13
C LEU J 126 -20.48 -36.48 -36.76
N ALA J 127 -21.80 -36.60 -36.87
CA ALA J 127 -22.45 -37.86 -36.56
C ALA J 127 -21.96 -38.97 -37.51
N ARG J 128 -21.88 -38.63 -38.80
CA ARG J 128 -21.47 -39.57 -39.81
C ARG J 128 -19.99 -39.90 -39.67
N ARG J 129 -19.13 -38.92 -39.43
CA ARG J 129 -17.74 -39.28 -39.20
C ARG J 129 -17.66 -40.30 -38.05
N ILE J 130 -18.38 -40.02 -36.97
CA ILE J 130 -18.30 -40.84 -35.74
C ILE J 130 -18.94 -42.24 -35.90
N ARG J 131 -20.16 -42.30 -36.47
CA ARG J 131 -20.75 -43.55 -36.94
C ARG J 131 -19.76 -44.34 -37.84
N GLY J 132 -18.77 -43.65 -38.40
CA GLY J 132 -17.86 -44.27 -39.32
C GLY J 132 -18.54 -44.56 -40.63
N GLU J 133 -19.41 -43.65 -41.06
CA GLU J 133 -19.93 -43.66 -42.41
C GLU J 133 -18.98 -42.85 -43.35
N ARG J 134 -19.13 -43.05 -44.67
CA ARG J 134 -18.41 -42.25 -45.69
C ARG J 134 -19.28 -41.93 -46.92
N LYS K 20 -40.07 -43.42 -69.99
CA LYS K 20 -39.81 -41.96 -70.12
C LYS K 20 -38.79 -41.44 -69.10
N VAL K 21 -37.95 -40.50 -69.53
CA VAL K 21 -36.69 -40.19 -68.84
C VAL K 21 -36.97 -39.60 -67.47
N LEU K 22 -36.06 -39.89 -66.51
CA LEU K 22 -36.21 -39.49 -65.11
C LEU K 22 -35.05 -38.65 -64.63
N ARG K 23 -35.39 -37.51 -64.06
CA ARG K 23 -34.43 -36.45 -63.80
C ARG K 23 -34.84 -35.63 -62.56
N ASP K 24 -33.84 -35.32 -61.73
CA ASP K 24 -33.98 -34.46 -60.52
C ASP K 24 -34.88 -34.99 -59.40
N ASN K 25 -35.24 -36.28 -59.42
CA ASN K 25 -36.22 -36.81 -58.47
C ASN K 25 -35.94 -36.65 -56.95
N ILE K 26 -34.67 -36.70 -56.54
CA ILE K 26 -34.28 -36.31 -55.19
C ILE K 26 -35.04 -35.06 -54.70
N GLN K 27 -35.51 -34.21 -55.59
CA GLN K 27 -36.23 -33.03 -55.09
C GLN K 27 -37.70 -33.37 -54.79
N GLY K 28 -38.03 -34.64 -54.96
CA GLY K 28 -39.30 -35.18 -54.48
C GLY K 28 -39.32 -35.12 -52.96
N ILE K 29 -38.17 -35.47 -52.36
CA ILE K 29 -37.89 -35.33 -50.94
C ILE K 29 -38.04 -33.87 -50.51
N THR K 30 -39.27 -33.39 -50.60
CA THR K 30 -39.66 -32.05 -50.18
C THR K 30 -39.13 -31.66 -48.79
N LYS K 31 -39.13 -30.37 -48.50
CA LYS K 31 -38.65 -29.84 -47.23
C LYS K 31 -39.56 -30.14 -46.00
N PRO K 32 -40.90 -30.08 -46.17
CA PRO K 32 -41.75 -30.48 -45.07
C PRO K 32 -41.56 -31.93 -44.61
N ALA K 33 -41.21 -32.84 -45.53
CA ALA K 33 -40.97 -34.23 -45.14
C ALA K 33 -39.63 -34.34 -44.40
N ILE K 34 -38.54 -33.99 -45.05
CA ILE K 34 -37.23 -33.90 -44.37
C ILE K 34 -37.41 -33.21 -43.02
N ARG K 35 -38.55 -32.53 -42.85
CA ARG K 35 -38.91 -31.90 -41.59
C ARG K 35 -39.55 -32.94 -40.64
N ARG K 36 -40.72 -33.43 -41.05
CA ARG K 36 -41.40 -34.51 -40.39
C ARG K 36 -40.43 -35.59 -39.84
N LEU K 37 -39.56 -36.14 -40.67
CA LEU K 37 -38.54 -37.07 -40.13
C LEU K 37 -37.74 -36.46 -38.97
N ALA K 38 -37.23 -35.25 -39.13
CA ALA K 38 -36.43 -34.61 -38.06
C ALA K 38 -37.20 -34.45 -36.73
N ARG K 39 -38.53 -34.52 -36.81
CA ARG K 39 -39.38 -34.27 -35.64
C ARG K 39 -39.53 -35.56 -34.86
N ARG K 40 -39.88 -36.62 -35.56
CA ARG K 40 -39.78 -37.94 -35.00
C ARG K 40 -38.34 -38.13 -34.54
N GLY K 41 -37.45 -37.25 -34.95
CA GLY K 41 -36.04 -37.42 -34.57
C GLY K 41 -35.70 -36.59 -33.35
N GLY K 42 -36.65 -35.79 -32.91
CA GLY K 42 -36.48 -35.03 -31.69
C GLY K 42 -35.85 -33.67 -31.88
N VAL K 43 -35.68 -33.29 -33.13
CA VAL K 43 -35.14 -31.99 -33.52
C VAL K 43 -36.26 -30.93 -33.56
N LYS K 44 -35.93 -29.77 -32.97
CA LYS K 44 -36.84 -28.66 -32.78
C LYS K 44 -36.52 -27.53 -33.74
N ARG K 45 -35.22 -27.21 -33.85
CA ARG K 45 -34.77 -26.12 -34.70
C ARG K 45 -33.84 -26.59 -35.82
N ILE K 46 -34.28 -26.34 -37.06
CA ILE K 46 -33.63 -26.83 -38.27
C ILE K 46 -33.00 -25.72 -39.12
N SER K 47 -31.67 -25.74 -39.23
CA SER K 47 -30.93 -24.82 -40.11
C SER K 47 -31.24 -25.06 -41.58
N GLY K 48 -31.36 -23.99 -42.35
CA GLY K 48 -31.76 -24.07 -43.77
C GLY K 48 -30.83 -24.87 -44.69
N LEU K 49 -29.55 -24.93 -44.33
CA LEU K 49 -28.60 -25.72 -45.08
C LEU K 49 -28.67 -27.23 -44.81
N ILE K 50 -29.57 -27.62 -43.91
CA ILE K 50 -29.82 -29.02 -43.60
C ILE K 50 -30.50 -29.77 -44.76
N TYR K 51 -31.55 -29.18 -45.35
CA TYR K 51 -32.37 -29.92 -46.34
C TYR K 51 -31.55 -30.49 -47.48
N GLU K 52 -30.52 -29.77 -47.96
CA GLU K 52 -29.73 -30.33 -49.05
C GLU K 52 -28.78 -31.40 -48.55
N GLU K 53 -28.21 -31.19 -47.39
CA GLU K 53 -27.32 -32.23 -46.85
C GLU K 53 -28.09 -33.55 -46.64
N THR K 54 -29.36 -33.45 -46.26
CA THR K 54 -30.13 -34.65 -45.98
C THR K 54 -30.33 -35.43 -47.26
N ARG K 55 -30.69 -34.71 -48.32
CA ARG K 55 -30.86 -35.34 -49.64
C ARG K 55 -29.54 -35.98 -50.07
N GLY K 56 -28.44 -35.31 -49.74
CA GLY K 56 -27.12 -35.80 -50.08
C GLY K 56 -26.98 -37.17 -49.50
N VAL K 57 -27.25 -37.24 -48.19
CA VAL K 57 -27.14 -38.43 -47.35
C VAL K 57 -28.10 -39.54 -47.77
N LEU K 58 -29.35 -39.15 -48.02
CA LEU K 58 -30.35 -40.13 -48.40
C LEU K 58 -29.91 -40.82 -49.66
N LYS K 59 -29.34 -40.05 -50.58
CA LYS K 59 -28.83 -40.56 -51.85
C LYS K 59 -27.69 -41.58 -51.65
N VAL K 60 -26.63 -41.19 -50.89
CA VAL K 60 -25.54 -42.12 -50.62
C VAL K 60 -26.13 -43.35 -49.98
N PHE K 61 -27.17 -43.16 -49.15
CA PHE K 61 -27.85 -44.29 -48.51
C PHE K 61 -28.53 -45.19 -49.54
N LEU K 62 -29.46 -44.63 -50.33
CA LEU K 62 -30.15 -45.45 -51.35
C LEU K 62 -29.20 -46.05 -52.41
N GLU K 63 -28.11 -45.33 -52.70
CA GLU K 63 -27.19 -45.84 -53.69
C GLU K 63 -26.54 -47.06 -53.07
N ASN K 64 -26.39 -47.08 -51.76
CA ASN K 64 -25.77 -48.27 -51.19
C ASN K 64 -26.64 -49.50 -51.11
N VAL K 65 -27.89 -49.30 -50.69
CA VAL K 65 -28.75 -50.44 -50.52
C VAL K 65 -29.05 -50.99 -51.91
N ILE K 66 -29.24 -50.11 -52.90
CA ILE K 66 -29.68 -50.59 -54.23
C ILE K 66 -28.57 -51.18 -55.09
N ARG K 67 -27.37 -50.61 -55.00
CA ARG K 67 -26.22 -51.29 -55.58
C ARG K 67 -26.26 -52.76 -55.16
N ASP K 68 -26.40 -53.02 -53.86
CA ASP K 68 -26.47 -54.39 -53.34
C ASP K 68 -27.77 -55.13 -53.68
N ALA K 69 -28.92 -54.49 -53.49
CA ALA K 69 -30.19 -55.13 -53.84
C ALA K 69 -30.07 -55.66 -55.23
N VAL K 70 -29.63 -54.78 -56.14
CA VAL K 70 -29.49 -55.07 -57.56
C VAL K 70 -28.54 -56.21 -57.81
N THR K 71 -27.33 -56.17 -57.27
CA THR K 71 -26.43 -57.29 -57.37
C THR K 71 -27.06 -58.64 -57.03
N TYR K 72 -27.90 -58.69 -55.99
CA TYR K 72 -28.69 -59.89 -55.74
C TYR K 72 -29.65 -60.15 -56.93
N THR K 73 -30.33 -59.11 -57.41
CA THR K 73 -31.30 -59.29 -58.50
C THR K 73 -30.65 -59.82 -59.77
N GLU K 74 -29.42 -59.33 -60.03
CA GLU K 74 -28.65 -59.78 -61.19
C GLU K 74 -28.22 -61.22 -60.98
N HIS K 75 -27.88 -61.57 -59.76
CA HIS K 75 -27.45 -62.94 -59.51
C HIS K 75 -28.64 -63.90 -59.64
N ALA K 76 -29.77 -63.52 -59.08
CA ALA K 76 -30.97 -64.31 -59.24
C ALA K 76 -31.46 -64.32 -60.70
N LYS K 77 -30.69 -63.69 -61.61
CA LYS K 77 -31.01 -63.61 -63.04
C LYS K 77 -32.42 -63.09 -63.32
N ARG K 78 -32.76 -61.94 -62.73
CA ARG K 78 -34.12 -61.41 -62.79
C ARG K 78 -34.16 -59.98 -63.32
N LYS K 79 -35.32 -59.57 -63.84
CA LYS K 79 -35.56 -58.20 -64.27
C LYS K 79 -36.43 -57.48 -63.24
N THR K 80 -36.83 -58.21 -62.20
CA THR K 80 -37.67 -57.62 -61.15
C THR K 80 -36.95 -57.72 -59.84
N VAL K 81 -36.87 -56.58 -59.14
CA VAL K 81 -36.25 -56.51 -57.81
C VAL K 81 -37.30 -56.81 -56.75
N THR K 82 -37.00 -57.79 -55.92
CA THR K 82 -37.95 -58.31 -54.94
C THR K 82 -37.74 -57.74 -53.54
N ALA K 83 -38.80 -57.80 -52.74
CA ALA K 83 -38.68 -57.41 -51.32
C ALA K 83 -37.48 -58.09 -50.65
N MET K 84 -37.24 -59.35 -51.02
CA MET K 84 -36.14 -60.12 -50.46
C MET K 84 -34.75 -59.62 -50.79
N ASP K 85 -34.55 -59.12 -52.02
CA ASP K 85 -33.24 -58.64 -52.46
C ASP K 85 -32.90 -57.42 -51.62
N VAL K 86 -33.89 -56.55 -51.47
CA VAL K 86 -33.78 -55.42 -50.56
C VAL K 86 -33.36 -55.86 -49.15
N VAL K 87 -34.05 -56.87 -48.60
CA VAL K 87 -33.89 -57.18 -47.20
C VAL K 87 -32.51 -57.77 -46.92
N TYR K 88 -32.05 -58.57 -47.87
CA TYR K 88 -30.75 -59.15 -47.84
C TYR K 88 -29.64 -58.09 -47.91
N ALA K 89 -29.96 -56.99 -48.60
CA ALA K 89 -28.98 -55.94 -48.84
C ALA K 89 -28.78 -55.24 -47.51
N LEU K 90 -29.88 -54.70 -46.97
CA LEU K 90 -29.91 -54.15 -45.62
C LEU K 90 -29.16 -55.04 -44.59
N LYS K 91 -29.54 -56.33 -44.52
CA LYS K 91 -28.83 -57.21 -43.62
C LYS K 91 -27.32 -57.10 -43.84
N ARG K 92 -26.90 -57.15 -45.11
CA ARG K 92 -25.50 -56.98 -45.54
C ARG K 92 -24.87 -55.74 -44.96
N GLN K 93 -25.57 -54.62 -45.10
CA GLN K 93 -25.08 -53.30 -44.67
C GLN K 93 -25.30 -53.11 -43.17
N GLY K 94 -25.56 -54.18 -42.43
CA GLY K 94 -25.80 -54.07 -41.00
C GLY K 94 -26.96 -53.16 -40.62
N ARG K 95 -28.02 -53.19 -41.42
CA ARG K 95 -29.26 -52.48 -41.14
C ARG K 95 -30.42 -53.42 -41.33
N THR K 96 -30.37 -54.54 -40.57
CA THR K 96 -31.37 -55.60 -40.66
C THR K 96 -32.79 -55.06 -40.51
N LEU K 97 -33.73 -55.60 -41.29
CA LEU K 97 -35.11 -55.10 -41.30
C LEU K 97 -36.11 -56.25 -41.19
N TYR K 98 -37.02 -56.13 -40.22
CA TYR K 98 -38.09 -57.09 -40.03
C TYR K 98 -39.37 -56.53 -40.63
N GLY K 99 -40.20 -57.40 -41.18
CA GLY K 99 -41.50 -57.02 -41.68
C GLY K 99 -41.79 -57.37 -43.12
N PHE K 100 -40.76 -57.86 -43.85
CA PHE K 100 -40.88 -58.07 -45.28
C PHE K 100 -40.39 -59.40 -45.80
N GLY K 101 -40.29 -60.41 -44.94
CA GLY K 101 -39.75 -61.71 -45.33
C GLY K 101 -38.36 -61.83 -44.72
N GLY K 102 -37.77 -63.02 -44.82
CA GLY K 102 -36.43 -63.27 -44.30
C GLY K 102 -36.34 -63.92 -42.92
N THR L 17 0.13 -79.30 -61.04
CA THR L 17 -0.77 -78.50 -60.14
C THR L 17 -2.01 -77.95 -60.87
N ARG L 18 -2.44 -76.76 -60.47
CA ARG L 18 -3.54 -76.02 -61.11
C ARG L 18 -3.27 -74.52 -61.00
N SER L 19 -2.39 -74.17 -60.07
CA SER L 19 -1.88 -72.80 -59.93
C SER L 19 -1.20 -72.45 -61.25
N SER L 20 -0.34 -73.36 -61.70
CA SER L 20 0.24 -73.37 -63.04
C SER L 20 -0.82 -73.18 -64.13
N ARG L 21 -1.77 -74.13 -64.18
CA ARG L 21 -2.77 -74.20 -65.23
C ARG L 21 -3.70 -72.98 -65.28
N ALA L 22 -3.52 -72.06 -64.34
CA ALA L 22 -4.30 -70.83 -64.25
C ALA L 22 -3.40 -69.62 -64.07
N GLY L 23 -2.09 -69.89 -64.09
CA GLY L 23 -1.06 -68.84 -64.03
C GLY L 23 -0.98 -68.18 -62.68
N LEU L 24 -1.50 -68.88 -61.69
CA LEU L 24 -1.59 -68.34 -60.35
C LEU L 24 -0.42 -68.77 -59.49
N GLN L 25 -0.10 -67.92 -58.53
CA GLN L 25 0.88 -68.21 -57.52
C GLN L 25 0.23 -68.83 -56.29
N PHE L 26 -1.09 -68.67 -56.19
CA PHE L 26 -1.81 -69.06 -54.99
C PHE L 26 -2.42 -70.45 -55.09
N PRO L 27 -2.21 -71.27 -54.03
CA PRO L 27 -2.49 -72.69 -54.05
C PRO L 27 -3.95 -72.96 -54.36
N VAL L 28 -4.21 -73.26 -55.64
CA VAL L 28 -5.54 -73.58 -56.14
C VAL L 28 -6.10 -74.86 -55.49
N GLY L 29 -5.22 -75.75 -55.06
CA GLY L 29 -5.60 -76.97 -54.34
C GLY L 29 -6.09 -76.65 -52.93
N ARG L 30 -5.17 -76.19 -52.09
CA ARG L 30 -5.49 -75.67 -50.75
C ARG L 30 -6.88 -75.06 -50.66
N VAL L 31 -7.16 -74.14 -51.60
CA VAL L 31 -8.41 -73.40 -51.61
C VAL L 31 -9.63 -74.30 -51.82
N HIS L 32 -9.51 -75.27 -52.72
CA HIS L 32 -10.62 -76.16 -53.03
C HIS L 32 -10.95 -77.04 -51.83
N ARG L 33 -9.91 -77.36 -51.04
CA ARG L 33 -10.07 -78.16 -49.85
C ARG L 33 -10.87 -77.35 -48.85
N LEU L 34 -10.43 -76.12 -48.62
CA LEU L 34 -10.99 -75.25 -47.60
C LEU L 34 -12.46 -74.88 -47.80
N LEU L 35 -12.87 -74.76 -49.04
CA LEU L 35 -14.24 -74.45 -49.33
C LEU L 35 -15.15 -75.62 -49.00
N ARG L 36 -14.69 -76.82 -49.32
CA ARG L 36 -15.47 -78.05 -49.12
C ARG L 36 -15.61 -78.34 -47.63
N LYS L 37 -14.51 -78.19 -46.91
CA LYS L 37 -14.45 -78.48 -45.49
C LYS L 37 -15.04 -77.40 -44.58
N GLY L 38 -15.00 -76.15 -45.01
CA GLY L 38 -15.49 -75.02 -44.21
C GLY L 38 -16.99 -74.79 -44.25
N ASN L 39 -17.72 -75.76 -44.79
CA ASN L 39 -19.18 -75.79 -44.65
C ASN L 39 -19.91 -74.60 -45.25
N TYR L 40 -19.56 -74.28 -46.49
CA TYR L 40 -20.21 -73.19 -47.22
C TYR L 40 -21.33 -73.71 -48.10
N ALA L 41 -21.18 -74.92 -48.64
CA ALA L 41 -22.26 -75.59 -49.35
C ALA L 41 -22.02 -77.07 -49.51
N GLU L 42 -23.08 -77.77 -49.89
CA GLU L 42 -23.07 -79.19 -50.16
C GLU L 42 -21.97 -79.54 -51.17
N ARG L 43 -22.09 -78.99 -52.37
CA ARG L 43 -21.11 -79.17 -53.46
C ARG L 43 -20.36 -77.88 -53.84
N VAL L 44 -19.18 -78.07 -54.46
CA VAL L 44 -18.25 -76.97 -54.78
C VAL L 44 -17.65 -77.07 -56.19
N GLY L 45 -18.03 -76.13 -57.04
CA GLY L 45 -17.54 -76.07 -58.43
C GLY L 45 -16.02 -76.09 -58.66
N ALA L 46 -15.64 -76.35 -59.91
CA ALA L 46 -14.22 -76.43 -60.27
C ALA L 46 -13.60 -75.06 -60.51
N GLY L 47 -14.40 -74.10 -60.99
CA GLY L 47 -13.90 -72.77 -61.29
C GLY L 47 -13.61 -71.95 -60.05
N ALA L 48 -14.43 -72.15 -59.01
CA ALA L 48 -14.43 -71.29 -57.82
C ALA L 48 -13.12 -71.27 -57.00
N PRO L 49 -12.50 -72.44 -56.77
CA PRO L 49 -11.20 -72.37 -56.08
C PRO L 49 -10.18 -71.59 -56.90
N VAL L 50 -10.42 -71.54 -58.21
CA VAL L 50 -9.55 -70.83 -59.12
C VAL L 50 -9.94 -69.36 -59.11
N TYR L 51 -11.22 -69.07 -59.34
CA TYR L 51 -11.66 -67.69 -59.29
C TYR L 51 -11.21 -67.01 -58.00
N LEU L 52 -11.43 -67.69 -56.87
CA LEU L 52 -11.13 -67.10 -55.57
C LEU L 52 -9.62 -66.99 -55.28
N ALA L 53 -8.88 -68.08 -55.45
CA ALA L 53 -7.43 -68.04 -55.25
C ALA L 53 -6.81 -66.84 -55.98
N ALA L 54 -7.44 -66.49 -57.11
CA ALA L 54 -7.00 -65.41 -57.99
C ALA L 54 -7.25 -64.06 -57.36
N VAL L 55 -8.47 -63.90 -56.85
CA VAL L 55 -8.93 -62.69 -56.19
C VAL L 55 -8.13 -62.49 -54.93
N LEU L 56 -7.86 -63.58 -54.23
CA LEU L 56 -6.96 -63.56 -53.10
C LEU L 56 -5.59 -63.12 -53.54
N GLU L 57 -5.09 -63.75 -54.62
CA GLU L 57 -3.78 -63.37 -55.18
C GLU L 57 -3.77 -61.92 -55.62
N TYR L 58 -4.80 -61.51 -56.36
CA TYR L 58 -4.90 -60.13 -56.80
C TYR L 58 -4.70 -59.15 -55.64
N LEU L 59 -5.52 -59.29 -54.59
CA LEU L 59 -5.55 -58.34 -53.47
C LEU L 59 -4.27 -58.35 -52.64
N THR L 60 -3.68 -59.52 -52.43
CA THR L 60 -2.41 -59.57 -51.69
C THR L 60 -1.31 -58.86 -52.47
N ALA L 61 -1.47 -58.79 -53.79
CA ALA L 61 -0.55 -58.05 -54.64
C ALA L 61 -0.67 -56.55 -54.40
N GLU L 62 -1.90 -56.03 -54.44
CA GLU L 62 -2.15 -54.60 -54.25
C GLU L 62 -1.60 -54.09 -52.92
N ILE L 63 -1.71 -54.92 -51.89
CA ILE L 63 -1.18 -54.57 -50.56
C ILE L 63 0.34 -54.57 -50.60
N LEU L 64 0.90 -55.68 -51.09
CA LEU L 64 2.34 -55.85 -51.16
C LEU L 64 2.97 -54.76 -52.02
N GLU L 65 2.31 -54.42 -53.13
CA GLU L 65 2.61 -53.24 -53.92
C GLU L 65 2.84 -52.04 -53.01
N LEU L 66 1.76 -51.48 -52.48
CA LEU L 66 1.74 -50.18 -51.82
C LEU L 66 2.51 -50.14 -50.51
N ALA L 67 2.61 -51.28 -49.85
CA ALA L 67 3.43 -51.39 -48.65
C ALA L 67 4.90 -51.28 -49.03
N GLY L 68 5.34 -52.12 -49.98
CA GLY L 68 6.71 -52.05 -50.49
C GLY L 68 7.11 -50.63 -50.86
N ASN L 69 6.33 -50.01 -51.75
CA ASN L 69 6.41 -48.58 -52.01
C ASN L 69 6.71 -47.86 -50.70
N ALA L 70 5.80 -47.99 -49.73
CA ALA L 70 5.93 -47.36 -48.42
C ALA L 70 7.23 -47.67 -47.70
N ALA L 71 7.72 -48.90 -47.85
CA ALA L 71 9.00 -49.28 -47.26
C ALA L 71 10.17 -48.58 -47.98
N ARG L 72 10.03 -48.40 -49.30
CA ARG L 72 10.98 -47.58 -50.05
C ARG L 72 10.92 -46.17 -49.52
N ASP L 73 9.72 -45.59 -49.51
CA ASP L 73 9.50 -44.24 -49.02
C ASP L 73 10.06 -44.05 -47.62
N ASN L 74 9.94 -45.09 -46.80
CA ASN L 74 10.43 -45.07 -45.42
C ASN L 74 11.83 -45.68 -45.32
N LYS L 75 12.43 -45.90 -46.49
CA LYS L 75 13.84 -46.28 -46.66
C LYS L 75 14.28 -47.56 -45.93
N LYS L 76 13.62 -48.66 -46.28
CA LYS L 76 13.91 -49.97 -45.71
C LYS L 76 13.70 -51.00 -46.82
N THR L 77 14.47 -52.09 -46.77
CA THR L 77 14.26 -53.17 -47.74
C THR L 77 13.18 -54.16 -47.27
N ARG L 78 12.97 -54.24 -45.95
CA ARG L 78 11.98 -55.15 -45.39
C ARG L 78 10.71 -54.48 -44.86
N ILE L 79 9.57 -55.06 -45.25
CA ILE L 79 8.24 -54.58 -44.85
C ILE L 79 7.89 -54.98 -43.43
N ILE L 80 7.65 -54.00 -42.58
CA ILE L 80 7.11 -54.24 -41.25
C ILE L 80 5.63 -53.84 -41.22
N PRO L 81 4.91 -54.27 -40.16
CA PRO L 81 3.48 -53.97 -40.03
C PRO L 81 3.11 -52.52 -40.35
N ARG L 82 3.93 -51.57 -39.93
CA ARG L 82 3.66 -50.16 -40.20
C ARG L 82 3.45 -49.90 -41.69
N HIS L 83 4.35 -50.45 -42.52
CA HIS L 83 4.30 -50.24 -43.95
C HIS L 83 3.00 -50.74 -44.51
N LEU L 84 2.47 -51.81 -43.90
CA LEU L 84 1.16 -52.30 -44.28
C LEU L 84 0.11 -51.26 -43.90
N GLN L 85 0.10 -50.86 -42.63
CA GLN L 85 -0.83 -49.85 -42.14
C GLN L 85 -0.83 -48.59 -43.02
N LEU L 86 0.35 -48.02 -43.27
CA LEU L 86 0.46 -46.84 -44.12
C LEU L 86 -0.16 -47.10 -45.48
N ALA L 87 0.16 -48.25 -46.07
CA ALA L 87 -0.34 -48.60 -47.39
C ALA L 87 -1.85 -48.63 -47.38
N VAL L 88 -2.38 -49.13 -46.27
CA VAL L 88 -3.80 -49.45 -46.16
C VAL L 88 -4.60 -48.19 -45.88
N ARG L 89 -4.21 -47.43 -44.87
CA ARG L 89 -4.96 -46.25 -44.46
C ARG L 89 -4.85 -45.15 -45.51
N ASN L 90 -3.72 -45.07 -46.20
CA ASN L 90 -3.57 -44.12 -47.29
C ASN L 90 -4.34 -44.46 -48.55
N ASP L 91 -4.52 -45.75 -48.82
CA ASP L 91 -5.40 -46.16 -49.92
C ASP L 91 -6.87 -46.02 -49.51
N GLU L 92 -7.60 -45.20 -50.26
CA GLU L 92 -9.00 -44.94 -49.98
C GLU L 92 -9.84 -46.22 -50.09
N GLU L 93 -9.63 -47.00 -51.15
CA GLU L 93 -10.37 -48.24 -51.37
C GLU L 93 -9.99 -49.41 -50.47
N LEU L 94 -8.71 -49.55 -50.13
CA LEU L 94 -8.27 -50.63 -49.24
C LEU L 94 -8.74 -50.36 -47.83
N ASN L 95 -8.58 -49.11 -47.40
CA ASN L 95 -9.00 -48.67 -46.07
C ASN L 95 -10.45 -48.96 -45.79
N LYS L 96 -11.30 -48.81 -46.79
CA LYS L 96 -12.69 -49.12 -46.60
C LYS L 96 -12.73 -50.59 -46.29
N LEU L 97 -12.31 -51.40 -47.25
CA LEU L 97 -12.30 -52.85 -47.08
C LEU L 97 -11.90 -53.25 -45.65
N LEU L 98 -10.74 -52.78 -45.19
CA LEU L 98 -10.31 -53.05 -43.83
C LEU L 98 -10.72 -51.91 -42.89
N GLY L 99 -11.98 -51.49 -43.04
CA GLY L 99 -12.62 -50.50 -42.19
C GLY L 99 -12.80 -50.91 -40.74
N ARG L 100 -12.99 -52.20 -40.49
CA ARG L 100 -13.12 -52.71 -39.12
C ARG L 100 -11.93 -53.56 -38.65
N VAL L 101 -10.73 -53.33 -39.18
CA VAL L 101 -9.59 -54.18 -38.79
C VAL L 101 -8.50 -53.38 -38.16
N THR L 102 -8.16 -53.75 -36.93
CA THR L 102 -6.97 -53.18 -36.33
C THR L 102 -5.75 -54.04 -36.71
N ILE L 103 -4.73 -53.41 -37.27
CA ILE L 103 -3.50 -54.10 -37.68
C ILE L 103 -2.44 -53.95 -36.60
N ALA L 104 -2.06 -55.07 -35.98
CA ALA L 104 -1.02 -55.05 -34.93
C ALA L 104 0.23 -54.26 -35.32
N GLN L 105 0.68 -53.39 -34.42
CA GLN L 105 1.84 -52.54 -34.65
C GLN L 105 1.67 -51.67 -35.90
N GLY L 106 0.47 -51.15 -36.09
CA GLY L 106 0.21 -50.30 -37.24
C GLY L 106 0.55 -48.84 -36.95
N GLY L 107 0.25 -48.41 -35.74
CA GLY L 107 0.31 -46.98 -35.43
C GLY L 107 -0.83 -46.30 -36.15
N VAL L 108 -0.77 -44.97 -36.20
CA VAL L 108 -1.75 -44.19 -36.92
C VAL L 108 -1.07 -43.34 -38.00
N LEU L 109 -1.85 -42.83 -38.93
CA LEU L 109 -1.33 -41.83 -39.87
C LEU L 109 -1.11 -40.55 -39.10
N PRO L 110 -0.11 -39.74 -39.52
CA PRO L 110 0.02 -38.44 -38.88
C PRO L 110 -1.07 -37.51 -39.39
N ASN L 111 -1.83 -36.96 -38.44
CA ASN L 111 -2.91 -36.04 -38.71
C ASN L 111 -3.13 -35.21 -37.45
N ILE L 112 -2.98 -33.89 -37.59
CA ILE L 112 -3.10 -32.93 -36.48
C ILE L 112 -4.14 -31.91 -36.89
N GLN L 113 -5.19 -31.76 -36.11
CA GLN L 113 -6.27 -30.84 -36.50
C GLN L 113 -5.78 -29.40 -36.55
N SER L 114 -6.20 -28.68 -37.59
CA SER L 114 -5.86 -27.27 -37.78
C SER L 114 -5.85 -26.48 -36.48
N VAL L 115 -7.03 -26.19 -35.95
CA VAL L 115 -7.18 -25.31 -34.78
C VAL L 115 -6.27 -25.67 -33.61
N LEU L 116 -5.64 -26.84 -33.67
CA LEU L 116 -4.68 -27.25 -32.66
C LEU L 116 -3.29 -26.68 -32.95
N LEU L 117 -3.00 -26.43 -34.23
CA LEU L 117 -1.72 -25.85 -34.67
C LEU L 117 -1.50 -24.42 -34.13
N PRO L 118 -0.20 -24.03 -33.93
CA PRO L 118 0.13 -22.69 -33.43
C PRO L 118 -0.25 -21.58 -34.42
N LYS L 119 -0.36 -20.35 -33.92
CA LYS L 119 -0.76 -19.22 -34.76
C LYS L 119 0.41 -18.32 -35.11
N LYS M 32 6.17 -82.64 -34.01
CA LYS M 32 6.07 -81.14 -33.93
C LYS M 32 5.11 -80.64 -35.03
N THR M 33 3.85 -80.45 -34.65
CA THR M 33 2.72 -80.22 -35.56
C THR M 33 2.99 -79.33 -36.79
N ARG M 34 2.34 -79.71 -37.89
CA ARG M 34 2.61 -79.19 -39.22
C ARG M 34 1.65 -78.06 -39.61
N LYS M 35 1.66 -76.96 -38.86
CA LYS M 35 0.72 -75.85 -39.09
C LYS M 35 0.90 -75.13 -40.43
N GLU M 36 -0.18 -75.07 -41.21
CA GLU M 36 -0.20 -74.43 -42.53
C GLU M 36 -0.26 -72.91 -42.48
N SER M 37 0.01 -72.28 -43.62
CA SER M 37 -0.25 -70.86 -43.82
C SER M 37 -0.22 -70.53 -45.31
N TYR M 38 -0.26 -69.23 -45.64
CA TYR M 38 -0.08 -68.75 -47.01
C TYR M 38 1.31 -68.15 -47.24
N ALA M 39 2.16 -68.21 -46.22
CA ALA M 39 3.45 -67.51 -46.19
C ALA M 39 4.26 -67.52 -47.49
N ILE M 40 4.57 -68.71 -48.00
CA ILE M 40 5.44 -68.84 -49.18
C ILE M 40 4.87 -68.20 -50.45
N TYR M 41 3.54 -68.22 -50.57
CA TYR M 41 2.87 -67.68 -51.75
C TYR M 41 2.78 -66.16 -51.70
N VAL M 42 2.54 -65.63 -50.50
CA VAL M 42 2.66 -64.22 -50.23
C VAL M 42 4.02 -63.74 -50.76
N TYR M 43 5.08 -64.45 -50.38
CA TYR M 43 6.44 -64.15 -50.80
C TYR M 43 6.61 -64.13 -52.32
N LYS M 44 6.32 -65.25 -52.96
CA LYS M 44 6.35 -65.35 -54.42
C LYS M 44 5.64 -64.17 -55.09
N VAL M 45 4.47 -63.80 -54.60
CA VAL M 45 3.76 -62.63 -55.12
C VAL M 45 4.50 -61.32 -54.81
N LEU M 46 5.12 -61.27 -53.63
CA LEU M 46 5.96 -60.12 -53.28
C LEU M 46 7.05 -59.92 -54.31
N LYS M 47 7.68 -61.02 -54.72
CA LYS M 47 8.72 -60.98 -55.75
C LYS M 47 8.15 -60.54 -57.10
N GLN M 48 6.95 -61.02 -57.43
CA GLN M 48 6.25 -60.60 -58.62
C GLN M 48 6.02 -59.10 -58.70
N VAL M 49 6.06 -58.39 -57.58
CA VAL M 49 5.73 -56.96 -57.58
C VAL M 49 6.88 -56.06 -57.13
N HIS M 50 7.68 -56.55 -56.20
CA HIS M 50 8.81 -55.80 -55.66
C HIS M 50 10.03 -56.70 -55.49
N PRO M 51 10.60 -57.18 -56.62
CA PRO M 51 11.63 -58.23 -56.61
C PRO M 51 12.74 -58.01 -55.59
N ASP M 52 13.19 -56.76 -55.43
CA ASP M 52 14.28 -56.46 -54.50
C ASP M 52 13.76 -55.90 -53.18
N THR M 53 12.83 -56.61 -52.55
CA THR M 53 12.24 -56.21 -51.26
C THR M 53 11.89 -57.43 -50.40
N GLY M 54 11.99 -57.29 -49.08
CA GLY M 54 11.69 -58.38 -48.15
C GLY M 54 10.61 -58.09 -47.11
N ILE M 55 10.38 -59.04 -46.19
CA ILE M 55 9.29 -58.94 -45.23
C ILE M 55 9.67 -59.48 -43.82
N SER M 56 9.05 -58.91 -42.79
CA SER M 56 9.24 -59.41 -41.42
C SER M 56 8.17 -60.43 -41.06
N SER M 57 8.47 -61.26 -40.06
CA SER M 57 7.54 -62.27 -39.56
C SER M 57 6.27 -61.60 -39.08
N LYS M 58 6.43 -60.51 -38.33
CA LYS M 58 5.32 -59.74 -37.80
C LYS M 58 4.35 -59.25 -38.87
N ALA M 59 4.89 -58.80 -40.00
CA ALA M 59 4.08 -58.38 -41.14
C ALA M 59 3.55 -59.58 -41.91
N MET M 60 4.28 -60.69 -41.82
CA MET M 60 3.90 -61.92 -42.51
C MET M 60 2.63 -62.48 -41.90
N SER M 61 2.53 -62.39 -40.58
CA SER M 61 1.34 -62.81 -39.89
C SER M 61 0.16 -61.96 -40.42
N ILE M 62 0.35 -60.65 -40.45
CA ILE M 62 -0.68 -59.73 -40.94
C ILE M 62 -1.15 -60.06 -42.34
N MET M 63 -0.22 -60.46 -43.21
CA MET M 63 -0.58 -60.87 -44.56
C MET M 63 -1.37 -62.17 -44.54
N ASN M 64 -0.93 -63.11 -43.71
CA ASN M 64 -1.69 -64.33 -43.54
C ASN M 64 -3.08 -64.12 -42.91
N SER M 65 -3.16 -63.25 -41.90
CA SER M 65 -4.45 -62.92 -41.31
C SER M 65 -5.35 -62.33 -42.39
N PHE M 66 -4.79 -61.36 -43.11
CA PHE M 66 -5.52 -60.67 -44.16
C PHE M 66 -6.13 -61.67 -45.13
N VAL M 67 -5.34 -62.66 -45.53
CA VAL M 67 -5.79 -63.65 -46.50
C VAL M 67 -6.97 -64.46 -45.99
N ASN M 68 -6.83 -65.02 -44.78
CA ASN M 68 -7.90 -65.79 -44.17
C ASN M 68 -9.19 -64.97 -43.97
N ASP M 69 -9.04 -63.74 -43.49
CA ASP M 69 -10.20 -62.88 -43.30
C ASP M 69 -10.95 -62.69 -44.62
N VAL M 70 -10.20 -62.36 -45.67
CA VAL M 70 -10.80 -62.09 -46.95
C VAL M 70 -11.43 -63.36 -47.51
N PHE M 71 -10.74 -64.49 -47.35
CA PHE M 71 -11.27 -65.79 -47.73
C PHE M 71 -12.61 -66.10 -47.06
N GLU M 72 -12.73 -65.87 -45.75
CA GLU M 72 -14.00 -66.09 -45.05
C GLU M 72 -15.09 -65.21 -45.63
N ARG M 73 -14.83 -63.90 -45.70
CA ARG M 73 -15.84 -62.94 -46.07
C ARG M 73 -16.42 -63.26 -47.45
N ILE M 74 -15.54 -63.66 -48.38
CA ILE M 74 -15.98 -63.97 -49.72
C ILE M 74 -16.72 -65.30 -49.73
N ALA M 75 -16.09 -66.31 -49.14
CA ALA M 75 -16.69 -67.63 -49.00
C ALA M 75 -18.09 -67.55 -48.35
N GLY M 76 -18.17 -66.81 -47.23
CA GLY M 76 -19.40 -66.61 -46.50
C GLY M 76 -20.53 -66.04 -47.32
N GLU M 77 -20.25 -64.94 -48.01
CA GLU M 77 -21.22 -64.27 -48.91
C GLU M 77 -21.73 -65.19 -49.98
N ALA M 78 -20.79 -65.93 -50.56
CA ALA M 78 -21.06 -66.90 -51.57
C ALA M 78 -22.03 -67.93 -51.03
N SER M 79 -21.71 -68.42 -49.83
CA SER M 79 -22.58 -69.35 -49.13
C SER M 79 -24.04 -68.91 -48.99
N ARG M 80 -24.27 -67.65 -48.60
CA ARG M 80 -25.63 -67.15 -48.46
C ARG M 80 -26.31 -67.06 -49.81
N LEU M 81 -25.58 -66.50 -50.78
CA LEU M 81 -25.97 -66.43 -52.19
C LEU M 81 -26.62 -67.73 -52.70
N ALA M 82 -25.86 -68.82 -52.60
CA ALA M 82 -26.40 -70.16 -52.87
C ALA M 82 -27.74 -70.39 -52.16
N HIS M 83 -27.73 -70.36 -50.82
CA HIS M 83 -28.95 -70.53 -50.03
C HIS M 83 -30.12 -69.68 -50.53
N TYR M 84 -29.87 -68.38 -50.60
CA TYR M 84 -30.86 -67.41 -51.04
C TYR M 84 -31.55 -67.84 -52.32
N ASN M 85 -30.79 -68.54 -53.17
CA ASN M 85 -31.25 -68.91 -54.50
C ASN M 85 -31.57 -70.39 -54.59
N LYS M 86 -31.84 -71.02 -53.45
CA LYS M 86 -32.23 -72.43 -53.38
C LYS M 86 -31.40 -73.30 -54.29
N ARG M 87 -30.07 -73.24 -54.10
CA ARG M 87 -29.14 -73.96 -54.93
C ARG M 87 -27.98 -74.46 -54.08
N SER M 88 -27.42 -75.60 -54.46
CA SER M 88 -26.49 -76.36 -53.63
C SER M 88 -25.03 -76.16 -53.95
N THR M 89 -24.73 -75.37 -54.97
CA THR M 89 -23.35 -75.30 -55.45
C THR M 89 -22.81 -73.88 -55.46
N ILE M 90 -21.57 -73.76 -54.96
CA ILE M 90 -20.81 -72.52 -54.97
C ILE M 90 -19.87 -72.55 -56.18
N THR M 91 -20.31 -71.91 -57.25
CA THR M 91 -19.53 -71.84 -58.48
C THR M 91 -18.71 -70.55 -58.51
N SER M 92 -17.85 -70.46 -59.53
CA SER M 92 -17.09 -69.23 -59.79
C SER M 92 -17.99 -68.01 -59.89
N ARG M 93 -19.23 -68.23 -60.33
CA ARG M 93 -20.22 -67.15 -60.47
C ARG M 93 -20.62 -66.64 -59.09
N GLU M 94 -21.04 -67.56 -58.22
CA GLU M 94 -21.30 -67.20 -56.83
C GLU M 94 -20.11 -66.46 -56.28
N ILE M 95 -18.90 -67.02 -56.39
CA ILE M 95 -17.73 -66.33 -55.90
C ILE M 95 -17.69 -64.93 -56.48
N GLN M 96 -17.96 -64.84 -57.78
CA GLN M 96 -17.85 -63.57 -58.45
C GLN M 96 -18.73 -62.55 -57.76
N THR M 97 -20.03 -62.78 -57.76
CA THR M 97 -20.95 -61.77 -57.23
C THR M 97 -20.68 -61.45 -55.75
N ALA M 98 -20.26 -62.46 -54.99
CA ALA M 98 -19.74 -62.30 -53.63
C ALA M 98 -18.71 -61.17 -53.55
N VAL M 99 -17.72 -61.28 -54.44
CA VAL M 99 -16.69 -60.28 -54.66
C VAL M 99 -17.28 -58.91 -54.96
N ARG M 100 -18.36 -58.86 -55.73
CA ARG M 100 -18.93 -57.56 -56.09
C ARG M 100 -19.68 -56.91 -54.94
N LEU M 101 -20.18 -57.72 -54.02
CA LEU M 101 -20.79 -57.21 -52.80
C LEU M 101 -19.69 -56.88 -51.78
N LEU M 102 -18.63 -57.68 -51.75
CA LEU M 102 -17.62 -57.44 -50.74
C LEU M 102 -16.64 -56.30 -50.99
N LEU M 103 -16.42 -55.98 -52.27
CA LEU M 103 -15.35 -55.05 -52.63
C LEU M 103 -15.81 -53.70 -53.14
N PRO M 104 -15.03 -52.65 -52.85
CA PRO M 104 -15.21 -51.25 -53.29
C PRO M 104 -14.97 -51.03 -54.80
N GLY M 105 -16.03 -50.62 -55.51
CA GLY M 105 -15.99 -50.22 -56.93
C GLY M 105 -14.75 -50.60 -57.76
N GLU M 106 -13.58 -50.03 -57.42
CA GLU M 106 -12.40 -50.21 -58.25
C GLU M 106 -11.70 -51.53 -58.00
N LEU M 107 -11.60 -51.88 -56.72
CA LEU M 107 -10.87 -53.06 -56.29
C LEU M 107 -11.61 -54.32 -56.71
N ALA M 108 -12.94 -54.24 -56.67
CA ALA M 108 -13.85 -55.23 -57.23
C ALA M 108 -13.58 -55.43 -58.71
N LYS M 109 -13.50 -54.30 -59.42
CA LYS M 109 -13.34 -54.28 -60.88
C LYS M 109 -12.16 -55.13 -61.31
N HIS M 110 -10.98 -54.78 -60.81
CA HIS M 110 -9.79 -55.56 -61.10
C HIS M 110 -9.93 -57.02 -60.69
N ALA M 111 -10.45 -57.24 -59.49
CA ALA M 111 -10.69 -58.57 -58.93
C ALA M 111 -11.47 -59.47 -59.89
N VAL M 112 -12.57 -58.96 -60.44
CA VAL M 112 -13.37 -59.72 -61.40
C VAL M 112 -12.51 -60.09 -62.61
N SER M 113 -11.73 -59.12 -63.11
CA SER M 113 -10.74 -59.36 -64.16
C SER M 113 -9.97 -60.60 -63.82
N GLU M 114 -8.99 -60.44 -62.92
CA GLU M 114 -8.09 -61.52 -62.52
C GLU M 114 -8.83 -62.83 -62.29
N GLY M 115 -10.03 -62.71 -61.72
CA GLY M 115 -10.92 -63.83 -61.53
C GLY M 115 -11.35 -64.48 -62.83
N THR M 116 -11.99 -63.71 -63.70
CA THR M 116 -12.45 -64.26 -64.98
C THR M 116 -11.28 -64.74 -65.85
N LYS M 117 -10.17 -64.01 -65.80
CA LYS M 117 -8.93 -64.39 -66.51
C LYS M 117 -8.42 -65.77 -66.11
N ALA M 118 -7.93 -65.90 -64.87
CA ALA M 118 -7.32 -67.16 -64.40
C ALA M 118 -8.24 -68.37 -64.59
N VAL M 119 -9.54 -68.14 -64.50
CA VAL M 119 -10.53 -69.18 -64.74
C VAL M 119 -10.51 -69.63 -66.20
N THR M 120 -10.65 -68.70 -67.14
CA THR M 120 -10.60 -69.02 -68.57
C THR M 120 -9.29 -69.69 -68.92
N LYS M 121 -8.19 -69.13 -68.41
CA LYS M 121 -6.85 -69.69 -68.62
C LYS M 121 -6.74 -71.09 -68.05
N TYR M 122 -7.46 -71.34 -66.96
CA TYR M 122 -7.51 -72.65 -66.34
C TYR M 122 -8.28 -73.60 -67.26
N THR M 123 -9.46 -73.18 -67.68
CA THR M 123 -10.29 -74.02 -68.56
C THR M 123 -9.65 -74.23 -69.95
N SER M 124 -8.59 -73.47 -70.25
CA SER M 124 -7.76 -73.72 -71.43
C SER M 124 -7.04 -75.03 -71.23
N ALA M 125 -6.06 -75.02 -70.32
CA ALA M 125 -5.25 -76.19 -69.98
C ALA M 125 -6.11 -77.30 -69.34
N LYS M 126 -5.56 -78.51 -69.32
CA LYS M 126 -6.23 -79.70 -68.76
C LYS M 126 -5.24 -80.85 -68.60
N HIS N 39 15.47 -21.99 -21.13
CA HIS N 39 14.20 -21.21 -21.03
C HIS N 39 12.96 -22.11 -20.91
N ARG N 40 11.80 -21.53 -21.23
CA ARG N 40 10.51 -22.21 -21.07
C ARG N 40 9.74 -22.26 -22.39
N TYR N 41 9.26 -23.45 -22.75
CA TYR N 41 8.40 -23.62 -23.93
C TYR N 41 6.95 -23.30 -23.59
N ARG N 42 6.33 -22.52 -24.47
CA ARG N 42 4.96 -22.07 -24.28
C ARG N 42 3.99 -23.24 -24.15
N PRO N 43 3.17 -23.25 -23.08
CA PRO N 43 2.12 -24.25 -22.84
C PRO N 43 1.42 -24.73 -24.11
N GLY N 44 1.62 -26.00 -24.45
CA GLY N 44 0.97 -26.62 -25.60
C GLY N 44 1.91 -26.97 -26.74
N THR N 45 3.18 -26.59 -26.61
CA THR N 45 4.10 -26.69 -27.73
C THR N 45 4.88 -28.00 -27.72
N VAL N 46 5.05 -28.56 -26.53
CA VAL N 46 5.59 -29.91 -26.39
C VAL N 46 4.47 -30.91 -26.68
N ALA N 47 3.23 -30.51 -26.41
CA ALA N 47 2.04 -31.29 -26.75
C ALA N 47 2.05 -31.59 -28.24
N LEU N 48 2.10 -30.55 -29.05
CA LEU N 48 2.20 -30.71 -30.50
C LEU N 48 3.40 -31.57 -30.89
N ARG N 49 4.55 -31.31 -30.27
CA ARG N 49 5.76 -32.09 -30.51
C ARG N 49 5.60 -33.57 -30.17
N GLU N 50 4.93 -33.86 -29.05
CA GLU N 50 4.66 -35.24 -28.63
C GLU N 50 3.70 -35.96 -29.58
N ILE N 51 2.64 -35.27 -30.01
CA ILE N 51 1.72 -35.84 -30.99
C ILE N 51 2.53 -36.39 -32.16
N ARG N 52 3.39 -35.53 -32.71
CA ARG N 52 4.23 -35.87 -33.87
C ARG N 52 5.02 -37.14 -33.63
N ARG N 53 5.61 -37.23 -32.43
CA ARG N 53 6.48 -38.33 -32.04
C ARG N 53 5.75 -39.68 -31.95
N TYR N 54 4.50 -39.65 -31.48
CA TYR N 54 3.73 -40.88 -31.24
C TYR N 54 3.01 -41.39 -32.47
N GLN N 55 2.58 -40.46 -33.32
CA GLN N 55 1.95 -40.84 -34.58
C GLN N 55 3.00 -41.39 -35.56
N LYS N 56 4.26 -41.05 -35.29
CA LYS N 56 5.38 -41.57 -36.08
C LYS N 56 5.83 -42.96 -35.61
N SER N 57 5.48 -43.32 -34.38
CA SER N 57 5.91 -44.59 -33.81
C SER N 57 4.74 -45.57 -33.69
N THR N 58 5.06 -46.86 -33.57
CA THR N 58 4.04 -47.89 -33.46
C THR N 58 4.19 -48.71 -32.20
N GLU N 59 5.10 -48.31 -31.33
CA GLU N 59 5.30 -49.00 -30.06
C GLU N 59 4.16 -48.75 -29.08
N LEU N 60 3.86 -49.75 -28.25
CA LEU N 60 2.73 -49.71 -27.32
C LEU N 60 2.97 -48.77 -26.16
N LEU N 61 1.91 -48.16 -25.68
CA LEU N 61 2.03 -46.99 -24.80
C LEU N 61 1.69 -47.25 -23.33
N ILE N 62 1.03 -48.37 -23.05
CA ILE N 62 0.86 -48.82 -21.68
C ILE N 62 1.90 -49.88 -21.43
N ARG N 63 2.72 -49.68 -20.41
CA ARG N 63 3.73 -50.68 -20.04
C ARG N 63 3.05 -52.01 -19.67
N LYS N 64 3.65 -53.09 -20.15
CA LYS N 64 3.00 -54.40 -20.23
C LYS N 64 2.47 -54.96 -18.92
N LEU N 65 3.22 -54.80 -17.84
CA LEU N 65 2.91 -55.53 -16.60
C LEU N 65 1.71 -55.01 -15.81
N PRO N 66 1.58 -53.68 -15.64
CA PRO N 66 0.33 -53.17 -15.06
C PRO N 66 -0.85 -53.67 -15.87
N PHE N 67 -0.76 -53.49 -17.19
CA PHE N 67 -1.79 -53.96 -18.11
C PHE N 67 -2.04 -55.43 -17.92
N GLN N 68 -0.97 -56.20 -17.92
CA GLN N 68 -1.07 -57.64 -17.76
C GLN N 68 -1.80 -57.98 -16.46
N ARG N 69 -1.46 -57.27 -15.39
CA ARG N 69 -2.11 -57.51 -14.11
C ARG N 69 -3.57 -57.11 -14.14
N LEU N 70 -3.88 -56.06 -14.91
CA LEU N 70 -5.28 -55.67 -15.08
C LEU N 70 -6.07 -56.76 -15.79
N VAL N 71 -5.43 -57.40 -16.77
CA VAL N 71 -6.08 -58.42 -17.58
C VAL N 71 -6.46 -59.64 -16.74
N ARG N 72 -5.49 -60.15 -15.97
CA ARG N 72 -5.68 -61.32 -15.11
C ARG N 72 -6.77 -61.09 -14.07
N GLU N 73 -6.76 -59.90 -13.45
CA GLU N 73 -7.79 -59.49 -12.51
C GLU N 73 -9.18 -59.64 -13.12
N ILE N 74 -9.39 -59.04 -14.29
CA ILE N 74 -10.70 -58.99 -14.93
C ILE N 74 -11.22 -60.38 -15.32
N ALA N 75 -10.29 -61.24 -15.74
CA ALA N 75 -10.63 -62.60 -16.16
C ALA N 75 -10.97 -63.51 -14.99
N GLN N 76 -10.22 -63.33 -13.89
CA GLN N 76 -10.48 -64.08 -12.65
C GLN N 76 -11.95 -63.97 -12.26
N ASP N 77 -12.53 -62.78 -12.46
CA ASP N 77 -13.95 -62.54 -12.21
C ASP N 77 -14.88 -63.40 -13.09
N PHE N 78 -14.34 -63.97 -14.16
CA PHE N 78 -15.14 -64.81 -15.04
C PHE N 78 -14.84 -66.29 -14.85
N LYS N 79 -13.58 -66.59 -14.55
CA LYS N 79 -13.16 -67.96 -14.26
C LYS N 79 -11.85 -68.02 -13.48
N THR N 80 -11.80 -68.97 -12.54
CA THR N 80 -10.68 -69.11 -11.61
C THR N 80 -9.59 -70.02 -12.15
N ASP N 81 -8.37 -69.86 -11.63
CA ASP N 81 -7.24 -70.75 -11.94
C ASP N 81 -7.06 -70.81 -13.46
N LEU N 82 -6.74 -69.67 -14.05
CA LEU N 82 -6.60 -69.52 -15.50
C LEU N 82 -5.20 -69.11 -15.90
N ARG N 83 -4.79 -69.53 -17.10
CA ARG N 83 -3.50 -69.16 -17.65
C ARG N 83 -3.65 -68.43 -18.98
N PHE N 84 -2.76 -67.50 -19.25
CA PHE N 84 -2.81 -66.75 -20.49
C PHE N 84 -1.58 -66.99 -21.33
N GLN N 85 -1.77 -67.19 -22.63
CA GLN N 85 -0.64 -67.16 -23.56
C GLN N 85 -0.13 -65.73 -23.68
N SER N 86 1.18 -65.56 -23.68
CA SER N 86 1.80 -64.23 -23.77
C SER N 86 1.36 -63.49 -25.03
N SER N 87 1.11 -64.25 -26.10
CA SER N 87 0.51 -63.70 -27.31
C SER N 87 -0.94 -63.32 -27.08
N ALA N 88 -1.62 -64.01 -26.17
CA ALA N 88 -3.02 -63.72 -25.87
C ALA N 88 -3.12 -62.38 -25.18
N VAL N 89 -2.11 -62.04 -24.39
CA VAL N 89 -2.08 -60.76 -23.69
C VAL N 89 -1.71 -59.63 -24.64
N MET N 90 -0.71 -59.85 -25.49
CA MET N 90 -0.34 -58.88 -26.53
C MET N 90 -1.55 -58.55 -27.40
N ALA N 91 -2.22 -59.59 -27.90
CA ALA N 91 -3.42 -59.44 -28.72
C ALA N 91 -4.42 -58.48 -28.09
N LEU N 92 -4.78 -58.78 -26.84
CA LEU N 92 -5.62 -57.88 -26.06
C LEU N 92 -5.05 -56.48 -26.02
N GLN N 93 -3.75 -56.37 -25.71
CA GLN N 93 -3.13 -55.05 -25.59
C GLN N 93 -3.24 -54.22 -26.85
N GLU N 94 -2.87 -54.81 -27.97
CA GLU N 94 -2.99 -54.15 -29.26
C GLU N 94 -4.43 -53.70 -29.50
N ALA N 95 -5.36 -54.65 -29.38
CA ALA N 95 -6.77 -54.41 -29.65
C ALA N 95 -7.31 -53.24 -28.82
N SER N 96 -6.85 -53.16 -27.58
CA SER N 96 -7.33 -52.18 -26.60
C SER N 96 -6.77 -50.80 -26.88
N GLU N 97 -5.45 -50.72 -27.02
CA GLU N 97 -4.83 -49.45 -27.34
C GLU N 97 -5.39 -48.88 -28.66
N ALA N 98 -5.17 -49.61 -29.76
CA ALA N 98 -5.72 -49.21 -31.05
C ALA N 98 -7.13 -48.61 -30.91
N TYR N 99 -7.95 -49.27 -30.09
CA TYR N 99 -9.34 -48.87 -29.82
C TYR N 99 -9.45 -47.53 -29.12
N LEU N 100 -8.54 -47.31 -28.16
CA LEU N 100 -8.59 -46.15 -27.30
C LEU N 100 -8.13 -44.95 -28.06
N VAL N 101 -7.23 -45.19 -29.02
CA VAL N 101 -6.62 -44.13 -29.82
C VAL N 101 -7.68 -43.63 -30.79
N ALA N 102 -8.18 -44.55 -31.61
CA ALA N 102 -9.41 -44.34 -32.35
C ALA N 102 -10.37 -43.51 -31.51
N LEU N 103 -10.68 -43.98 -30.30
CA LEU N 103 -11.60 -43.26 -29.43
C LEU N 103 -11.23 -41.83 -29.11
N PHE N 104 -9.97 -41.58 -28.78
CA PHE N 104 -9.52 -40.22 -28.54
C PHE N 104 -9.70 -39.36 -29.78
N GLU N 105 -9.26 -39.87 -30.94
CA GLU N 105 -9.54 -39.26 -32.23
C GLU N 105 -10.97 -38.73 -32.24
N ASP N 106 -11.95 -39.61 -32.09
CA ASP N 106 -13.34 -39.20 -32.21
C ASP N 106 -13.74 -38.30 -31.05
N THR N 107 -13.13 -38.53 -29.90
CA THR N 107 -13.40 -37.70 -28.73
C THR N 107 -13.00 -36.28 -29.10
N ASN N 108 -11.72 -36.16 -29.46
CA ASN N 108 -11.12 -34.91 -29.88
C ASN N 108 -11.92 -34.09 -30.89
N LEU N 109 -12.61 -34.78 -31.80
CA LEU N 109 -13.46 -34.09 -32.76
C LEU N 109 -14.64 -33.43 -32.08
N CYS N 110 -15.21 -34.11 -31.09
CA CYS N 110 -16.32 -33.54 -30.32
C CYS N 110 -15.88 -32.31 -29.55
N ALA N 111 -14.71 -32.39 -28.89
CA ALA N 111 -14.12 -31.25 -28.22
C ALA N 111 -14.13 -30.10 -29.20
N ILE N 112 -13.49 -30.32 -30.34
CA ILE N 112 -13.44 -29.34 -31.41
C ILE N 112 -14.83 -28.88 -31.87
N HIS N 113 -15.79 -29.80 -31.94
CA HIS N 113 -17.13 -29.41 -32.36
C HIS N 113 -17.72 -28.36 -31.44
N ALA N 114 -17.28 -28.39 -30.18
CA ALA N 114 -17.77 -27.49 -29.13
C ALA N 114 -16.87 -26.26 -28.96
N LYS N 115 -16.18 -25.90 -30.04
CA LYS N 115 -15.25 -24.76 -30.07
C LYS N 115 -14.18 -24.85 -28.97
N ARG N 116 -14.04 -26.04 -28.39
CA ARG N 116 -13.04 -26.31 -27.36
C ARG N 116 -11.73 -26.87 -27.92
N VAL N 117 -10.73 -27.07 -27.06
CA VAL N 117 -9.44 -27.61 -27.48
C VAL N 117 -8.96 -28.65 -26.47
N THR N 118 -9.72 -28.75 -25.39
CA THR N 118 -9.49 -29.71 -24.33
C THR N 118 -10.56 -30.78 -24.41
N ILE N 119 -10.17 -32.04 -24.46
CA ILE N 119 -11.15 -33.13 -24.37
C ILE N 119 -11.65 -33.30 -22.95
N MET N 120 -12.92 -33.66 -22.81
CA MET N 120 -13.58 -33.74 -21.52
C MET N 120 -14.46 -34.97 -21.51
N PRO N 121 -14.75 -35.52 -20.31
CA PRO N 121 -15.54 -36.73 -20.29
C PRO N 121 -16.85 -36.63 -21.08
N LYS N 122 -17.41 -35.42 -21.18
CA LYS N 122 -18.69 -35.25 -21.86
C LYS N 122 -18.58 -35.54 -23.37
N ASP N 123 -17.36 -35.47 -23.88
CA ASP N 123 -17.06 -35.73 -25.28
C ASP N 123 -17.09 -37.23 -25.52
N ILE N 124 -16.22 -37.95 -24.82
CA ILE N 124 -16.20 -39.41 -24.80
C ILE N 124 -17.61 -40.00 -24.75
N GLN N 125 -18.44 -39.50 -23.83
CA GLN N 125 -19.82 -39.96 -23.68
C GLN N 125 -20.60 -39.76 -24.98
N LEU N 126 -20.44 -38.60 -25.61
CA LEU N 126 -21.07 -38.33 -26.91
C LEU N 126 -20.49 -39.22 -28.01
N ALA N 127 -19.17 -39.41 -28.00
CA ALA N 127 -18.53 -40.22 -29.02
C ALA N 127 -19.11 -41.61 -28.97
N ARG N 128 -18.95 -42.26 -27.82
CA ARG N 128 -19.46 -43.58 -27.57
C ARG N 128 -20.97 -43.69 -27.80
N ARG N 129 -21.72 -42.70 -27.35
CA ARG N 129 -23.15 -42.70 -27.55
C ARG N 129 -23.45 -42.89 -29.02
N ILE N 130 -22.77 -42.11 -29.86
CA ILE N 130 -23.06 -42.10 -31.30
C ILE N 130 -22.54 -43.34 -32.00
N ARG N 131 -21.38 -43.83 -31.55
CA ARG N 131 -20.88 -45.13 -31.96
C ARG N 131 -21.91 -46.21 -31.68
N GLY N 132 -22.74 -45.99 -30.66
CA GLY N 132 -23.69 -46.99 -30.18
C GLY N 132 -23.01 -48.00 -29.28
N GLU N 133 -21.93 -47.58 -28.61
CA GLU N 133 -21.24 -48.44 -27.67
C GLU N 133 -22.03 -48.37 -26.35
N ARG N 134 -21.88 -47.23 -25.68
CA ARG N 134 -22.75 -46.84 -24.59
C ARG N 134 -24.20 -46.60 -25.13
N ALA N 135 -25.17 -46.63 -24.20
CA ALA N 135 -26.58 -46.45 -24.49
C ALA N 135 -26.89 -45.04 -25.00
N ASN O 25 -4.52 -51.75 -9.11
CA ASN O 25 -4.70 -52.53 -10.37
C ASN O 25 -5.14 -51.71 -11.59
N ILE O 26 -6.42 -51.31 -11.62
CA ILE O 26 -6.92 -50.43 -12.67
C ILE O 26 -6.09 -49.16 -12.67
N GLN O 27 -5.91 -48.57 -11.50
CA GLN O 27 -5.09 -47.36 -11.35
C GLN O 27 -3.65 -47.62 -11.79
N GLY O 28 -3.35 -48.87 -12.16
CA GLY O 28 -2.09 -49.25 -12.79
C GLY O 28 -1.97 -48.70 -14.20
N ILE O 29 -3.12 -48.37 -14.80
CA ILE O 29 -3.17 -47.64 -16.06
C ILE O 29 -2.84 -46.19 -15.73
N THR O 30 -1.55 -45.86 -15.85
CA THR O 30 -1.03 -44.58 -15.37
C THR O 30 -1.50 -43.39 -16.20
N LYS O 31 -1.65 -42.25 -15.53
CA LYS O 31 -1.92 -40.97 -16.17
C LYS O 31 -1.01 -40.72 -17.40
N PRO O 32 0.32 -40.84 -17.25
CA PRO O 32 1.17 -40.63 -18.43
C PRO O 32 0.88 -41.59 -19.59
N ALA O 33 0.57 -42.85 -19.28
CA ALA O 33 0.25 -43.83 -20.31
C ALA O 33 -1.00 -43.40 -21.08
N ILE O 34 -2.04 -43.02 -20.33
CA ILE O 34 -3.27 -42.49 -20.90
C ILE O 34 -2.99 -41.22 -21.72
N ARG O 35 -1.99 -40.46 -21.28
CA ARG O 35 -1.63 -39.23 -21.97
C ARG O 35 -1.05 -39.54 -23.35
N ARG O 36 -0.14 -40.52 -23.38
CA ARG O 36 0.49 -40.95 -24.63
C ARG O 36 -0.53 -41.42 -25.66
N LEU O 37 -1.50 -42.22 -25.20
CA LEU O 37 -2.54 -42.76 -26.07
C LEU O 37 -3.34 -41.62 -26.68
N ALA O 38 -3.64 -40.61 -25.88
CA ALA O 38 -4.37 -39.47 -26.40
C ALA O 38 -3.51 -38.64 -27.37
N ARG O 39 -2.20 -38.64 -27.18
CA ARG O 39 -1.29 -37.94 -28.09
C ARG O 39 -1.29 -38.59 -29.45
N ARG O 40 -1.02 -39.91 -29.48
CA ARG O 40 -1.18 -40.72 -30.68
C ARG O 40 -2.61 -40.59 -31.21
N GLY O 41 -3.51 -40.19 -30.31
CA GLY O 41 -4.91 -39.97 -30.64
C GLY O 41 -5.18 -38.65 -31.35
N GLY O 42 -4.21 -37.73 -31.28
CA GLY O 42 -4.33 -36.42 -31.92
C GLY O 42 -4.77 -35.32 -30.97
N VAL O 43 -4.85 -35.65 -29.69
CA VAL O 43 -5.36 -34.76 -28.64
C VAL O 43 -4.28 -33.84 -28.08
N LYS O 44 -4.59 -32.55 -27.96
CA LYS O 44 -3.62 -31.58 -27.46
C LYS O 44 -3.73 -31.31 -25.95
N ARG O 45 -4.96 -31.11 -25.48
CA ARG O 45 -5.20 -30.72 -24.10
C ARG O 45 -6.17 -31.66 -23.37
N ILE O 46 -5.79 -32.08 -22.17
CA ILE O 46 -6.57 -33.09 -21.43
C ILE O 46 -7.05 -32.66 -20.03
N SER O 47 -8.37 -32.65 -19.84
CA SER O 47 -9.00 -32.46 -18.54
C SER O 47 -8.60 -33.55 -17.53
N GLY O 48 -8.67 -33.22 -16.24
CA GLY O 48 -8.31 -34.16 -15.19
C GLY O 48 -9.23 -35.37 -15.08
N LEU O 49 -10.52 -35.12 -15.30
CA LEU O 49 -11.56 -36.15 -15.11
C LEU O 49 -11.53 -37.24 -16.19
N ILE O 50 -10.94 -36.90 -17.33
CA ILE O 50 -10.71 -37.83 -18.43
C ILE O 50 -10.08 -39.14 -17.97
N TYR O 51 -8.97 -39.03 -17.25
CA TYR O 51 -8.15 -40.19 -16.88
C TYR O 51 -8.97 -41.31 -16.28
N GLU O 52 -9.77 -40.98 -15.27
CA GLU O 52 -10.69 -41.93 -14.66
C GLU O 52 -11.73 -42.42 -15.67
N GLU O 53 -12.30 -41.50 -16.44
CA GLU O 53 -13.28 -41.87 -17.46
C GLU O 53 -12.69 -42.92 -18.42
N THR O 54 -11.51 -42.64 -18.93
CA THR O 54 -10.74 -43.58 -19.74
C THR O 54 -10.71 -44.98 -19.12
N ARG O 55 -10.52 -45.02 -17.80
CA ARG O 55 -10.37 -46.29 -17.07
C ARG O 55 -11.64 -47.11 -17.11
N GLY O 56 -12.77 -46.51 -16.78
CA GLY O 56 -14.05 -47.21 -16.89
C GLY O 56 -14.25 -47.74 -18.29
N VAL O 57 -13.99 -46.87 -19.27
CA VAL O 57 -14.04 -47.19 -20.68
C VAL O 57 -13.20 -48.41 -21.04
N LEU O 58 -11.93 -48.39 -20.64
CA LEU O 58 -11.01 -49.46 -20.96
C LEU O 58 -11.46 -50.74 -20.30
N LYS O 59 -11.96 -50.61 -19.07
CA LYS O 59 -12.41 -51.73 -18.26
C LYS O 59 -13.56 -52.44 -19.01
N VAL O 60 -14.60 -51.67 -19.33
CA VAL O 60 -15.77 -52.18 -20.07
C VAL O 60 -15.31 -52.94 -21.29
N PHE O 61 -14.36 -52.34 -22.00
CA PHE O 61 -13.81 -52.92 -23.21
C PHE O 61 -13.25 -54.31 -22.96
N LEU O 62 -12.20 -54.40 -22.12
CA LEU O 62 -11.61 -55.69 -21.78
C LEU O 62 -12.66 -56.69 -21.28
N GLU O 63 -13.49 -56.26 -20.34
CA GLU O 63 -14.50 -57.15 -19.82
C GLU O 63 -15.19 -57.86 -20.98
N ASN O 64 -15.87 -57.09 -21.83
CA ASN O 64 -16.65 -57.70 -22.91
C ASN O 64 -15.82 -58.67 -23.76
N VAL O 65 -14.60 -58.26 -24.07
CA VAL O 65 -13.70 -59.03 -24.92
C VAL O 65 -13.23 -60.27 -24.20
N ILE O 66 -12.87 -60.11 -22.93
CA ILE O 66 -12.43 -61.24 -22.13
C ILE O 66 -13.58 -62.18 -21.73
N ARG O 67 -14.77 -61.63 -21.54
CA ARG O 67 -15.94 -62.47 -21.30
C ARG O 67 -16.14 -63.44 -22.46
N ASP O 68 -16.17 -62.89 -23.67
CA ASP O 68 -16.30 -63.67 -24.90
C ASP O 68 -15.10 -64.63 -25.06
N ALA O 69 -13.89 -64.11 -24.82
CA ALA O 69 -12.67 -64.91 -24.89
C ALA O 69 -12.82 -66.14 -24.01
N VAL O 70 -13.02 -65.90 -22.72
CA VAL O 70 -13.07 -66.98 -21.76
C VAL O 70 -14.12 -68.00 -22.20
N THR O 71 -15.32 -67.54 -22.53
CA THR O 71 -16.36 -68.42 -23.05
C THR O 71 -15.83 -69.38 -24.10
N TYR O 72 -14.91 -68.92 -24.96
CA TYR O 72 -14.29 -69.80 -25.94
C TYR O 72 -13.42 -70.82 -25.21
N THR O 73 -12.59 -70.36 -24.27
CA THR O 73 -11.75 -71.26 -23.47
C THR O 73 -12.61 -72.27 -22.69
N GLU O 74 -13.62 -71.77 -21.97
CA GLU O 74 -14.55 -72.66 -21.25
C GLU O 74 -15.11 -73.72 -22.18
N HIS O 75 -15.35 -73.36 -23.44
CA HIS O 75 -15.95 -74.30 -24.38
C HIS O 75 -14.89 -75.22 -25.01
N ALA O 76 -13.64 -74.79 -24.94
CA ALA O 76 -12.52 -75.58 -25.46
C ALA O 76 -11.96 -76.46 -24.36
N LYS O 77 -12.62 -76.41 -23.19
CA LYS O 77 -12.19 -77.15 -22.01
C LYS O 77 -10.70 -76.97 -21.73
N ARG O 78 -10.28 -75.72 -21.62
CA ARG O 78 -8.88 -75.46 -21.34
C ARG O 78 -8.74 -74.52 -20.15
N LYS O 79 -7.64 -74.68 -19.41
CA LYS O 79 -7.34 -73.77 -18.32
C LYS O 79 -6.41 -72.66 -18.81
N THR O 80 -6.13 -72.67 -20.11
CA THR O 80 -5.28 -71.64 -20.70
C THR O 80 -5.92 -70.92 -21.90
N VAL O 81 -6.44 -69.71 -21.63
CA VAL O 81 -6.90 -68.78 -22.65
C VAL O 81 -5.81 -68.56 -23.70
N THR O 82 -6.15 -68.84 -24.95
CA THR O 82 -5.20 -68.76 -26.06
C THR O 82 -5.30 -67.39 -26.74
N ALA O 83 -4.47 -67.16 -27.76
CA ALA O 83 -4.61 -65.97 -28.59
C ALA O 83 -5.86 -66.07 -29.47
N MET O 84 -6.13 -67.28 -29.94
CA MET O 84 -7.23 -67.53 -30.85
C MET O 84 -8.61 -67.28 -30.22
N ASP O 85 -8.71 -67.50 -28.92
CA ASP O 85 -9.93 -67.16 -28.18
C ASP O 85 -10.10 -65.66 -28.20
N VAL O 86 -9.04 -64.93 -27.84
CA VAL O 86 -9.02 -63.48 -27.96
C VAL O 86 -9.44 -63.08 -29.37
N VAL O 87 -8.64 -63.46 -30.36
CA VAL O 87 -8.92 -63.14 -31.76
C VAL O 87 -10.37 -63.45 -32.13
N TYR O 88 -10.90 -64.59 -31.72
CA TYR O 88 -12.29 -64.92 -32.04
C TYR O 88 -13.23 -63.93 -31.38
N ALA O 89 -12.81 -63.43 -30.23
CA ALA O 89 -13.66 -62.55 -29.44
C ALA O 89 -13.78 -61.22 -30.16
N LEU O 90 -12.63 -60.66 -30.51
CA LEU O 90 -12.55 -59.40 -31.22
C LEU O 90 -13.36 -59.46 -32.51
N LYS O 91 -13.32 -60.59 -33.21
CA LYS O 91 -14.16 -60.76 -34.40
C LYS O 91 -15.62 -60.61 -34.02
N ARG O 92 -16.13 -61.52 -33.19
CA ARG O 92 -17.45 -61.39 -32.58
C ARG O 92 -17.86 -59.95 -32.36
N GLN O 93 -16.95 -59.16 -31.78
CA GLN O 93 -17.25 -57.78 -31.39
C GLN O 93 -17.00 -56.74 -32.48
N GLY O 94 -16.60 -57.18 -33.66
CA GLY O 94 -16.35 -56.27 -34.76
C GLY O 94 -15.15 -55.38 -34.54
N ARG O 95 -14.13 -55.94 -33.88
CA ARG O 95 -12.86 -55.26 -33.68
C ARG O 95 -11.71 -56.17 -34.07
N THR O 96 -11.88 -56.81 -35.24
CA THR O 96 -10.93 -57.77 -35.82
C THR O 96 -9.50 -57.32 -35.72
N LEU O 97 -8.63 -58.25 -35.32
CA LEU O 97 -7.19 -57.97 -35.20
C LEU O 97 -6.35 -58.95 -36.02
N TYR O 98 -5.33 -58.40 -36.67
CA TYR O 98 -4.45 -59.16 -37.54
C TYR O 98 -3.09 -59.34 -36.88
N GLY O 99 -2.55 -60.55 -36.97
CA GLY O 99 -1.19 -60.78 -36.53
C GLY O 99 -1.06 -61.71 -35.35
N PHE O 100 -2.08 -62.52 -35.11
CA PHE O 100 -2.04 -63.51 -34.05
C PHE O 100 -2.71 -64.80 -34.51
N GLY O 101 -2.56 -65.09 -35.80
CA GLY O 101 -3.20 -66.25 -36.39
C GLY O 101 -4.61 -65.91 -36.84
N GLY O 102 -4.74 -65.03 -37.83
CA GLY O 102 -6.06 -64.71 -38.41
C GLY O 102 -6.72 -65.98 -38.92
N ALA P 15 -46.39 -89.74 -26.61
CA ALA P 15 -46.49 -88.75 -27.74
C ALA P 15 -45.50 -89.05 -28.87
N LYS P 16 -45.88 -88.68 -30.09
CA LYS P 16 -45.03 -88.89 -31.28
C LYS P 16 -44.14 -87.67 -31.55
N THR P 17 -44.75 -86.49 -31.66
CA THR P 17 -44.03 -85.22 -31.85
C THR P 17 -42.88 -85.05 -30.86
N ARG P 18 -41.66 -84.91 -31.39
CA ARG P 18 -40.46 -84.63 -30.59
C ARG P 18 -40.64 -83.38 -29.76
N SER P 19 -41.55 -82.52 -30.23
CA SER P 19 -41.92 -81.31 -29.52
C SER P 19 -42.53 -81.69 -28.18
N SER P 20 -43.44 -82.67 -28.22
CA SER P 20 -44.10 -83.11 -27.00
C SER P 20 -43.13 -83.80 -26.06
N ARG P 21 -42.30 -84.70 -26.57
CA ARG P 21 -41.23 -85.29 -25.77
C ARG P 21 -40.43 -84.24 -25.01
N ALA P 22 -40.35 -83.02 -25.56
CA ALA P 22 -39.59 -81.96 -24.93
C ALA P 22 -40.50 -80.98 -24.24
N GLY P 23 -41.80 -81.20 -24.38
CA GLY P 23 -42.80 -80.32 -23.81
C GLY P 23 -42.55 -78.91 -24.30
N LEU P 24 -42.62 -78.77 -25.62
CA LEU P 24 -42.37 -77.51 -26.31
C LEU P 24 -43.44 -77.21 -27.32
N GLN P 25 -43.66 -75.93 -27.54
CA GLN P 25 -44.56 -75.44 -28.58
C GLN P 25 -43.90 -75.41 -29.96
N PHE P 26 -42.57 -75.30 -30.01
CA PHE P 26 -41.87 -75.13 -31.25
C PHE P 26 -41.59 -76.45 -31.97
N PRO P 27 -41.64 -76.45 -33.32
CA PRO P 27 -41.46 -77.70 -34.05
C PRO P 27 -40.00 -78.13 -34.15
N VAL P 28 -39.61 -79.08 -33.31
CA VAL P 28 -38.23 -79.58 -33.20
C VAL P 28 -37.81 -80.32 -34.45
N GLY P 29 -38.79 -80.82 -35.22
CA GLY P 29 -38.51 -81.45 -36.51
C GLY P 29 -38.06 -80.42 -37.54
N ARG P 30 -38.75 -79.28 -37.56
CA ARG P 30 -38.39 -78.17 -38.43
C ARG P 30 -36.99 -77.67 -38.08
N VAL P 31 -36.79 -77.27 -36.83
CA VAL P 31 -35.48 -76.78 -36.40
C VAL P 31 -34.38 -77.80 -36.73
N HIS P 32 -34.76 -79.05 -36.93
CA HIS P 32 -33.79 -80.09 -37.22
C HIS P 32 -33.42 -80.10 -38.70
N ARG P 33 -34.44 -80.07 -39.54
CA ARG P 33 -34.24 -80.01 -40.98
C ARG P 33 -33.41 -78.77 -41.31
N LEU P 34 -33.84 -77.61 -40.83
CA LEU P 34 -33.15 -76.36 -41.10
C LEU P 34 -31.66 -76.46 -40.76
N LEU P 35 -31.32 -76.90 -39.56
CA LEU P 35 -29.90 -76.98 -39.20
C LEU P 35 -29.05 -77.81 -40.17
N ARG P 36 -29.68 -78.76 -40.85
CA ARG P 36 -28.97 -79.59 -41.84
C ARG P 36 -28.93 -78.95 -43.23
N LYS P 37 -30.10 -78.56 -43.74
CA LYS P 37 -30.18 -77.80 -44.98
C LYS P 37 -29.65 -76.38 -44.77
N GLY P 38 -28.50 -76.24 -44.12
CA GLY P 38 -27.99 -74.95 -43.74
C GLY P 38 -26.49 -74.90 -43.58
N ASN P 39 -25.85 -76.06 -43.74
CA ASN P 39 -24.41 -76.08 -43.86
C ASN P 39 -23.76 -75.32 -42.71
N TYR P 40 -24.04 -75.80 -41.49
CA TYR P 40 -23.42 -75.24 -40.29
C TYR P 40 -22.36 -76.24 -39.84
N ALA P 41 -22.65 -77.50 -40.11
CA ALA P 41 -21.69 -78.59 -39.93
C ALA P 41 -22.14 -79.85 -40.64
N GLU P 42 -21.17 -80.73 -40.86
CA GLU P 42 -21.45 -82.05 -41.40
C GLU P 42 -22.68 -82.61 -40.70
N ARG P 43 -22.52 -82.83 -39.40
CA ARG P 43 -23.48 -83.58 -38.63
C ARG P 43 -24.07 -82.70 -37.53
N VAL P 44 -25.32 -83.00 -37.18
CA VAL P 44 -26.03 -82.31 -36.11
C VAL P 44 -26.36 -83.29 -35.00
N GLY P 45 -26.10 -82.90 -33.75
CA GLY P 45 -26.56 -83.66 -32.58
C GLY P 45 -28.08 -83.73 -32.56
N ALA P 46 -28.64 -84.36 -31.53
CA ALA P 46 -30.09 -84.46 -31.43
C ALA P 46 -30.63 -83.59 -30.32
N GLY P 47 -29.74 -83.09 -29.47
CA GLY P 47 -30.14 -82.18 -28.40
C GLY P 47 -30.12 -80.72 -28.82
N ALA P 48 -29.26 -80.44 -29.80
CA ALA P 48 -29.11 -79.11 -30.38
C ALA P 48 -30.42 -78.53 -30.99
N PRO P 49 -31.14 -79.29 -31.82
CA PRO P 49 -32.46 -78.79 -32.27
C PRO P 49 -33.33 -78.45 -31.09
N VAL P 50 -33.45 -79.40 -30.16
CA VAL P 50 -34.29 -79.31 -28.97
C VAL P 50 -33.99 -78.04 -28.21
N TYR P 51 -32.73 -77.91 -27.81
CA TYR P 51 -32.24 -76.74 -27.11
C TYR P 51 -32.61 -75.48 -27.88
N LEU P 52 -32.14 -75.38 -29.12
CA LEU P 52 -32.47 -74.24 -29.97
C LEU P 52 -33.98 -74.01 -30.11
N ALA P 53 -34.76 -75.06 -30.34
CA ALA P 53 -36.21 -74.88 -30.55
C ALA P 53 -36.85 -74.25 -29.32
N ALA P 54 -36.26 -74.57 -28.16
CA ALA P 54 -36.69 -74.06 -26.87
C ALA P 54 -36.30 -72.61 -26.64
N VAL P 55 -35.03 -72.32 -26.91
CA VAL P 55 -34.52 -70.94 -26.81
C VAL P 55 -35.29 -70.01 -27.75
N LEU P 56 -35.58 -70.49 -28.95
CA LEU P 56 -36.46 -69.72 -29.81
C LEU P 56 -37.76 -69.35 -29.08
N GLU P 57 -38.39 -70.35 -28.46
CA GLU P 57 -39.65 -70.22 -27.65
C GLU P 57 -39.54 -69.28 -26.46
N TYR P 58 -38.46 -69.41 -25.69
CA TYR P 58 -38.28 -68.53 -24.56
C TYR P 58 -38.42 -67.10 -25.06
N LEU P 59 -37.63 -66.73 -26.08
CA LEU P 59 -37.62 -65.38 -26.66
C LEU P 59 -38.94 -64.93 -27.30
N THR P 60 -39.58 -65.77 -28.12
CA THR P 60 -40.85 -65.30 -28.68
C THR P 60 -41.82 -65.02 -27.55
N ALA P 61 -41.78 -65.87 -26.51
CA ALA P 61 -42.57 -65.68 -25.29
C ALA P 61 -42.20 -64.42 -24.55
N GLU P 62 -40.94 -64.31 -24.15
CA GLU P 62 -40.40 -63.11 -23.52
C GLU P 62 -40.86 -61.85 -24.25
N ILE P 63 -40.92 -61.86 -25.59
CA ILE P 63 -41.29 -60.65 -26.34
C ILE P 63 -42.78 -60.47 -26.40
N LEU P 64 -43.48 -61.49 -26.88
CA LEU P 64 -44.94 -61.45 -26.90
C LEU P 64 -45.54 -60.98 -25.57
N GLU P 65 -44.92 -61.36 -24.45
CA GLU P 65 -45.35 -60.94 -23.11
C GLU P 65 -45.40 -59.43 -23.06
N LEU P 66 -44.25 -58.80 -23.27
CA LEU P 66 -44.13 -57.32 -23.23
C LEU P 66 -44.90 -56.57 -24.33
N ALA P 67 -45.12 -57.23 -25.45
CA ALA P 67 -45.89 -56.62 -26.55
C ALA P 67 -47.35 -56.50 -26.14
N GLY P 68 -47.93 -57.61 -25.71
CA GLY P 68 -49.29 -57.68 -25.13
C GLY P 68 -49.58 -56.64 -24.06
N ASN P 69 -48.59 -56.41 -23.21
CA ASN P 69 -48.74 -55.38 -22.21
C ASN P 69 -48.79 -54.04 -22.86
N ALA P 70 -48.00 -53.89 -23.93
CA ALA P 70 -47.96 -52.66 -24.68
C ALA P 70 -49.28 -52.49 -25.39
N ALA P 71 -49.82 -53.59 -25.90
CA ALA P 71 -51.08 -53.56 -26.61
C ALA P 71 -52.17 -53.14 -25.64
N ARG P 72 -52.11 -53.69 -24.41
CA ARG P 72 -53.09 -53.47 -23.35
C ARG P 72 -53.21 -51.99 -22.99
N ASP P 73 -52.10 -51.36 -22.65
CA ASP P 73 -52.09 -49.94 -22.31
C ASP P 73 -52.69 -49.13 -23.46
N ASN P 74 -52.38 -49.51 -24.70
CA ASN P 74 -52.97 -48.82 -25.84
C ASN P 74 -54.40 -49.33 -26.15
N LYS P 75 -55.05 -49.85 -25.12
CA LYS P 75 -56.43 -50.39 -25.18
C LYS P 75 -56.72 -51.29 -26.38
N LYS P 76 -55.81 -52.21 -26.69
CA LYS P 76 -56.03 -52.98 -27.90
C LYS P 76 -55.88 -54.48 -27.73
N THR P 77 -56.79 -55.16 -28.41
CA THR P 77 -56.93 -56.61 -28.53
C THR P 77 -55.80 -57.24 -29.33
N ARG P 78 -55.22 -56.47 -30.26
CA ARG P 78 -54.37 -57.07 -31.28
C ARG P 78 -53.02 -56.40 -31.34
N ILE P 79 -51.96 -57.21 -31.18
CA ILE P 79 -50.56 -56.76 -31.25
C ILE P 79 -50.12 -56.32 -32.66
N ILE P 80 -49.92 -55.03 -32.84
CA ILE P 80 -49.41 -54.43 -34.07
C ILE P 80 -47.94 -53.95 -33.83
N PRO P 81 -47.12 -53.80 -34.88
CA PRO P 81 -45.67 -53.62 -34.64
C PRO P 81 -45.26 -52.46 -33.70
N ARG P 82 -46.01 -51.36 -33.65
CA ARG P 82 -45.72 -50.35 -32.62
C ARG P 82 -45.58 -51.11 -31.30
N HIS P 83 -46.55 -51.99 -31.03
CA HIS P 83 -46.53 -52.77 -29.79
C HIS P 83 -45.27 -53.61 -29.66
N LEU P 84 -44.73 -54.12 -30.77
CA LEU P 84 -43.48 -54.87 -30.64
C LEU P 84 -42.34 -53.87 -30.36
N GLN P 85 -42.40 -52.71 -31.03
CA GLN P 85 -41.36 -51.73 -30.94
C GLN P 85 -41.23 -51.17 -29.52
N LEU P 86 -42.31 -50.57 -29.02
CA LEU P 86 -42.46 -50.22 -27.59
C LEU P 86 -41.91 -51.32 -26.64
N ALA P 87 -42.36 -52.57 -26.86
CA ALA P 87 -41.82 -53.68 -26.13
C ALA P 87 -40.28 -53.67 -26.19
N VAL P 88 -39.71 -53.87 -27.37
CA VAL P 88 -38.28 -54.00 -27.57
C VAL P 88 -37.39 -52.87 -27.01
N ARG P 89 -37.74 -51.62 -27.24
CA ARG P 89 -36.84 -50.53 -26.89
C ARG P 89 -37.03 -50.10 -25.45
N ASN P 90 -38.12 -50.56 -24.84
CA ASN P 90 -38.29 -50.36 -23.40
C ASN P 90 -37.53 -51.38 -22.54
N ASP P 91 -37.26 -52.57 -23.07
CA ASP P 91 -36.46 -53.53 -22.37
C ASP P 91 -34.94 -53.43 -22.60
N GLU P 92 -34.21 -52.79 -21.69
CA GLU P 92 -32.76 -52.69 -21.82
C GLU P 92 -32.21 -53.84 -22.65
N GLU P 93 -32.43 -55.07 -22.20
CA GLU P 93 -31.81 -56.26 -22.80
C GLU P 93 -32.29 -56.71 -24.19
N LEU P 94 -33.60 -56.81 -24.40
CA LEU P 94 -34.15 -57.14 -25.73
C LEU P 94 -33.68 -56.12 -26.72
N ASN P 95 -33.77 -54.84 -26.31
CA ASN P 95 -33.31 -53.72 -27.10
C ASN P 95 -31.87 -53.83 -27.60
N LYS P 96 -31.04 -54.62 -26.93
CA LYS P 96 -29.63 -54.73 -27.27
C LYS P 96 -29.48 -55.91 -28.21
N LEU P 97 -30.13 -57.02 -27.90
CA LEU P 97 -30.26 -58.09 -28.89
C LEU P 97 -30.68 -57.55 -30.28
N LEU P 98 -31.61 -56.61 -30.30
CA LEU P 98 -32.07 -56.04 -31.57
C LEU P 98 -31.63 -54.58 -31.71
N GLY P 99 -30.39 -54.32 -31.31
CA GLY P 99 -29.86 -52.99 -31.34
C GLY P 99 -29.51 -52.52 -32.73
N ARG P 100 -29.29 -53.45 -33.66
CA ARG P 100 -29.13 -53.10 -35.08
C ARG P 100 -30.31 -53.58 -35.93
N VAL P 101 -31.56 -53.40 -35.48
CA VAL P 101 -32.67 -53.96 -36.25
C VAL P 101 -33.86 -53.03 -36.41
N THR P 102 -34.55 -53.16 -37.52
CA THR P 102 -35.60 -52.19 -37.75
C THR P 102 -36.87 -52.92 -37.84
N ILE P 103 -37.87 -52.37 -37.19
CA ILE P 103 -39.19 -52.96 -37.29
C ILE P 103 -40.06 -52.13 -38.17
N ALA P 104 -40.36 -52.64 -39.35
CA ALA P 104 -41.44 -52.03 -40.18
C ALA P 104 -42.59 -51.46 -39.32
N GLN P 105 -42.94 -50.19 -39.47
CA GLN P 105 -44.05 -49.61 -38.71
C GLN P 105 -43.87 -49.45 -37.17
N GLY P 106 -42.71 -49.86 -36.66
CA GLY P 106 -42.28 -49.47 -35.32
C GLY P 106 -42.51 -48.04 -34.87
N GLY P 107 -41.96 -47.05 -35.56
CA GLY P 107 -42.01 -45.67 -35.01
C GLY P 107 -40.85 -45.59 -34.04
N VAL P 108 -40.76 -44.48 -33.27
CA VAL P 108 -39.72 -44.37 -32.22
C VAL P 108 -40.30 -44.13 -30.80
N LEU P 109 -39.45 -44.25 -29.77
CA LEU P 109 -39.91 -43.93 -28.39
C LEU P 109 -40.06 -42.44 -28.16
N PRO P 110 -41.18 -42.02 -27.51
CA PRO P 110 -41.35 -40.61 -27.19
C PRO P 110 -40.30 -40.20 -26.18
N ASN P 111 -39.37 -39.38 -26.64
CA ASN P 111 -38.28 -38.83 -25.85
C ASN P 111 -37.91 -37.49 -26.48
N ILE P 112 -38.08 -36.41 -25.72
CA ILE P 112 -37.76 -35.05 -26.14
C ILE P 112 -36.69 -34.51 -25.22
N GLN P 113 -35.61 -33.99 -25.80
CA GLN P 113 -34.46 -33.53 -25.03
C GLN P 113 -34.84 -32.35 -24.16
N SER P 114 -34.17 -32.25 -23.01
CA SER P 114 -34.41 -31.23 -21.99
C SER P 114 -34.37 -29.82 -22.54
N VAL P 115 -33.19 -29.46 -23.06
CA VAL P 115 -32.89 -28.10 -23.52
C VAL P 115 -33.87 -27.57 -24.58
N LEU P 116 -34.73 -28.44 -25.10
CA LEU P 116 -35.71 -28.03 -26.11
C LEU P 116 -37.07 -27.70 -25.49
N LEU P 117 -37.20 -27.99 -24.19
CA LEU P 117 -38.40 -27.71 -23.39
C LEU P 117 -38.41 -26.28 -22.87
N PRO P 118 -39.58 -25.59 -22.98
CA PRO P 118 -39.75 -24.22 -22.48
C PRO P 118 -39.54 -24.10 -20.96
N LYS P 119 -39.10 -22.93 -20.50
CA LYS P 119 -38.80 -22.72 -19.08
C LYS P 119 -39.85 -21.87 -18.36
N THR Q 33 -48.36 -72.14 -53.65
CA THR Q 33 -47.47 -73.19 -53.05
C THR Q 33 -47.29 -73.01 -51.54
N ARG Q 34 -46.62 -73.97 -50.90
CA ARG Q 34 -46.41 -73.95 -49.45
C ARG Q 34 -45.38 -72.90 -49.06
N LYS Q 35 -45.85 -71.88 -48.33
CA LYS Q 35 -44.95 -70.96 -47.64
C LYS Q 35 -44.97 -71.30 -46.14
N GLU Q 36 -43.91 -71.95 -45.68
CA GLU Q 36 -43.76 -72.27 -44.27
C GLU Q 36 -43.58 -71.01 -43.43
N SER Q 37 -43.90 -71.12 -42.15
CA SER Q 37 -43.92 -69.99 -41.21
C SER Q 37 -44.03 -70.53 -39.78
N TYR Q 38 -43.53 -69.72 -38.84
CA TYR Q 38 -43.71 -69.97 -37.44
C TYR Q 38 -45.01 -69.34 -36.95
N ALA Q 39 -45.99 -69.19 -37.84
CA ALA Q 39 -47.20 -68.47 -37.47
C ALA Q 39 -48.06 -69.21 -36.44
N ILE Q 40 -48.01 -70.53 -36.47
CA ILE Q 40 -48.83 -71.31 -35.56
C ILE Q 40 -48.18 -71.34 -34.18
N TYR Q 41 -46.90 -71.70 -34.14
CA TYR Q 41 -46.14 -71.72 -32.91
C TYR Q 41 -46.15 -70.37 -32.23
N VAL Q 42 -46.08 -69.28 -33.00
CA VAL Q 42 -46.16 -67.99 -32.35
C VAL Q 42 -47.55 -67.79 -31.79
N TYR Q 43 -48.59 -68.16 -32.53
CA TYR Q 43 -49.95 -68.07 -31.98
C TYR Q 43 -50.02 -68.87 -30.66
N LYS Q 44 -49.68 -70.15 -30.75
CA LYS Q 44 -49.73 -71.02 -29.59
C LYS Q 44 -49.18 -70.27 -28.39
N VAL Q 45 -47.91 -69.90 -28.42
CA VAL Q 45 -47.26 -69.20 -27.32
C VAL Q 45 -47.97 -67.91 -26.90
N LEU Q 46 -48.35 -67.07 -27.87
CA LEU Q 46 -49.17 -65.91 -27.50
C LEU Q 46 -50.42 -66.33 -26.72
N LYS Q 47 -51.09 -67.43 -27.11
CA LYS Q 47 -52.32 -67.80 -26.42
C LYS Q 47 -52.04 -68.27 -25.01
N GLN Q 48 -51.03 -69.11 -24.87
CA GLN Q 48 -50.45 -69.37 -23.57
C GLN Q 48 -50.15 -68.12 -22.76
N VAL Q 49 -49.79 -67.01 -23.36
CA VAL Q 49 -49.28 -65.88 -22.57
C VAL Q 49 -50.22 -64.70 -22.45
N HIS Q 50 -51.03 -64.47 -23.48
CA HIS Q 50 -52.04 -63.42 -23.43
C HIS Q 50 -53.29 -63.88 -24.14
N PRO Q 51 -54.03 -64.85 -23.56
CA PRO Q 51 -55.18 -65.53 -24.21
C PRO Q 51 -56.29 -64.66 -24.80
N ASP Q 52 -56.46 -63.43 -24.38
CA ASP Q 52 -57.49 -62.60 -25.05
C ASP Q 52 -56.85 -61.64 -26.05
N THR Q 53 -55.85 -62.10 -26.77
CA THR Q 53 -55.03 -61.19 -27.56
C THR Q 53 -54.61 -61.73 -28.92
N GLY Q 54 -54.89 -60.92 -29.95
CA GLY Q 54 -54.59 -61.31 -31.32
C GLY Q 54 -53.44 -60.57 -31.95
N ILE Q 55 -52.91 -61.12 -33.04
CA ILE Q 55 -51.78 -60.50 -33.71
C ILE Q 55 -52.16 -60.11 -35.13
N SER Q 56 -51.74 -58.91 -35.54
CA SER Q 56 -51.94 -58.42 -36.92
C SER Q 56 -51.02 -59.10 -37.90
N SER Q 57 -51.48 -59.16 -39.14
CA SER Q 57 -50.68 -59.66 -40.26
C SER Q 57 -49.23 -59.17 -40.30
N LYS Q 58 -49.02 -57.86 -40.14
CA LYS Q 58 -47.68 -57.27 -40.13
C LYS Q 58 -46.88 -57.73 -38.91
N ALA Q 59 -47.49 -57.56 -37.73
CA ALA Q 59 -46.93 -58.05 -36.48
C ALA Q 59 -46.50 -59.52 -36.59
N MET Q 60 -47.38 -60.36 -37.09
CA MET Q 60 -47.00 -61.75 -37.26
C MET Q 60 -45.72 -61.76 -38.06
N SER Q 61 -45.79 -61.14 -39.25
CA SER Q 61 -44.67 -61.09 -40.17
C SER Q 61 -43.38 -60.75 -39.43
N ILE Q 62 -43.36 -59.60 -38.75
CA ILE Q 62 -42.25 -59.19 -37.90
C ILE Q 62 -41.78 -60.30 -36.98
N MET Q 63 -42.64 -60.74 -36.06
CA MET Q 63 -42.35 -61.91 -35.23
C MET Q 63 -41.63 -62.96 -36.07
N ASN Q 64 -42.31 -63.43 -37.12
CA ASN Q 64 -41.73 -64.40 -38.04
C ASN Q 64 -40.31 -64.09 -38.49
N SER Q 65 -40.00 -62.80 -38.63
CA SER Q 65 -38.65 -62.40 -38.99
C SER Q 65 -37.72 -62.68 -37.82
N PHE Q 66 -38.09 -62.15 -36.66
CA PHE Q 66 -37.31 -62.24 -35.42
C PHE Q 66 -36.86 -63.68 -35.12
N VAL Q 67 -37.77 -64.63 -35.29
CA VAL Q 67 -37.40 -66.01 -35.05
C VAL Q 67 -36.26 -66.42 -36.00
N ASN Q 68 -36.48 -66.19 -37.31
CA ASN Q 68 -35.45 -66.49 -38.31
C ASN Q 68 -34.05 -65.80 -38.05
N ASP Q 69 -34.06 -64.54 -37.62
CA ASP Q 69 -32.85 -63.80 -37.39
C ASP Q 69 -32.02 -64.50 -36.31
N VAL Q 70 -32.65 -64.66 -35.16
CA VAL Q 70 -32.06 -65.30 -33.97
C VAL Q 70 -31.72 -66.76 -34.24
N PHE Q 71 -32.55 -67.44 -35.03
CA PHE Q 71 -32.11 -68.74 -35.55
C PHE Q 71 -30.72 -68.72 -36.21
N GLU Q 72 -30.51 -67.85 -37.23
CA GLU Q 72 -29.24 -67.81 -37.93
C GLU Q 72 -28.14 -67.39 -36.97
N ARG Q 73 -28.42 -66.38 -36.17
CA ARG Q 73 -27.40 -65.81 -35.35
C ARG Q 73 -26.81 -66.90 -34.44
N ILE Q 74 -27.73 -67.62 -33.79
CA ILE Q 74 -27.39 -68.76 -32.97
C ILE Q 74 -26.69 -69.82 -33.80
N ALA Q 75 -27.41 -70.36 -34.78
CA ALA Q 75 -26.90 -71.45 -35.61
C ALA Q 75 -25.51 -71.16 -36.16
N GLY Q 76 -25.33 -69.97 -36.74
CA GLY Q 76 -24.05 -69.53 -37.25
C GLY Q 76 -22.92 -69.58 -36.22
N GLU Q 77 -23.15 -68.94 -35.08
CA GLU Q 77 -22.10 -68.83 -34.04
C GLU Q 77 -21.78 -70.20 -33.45
N ALA Q 78 -22.75 -71.10 -33.50
CA ALA Q 78 -22.50 -72.48 -33.10
C ALA Q 78 -21.55 -73.13 -34.10
N SER Q 79 -21.89 -72.95 -35.38
CA SER Q 79 -21.08 -73.42 -36.50
C SER Q 79 -19.61 -72.98 -36.44
N ARG Q 80 -19.38 -71.71 -36.11
CA ARG Q 80 -18.03 -71.24 -35.84
C ARG Q 80 -17.34 -72.02 -34.73
N LEU Q 81 -18.08 -72.32 -33.66
CA LEU Q 81 -17.53 -73.05 -32.50
C LEU Q 81 -17.13 -74.49 -32.82
N ALA Q 82 -18.01 -75.20 -33.53
CA ALA Q 82 -17.60 -76.49 -34.10
C ALA Q 82 -16.27 -76.31 -34.82
N HIS Q 83 -16.27 -75.44 -35.84
CA HIS Q 83 -15.08 -75.20 -36.68
C HIS Q 83 -13.84 -74.87 -35.89
N TYR Q 84 -13.94 -73.93 -34.96
CA TYR Q 84 -12.77 -73.43 -34.24
C TYR Q 84 -12.11 -74.54 -33.45
N ASN Q 85 -12.89 -75.57 -33.14
CA ASN Q 85 -12.46 -76.67 -32.30
C ASN Q 85 -12.32 -77.96 -33.10
N LYS Q 86 -11.93 -77.81 -34.36
CA LYS Q 86 -11.85 -78.92 -35.30
C LYS Q 86 -12.91 -80.00 -35.01
N ARG Q 87 -14.17 -79.62 -35.09
CA ARG Q 87 -15.24 -80.55 -34.74
C ARG Q 87 -16.35 -80.61 -35.81
N SER Q 88 -16.78 -81.82 -36.14
CA SER Q 88 -17.64 -82.06 -37.29
C SER Q 88 -19.13 -81.94 -37.02
N THR Q 89 -19.48 -81.58 -35.80
CA THR Q 89 -20.87 -81.74 -35.36
C THR Q 89 -21.34 -80.68 -34.36
N ILE Q 90 -22.53 -80.13 -34.60
CA ILE Q 90 -23.15 -79.16 -33.71
C ILE Q 90 -24.09 -79.90 -32.76
N THR Q 91 -23.66 -80.01 -31.50
CA THR Q 91 -24.45 -80.59 -30.43
C THR Q 91 -24.92 -79.45 -29.56
N SER Q 92 -25.96 -79.70 -28.76
CA SER Q 92 -26.48 -78.67 -27.86
C SER Q 92 -25.43 -78.01 -26.93
N ARG Q 93 -24.28 -78.63 -26.76
CA ARG Q 93 -23.22 -77.94 -26.03
C ARG Q 93 -22.85 -76.65 -26.78
N GLU Q 94 -22.65 -76.77 -28.10
CA GLU Q 94 -22.44 -75.66 -29.05
C GLU Q 94 -23.56 -74.62 -28.99
N ILE Q 95 -24.80 -75.06 -29.25
CA ILE Q 95 -25.99 -74.21 -29.19
C ILE Q 95 -26.08 -73.49 -27.86
N GLN Q 96 -25.69 -74.17 -26.79
CA GLN Q 96 -25.58 -73.48 -25.53
C GLN Q 96 -24.55 -72.38 -25.55
N THR Q 97 -23.29 -72.71 -25.76
CA THR Q 97 -22.29 -71.65 -25.61
C THR Q 97 -22.48 -70.54 -26.62
N ALA Q 98 -22.93 -70.91 -27.82
CA ALA Q 98 -23.48 -69.94 -28.80
C ALA Q 98 -24.39 -68.94 -28.12
N VAL Q 99 -25.30 -69.44 -27.30
CA VAL Q 99 -26.25 -68.61 -26.61
C VAL Q 99 -25.58 -67.66 -25.62
N ARG Q 100 -24.50 -68.13 -24.99
CA ARG Q 100 -23.83 -67.32 -23.99
C ARG Q 100 -23.04 -66.17 -24.58
N LEU Q 101 -22.73 -66.27 -25.88
CA LEU Q 101 -22.08 -65.17 -26.62
C LEU Q 101 -23.11 -64.17 -27.17
N LEU Q 102 -24.15 -64.70 -27.81
CA LEU Q 102 -25.19 -63.91 -28.44
C LEU Q 102 -26.08 -63.04 -27.58
N LEU Q 103 -26.64 -63.62 -26.52
CA LEU Q 103 -27.67 -62.96 -25.71
C LEU Q 103 -27.08 -62.11 -24.58
N PRO Q 104 -27.80 -61.06 -24.17
CA PRO Q 104 -27.43 -60.37 -22.93
C PRO Q 104 -27.86 -61.15 -21.66
N GLY Q 105 -27.14 -60.94 -20.56
CA GLY Q 105 -27.34 -61.67 -19.28
C GLY Q 105 -28.66 -62.33 -18.91
N GLU Q 106 -29.60 -61.57 -18.35
CA GLU Q 106 -30.80 -62.19 -17.85
C GLU Q 106 -31.48 -63.04 -18.93
N LEU Q 107 -31.52 -62.50 -20.14
CA LEU Q 107 -32.02 -63.20 -21.30
C LEU Q 107 -31.23 -64.52 -21.50
N ALA Q 108 -29.90 -64.42 -21.55
CA ALA Q 108 -29.04 -65.60 -21.74
C ALA Q 108 -29.31 -66.66 -20.68
N LYS Q 109 -29.17 -66.27 -19.41
CA LYS Q 109 -29.32 -67.19 -18.26
C LYS Q 109 -30.62 -67.98 -18.33
N HIS Q 110 -31.73 -67.27 -18.31
CA HIS Q 110 -33.03 -67.91 -18.47
C HIS Q 110 -33.10 -68.86 -19.67
N ALA Q 111 -32.78 -68.34 -20.85
CA ALA Q 111 -32.76 -69.13 -22.10
C ALA Q 111 -31.95 -70.42 -21.98
N VAL Q 112 -30.74 -70.33 -21.43
CA VAL Q 112 -29.91 -71.51 -21.12
C VAL Q 112 -30.66 -72.51 -20.27
N SER Q 113 -31.19 -72.05 -19.13
CA SER Q 113 -31.91 -72.95 -18.22
C SER Q 113 -33.06 -73.59 -18.99
N GLU Q 114 -33.94 -72.75 -19.53
CA GLU Q 114 -35.03 -73.15 -20.38
C GLU Q 114 -34.65 -74.23 -21.40
N GLY Q 115 -33.50 -74.03 -22.03
CA GLY Q 115 -33.01 -74.92 -23.06
C GLY Q 115 -32.57 -76.26 -22.52
N THR Q 116 -31.64 -76.25 -21.56
CA THR Q 116 -31.05 -77.50 -21.04
C THR Q 116 -32.10 -78.32 -20.30
N LYS Q 117 -33.17 -77.65 -19.89
CA LYS Q 117 -34.32 -78.29 -19.32
C LYS Q 117 -35.01 -79.20 -20.35
N ALA Q 118 -35.37 -78.66 -21.51
CA ALA Q 118 -36.13 -79.42 -22.51
C ALA Q 118 -35.35 -80.58 -23.11
N VAL Q 119 -34.02 -80.51 -22.97
CA VAL Q 119 -33.09 -81.54 -23.44
C VAL Q 119 -33.15 -82.72 -22.49
N THR Q 120 -32.84 -82.43 -21.24
CA THR Q 120 -33.09 -83.32 -20.13
C THR Q 120 -34.48 -83.97 -20.30
N LYS Q 121 -35.54 -83.16 -20.36
CA LYS Q 121 -36.91 -83.65 -20.60
C LYS Q 121 -36.99 -84.58 -21.82
N TYR Q 122 -36.27 -84.22 -22.87
CA TYR Q 122 -36.27 -84.95 -24.13
C TYR Q 122 -35.55 -86.31 -24.08
N THR Q 123 -34.38 -86.36 -23.46
CA THR Q 123 -33.64 -87.61 -23.24
C THR Q 123 -34.55 -88.67 -22.59
N SER Q 124 -35.01 -88.36 -21.37
CA SER Q 124 -35.81 -89.27 -20.56
C SER Q 124 -37.05 -89.84 -21.28
N ALA Q 125 -37.78 -88.96 -21.98
CA ALA Q 125 -39.00 -89.34 -22.70
C ALA Q 125 -38.71 -89.85 -24.11
N THR R 17 -54.46 105.08 -7.88
CA THR R 17 -53.53 104.29 -8.75
C THR R 17 -53.96 104.27 -10.23
N ARG R 18 -53.72 103.13 -10.88
CA ARG R 18 -54.16 102.87 -12.26
C ARG R 18 -54.45 101.38 -12.41
N SER R 19 -53.91 100.58 -11.49
CA SER R 19 -54.23 99.17 -11.38
C SER R 19 -55.73 99.05 -11.15
N SER R 20 -56.20 99.84 -10.18
CA SER R 20 -57.62 100.09 -9.94
C SER R 20 -58.36 100.47 -11.22
N ARG R 21 -57.94 101.57 -11.84
CA ARG R 21 -58.61 102.16 -13.00
C ARG R 21 -58.65 101.24 -14.22
N ALA R 22 -58.02 100.07 -14.09
CA ALA R 22 -57.97 99.08 -15.16
C ALA R 22 -58.32 97.69 -14.62
N GLY R 23 -58.66 97.65 -13.33
CA GLY R 23 -59.13 96.44 -12.67
C GLY R 23 -58.03 95.42 -12.49
N LEU R 24 -56.81 95.90 -12.54
CA LEU R 24 -55.64 95.06 -12.48
C LEU R 24 -55.10 94.96 -11.08
N GLN R 25 -54.46 93.82 -10.81
CA GLN R 25 -53.75 93.57 -9.58
C GLN R 25 -52.28 93.96 -9.74
N PHE R 26 -51.84 94.08 -10.99
CA PHE R 26 -50.42 94.25 -11.28
C PHE R 26 -50.05 95.72 -11.46
N PRO R 27 -48.94 96.14 -10.80
CA PRO R 27 -48.58 97.53 -10.65
C PRO R 27 -48.40 98.20 -12.00
N VAL R 28 -49.44 98.90 -12.45
CA VAL R 28 -49.45 99.63 -13.71
C VAL R 28 -48.41 100.75 -13.72
N GLY R 29 -48.09 101.28 -12.54
CA GLY R 29 -47.04 102.30 -12.39
C GLY R 29 -45.66 101.72 -12.62
N ARG R 30 -45.22 100.84 -11.71
CA ARG R 30 -43.99 100.05 -11.85
C ARG R 30 -43.65 99.76 -13.31
N VAL R 31 -44.63 99.24 -14.04
CA VAL R 31 -44.43 98.82 -15.42
C VAL R 31 -44.08 99.99 -16.34
N HIS R 32 -44.75 101.13 -16.15
CA HIS R 32 -44.53 102.29 -17.00
C HIS R 32 -43.13 102.84 -16.78
N ARG R 33 -42.64 102.69 -15.56
CA ARG R 33 -41.31 103.14 -15.20
C ARG R 33 -40.31 102.28 -15.97
N LEU R 34 -40.48 100.97 -15.85
CA LEU R 34 -39.56 99.99 -16.39
C LEU R 34 -39.39 100.02 -17.91
N LEU R 35 -40.47 100.35 -18.60
CA LEU R 35 -40.40 100.44 -20.04
C LEU R 35 -39.58 101.64 -20.47
N ARG R 36 -39.75 102.76 -19.77
CA ARG R 36 -39.07 104.01 -20.11
C ARG R 36 -37.59 103.91 -19.81
N LYS R 37 -37.27 103.32 -18.67
CA LYS R 37 -35.89 103.18 -18.21
C LYS R 37 -35.09 102.05 -18.87
N GLY R 38 -35.78 100.98 -19.29
CA GLY R 38 -35.13 99.82 -19.89
C GLY R 38 -34.80 99.94 -21.36
N ASN R 39 -34.88 101.15 -21.89
CA ASN R 39 -34.31 101.48 -23.20
C ASN R 39 -34.91 100.70 -24.37
N TYR R 40 -36.24 100.66 -24.40
CA TYR R 40 -36.97 100.00 -25.48
C TYR R 40 -37.34 100.97 -26.58
N ALA R 41 -37.64 102.21 -26.20
CA ALA R 41 -37.84 103.28 -27.18
C ALA R 41 -37.75 104.66 -26.57
N GLU R 42 -37.65 105.65 -27.45
CA GLU R 42 -37.60 107.06 -27.08
C GLU R 42 -38.78 107.42 -26.18
N ARG R 43 -40.00 107.28 -26.73
CA ARG R 43 -41.24 107.53 -26.00
C ARG R 43 -42.10 106.27 -25.76
N VAL R 44 -42.97 106.36 -24.75
CA VAL R 44 -43.78 105.22 -24.27
C VAL R 44 -45.25 105.57 -24.00
N GLY R 45 -46.13 105.02 -24.81
CA GLY R 45 -47.59 105.24 -24.68
C GLY R 45 -48.23 105.00 -23.32
N ALA R 46 -49.46 105.51 -23.16
CA ALA R 46 -50.20 105.36 -21.90
C ALA R 46 -50.89 104.01 -21.77
N GLY R 47 -51.30 103.44 -22.90
CA GLY R 47 -52.00 102.16 -22.88
C GLY R 47 -51.11 100.98 -22.58
N ALA R 48 -49.85 101.06 -23.04
CA ALA R 48 -48.94 99.92 -23.02
C ALA R 48 -48.55 99.39 -21.62
N PRO R 49 -48.26 100.28 -20.66
CA PRO R 49 -48.02 99.73 -19.31
C PRO R 49 -49.24 99.01 -18.77
N VAL R 50 -50.41 99.39 -19.30
CA VAL R 50 -51.66 98.77 -18.90
C VAL R 50 -51.86 97.49 -19.69
N TYR R 51 -51.76 97.57 -21.01
CA TYR R 51 -51.88 96.36 -21.80
C TYR R 51 -50.95 95.27 -21.29
N LEU R 52 -49.69 95.63 -21.06
CA LEU R 52 -48.68 94.65 -20.66
C LEU R 52 -48.88 94.13 -19.22
N ALA R 53 -49.01 95.03 -18.25
CA ALA R 53 -49.25 94.62 -16.87
C ALA R 53 -50.37 93.58 -16.79
N ALA R 54 -51.32 93.69 -17.74
CA ALA R 54 -52.49 92.84 -17.84
C ALA R 54 -52.13 91.47 -18.31
N VAL R 55 -51.33 91.44 -19.39
CA VAL R 55 -50.84 90.22 -20.01
C VAL R 55 -49.94 89.50 -19.03
N LEU R 56 -49.13 90.27 -18.32
CA LEU R 56 -48.34 89.73 -17.24
C LEU R 56 -49.25 89.15 -16.17
N GLU R 57 -50.26 89.92 -15.77
CA GLU R 57 -51.24 89.44 -14.78
C GLU R 57 -51.97 88.19 -15.30
N TYR R 58 -52.44 88.26 -16.54
CA TYR R 58 -53.12 87.11 -17.12
C TYR R 58 -52.30 85.82 -16.96
N LEU R 59 -51.05 85.84 -17.45
CA LEU R 59 -50.20 84.65 -17.49
C LEU R 59 -49.79 84.14 -16.13
N THR R 60 -49.53 85.05 -15.19
CA THR R 60 -49.19 84.61 -13.83
C THR R 60 -50.39 83.91 -13.17
N ALA R 61 -51.59 84.26 -13.64
CA ALA R 61 -52.80 83.60 -13.19
C ALA R 61 -52.87 82.15 -13.69
N GLU R 62 -52.66 81.96 -14.99
CA GLU R 62 -52.71 80.62 -15.58
C GLU R 62 -51.74 79.65 -14.92
N ILE R 63 -50.56 80.16 -14.56
CA ILE R 63 -49.56 79.34 -13.87
C ILE R 63 -50.04 79.02 -12.45
N LEU R 64 -50.42 80.07 -11.73
CA LEU R 64 -50.87 79.93 -10.35
C LEU R 64 -52.08 79.01 -10.27
N GLU R 65 -52.99 79.16 -11.23
CA GLU R 65 -54.07 78.22 -11.47
C GLU R 65 -53.55 76.77 -11.39
N LEU R 66 -52.85 76.36 -12.46
CA LEU R 66 -52.51 74.95 -12.69
C LEU R 66 -51.52 74.38 -11.70
N ALA R 67 -50.69 75.25 -11.13
CA ALA R 67 -49.78 74.83 -10.06
C ALA R 67 -50.59 74.51 -8.80
N GLY R 68 -51.42 75.45 -8.36
CA GLY R 68 -52.32 75.24 -7.23
C GLY R 68 -53.07 73.92 -7.35
N ASN R 69 -53.82 73.77 -8.45
CA ASN R 69 -54.38 72.48 -8.84
C ASN R 69 -53.39 71.38 -8.47
N ALA R 70 -52.21 71.42 -9.07
CA ALA R 70 -51.16 70.44 -8.85
C ALA R 70 -50.79 70.25 -7.37
N ALA R 71 -50.80 71.33 -6.60
CA ALA R 71 -50.56 71.23 -5.16
C ALA R 71 -51.71 70.52 -4.44
N ARG R 72 -52.94 70.75 -4.92
CA ARG R 72 -54.10 70.00 -4.43
C ARG R 72 -53.88 68.53 -4.77
N ASP R 73 -53.65 68.26 -6.06
CA ASP R 73 -53.41 66.90 -6.55
C ASP R 73 -52.31 66.21 -5.76
N ASN R 74 -51.28 66.98 -5.38
CA ASN R 74 -50.14 66.45 -4.64
C ASN R 74 -50.33 66.70 -3.13
N LYS R 75 -51.54 67.10 -2.77
CA LYS R 75 -52.03 67.20 -1.38
C LYS R 75 -51.20 68.08 -0.45
N LYS R 76 -51.10 69.35 -0.82
CA LYS R 76 -50.39 70.36 -0.05
C LYS R 76 -51.14 71.68 -0.19
N THR R 77 -51.09 72.51 0.85
CA THR R 77 -51.70 73.84 0.74
C THR R 77 -50.74 74.86 0.13
N ARG R 78 -49.44 74.62 0.25
CA ARG R 78 -48.42 75.53 -0.28
C ARG R 78 -47.71 75.04 -1.54
N ILE R 79 -47.61 75.93 -2.53
CA ILE R 79 -46.96 75.67 -3.81
C ILE R 79 -45.45 75.72 -3.70
N ILE R 80 -44.79 74.62 -4.03
CA ILE R 80 -43.34 74.58 -4.16
C ILE R 80 -42.96 74.54 -5.63
N PRO R 81 -41.68 74.80 -5.95
CA PRO R 81 -41.22 74.80 -7.34
C PRO R 81 -41.72 73.62 -8.17
N ARG R 82 -41.76 72.42 -7.58
CA ARG R 82 -42.23 71.24 -8.31
C ARG R 82 -43.61 71.47 -8.91
N HIS R 83 -44.53 72.01 -8.10
CA HIS R 83 -45.90 72.24 -8.53
C HIS R 83 -45.93 73.15 -9.72
N LEU R 84 -44.99 74.09 -9.76
CA LEU R 84 -44.86 74.94 -10.93
C LEU R 84 -44.42 74.09 -12.12
N GLN R 85 -43.31 73.37 -11.96
CA GLN R 85 -42.80 72.49 -13.01
C GLN R 85 -43.90 71.56 -13.57
N LEU R 86 -44.58 70.84 -12.69
CA LEU R 86 -45.66 69.95 -13.11
C LEU R 86 -46.70 70.72 -13.92
N ALA R 87 -47.09 71.88 -13.42
CA ALA R 87 -48.11 72.69 -14.08
C ALA R 87 -47.66 73.05 -15.48
N VAL R 88 -46.36 73.32 -15.60
CA VAL R 88 -45.77 73.89 -16.80
C VAL R 88 -45.55 72.82 -17.85
N ARG R 89 -44.88 71.75 -17.46
CA ARG R 89 -44.54 70.69 -18.41
C ARG R 89 -45.78 69.93 -18.85
N ASN R 90 -46.76 69.81 -17.97
CA ASN R 90 -48.03 69.19 -18.37
C ASN R 90 -48.91 70.04 -19.26
N ASP R 91 -48.84 71.36 -19.11
CA ASP R 91 -49.52 72.23 -20.07
C ASP R 91 -48.74 72.33 -21.39
N GLU R 92 -49.40 71.92 -22.46
CA GLU R 92 -48.78 71.91 -23.78
C GLU R 92 -48.38 73.33 -24.22
N GLU R 93 -49.27 74.30 -24.04
CA GLU R 93 -49.00 75.68 -24.43
C GLU R 93 -48.02 76.44 -23.54
N LEU R 94 -48.05 76.20 -22.22
CA LEU R 94 -47.11 76.86 -21.31
C LEU R 94 -45.71 76.30 -21.50
N ASN R 95 -45.62 74.98 -21.62
CA ASN R 95 -44.35 74.30 -21.83
C ASN R 95 -43.61 74.80 -23.04
N LYS R 96 -44.32 75.13 -24.10
CA LYS R 96 -43.68 75.68 -25.26
C LYS R 96 -43.07 76.97 -24.80
N LEU R 97 -43.92 77.91 -24.40
CA LEU R 97 -43.45 79.22 -23.94
C LEU R 97 -42.15 79.09 -23.12
N LEU R 98 -42.15 78.27 -22.08
CA LEU R 98 -40.95 78.05 -21.29
C LEU R 98 -40.19 76.80 -21.79
N GLY R 99 -40.07 76.73 -23.12
CA GLY R 99 -39.29 75.70 -23.81
C GLY R 99 -37.80 75.72 -23.54
N ARG R 100 -37.24 76.90 -23.29
CA ARG R 100 -35.81 77.02 -22.96
C ARG R 100 -35.53 77.42 -21.49
N VAL R 101 -36.43 77.09 -20.58
CA VAL R 101 -36.21 77.51 -19.18
C VAL R 101 -36.11 76.35 -18.25
N THR R 102 -34.99 76.28 -17.55
CA THR R 102 -34.89 75.33 -16.47
C THR R 102 -35.41 75.96 -15.17
N ILE R 103 -36.37 75.30 -14.53
CA ILE R 103 -36.97 75.79 -13.28
C ILE R 103 -36.30 75.12 -12.09
N ALA R 104 -35.59 75.91 -11.27
CA ALA R 104 -34.92 75.37 -10.07
C ALA R 104 -35.82 74.45 -9.23
N GLN R 105 -35.28 73.29 -8.86
CA GLN R 105 -36.01 72.31 -8.07
C GLN R 105 -37.32 71.88 -8.75
N GLY R 106 -37.26 71.71 -10.07
CA GLY R 106 -38.44 71.30 -10.82
C GLY R 106 -38.57 69.79 -10.85
N GLY R 107 -37.45 69.10 -10.98
CA GLY R 107 -37.47 67.68 -11.27
C GLY R 107 -37.97 67.49 -12.68
N VAL R 108 -38.31 66.25 -13.02
CA VAL R 108 -38.87 65.93 -14.32
C VAL R 108 -40.25 65.30 -14.17
N LEU R 109 -41.01 65.26 -15.25
CA LEU R 109 -42.24 64.47 -15.27
C LEU R 109 -41.86 63.02 -15.25
N PRO R 110 -42.71 62.15 -14.66
CA PRO R 110 -42.43 60.73 -14.76
C PRO R 110 -42.79 60.24 -16.16
N ASN R 111 -41.81 59.63 -16.81
CA ASN R 111 -41.94 59.09 -18.15
C ASN R 111 -40.88 58.00 -18.31
N ILE R 112 -41.32 56.78 -18.59
CA ILE R 112 -40.46 55.61 -18.72
C ILE R 112 -40.77 54.99 -20.07
N GLN R 113 -39.75 54.87 -20.93
CA GLN R 113 -40.00 54.35 -22.27
C GLN R 113 -40.49 52.91 -22.25
N SER R 114 -41.49 52.62 -23.07
CA SER R 114 -42.08 51.29 -23.22
C SER R 114 -41.03 50.18 -23.13
N VAL R 115 -40.25 50.02 -24.20
CA VAL R 115 -39.31 48.90 -24.33
C VAL R 115 -38.41 48.71 -23.11
N LEU R 116 -38.40 49.68 -22.20
CA LEU R 116 -37.64 49.57 -20.97
C LEU R 116 -38.44 48.81 -19.91
N LEU R 117 -39.77 48.88 -19.99
CA LEU R 117 -40.67 48.17 -19.07
C LEU R 117 -40.54 46.64 -19.14
N PRO R 118 -40.81 45.93 -18.01
CA PRO R 118 -40.73 44.46 -17.97
C PRO R 118 -41.77 43.78 -18.86
N LYS R 119 -41.55 42.52 -19.20
CA LYS R 119 -42.44 41.80 -20.09
C LYS R 119 -43.30 40.80 -19.33
N THR S 17 8.63 68.40 68.99
CA THR S 17 9.23 67.85 67.74
C THR S 17 8.81 68.63 66.47
N ARG S 18 8.65 67.90 65.37
CA ARG S 18 8.15 68.44 64.10
C ARG S 18 7.37 67.35 63.37
N SER S 19 7.62 66.11 63.77
CA SER S 19 6.84 64.95 63.30
C SER S 19 5.40 65.20 63.70
N SER S 20 5.22 65.56 64.97
CA SER S 20 3.97 66.08 65.52
C SER S 20 3.38 67.20 64.66
N ARG S 21 4.15 68.29 64.52
CA ARG S 21 3.71 69.50 63.85
C ARG S 21 3.36 69.31 62.36
N ALA S 22 3.56 68.08 61.88
CA ALA S 22 3.26 67.72 60.49
C ALA S 22 2.47 66.42 60.44
N GLY S 23 2.14 65.90 61.63
CA GLY S 23 1.30 64.71 61.77
C GLY S 23 1.99 63.44 61.32
N LEU S 24 3.31 63.51 61.28
CA LEU S 24 4.12 62.43 60.79
C LEU S 24 4.61 61.54 61.91
N GLN S 25 4.82 60.29 61.56
CA GLN S 25 5.42 59.30 62.44
C GLN S 25 6.94 59.26 62.23
N PHE S 26 7.38 59.80 61.09
CA PHE S 26 8.78 59.67 60.69
C PHE S 26 9.62 60.86 61.10
N PRO S 27 10.80 60.58 61.69
CA PRO S 27 11.61 61.59 62.37
C PRO S 27 12.00 62.71 61.42
N VAL S 28 11.26 63.80 61.48
CA VAL S 28 11.49 64.99 60.68
C VAL S 28 12.84 65.64 60.99
N GLY S 29 13.33 65.45 62.21
CA GLY S 29 14.66 65.92 62.61
C GLY S 29 15.76 65.13 61.94
N ARG S 30 15.88 63.85 62.31
CA ARG S 30 16.78 62.88 61.65
C ARG S 30 16.99 63.20 60.18
N VAL S 31 15.89 63.39 59.46
CA VAL S 31 15.93 63.61 58.02
C VAL S 31 16.65 64.91 57.64
N HIS S 32 16.40 65.97 58.41
CA HIS S 32 17.00 67.28 58.11
C HIS S 32 18.50 67.22 58.33
N ARG S 33 18.92 66.39 59.27
CA ARG S 33 20.33 66.20 59.56
C ARG S 33 20.98 65.54 58.36
N LEU S 34 20.37 64.43 57.94
CA LEU S 34 20.91 63.58 56.89
C LEU S 34 21.06 64.26 55.53
N LEU S 35 20.17 65.16 55.22
CA LEU S 35 20.25 65.89 53.97
C LEU S 35 21.42 66.84 53.96
N ARG S 36 21.64 67.52 55.10
CA ARG S 36 22.70 68.51 55.23
C ARG S 36 24.06 67.86 55.21
N LYS S 37 24.17 66.73 55.92
CA LYS S 37 25.42 66.01 56.06
C LYS S 37 25.79 65.12 54.86
N GLY S 38 24.78 64.62 54.14
CA GLY S 38 25.00 63.73 53.00
C GLY S 38 25.35 64.41 51.69
N ASN S 39 25.68 65.69 51.76
CA ASN S 39 26.32 66.38 50.63
C ASN S 39 25.48 66.44 49.36
N TYR S 40 24.23 66.83 49.52
CA TYR S 40 23.31 66.97 48.39
C TYR S 40 23.26 68.41 47.89
N ALA S 41 23.42 69.36 48.81
CA ALA S 41 23.57 70.77 48.43
C ALA S 41 24.12 71.62 49.55
N GLU S 42 24.56 72.81 49.17
CA GLU S 42 25.07 73.81 50.10
C GLU S 42 24.08 74.06 51.23
N ARG S 43 22.88 74.55 50.88
CA ARG S 43 21.79 74.80 51.83
C ARG S 43 20.57 73.89 51.65
N VAL S 44 19.78 73.75 52.71
CA VAL S 44 18.65 72.82 52.78
C VAL S 44 17.39 73.44 53.41
N GLY S 45 16.35 73.61 52.59
CA GLY S 45 15.07 74.15 53.03
C GLY S 45 14.39 73.53 54.24
N ALA S 46 13.40 74.23 54.79
CA ALA S 46 12.67 73.77 55.97
C ALA S 46 11.55 72.77 55.61
N GLY S 47 10.97 72.93 54.42
CA GLY S 47 9.88 72.07 54.00
C GLY S 47 10.33 70.67 53.63
N ALA S 48 11.53 70.58 53.06
CA ALA S 48 12.02 69.34 52.44
C ALA S 48 12.21 68.13 53.39
N PRO S 49 12.78 68.35 54.59
CA PRO S 49 12.84 67.21 55.51
C PRO S 49 11.45 66.72 55.87
N VAL S 50 10.47 67.62 55.75
CA VAL S 50 9.10 67.30 56.05
C VAL S 50 8.47 66.64 54.82
N TYR S 51 8.58 67.28 53.66
CA TYR S 51 8.06 66.67 52.45
C TYR S 51 8.57 65.24 52.30
N LEU S 52 9.88 65.07 52.47
CA LEU S 52 10.50 63.76 52.25
C LEU S 52 10.15 62.73 53.33
N ALA S 53 10.32 63.09 54.60
CA ALA S 53 9.96 62.18 55.69
C ALA S 53 8.57 61.60 55.49
N ALA S 54 7.72 62.41 54.84
CA ALA S 54 6.31 62.09 54.58
C ALA S 54 6.20 61.04 53.50
N VAL S 55 6.94 61.28 52.42
CA VAL S 55 6.97 60.39 51.27
C VAL S 55 7.60 59.08 51.68
N LEU S 56 8.61 59.15 52.52
CA LEU S 56 9.19 57.96 53.13
C LEU S 56 8.14 57.26 53.97
N GLU S 57 7.45 58.03 54.81
CA GLU S 57 6.37 57.47 55.64
C GLU S 57 5.27 56.87 54.77
N TYR S 58 4.83 57.64 53.76
CA TYR S 58 3.80 57.14 52.86
C TYR S 58 4.15 55.74 52.33
N LEU S 59 5.32 55.60 51.70
CA LEU S 59 5.73 54.38 51.01
C LEU S 59 5.95 53.20 51.94
N THR S 60 6.50 53.46 53.12
CA THR S 60 6.68 52.37 54.09
C THR S 60 5.33 51.85 54.56
N ALA S 61 4.30 52.70 54.50
CA ALA S 61 2.95 52.30 54.81
C ALA S 61 2.40 51.33 53.75
N GLU S 62 2.52 51.71 52.49
CA GLU S 62 2.03 50.87 51.39
C GLU S 62 2.62 49.47 51.41
N ILE S 63 3.89 49.37 51.76
CA ILE S 63 4.56 48.08 51.87
C ILE S 63 4.01 47.31 53.07
N LEU S 64 4.01 47.97 54.22
CA LEU S 64 3.55 47.35 55.45
C LEU S 64 2.10 46.90 55.32
N GLU S 65 1.29 47.74 54.68
CA GLU S 65 -0.05 47.37 54.23
C GLU S 65 -0.04 45.98 53.60
N LEU S 66 0.47 45.91 52.37
CA LEU S 66 0.32 44.73 51.50
C LEU S 66 1.06 43.50 51.99
N ALA S 67 2.15 43.73 52.73
CA ALA S 67 2.86 42.62 53.36
C ALA S 67 2.00 42.02 54.46
N GLY S 68 1.54 42.85 55.40
CA GLY S 68 0.63 42.42 56.46
C GLY S 68 -0.53 41.60 55.90
N ASN S 69 -1.28 42.19 54.96
CA ASN S 69 -2.25 41.46 54.15
C ASN S 69 -1.69 40.07 53.86
N ALA S 70 -0.56 40.03 53.16
CA ALA S 70 0.10 38.79 52.77
C ALA S 70 0.39 37.85 53.95
N ALA S 71 0.74 38.41 55.10
CA ALA S 71 0.96 37.59 56.30
C ALA S 71 -0.37 37.01 56.82
N ARG S 72 -1.46 37.79 56.69
CA ARG S 72 -2.79 37.28 56.98
C ARG S 72 -3.08 36.14 56.01
N ASP S 73 -2.97 36.43 54.72
CA ASP S 73 -3.20 35.44 53.66
C ASP S 73 -2.38 34.18 53.88
N ASN S 74 -1.16 34.35 54.39
CA ASN S 74 -0.25 33.23 54.65
C ASN S 74 -0.34 32.80 56.12
N LYS S 75 -1.36 33.34 56.81
CA LYS S 75 -1.77 32.92 58.16
C LYS S 75 -0.70 33.00 59.25
N LYS S 76 -0.17 34.20 59.45
CA LYS S 76 0.84 34.48 60.44
C LYS S 76 0.58 35.87 61.00
N THR S 77 0.92 36.09 62.27
CA THR S 77 0.78 37.43 62.84
C THR S 77 2.03 38.28 62.59
N ARG S 78 3.18 37.63 62.38
CA ARG S 78 4.44 38.35 62.14
C ARG S 78 4.93 38.30 60.70
N ILE S 79 5.32 39.46 60.20
CA ILE S 79 5.84 39.64 58.83
C ILE S 79 7.29 39.18 58.72
N ILE S 80 7.53 38.21 57.84
CA ILE S 80 8.88 37.81 57.49
C ILE S 80 9.21 38.33 56.09
N PRO S 81 10.51 38.32 55.72
CA PRO S 81 10.94 38.81 54.41
C PRO S 81 10.06 38.35 53.24
N ARG S 82 9.63 37.10 53.26
CA ARG S 82 8.78 36.58 52.19
C ARG S 82 7.56 37.45 51.97
N HIS S 83 6.88 37.80 53.06
CA HIS S 83 5.66 38.59 52.99
C HIS S 83 5.93 39.92 52.33
N LEU S 84 7.13 40.44 52.55
CA LEU S 84 7.53 41.65 51.85
C LEU S 84 7.65 41.35 50.36
N GLN S 85 8.46 40.35 50.02
CA GLN S 85 8.64 39.94 48.63
C GLN S 85 7.29 39.74 47.90
N LEU S 86 6.41 38.93 48.49
CA LEU S 86 5.10 38.70 47.90
C LEU S 86 4.36 40.01 47.68
N ALA S 87 4.39 40.88 48.68
CA ALA S 87 3.70 42.17 48.59
C ALA S 87 4.24 42.98 47.44
N VAL S 88 5.55 42.87 47.25
CA VAL S 88 6.29 43.72 46.33
C VAL S 88 6.13 43.24 44.90
N ARG S 89 6.41 41.95 44.68
CA ARG S 89 6.37 41.41 43.34
C ARG S 89 4.94 41.34 42.80
N ASN S 90 3.97 41.13 43.69
CA ASN S 90 2.58 41.16 43.27
C ASN S 90 2.03 42.54 42.98
N ASP S 91 2.54 43.56 43.67
CA ASP S 91 2.19 44.94 43.29
C ASP S 91 2.93 45.37 42.04
N GLU S 92 2.18 45.73 41.02
CA GLU S 92 2.74 46.15 39.73
C GLU S 92 3.61 47.41 39.90
N GLU S 93 3.09 48.41 40.60
CA GLU S 93 3.81 49.67 40.81
C GLU S 93 5.00 49.60 41.78
N LEU S 94 4.90 48.80 42.85
CA LEU S 94 6.00 48.66 43.79
C LEU S 94 7.14 47.87 43.17
N ASN S 95 6.77 46.79 42.48
CA ASN S 95 7.75 45.94 41.79
C ASN S 95 8.60 46.70 40.82
N LYS S 96 8.03 47.67 40.13
CA LYS S 96 8.82 48.47 39.24
C LYS S 96 9.83 49.15 40.10
N LEU S 97 9.35 50.01 40.99
CA LEU S 97 10.23 50.76 41.89
C LEU S 97 11.41 49.90 42.35
N LEU S 98 11.14 48.73 42.93
CA LEU S 98 12.21 47.83 43.35
C LEU S 98 12.50 46.79 42.25
N GLY S 99 12.58 47.30 41.02
CA GLY S 99 12.97 46.52 39.84
C GLY S 99 14.38 45.97 39.86
N ARG S 100 15.30 46.67 40.49
CA ARG S 100 16.69 46.21 40.62
C ARG S 100 17.10 45.80 42.04
N VAL S 101 16.14 45.36 42.86
CA VAL S 101 16.49 45.02 44.25
C VAL S 101 16.21 43.58 44.57
N THR S 102 17.24 42.87 44.98
CA THR S 102 17.02 41.55 45.51
C THR S 102 16.75 41.65 47.02
N ILE S 103 15.63 41.08 47.47
CA ILE S 103 15.23 41.09 48.89
C ILE S 103 15.65 39.80 49.55
N ALA S 104 16.59 39.87 50.50
CA ALA S 104 17.04 38.67 51.23
C ALA S 104 15.89 37.78 51.74
N GLN S 105 16.02 36.49 51.48
CA GLN S 105 14.99 35.51 51.87
C GLN S 105 13.62 35.86 51.28
N GLY S 106 13.62 36.30 50.04
CA GLY S 106 12.36 36.64 49.37
C GLY S 106 11.72 35.44 48.72
N GLY S 107 12.55 34.58 48.14
CA GLY S 107 12.04 33.52 47.28
C GLY S 107 11.51 34.16 46.02
N VAL S 108 10.77 33.37 45.24
CA VAL S 108 10.13 33.87 44.02
C VAL S 108 8.62 33.68 44.11
N LEU S 109 7.88 34.36 43.25
CA LEU S 109 6.46 34.08 43.09
C LEU S 109 6.33 32.74 42.43
N PRO S 110 5.25 32.00 42.72
CA PRO S 110 5.03 30.77 41.98
C PRO S 110 4.52 31.09 40.58
N ASN S 111 5.24 30.59 39.57
CA ASN S 111 4.92 30.78 38.18
C ASN S 111 5.56 29.63 37.41
N ILE S 112 4.73 28.86 36.71
CA ILE S 112 5.15 27.68 35.95
C ILE S 112 4.64 27.88 34.54
N GLN S 113 5.55 27.87 33.55
CA GLN S 113 5.13 28.11 32.17
C GLN S 113 4.19 27.04 31.66
N SER S 114 3.14 27.47 30.96
CA SER S 114 2.14 26.59 30.36
C SER S 114 2.76 25.32 29.79
N VAL S 115 3.43 25.44 28.64
CA VAL S 115 3.94 24.28 27.91
C VAL S 115 4.73 23.29 28.76
N LEU S 116 5.07 23.69 29.98
CA LEU S 116 5.75 22.82 30.92
C LEU S 116 4.76 21.92 31.67
N LEU S 117 3.53 22.42 31.82
CA LEU S 117 2.44 21.67 32.48
C LEU S 117 2.05 20.37 31.74
N PRO S 118 1.56 19.35 32.49
CA PRO S 118 1.15 18.07 31.88
C PRO S 118 -0.07 18.22 30.97
N LYS S 119 -0.27 17.25 30.08
CA LYS S 119 -1.37 17.32 29.12
C LYS S 119 -2.51 16.39 29.51
N LYS T 32 29.53 50.60 73.94
CA LYS T 32 28.85 49.71 72.93
C LYS T 32 28.05 50.59 71.94
N THR T 33 28.69 50.91 70.81
CA THR T 33 28.23 51.92 69.84
C THR T 33 26.73 52.02 69.58
N ARG T 34 26.28 53.26 69.39
CA ARG T 34 24.86 53.62 69.37
C ARG T 34 24.31 53.71 67.95
N LYS T 35 24.33 52.60 67.22
CA LYS T 35 23.90 52.57 65.81
C LYS T 35 22.41 52.87 65.59
N GLU T 36 22.15 53.89 64.77
CA GLU T 36 20.78 54.33 64.44
C GLU T 36 20.06 53.44 63.45
N SER T 37 18.74 53.63 63.35
CA SER T 37 17.94 53.05 62.26
C SER T 37 16.59 53.75 62.20
N TYR T 38 15.69 53.21 61.37
CA TYR T 38 14.30 53.69 61.30
C TYR T 38 13.33 52.74 62.03
N ALA T 39 13.87 51.70 62.66
CA ALA T 39 13.09 50.59 63.24
C ALA T 39 11.80 50.97 63.96
N ILE T 40 11.90 51.83 64.98
CA ILE T 40 10.75 52.18 65.83
C ILE T 40 9.62 52.87 65.07
N TYR T 41 9.98 53.65 64.06
CA TYR T 41 9.00 54.42 63.26
C TYR T 41 8.29 53.53 62.25
N VAL T 42 9.05 52.61 61.66
CA VAL T 42 8.48 51.55 60.84
C VAL T 42 7.37 50.88 61.64
N TYR T 43 7.67 50.51 62.88
CA TYR T 43 6.72 49.88 63.78
C TYR T 43 5.45 50.71 64.01
N LYS T 44 5.62 51.92 64.53
CA LYS T 44 4.51 52.86 64.71
C LYS T 44 3.62 52.95 63.47
N VAL T 45 4.22 53.03 62.29
CA VAL T 45 3.45 53.04 61.04
C VAL T 45 2.78 51.70 60.78
N LEU T 46 3.45 50.61 61.15
CA LEU T 46 2.86 49.28 61.08
C LEU T 46 1.57 49.23 61.88
N LYS T 47 1.60 49.79 63.09
CA LYS T 47 0.41 49.86 63.93
C LYS T 47 -0.69 50.72 63.30
N GLN T 48 -0.27 51.84 62.70
CA GLN T 48 -1.19 52.69 61.97
C GLN T 48 -1.96 51.98 60.86
N VAL T 49 -1.45 50.85 60.37
CA VAL T 49 -2.07 50.17 59.22
C VAL T 49 -2.58 48.77 59.52
N HIS T 50 -1.86 48.07 60.40
CA HIS T 50 -2.22 46.70 60.77
C HIS T 50 -2.05 46.50 62.27
N PRO T 51 -2.87 47.17 63.10
CA PRO T 51 -2.68 47.24 64.54
C PRO T 51 -2.37 45.89 65.21
N ASP T 52 -3.05 44.84 64.78
CA ASP T 52 -2.85 43.52 65.37
C ASP T 52 -1.91 42.64 64.53
N THR T 53 -0.73 43.17 64.20
CA THR T 53 0.27 42.44 63.41
C THR T 53 1.70 42.82 63.83
N GLY T 54 2.62 41.86 63.73
CA GLY T 54 4.03 42.10 64.12
C GLY T 54 5.06 41.86 63.01
N ILE T 55 6.34 41.96 63.37
CA ILE T 55 7.44 41.89 62.39
C ILE T 55 8.68 41.15 62.92
N SER T 56 9.42 40.51 62.01
CA SER T 56 10.68 39.86 62.37
C SER T 56 11.86 40.79 62.16
N SER T 57 12.97 40.51 62.84
CA SER T 57 14.19 41.29 62.71
C SER T 57 14.66 41.26 61.26
N LYS T 58 14.62 40.06 60.67
CA LYS T 58 15.05 39.88 59.28
C LYS T 58 14.28 40.75 58.29
N ALA T 59 12.97 40.90 58.52
CA ALA T 59 12.13 41.77 57.70
C ALA T 59 12.32 43.23 58.08
N MET T 60 12.72 43.45 59.34
CA MET T 60 12.95 44.79 59.85
C MET T 60 14.16 45.42 59.17
N SER T 61 15.18 44.61 58.95
CA SER T 61 16.34 45.05 58.23
C SER T 61 15.90 45.49 56.83
N ILE T 62 15.13 44.65 56.14
CA ILE T 62 14.63 44.94 54.82
C ILE T 62 13.84 46.24 54.74
N MET T 63 13.06 46.53 55.77
CA MET T 63 12.33 47.78 55.85
C MET T 63 13.28 48.95 56.03
N ASN T 64 14.28 48.76 56.90
CA ASN T 64 15.29 49.79 57.06
C ASN T 64 16.16 50.00 55.80
N SER T 65 16.53 48.91 55.13
CA SER T 65 17.26 49.03 53.88
C SER T 65 16.42 49.82 52.90
N PHE T 66 15.16 49.40 52.77
CA PHE T 66 14.23 50.02 51.85
C PHE T 66 14.18 51.51 52.05
N VAL T 67 14.12 51.93 53.32
CA VAL T 67 14.02 53.35 53.66
C VAL T 67 15.24 54.14 53.20
N ASN T 68 16.43 53.65 53.57
CA ASN T 68 17.68 54.28 53.17
C ASN T 68 17.86 54.35 51.66
N ASP T 69 17.54 53.25 50.95
CA ASP T 69 17.65 53.24 49.50
C ASP T 69 16.77 54.33 48.89
N VAL T 70 15.52 54.39 49.36
CA VAL T 70 14.57 55.33 48.81
C VAL T 70 15.01 56.75 49.13
N PHE T 71 15.48 56.95 50.36
CA PHE T 71 16.03 58.24 50.80
C PHE T 71 17.17 58.72 49.89
N GLU T 72 18.13 57.84 49.57
CA GLU T 72 19.22 58.20 48.66
C GLU T 72 18.69 58.61 47.30
N ARG T 73 17.87 57.74 46.70
CA ARG T 73 17.43 57.94 45.33
C ARG T 73 16.72 59.28 45.17
N ILE T 74 15.90 59.62 46.17
CA ILE T 74 15.14 60.86 46.12
C ILE T 74 16.08 62.04 46.37
N ALA T 75 16.84 61.94 47.45
CA ALA T 75 17.84 62.94 47.79
C ALA T 75 18.80 63.23 46.61
N GLY T 76 19.32 62.16 46.01
CA GLY T 76 20.21 62.22 44.87
C GLY T 76 19.65 62.99 43.71
N GLU T 77 18.45 62.61 43.27
CA GLU T 77 17.72 63.28 42.16
C GLU T 77 17.54 64.76 42.42
N ALA T 78 17.14 65.05 43.65
CA ALA T 78 16.94 66.39 44.11
C ALA T 78 18.22 67.17 43.95
N SER T 79 19.31 66.55 44.43
CA SER T 79 20.64 67.13 44.28
C SER T 79 21.02 67.54 42.85
N ARG T 80 20.75 66.69 41.87
CA ARG T 80 21.08 67.02 40.48
C ARG T 80 20.20 68.15 40.00
N LEU T 81 18.90 68.02 40.28
CA LEU T 81 17.89 69.06 40.02
C LEU T 81 18.38 70.48 40.37
N ALA T 82 18.77 70.67 41.63
CA ALA T 82 19.42 71.91 42.05
C ALA T 82 20.56 72.31 41.10
N HIS T 83 21.59 71.46 41.00
CA HIS T 83 22.72 71.72 40.11
C HIS T 83 22.29 72.13 38.71
N TYR T 84 21.47 71.28 38.09
CA TYR T 84 20.96 71.49 36.75
C TYR T 84 20.42 72.91 36.57
N ASN T 85 19.86 73.44 37.64
CA ASN T 85 19.16 74.71 37.61
C ASN T 85 19.96 75.81 38.29
N LYS T 86 21.28 75.61 38.39
CA LYS T 86 22.20 76.61 38.96
C LYS T 86 21.63 77.25 40.21
N ARG T 87 21.30 76.40 41.19
CA ARG T 87 20.70 76.85 42.44
C ARG T 87 21.22 76.01 43.59
N SER T 88 21.34 76.63 44.76
CA SER T 88 22.06 76.07 45.89
C SER T 88 21.19 75.38 46.93
N THR T 89 19.89 75.38 46.75
CA THR T 89 19.00 74.91 47.81
C THR T 89 18.08 73.80 47.35
N ILE T 90 17.99 72.77 48.20
CA ILE T 90 17.07 71.65 48.03
C ILE T 90 15.83 71.92 48.86
N THR T 91 14.80 72.44 48.20
CA THR T 91 13.53 72.74 48.84
C THR T 91 12.56 71.58 48.69
N SER T 92 11.41 71.69 49.36
CA SER T 92 10.32 70.73 49.23
C SER T 92 9.92 70.55 47.77
N ARG T 93 10.11 71.60 46.96
CA ARG T 93 9.79 71.56 45.53
C ARG T 93 10.75 70.63 44.80
N GLU T 94 12.04 70.86 44.98
CA GLU T 94 13.04 69.93 44.47
C GLU T 94 12.68 68.53 44.89
N ILE T 95 12.48 68.30 46.19
CA ILE T 95 12.10 66.96 46.64
C ILE T 95 10.91 66.47 45.85
N GLN T 96 9.93 67.36 45.67
CA GLN T 96 8.72 66.97 45.01
C GLN T 96 9.03 66.41 43.64
N THR T 97 9.60 67.23 42.77
CA THR T 97 9.81 66.79 41.38
C THR T 97 10.71 65.54 41.30
N ALA T 98 11.70 65.45 42.20
CA ALA T 98 12.49 64.25 42.41
C ALA T 98 11.63 62.99 42.52
N VAL T 99 10.65 63.08 43.41
CA VAL T 99 9.60 62.09 43.61
C VAL T 99 8.86 61.77 42.32
N ARG T 100 8.60 62.79 41.49
CA ARG T 100 7.85 62.54 40.26
C ARG T 100 8.67 61.84 39.20
N LEU T 101 9.98 62.02 39.24
CA LEU T 101 10.88 61.28 38.37
C LEU T 101 11.14 59.90 38.96
N LEU T 102 11.22 59.79 40.27
CA LEU T 102 11.54 58.50 40.85
C LEU T 102 10.42 57.48 40.91
N LEU T 103 9.17 57.94 40.98
CA LEU T 103 8.04 57.05 41.27
C LEU T 103 7.10 56.83 40.09
N PRO T 104 6.52 55.61 40.03
CA PRO T 104 5.51 55.16 39.05
C PRO T 104 4.14 55.83 39.21
N GLY T 105 3.73 56.57 38.16
CA GLY T 105 2.39 57.19 38.06
C GLY T 105 1.52 57.28 39.31
N GLU T 106 1.09 56.12 39.85
CA GLU T 106 0.12 56.12 40.94
C GLU T 106 0.76 56.37 42.28
N LEU T 107 1.92 55.75 42.49
CA LEU T 107 2.61 55.79 43.77
C LEU T 107 3.18 57.19 44.00
N ALA T 108 3.63 57.81 42.91
CA ALA T 108 4.00 59.20 42.85
C ALA T 108 2.85 60.09 43.29
N LYS T 109 1.69 59.82 42.71
CA LYS T 109 0.48 60.63 42.91
C LYS T 109 0.17 60.76 44.39
N HIS T 110 -0.01 59.64 45.06
CA HIS T 110 -0.25 59.65 46.49
C HIS T 110 0.87 60.34 47.26
N ALA T 111 2.11 59.99 46.90
CA ALA T 111 3.31 60.57 47.52
C ALA T 111 3.29 62.10 47.54
N VAL T 112 2.97 62.71 46.39
CA VAL T 112 2.88 64.17 46.31
C VAL T 112 1.82 64.68 47.29
N SER T 113 0.67 64.00 47.33
CA SER T 113 -0.37 64.27 48.33
C SER T 113 0.27 64.38 49.68
N GLU T 114 0.56 63.23 50.28
CA GLU T 114 1.11 63.14 51.63
C GLU T 114 2.23 64.18 51.84
N GLY T 115 3.02 64.37 50.79
CA GLY T 115 4.06 65.38 50.78
C GLY T 115 3.52 66.79 50.95
N THR T 116 2.66 67.21 50.03
CA THR T 116 2.10 68.56 50.09
C THR T 116 1.25 68.78 51.37
N LYS T 117 0.54 67.72 51.78
CA LYS T 117 -0.25 67.72 53.02
C LYS T 117 0.60 68.03 54.25
N ALA T 118 1.48 67.09 54.63
CA ALA T 118 2.29 67.22 55.86
C ALA T 118 3.07 68.54 55.91
N VAL T 119 3.47 69.03 54.74
CA VAL T 119 4.16 70.31 54.63
C VAL T 119 3.24 71.46 55.04
N THR T 120 2.06 71.56 54.41
CA THR T 120 1.10 72.61 54.74
C THR T 120 0.71 72.53 56.21
N LYS T 121 0.44 71.31 56.68
CA LYS T 121 0.11 71.07 58.08
C LYS T 121 1.24 71.49 59.01
N TYR T 122 2.47 71.32 58.53
CA TYR T 122 3.66 71.75 59.27
C TYR T 122 3.69 73.27 59.31
N THR T 123 3.54 73.92 58.17
CA THR T 123 3.56 75.38 58.10
C THR T 123 2.36 76.03 58.83
N SER T 124 1.37 75.21 59.19
CA SER T 124 0.29 75.64 60.08
C SER T 124 0.88 75.92 61.45
N ALA T 125 1.25 74.83 62.14
CA ALA T 125 1.86 74.90 63.47
C ALA T 125 3.22 75.61 63.45
N LYS T 126 3.67 76.01 64.63
CA LYS T 126 4.96 76.72 64.81
C LYS T 126 5.33 76.79 66.29
N HIS U 39 5.22 2.05 42.57
CA HIS U 39 5.32 2.20 41.08
C HIS U 39 6.30 3.31 40.66
N ARG U 40 6.15 3.79 39.43
CA ARG U 40 7.06 4.75 38.83
C ARG U 40 6.32 5.99 38.35
N TYR U 41 6.82 7.16 38.75
CA TYR U 41 6.28 8.44 38.26
C TYR U 41 6.87 8.80 36.91
N ARG U 42 5.98 9.22 36.00
CA ARG U 42 6.37 9.55 34.63
C ARG U 42 7.41 10.67 34.60
N PRO U 43 8.54 10.45 33.88
CA PRO U 43 9.60 11.44 33.68
C PRO U 43 9.09 12.87 33.52
N GLY U 44 9.42 13.72 34.49
CA GLY U 44 9.04 15.13 34.46
C GLY U 44 8.01 15.55 35.48
N THR U 45 7.47 14.59 36.21
CA THR U 45 6.34 14.84 37.07
C THR U 45 6.75 15.19 38.50
N VAL U 46 7.92 14.71 38.90
CA VAL U 46 8.53 15.13 40.15
C VAL U 46 9.21 16.50 39.93
N ALA U 47 9.64 16.74 38.68
CA ALA U 47 10.19 18.03 38.27
C ALA U 47 9.18 19.13 38.57
N LEU U 48 7.97 18.99 38.02
CA LEU U 48 6.89 19.91 38.28
C LEU U 48 6.61 20.03 39.78
N ARG U 49 6.57 18.89 40.48
CA ARG U 49 6.37 18.87 41.92
C ARG U 49 7.46 19.61 42.69
N GLU U 50 8.71 19.44 42.27
CA GLU U 50 9.83 20.15 42.90
C GLU U 50 9.78 21.65 42.65
N ILE U 51 9.46 22.07 41.44
CA ILE U 51 9.31 23.49 41.15
C ILE U 51 8.39 24.11 42.19
N ARG U 52 7.22 23.49 42.37
CA ARG U 52 6.20 23.97 43.31
C ARG U 52 6.78 24.15 44.71
N ARG U 53 7.55 23.16 45.13
CA ARG U 53 8.14 23.11 46.46
C ARG U 53 9.14 24.23 46.74
N TYR U 54 9.94 24.57 45.72
CA TYR U 54 11.02 25.55 45.86
C TYR U 54 10.56 26.98 45.69
N GLN U 55 9.57 27.20 44.84
CA GLN U 55 8.98 28.53 44.67
C GLN U 55 8.14 28.89 45.90
N LYS U 56 7.74 27.87 46.66
CA LYS U 56 7.01 28.07 47.91
C LYS U 56 7.93 28.36 49.09
N SER U 57 9.20 28.01 48.96
CA SER U 57 10.16 28.19 50.04
C SER U 57 11.16 29.30 49.74
N THR U 58 11.81 29.81 50.77
CA THR U 58 12.78 30.90 50.62
C THR U 58 14.15 30.53 51.15
N GLU U 59 14.31 29.27 51.55
CA GLU U 59 15.60 28.79 52.06
C GLU U 59 16.63 28.65 50.93
N LEU U 60 17.89 28.87 51.27
CA LEU U 60 18.99 28.87 50.31
C LEU U 60 19.34 27.47 49.83
N LEU U 61 19.76 27.38 48.58
CA LEU U 61 19.81 26.09 47.89
C LEU U 61 21.21 25.52 47.69
N ILE U 62 22.23 26.36 47.86
CA ILE U 62 23.59 25.87 47.91
C ILE U 62 23.99 25.79 49.36
N ARG U 63 24.41 24.61 49.81
CA ARG U 63 24.87 24.44 51.19
C ARG U 63 26.07 25.36 51.47
N LYS U 64 26.06 25.98 52.64
CA LYS U 64 26.88 27.14 52.95
C LYS U 64 28.39 26.95 52.79
N LEU U 65 28.90 25.79 53.20
CA LEU U 65 30.34 25.62 53.34
C LEU U 65 31.11 25.46 52.02
N PRO U 66 30.60 24.64 51.08
CA PRO U 66 31.22 24.63 49.75
C PRO U 66 31.26 26.05 49.20
N PHE U 67 30.10 26.70 49.24
CA PHE U 67 29.96 28.08 48.79
C PHE U 67 30.95 28.98 49.51
N GLN U 68 30.99 28.86 50.82
CA GLN U 68 31.90 29.67 51.62
C GLN U 68 33.33 29.44 51.18
N ARG U 69 33.70 28.19 50.92
CA ARG U 69 35.04 27.89 50.48
C ARG U 69 35.31 28.43 49.09
N LEU U 70 34.28 28.45 48.25
CA LEU U 70 34.42 29.05 46.93
C LEU U 70 34.69 30.55 47.04
N VAL U 71 34.04 31.19 48.01
CA VAL U 71 34.15 32.64 48.20
C VAL U 71 35.56 33.05 48.60
N ARG U 72 36.10 32.36 49.61
CA ARG U 72 37.44 32.62 50.13
C ARG U 72 38.51 32.41 49.07
N GLU U 73 38.39 31.33 48.30
CA GLU U 73 39.27 31.05 47.18
C GLU U 73 39.34 32.25 46.23
N ILE U 74 38.18 32.71 45.77
CA ILE U 74 38.10 33.77 44.76
C ILE U 74 38.69 35.09 45.24
N ALA U 75 38.49 35.38 46.53
CA ALA U 75 38.97 36.62 47.14
C ALA U 75 40.48 36.61 47.37
N GLN U 76 41.00 35.44 47.77
CA GLN U 76 42.44 35.24 47.94
C GLN U 76 43.19 35.71 46.69
N ASP U 77 42.63 35.45 45.52
CA ASP U 77 43.18 35.89 44.25
C ASP U 77 43.25 37.42 44.12
N PHE U 78 42.53 38.14 44.97
CA PHE U 78 42.54 39.60 44.92
C PHE U 78 43.35 40.18 46.07
N LYS U 79 43.30 39.52 47.22
CA LYS U 79 44.10 39.93 48.37
C LYS U 79 44.29 38.81 49.39
N THR U 80 45.50 38.75 49.94
CA THR U 80 45.91 37.67 50.84
C THR U 80 45.59 37.98 52.30
N ASP U 81 45.51 36.93 53.11
CA ASP U 81 45.33 37.05 54.57
C ASP U 81 44.10 37.92 54.85
N LEU U 82 42.93 37.44 54.43
CA LEU U 82 41.68 38.17 54.54
C LEU U 82 40.68 37.45 55.42
N ARG U 83 39.81 38.22 56.07
CA ARG U 83 38.74 37.66 56.90
C ARG U 83 37.37 38.12 56.40
N PHE U 84 36.37 37.28 56.54
CA PHE U 84 35.02 37.62 56.12
C PHE U 84 34.08 37.64 57.29
N GLN U 85 33.22 38.65 57.35
CA GLN U 85 32.08 38.62 58.28
C GLN U 85 31.08 37.59 57.79
N SER U 86 30.55 36.78 58.71
CA SER U 86 29.58 35.74 58.37
C SER U 86 28.36 36.31 57.66
N SER U 87 28.00 37.55 58.00
CA SER U 87 26.97 38.28 57.28
C SER U 87 27.45 38.68 55.89
N ALA U 88 28.75 38.87 55.74
CA ALA U 88 29.31 39.25 54.44
C ALA U 88 29.21 38.10 53.48
N VAL U 89 29.30 36.87 54.00
CA VAL U 89 29.20 35.67 53.19
C VAL U 89 27.73 35.40 52.82
N MET U 90 26.83 35.54 53.81
CA MET U 90 25.39 35.40 53.56
C MET U 90 24.95 36.37 52.48
N ALA U 91 25.32 37.65 52.63
CA ALA U 91 25.00 38.70 51.66
C ALA U 91 25.35 38.26 50.24
N LEU U 92 26.61 37.87 50.05
CA LEU U 92 27.05 37.30 48.79
C LEU U 92 26.16 36.14 48.37
N GLN U 93 25.91 35.20 49.29
CA GLN U 93 25.11 34.02 48.95
C GLN U 93 23.73 34.37 48.42
N GLU U 94 23.03 35.23 49.16
CA GLU U 94 21.70 35.68 48.74
C GLU U 94 21.78 36.32 47.35
N ALA U 95 22.68 37.29 47.22
CA ALA U 95 22.84 38.06 45.98
C ALA U 95 23.06 37.15 44.78
N SER U 96 23.85 36.09 45.00
CA SER U 96 24.26 35.17 43.95
C SER U 96 23.14 34.23 43.55
N GLU U 97 22.54 33.58 44.53
CA GLU U 97 21.43 32.70 44.25
C GLU U 97 20.30 33.47 43.55
N ALA U 98 19.73 34.45 44.24
CA ALA U 98 18.69 35.30 43.66
C ALA U 98 18.98 35.60 42.19
N TYR U 99 20.24 35.92 41.90
CA TYR U 99 20.73 36.24 40.54
C TYR U 99 20.62 35.08 39.57
N LEU U 100 20.96 33.89 40.09
CA LEU U 100 21.05 32.69 39.26
C LEU U 100 19.66 32.22 38.92
N VAL U 101 18.74 32.47 39.83
CA VAL U 101 17.35 32.04 39.72
C VAL U 101 16.69 32.89 38.64
N ALA U 102 16.70 34.19 38.88
CA ALA U 102 16.42 35.16 37.85
C ALA U 102 16.98 34.67 36.52
N LEU U 103 18.29 34.37 36.49
CA LEU U 103 18.93 33.89 35.26
C LEU U 103 18.30 32.64 34.63
N PHE U 104 17.99 31.64 35.45
CA PHE U 104 17.35 30.46 34.93
C PHE U 104 15.97 30.81 34.34
N GLU U 105 15.19 31.59 35.07
CA GLU U 105 13.95 32.17 34.57
C GLU U 105 14.15 32.61 33.13
N ASP U 106 15.07 33.55 32.90
CA ASP U 106 15.23 34.12 31.57
C ASP U 106 15.81 33.08 30.62
N THR U 107 16.63 32.18 31.15
CA THR U 107 17.21 31.12 30.35
C THR U 107 16.05 30.31 29.80
N ASN U 108 15.27 29.78 30.74
CA ASN U 108 14.09 28.98 30.47
C ASN U 108 13.15 29.55 29.41
N LEU U 109 13.03 30.87 29.36
CA LEU U 109 12.20 31.50 28.33
C LEU U 109 12.81 31.31 26.95
N CYS U 110 14.13 31.40 26.87
CA CYS U 110 14.82 31.18 25.61
C CYS U 110 14.64 29.74 25.11
N ALA U 111 14.80 28.79 26.03
CA ALA U 111 14.54 27.38 25.74
C ALA U 111 13.18 27.31 25.08
N ILE U 112 12.18 27.81 25.80
CA ILE U 112 10.81 27.86 25.30
C ILE U 112 10.69 28.60 23.96
N HIS U 113 11.43 29.69 23.79
CA HIS U 113 11.37 30.43 22.54
C HIS U 113 11.76 29.55 21.34
N ALA U 114 12.61 28.56 21.62
CA ALA U 114 13.14 27.64 20.61
C ALA U 114 12.32 26.34 20.54
N LYS U 115 11.05 26.43 20.93
CA LYS U 115 10.13 25.29 20.95
C LYS U 115 10.67 24.10 21.75
N ARG U 116 11.69 24.37 22.58
CA ARG U 116 12.30 23.37 23.44
C ARG U 116 11.69 23.36 24.86
N VAL U 117 12.13 22.44 25.70
CA VAL U 117 11.64 22.33 27.08
C VAL U 117 12.81 22.07 28.03
N THR U 118 13.97 21.86 27.42
CA THR U 118 15.22 21.66 28.13
C THR U 118 16.07 22.90 27.96
N ILE U 119 16.55 23.47 29.06
CA ILE U 119 17.51 24.56 28.96
C ILE U 119 18.89 24.05 28.58
N MET U 120 19.62 24.85 27.81
CA MET U 120 20.90 24.44 27.26
C MET U 120 21.84 25.63 27.32
N PRO U 121 23.16 25.37 27.36
CA PRO U 121 24.08 26.50 27.50
C PRO U 121 23.85 27.59 26.47
N LYS U 122 23.35 27.24 25.29
CA LYS U 122 23.15 28.23 24.22
C LYS U 122 22.08 29.26 24.59
N ASP U 123 21.23 28.89 25.54
CA ASP U 123 20.16 29.75 26.04
C ASP U 123 20.75 30.81 26.97
N ILE U 124 21.37 30.34 28.04
CA ILE U 124 22.15 31.17 28.96
C ILE U 124 22.97 32.23 28.23
N GLN U 125 23.71 31.80 27.21
CA GLN U 125 24.55 32.71 26.41
C GLN U 125 23.69 33.80 25.76
N LEU U 126 22.54 33.42 25.20
CA LEU U 126 21.60 34.38 24.64
C LEU U 126 20.98 35.29 25.71
N ALA U 127 20.64 34.71 26.87
CA ALA U 127 20.03 35.47 27.93
C ALA U 127 20.99 36.56 28.34
N ARG U 128 22.17 36.15 28.79
CA ARG U 128 23.23 37.05 29.21
C ARG U 128 23.62 38.04 28.12
N ARG U 129 23.71 37.57 26.88
CA ARG U 129 24.06 38.45 25.77
C ARG U 129 23.09 39.62 25.76
N ILE U 130 21.80 39.33 25.86
CA ILE U 130 20.77 40.36 25.73
C ILE U 130 20.67 41.25 26.96
N ARG U 131 20.88 40.64 28.13
CA ARG U 131 21.07 41.41 29.36
C ARG U 131 22.20 42.41 29.21
N GLY U 132 23.16 42.08 28.35
CA GLY U 132 24.38 42.89 28.20
C GLY U 132 25.38 42.56 29.30
N GLU U 133 25.31 41.35 29.84
CA GLU U 133 26.27 40.90 30.84
C GLU U 133 27.53 40.46 30.10
N ARG U 134 27.42 39.31 29.45
CA ARG U 134 28.38 38.87 28.46
C ARG U 134 28.33 39.82 27.22
N ALA U 135 29.40 39.77 26.43
CA ALA U 135 29.56 40.58 25.22
C ALA U 135 28.54 40.21 24.14
N ASN V 25 36.83 22.69 44.66
CA ASN V 25 36.30 24.02 45.11
C ASN V 25 35.07 24.51 44.33
N ILE V 26 35.28 24.95 43.10
CA ILE V 26 34.17 25.36 42.23
C ILE V 26 33.23 24.17 42.09
N GLN V 27 33.79 23.00 41.77
CA GLN V 27 33.01 21.77 41.65
C GLN V 27 32.30 21.45 42.96
N GLY V 28 32.56 22.25 44.00
CA GLY V 28 31.82 22.19 45.26
C GLY V 28 30.38 22.67 45.11
N ILE V 29 30.13 23.45 44.05
CA ILE V 29 28.79 23.83 43.64
C ILE V 29 28.18 22.60 42.98
N THR V 30 27.48 21.80 43.79
CA THR V 30 27.02 20.48 43.37
C THR V 30 25.92 20.53 42.31
N LYS V 31 25.90 19.52 41.44
CA LYS V 31 24.83 19.30 40.47
C LYS V 31 23.43 19.45 41.11
N PRO V 32 23.15 18.73 42.21
CA PRO V 32 21.83 18.89 42.83
C PRO V 32 21.51 20.30 43.28
N ALA V 33 22.51 21.01 43.81
CA ALA V 33 22.32 22.40 44.24
C ALA V 33 21.91 23.28 43.04
N ILE V 34 22.66 23.14 41.95
CA ILE V 34 22.37 23.82 40.69
C ILE V 34 20.98 23.42 40.18
N ARG V 35 20.57 22.19 40.46
CA ARG V 35 19.29 21.69 40.02
C ARG V 35 18.17 22.42 40.77
N ARG V 36 18.33 22.55 42.08
CA ARG V 36 17.35 23.23 42.93
C ARG V 36 17.14 24.67 42.49
N LEU V 37 18.24 25.37 42.20
CA LEU V 37 18.19 26.77 41.79
C LEU V 37 17.40 26.91 40.49
N ALA V 38 17.61 25.97 39.58
CA ALA V 38 16.87 25.99 38.33
C ALA V 38 15.38 25.66 38.56
N ARG V 39 15.09 24.84 39.57
CA ARG V 39 13.69 24.51 39.90
C ARG V 39 12.96 25.74 40.40
N ARG V 40 13.52 26.39 41.42
CA ARG V 40 13.06 27.70 41.89
C ARG V 40 13.06 28.69 40.74
N GLY V 41 13.87 28.38 39.72
CA GLY V 41 13.97 29.19 38.51
C GLY V 41 12.82 28.98 37.54
N GLY V 42 12.09 27.88 37.71
CA GLY V 42 10.95 27.57 36.85
C GLY V 42 11.27 26.57 35.75
N VAL V 43 12.48 26.02 35.81
CA VAL V 43 13.01 25.13 34.78
C VAL V 43 12.61 23.66 35.01
N LYS V 44 12.15 22.99 33.96
CA LYS V 44 11.71 21.60 34.08
C LYS V 44 12.79 20.58 33.72
N ARG V 45 13.48 20.82 32.61
CA ARG V 45 14.45 19.85 32.08
C ARG V 45 15.83 20.47 31.86
N ILE V 46 16.88 19.79 32.33
CA ILE V 46 18.24 20.34 32.32
C ILE V 46 19.28 19.47 31.58
N SER V 47 19.87 20.04 30.53
CA SER V 47 21.02 19.46 29.82
C SER V 47 22.23 19.27 30.74
N GLY V 48 23.10 18.32 30.39
CA GLY V 48 24.29 18.04 31.19
C GLY V 48 25.31 19.17 31.21
N LEU V 49 25.45 19.83 30.08
CA LEU V 49 26.48 20.86 29.89
C LEU V 49 26.19 22.16 30.66
N ILE V 50 24.92 22.35 30.99
CA ILE V 50 24.45 23.46 31.81
C ILE V 50 25.27 23.61 33.10
N TYR V 51 25.40 22.52 33.85
CA TYR V 51 26.02 22.54 35.18
C TYR V 51 27.34 23.28 35.20
N GLU V 52 28.24 22.88 34.30
CA GLU V 52 29.53 23.54 34.13
C GLU V 52 29.33 24.99 33.69
N GLU V 53 28.45 25.23 32.74
CA GLU V 53 28.17 26.58 32.28
C GLU V 53 27.76 27.49 33.44
N THR V 54 26.81 27.02 34.24
CA THR V 54 26.40 27.66 35.47
C THR V 54 27.60 28.09 36.31
N ARG V 55 28.59 27.21 36.40
CA ARG V 55 29.76 27.43 37.25
C ARG V 55 30.60 28.60 36.78
N GLY V 56 30.93 28.63 35.50
CA GLY V 56 31.64 29.78 34.95
C GLY V 56 30.88 31.08 35.23
N VAL V 57 29.57 31.02 34.95
CA VAL V 57 28.65 32.10 35.21
C VAL V 57 28.70 32.61 36.65
N LEU V 58 28.57 31.67 37.59
CA LEU V 58 28.56 32.02 39.00
C LEU V 58 29.89 32.61 39.39
N LYS V 59 30.96 32.02 38.84
CA LYS V 59 32.32 32.44 39.13
C LYS V 59 32.50 33.91 38.73
N VAL V 60 32.21 34.20 37.46
CA VAL V 60 32.28 35.57 36.91
C VAL V 60 31.56 36.52 37.84
N PHE V 61 30.36 36.12 38.25
CA PHE V 61 29.54 36.90 39.13
C PHE V 61 30.26 37.28 40.42
N LEU V 62 30.60 36.27 41.22
CA LEU V 62 31.34 36.51 42.46
C LEU V 62 32.60 37.34 42.24
N GLU V 63 33.40 36.95 41.25
CA GLU V 63 34.62 37.68 40.99
C GLU V 63 34.31 39.17 40.97
N ASN V 64 33.47 39.60 40.02
CA ASN V 64 33.21 41.04 39.86
C ASN V 64 32.75 41.69 41.17
N VAL V 65 31.87 40.99 41.89
CA VAL V 65 31.30 41.51 43.12
C VAL V 65 32.34 41.55 44.22
N ILE V 66 33.14 40.48 44.31
CA ILE V 66 34.20 40.42 45.30
C ILE V 66 35.39 41.34 44.96
N ARG V 67 35.67 41.52 43.68
CA ARG V 67 36.69 42.48 43.27
C ARG V 67 36.34 43.87 43.80
N ASP V 68 35.11 44.30 43.52
CA ASP V 68 34.60 45.59 44.00
C ASP V 68 34.55 45.62 45.54
N ALA V 69 34.06 44.53 46.13
CA ALA V 69 34.00 44.42 47.58
C ALA V 69 35.38 44.68 48.18
N VAL V 70 36.34 43.84 47.79
CA VAL V 70 37.66 43.92 48.35
C VAL V 70 38.20 45.34 48.19
N THR V 71 38.12 45.90 46.99
CA THR V 71 38.51 47.29 46.76
C THR V 71 38.01 48.22 47.85
N TYR V 72 36.78 47.99 48.34
CA TYR V 72 36.25 48.79 49.44
C TYR V 72 37.05 48.49 50.70
N THR V 73 37.27 47.21 51.00
CA THR V 73 38.08 46.81 52.16
C THR V 73 39.50 47.36 52.06
N GLU V 74 40.16 47.15 50.92
CA GLU V 74 41.50 47.72 50.70
C GLU V 74 41.51 49.22 50.98
N HIS V 75 40.41 49.91 50.65
CA HIS V 75 40.36 51.35 50.85
C HIS V 75 39.98 51.73 52.28
N ALA V 76 39.38 50.78 52.99
CA ALA V 76 39.01 50.98 54.38
C ALA V 76 40.13 50.53 55.28
N LYS V 77 41.24 50.11 54.67
CA LYS V 77 42.41 49.60 55.38
C LYS V 77 42.02 48.55 56.41
N ARG V 78 41.33 47.51 55.96
CA ARG V 78 40.93 46.47 56.86
C ARG V 78 41.34 45.10 56.32
N LYS V 79 41.62 44.16 57.21
CA LYS V 79 41.91 42.80 56.81
C LYS V 79 40.63 41.96 56.88
N THR V 80 39.51 42.62 57.18
CA THR V 80 38.22 41.94 57.25
C THR V 80 37.13 42.58 56.38
N VAL V 81 36.91 41.97 55.21
CA VAL V 81 35.78 42.30 54.34
C VAL V 81 34.47 42.23 55.13
N THR V 82 33.75 43.35 55.12
CA THR V 82 32.50 43.49 55.88
C THR V 82 31.31 43.16 55.01
N ALA V 83 30.11 43.21 55.57
CA ALA V 83 28.89 43.08 54.78
C ALA V 83 28.67 44.35 53.94
N MET V 84 29.02 45.48 54.51
CA MET V 84 28.81 46.76 53.86
C MET V 84 29.64 46.95 52.59
N ASP V 85 30.82 46.33 52.56
CA ASP V 85 31.64 46.32 51.35
C ASP V 85 30.91 45.54 50.29
N VAL V 86 30.45 44.33 50.63
CA VAL V 86 29.61 43.54 49.76
C VAL V 86 28.43 44.39 49.28
N VAL V 87 27.58 44.81 50.21
CA VAL V 87 26.41 45.63 49.89
C VAL V 87 26.77 46.79 48.96
N TYR V 88 27.87 47.49 49.25
CA TYR V 88 28.25 48.60 48.38
C TYR V 88 28.60 48.11 46.99
N ALA V 89 29.10 46.89 46.92
CA ALA V 89 29.55 46.35 45.66
C ALA V 89 28.35 46.05 44.79
N LEU V 90 27.38 45.34 45.36
CA LEU V 90 26.15 44.99 44.69
C LEU V 90 25.44 46.24 44.18
N LYS V 91 25.46 47.32 44.96
CA LYS V 91 24.90 48.59 44.50
C LYS V 91 25.62 49.05 43.24
N ARG V 92 26.92 49.33 43.35
CA ARG V 92 27.79 49.57 42.20
C ARG V 92 27.36 48.80 40.96
N GLN V 93 27.09 47.51 41.13
CA GLN V 93 26.80 46.61 40.02
C GLN V 93 25.31 46.53 39.65
N GLY V 94 24.47 47.32 40.32
CA GLY V 94 23.06 47.32 40.01
C GLY V 94 22.36 46.03 40.39
N ARG V 95 22.82 45.42 41.49
CA ARG V 95 22.19 44.22 42.03
C ARG V 95 21.95 44.40 43.52
N THR V 96 21.43 45.59 43.86
CA THR V 96 21.14 46.01 45.25
C THR V 96 20.50 44.94 46.08
N LEU V 97 20.98 44.78 47.31
CA LEU V 97 20.45 43.79 48.24
C LEU V 97 20.02 44.43 49.57
N TYR V 98 18.88 43.97 50.07
CA TYR V 98 18.28 44.49 51.29
C TYR V 98 18.43 43.48 52.41
N GLY V 99 18.80 43.97 53.59
CA GLY V 99 18.80 43.11 54.76
C GLY V 99 20.16 42.87 55.37
N PHE V 100 21.12 43.74 55.06
CA PHE V 100 22.44 43.65 55.63
C PHE V 100 22.98 45.04 55.94
N GLY V 101 22.07 45.92 56.33
CA GLY V 101 22.41 47.31 56.60
C GLY V 101 22.36 48.11 55.31
N GLY V 102 21.18 48.28 54.73
CA GLY V 102 21.01 49.14 53.55
C GLY V 102 21.49 50.54 53.86
N ALA W 15 56.98 77.78 36.85
CA ALA W 15 55.62 77.93 36.24
C ALA W 15 54.55 78.29 37.28
N LYS W 16 53.53 79.03 36.83
CA LYS W 16 52.42 79.44 37.70
C LYS W 16 51.27 78.41 37.67
N THR W 17 50.79 78.11 36.46
CA THR W 17 49.75 77.10 36.25
C THR W 17 50.03 75.78 36.97
N ARG W 18 49.12 75.39 37.87
CA ARG W 18 49.20 74.10 38.58
C ARG W 18 49.26 72.95 37.60
N SER W 19 48.77 73.21 36.39
CA SER W 19 48.84 72.25 35.30
C SER W 19 50.28 71.98 34.97
N SER W 20 51.06 73.05 34.88
CA SER W 20 52.48 72.92 34.55
C SER W 20 53.25 72.23 35.66
N ARG W 21 53.02 72.64 36.91
CA ARG W 21 53.58 71.93 38.05
C ARG W 21 53.36 70.42 37.98
N ALA W 22 52.29 70.01 37.32
CA ALA W 22 51.97 68.60 37.21
C ALA W 22 52.32 68.07 35.84
N GLY W 23 52.77 68.96 34.97
CA GLY W 23 53.10 68.62 33.59
C GLY W 23 51.90 67.96 32.95
N LEU W 24 50.82 68.72 32.91
CA LEU W 24 49.54 68.27 32.36
C LEU W 24 48.96 69.28 31.42
N GLN W 25 48.20 68.77 30.45
CA GLN W 25 47.44 69.60 29.53
C GLN W 25 46.11 70.09 30.11
N PHE W 26 45.57 69.36 31.08
CA PHE W 26 44.25 69.65 31.61
C PHE W 26 44.29 70.71 32.70
N PRO W 27 43.24 71.59 32.76
CA PRO W 27 43.25 72.68 33.72
C PRO W 27 42.89 72.22 35.14
N VAL W 28 43.91 72.05 35.97
CA VAL W 28 43.78 71.56 37.34
C VAL W 28 43.03 72.56 38.23
N GLY W 29 43.02 73.83 37.82
CA GLY W 29 42.24 74.85 38.52
C GLY W 29 40.75 74.64 38.31
N ARG W 30 40.39 74.34 37.05
CA ARG W 30 39.00 74.04 36.70
C ARG W 30 38.54 72.78 37.47
N VAL W 31 39.24 71.67 37.28
CA VAL W 31 38.89 70.44 37.97
C VAL W 31 38.77 70.67 39.48
N HIS W 32 39.39 71.74 39.97
CA HIS W 32 39.37 72.01 41.40
C HIS W 32 38.09 72.74 41.80
N ARG W 33 37.75 73.77 41.04
CA ARG W 33 36.53 74.51 41.26
C ARG W 33 35.35 73.55 41.17
N LEU W 34 35.27 72.79 40.07
CA LEU W 34 34.18 71.86 39.85
C LEU W 34 33.98 70.92 41.04
N LEU W 35 35.04 70.27 41.51
CA LEU W 35 34.87 69.35 42.64
C LEU W 35 34.25 70.00 43.88
N ARG W 36 34.42 71.31 44.03
CA ARG W 36 33.83 72.02 45.17
C ARG W 36 32.40 72.49 44.90
N LYS W 37 32.19 73.18 43.79
CA LYS W 37 30.85 73.54 43.34
C LYS W 37 30.10 72.30 42.84
N GLY W 38 30.15 71.21 43.62
CA GLY W 38 29.61 69.95 43.17
C GLY W 38 29.20 69.03 44.31
N ASN W 39 29.45 69.48 45.53
CA ASN W 39 28.86 68.81 46.68
C ASN W 39 29.16 67.32 46.64
N TYR W 40 30.45 66.99 46.63
CA TYR W 40 30.90 65.59 46.69
C TYR W 40 31.41 65.36 48.10
N ALA W 41 31.95 66.42 48.68
CA ALA W 41 32.32 66.44 50.10
C ALA W 41 32.57 67.86 50.58
N GLU W 42 32.52 68.01 51.89
CA GLU W 42 32.87 69.27 52.54
C GLU W 42 34.13 69.81 51.88
N ARG W 43 35.20 69.06 52.05
CA ARG W 43 36.53 69.52 51.72
C ARG W 43 37.14 68.65 50.63
N VAL W 44 38.00 69.26 49.82
CA VAL W 44 38.73 68.57 48.77
C VAL W 44 40.22 68.64 49.04
N GLY W 45 40.91 67.50 48.92
CA GLY W 45 42.37 67.48 48.95
C GLY W 45 42.95 68.29 47.81
N ALA W 46 44.28 68.32 47.70
CA ALA W 46 44.91 69.08 46.61
C ALA W 46 45.51 68.18 45.58
N GLY W 47 45.61 66.89 45.90
CA GLY W 47 46.13 65.90 44.95
C GLY W 47 45.04 65.29 44.09
N ALA W 48 43.83 65.27 44.65
CA ALA W 48 42.64 64.77 43.98
C ALA W 48 42.31 65.49 42.64
N PRO W 49 42.29 66.84 42.61
CA PRO W 49 42.13 67.49 41.30
C PRO W 49 43.18 67.03 40.33
N VAL W 50 44.44 67.08 40.77
CA VAL W 50 45.63 66.73 39.96
C VAL W 50 45.46 65.36 39.36
N TYR W 51 45.27 64.38 40.24
CA TYR W 51 45.05 63.01 39.84
C TYR W 51 43.93 62.93 38.81
N LEU W 52 42.73 63.38 39.21
CA LEU W 52 41.59 63.41 38.30
C LEU W 52 41.89 64.16 36.98
N ALA W 53 42.51 65.33 37.05
CA ALA W 53 42.75 66.10 35.82
C ALA W 53 43.62 65.31 34.84
N ALA W 54 44.48 64.48 35.42
CA ALA W 54 45.39 63.61 34.69
C ALA W 54 44.69 62.41 34.07
N VAL W 55 43.89 61.73 34.89
CA VAL W 55 43.08 60.60 34.42
C VAL W 55 42.13 61.04 33.32
N LEU W 56 41.53 62.20 33.46
CA LEU W 56 40.76 62.74 32.36
C LEU W 56 41.58 62.76 31.07
N GLU W 57 42.80 63.30 31.16
CA GLU W 57 43.80 63.37 30.05
C GLU W 57 44.22 62.02 29.46
N TYR W 58 44.52 61.07 30.34
CA TYR W 58 44.89 59.76 29.85
C TYR W 58 43.81 59.31 28.87
N LEU W 59 42.55 59.31 29.34
CA LEU W 59 41.40 58.86 28.54
C LEU W 59 41.11 59.67 27.27
N THR W 60 41.11 61.01 27.36
CA THR W 60 40.88 61.74 26.12
C THR W 60 41.95 61.39 25.10
N ALA W 61 43.19 61.24 25.59
CA ALA W 61 44.32 60.78 24.77
C ALA W 61 44.13 59.38 24.22
N GLU W 62 43.96 58.42 25.12
CA GLU W 62 43.64 57.05 24.75
C GLU W 62 42.57 56.99 23.65
N ILE W 63 41.55 57.85 23.71
CA ILE W 63 40.46 57.78 22.71
C ILE W 63 40.83 58.51 21.45
N LEU W 64 41.22 59.77 21.56
CA LEU W 64 41.68 60.53 20.41
C LEU W 64 42.68 59.74 19.55
N GLU W 65 43.56 58.96 20.19
CA GLU W 65 44.53 58.11 19.51
C GLU W 65 43.82 57.21 18.53
N LEU W 66 42.93 56.36 19.05
CA LEU W 66 42.16 55.41 18.22
C LEU W 66 41.17 56.04 17.22
N ALA W 67 40.71 57.24 17.53
CA ALA W 67 39.81 57.95 16.64
C ALA W 67 40.56 58.39 15.39
N GLY W 68 41.67 59.10 15.61
CA GLY W 68 42.62 59.49 14.55
C GLY W 68 43.03 58.37 13.60
N ASN W 69 43.24 57.20 14.18
CA ASN W 69 43.55 56.05 13.35
C ASN W 69 42.35 55.70 12.51
N ALA W 70 41.17 55.85 13.11
CA ALA W 70 39.93 55.56 12.43
C ALA W 70 39.74 56.60 11.34
N ALA W 71 40.09 57.84 11.65
CA ALA W 71 39.95 58.92 10.69
C ALA W 71 40.86 58.64 9.51
N ARG W 72 42.09 58.18 9.82
CA ARG W 72 43.15 57.91 8.84
C ARG W 72 42.72 56.88 7.80
N ASP W 73 42.27 55.71 8.25
CA ASP W 73 41.81 54.67 7.35
C ASP W 73 40.69 55.20 6.46
N ASN W 74 39.81 56.03 7.02
CA ASN W 74 38.76 56.63 6.21
C ASN W 74 39.27 57.87 5.44
N LYS W 75 40.58 57.89 5.18
CA LYS W 75 41.27 58.97 4.45
C LYS W 75 40.90 60.39 4.86
N LYS W 76 40.81 60.64 6.16
CA LYS W 76 40.33 61.96 6.57
C LYS W 76 41.20 62.66 7.59
N THR W 77 41.31 63.96 7.36
CA THR W 77 42.01 64.96 8.16
C THR W 77 41.31 65.23 9.49
N ARG W 78 40.00 65.04 9.53
CA ARG W 78 39.21 65.57 10.62
C ARG W 78 38.35 64.51 11.27
N ILE W 79 38.54 64.34 12.58
CA ILE W 79 37.78 63.37 13.40
C ILE W 79 36.29 63.76 13.57
N ILE W 80 35.41 63.00 12.93
CA ILE W 80 33.96 63.13 13.05
C ILE W 80 33.40 61.93 13.86
N PRO W 81 32.21 62.07 14.50
CA PRO W 81 31.81 61.05 15.49
C PRO W 81 31.83 59.58 15.03
N ARG W 82 31.55 59.29 13.75
CA ARG W 82 31.74 57.91 13.29
C ARG W 82 33.12 57.47 13.77
N HIS W 83 34.12 58.32 13.55
CA HIS W 83 35.48 58.02 13.96
C HIS W 83 35.58 57.77 15.45
N LEU W 84 34.80 58.48 16.27
CA LEU W 84 34.86 58.17 17.70
C LEU W 84 34.17 56.82 17.95
N GLN W 85 33.08 56.58 17.23
CA GLN W 85 32.28 55.40 17.42
C GLN W 85 33.07 54.14 17.08
N LEU W 86 33.52 54.04 15.83
CA LEU W 86 34.52 53.03 15.41
C LEU W 86 35.63 52.81 16.44
N ALA W 87 36.25 53.91 16.89
CA ALA W 87 37.21 53.84 17.95
C ALA W 87 36.64 53.06 19.15
N VAL W 88 35.62 53.60 19.80
CA VAL W 88 35.04 53.05 21.01
C VAL W 88 34.59 51.58 20.96
N ARG W 89 33.89 51.17 19.93
CA ARG W 89 33.30 49.83 19.93
C ARG W 89 34.28 48.80 19.41
N ASN W 90 35.36 49.27 18.80
CA ASN W 90 36.45 48.35 18.45
C ASN W 90 37.38 48.01 19.62
N ASP W 91 37.49 48.90 20.60
CA ASP W 91 38.26 48.63 21.79
C ASP W 91 37.50 47.91 22.92
N GLU W 92 37.64 46.60 23.03
CA GLU W 92 36.99 45.85 24.11
C GLU W 92 36.74 46.75 25.30
N GLU W 93 37.80 47.31 25.87
CA GLU W 93 37.74 48.06 27.13
C GLU W 93 37.04 49.44 27.14
N LEU W 94 37.37 50.30 26.18
CA LEU W 94 36.70 51.61 26.06
C LEU W 94 35.22 51.37 25.86
N ASN W 95 34.92 50.42 24.97
CA ASN W 95 33.56 49.99 24.68
C ASN W 95 32.74 49.61 25.90
N LYS W 96 33.38 49.23 26.99
CA LYS W 96 32.69 48.77 28.19
C LYS W 96 32.50 49.96 29.11
N LEU W 97 33.54 50.75 29.27
CA LEU W 97 33.37 52.07 29.90
C LEU W 97 32.14 52.83 29.34
N LEU W 98 31.95 52.78 28.03
CA LEU W 98 30.81 53.46 27.39
C LEU W 98 29.81 52.45 26.84
N GLY W 99 29.57 51.40 27.62
CA GLY W 99 28.68 50.35 27.21
C GLY W 99 27.22 50.76 27.29
N ARG W 100 26.90 51.76 28.09
CA ARG W 100 25.55 52.34 28.09
C ARG W 100 25.53 53.77 27.54
N VAL W 101 26.21 54.04 26.41
CA VAL W 101 26.28 55.44 25.96
C VAL W 101 26.08 55.60 24.45
N THR W 102 25.51 56.71 24.07
CA THR W 102 25.20 56.84 22.68
C THR W 102 25.92 57.99 22.14
N ILE W 103 26.50 57.79 20.98
CA ILE W 103 27.18 58.89 20.33
C ILE W 103 26.36 59.40 19.18
N ALA W 104 25.80 60.58 19.36
CA ALA W 104 25.20 61.30 18.19
C ALA W 104 25.98 61.05 16.87
N GLN W 105 25.33 60.57 15.82
CA GLN W 105 26.00 60.34 14.54
C GLN W 105 27.06 59.20 14.48
N GLY W 106 27.29 58.52 15.60
CA GLY W 106 27.98 57.24 15.61
C GLY W 106 27.67 56.25 14.50
N GLY W 107 26.44 55.79 14.36
CA GLY W 107 26.18 54.68 13.43
C GLY W 107 26.50 53.41 14.21
N VAL W 108 26.50 52.25 13.55
CA VAL W 108 26.92 51.00 14.21
C VAL W 108 28.10 50.29 13.52
N LEU W 109 28.69 49.27 14.18
CA LEU W 109 29.76 48.48 13.53
C LEU W 109 29.23 47.54 12.48
N PRO W 110 29.90 47.48 11.29
CA PRO W 110 29.48 46.53 10.26
C PRO W 110 29.71 45.12 10.75
N ASN W 111 28.61 44.44 11.00
CA ASN W 111 28.58 43.05 11.46
C ASN W 111 27.26 42.46 10.96
N ILE W 112 27.36 41.45 10.10
CA ILE W 112 26.22 40.73 9.52
C ILE W 112 26.30 39.29 9.96
N GLN W 113 25.21 38.78 10.52
CA GLN W 113 25.19 37.43 11.08
C GLN W 113 25.40 36.40 9.99
N SER W 114 26.01 35.28 10.38
CA SER W 114 26.37 34.18 9.48
C SER W 114 25.19 33.67 8.67
N VAL W 115 24.20 33.15 9.39
CA VAL W 115 23.04 32.48 8.82
C VAL W 115 22.26 33.32 7.80
N LEU W 116 22.59 34.61 7.70
CA LEU W 116 21.93 35.51 6.76
C LEU W 116 22.71 35.64 5.45
N LEU W 117 23.92 35.08 5.44
CA LEU W 117 24.81 35.06 4.27
C LEU W 117 24.49 33.90 3.33
N PRO W 118 24.45 34.17 2.00
CA PRO W 118 24.19 33.14 0.98
C PRO W 118 25.25 32.03 0.97
N LYS W 119 24.87 30.82 0.56
CA LYS W 119 25.78 29.67 0.56
C LYS W 119 26.27 29.28 -0.84
N THR X 33 27.35 85.06 26.21
CA THR X 33 28.06 84.84 27.52
C THR X 33 29.09 83.71 27.45
N ARG X 34 29.86 83.55 28.53
CA ARG X 34 30.92 82.53 28.59
C ARG X 34 30.33 81.12 28.69
N LYS X 35 30.54 80.32 27.65
CA LYS X 35 30.30 78.88 27.73
C LYS X 35 31.65 78.17 27.83
N GLU X 36 31.99 77.72 29.03
CA GLU X 36 33.21 76.95 29.24
C GLU X 36 33.15 75.61 28.54
N SER X 37 34.33 75.05 28.27
CA SER X 37 34.50 73.82 27.49
C SER X 37 35.92 73.31 27.65
N TYR X 38 36.08 72.01 27.47
CA TYR X 38 37.38 71.38 27.39
C TYR X 38 37.87 71.38 25.95
N ALA X 39 37.44 72.35 25.15
CA ALA X 39 37.77 72.34 23.73
C ALA X 39 39.25 72.59 23.46
N ILE X 40 39.90 73.37 24.32
CA ILE X 40 41.29 73.70 24.11
C ILE X 40 42.18 72.53 24.54
N TYR X 41 41.95 72.04 25.76
CA TYR X 41 42.67 70.90 26.27
C TYR X 41 42.50 69.68 25.38
N VAL X 42 41.32 69.48 24.81
CA VAL X 42 41.20 68.36 23.90
C VAL X 42 42.02 68.63 22.65
N TYR X 43 41.98 69.86 22.12
CA TYR X 43 42.82 70.17 20.97
C TYR X 43 44.29 69.87 21.32
N LYS X 44 44.77 70.51 22.38
CA LYS X 44 46.14 70.32 22.81
C LYS X 44 46.52 68.86 22.68
N VAL X 45 45.85 68.00 23.46
CA VAL X 45 46.15 66.56 23.46
C VAL X 45 46.04 65.92 22.07
N LEU X 46 44.99 66.20 21.32
CA LEU X 46 44.96 65.73 19.92
C LEU X 46 46.23 66.16 19.15
N LYS X 47 46.70 67.40 19.35
CA LYS X 47 47.87 67.84 18.57
C LYS X 47 49.11 67.10 18.97
N GLN X 48 49.30 66.98 20.28
CA GLN X 48 50.27 66.03 20.81
C GLN X 48 50.16 64.64 20.21
N VAL X 49 48.99 64.17 19.84
CA VAL X 49 48.86 62.74 19.48
C VAL X 49 48.66 62.47 18.01
N HIS X 50 48.02 63.40 17.31
CA HIS X 50 47.85 63.27 15.86
C HIS X 50 47.96 64.64 15.22
N PRO X 51 49.17 65.23 15.20
CA PRO X 51 49.41 66.64 14.78
C PRO X 51 48.86 67.08 13.41
N ASP X 52 48.63 66.17 12.47
CA ASP X 52 48.03 66.64 11.21
C ASP X 52 46.53 66.35 11.17
N THR X 53 45.86 66.55 12.30
CA THR X 53 44.48 66.06 12.41
C THR X 53 43.54 66.99 13.17
N GLY X 54 42.42 67.30 12.53
CA GLY X 54 41.44 68.22 13.10
C GLY X 54 40.16 67.56 13.57
N ILE X 55 39.42 68.28 14.41
CA ILE X 55 38.18 67.73 14.94
C ILE X 55 37.00 68.58 14.51
N SER X 56 35.92 67.90 14.12
CA SER X 56 34.65 68.56 13.75
C SER X 56 33.91 69.08 14.96
N SER X 57 33.13 70.12 14.72
CA SER X 57 32.22 70.70 15.73
C SER X 57 31.45 69.66 16.57
N LYS X 58 30.83 68.69 15.91
CA LYS X 58 30.08 67.63 16.57
C LYS X 58 31.00 66.74 17.39
N ALA X 59 32.04 66.22 16.74
CA ALA X 59 33.09 65.44 17.40
C ALA X 59 33.61 66.15 18.65
N MET X 60 33.94 67.43 18.52
CA MET X 60 34.40 68.14 19.69
C MET X 60 33.34 67.98 20.75
N SER X 61 32.11 68.38 20.40
CA SER X 61 30.98 68.33 21.30
C SER X 61 30.93 66.99 22.05
N ILE X 62 30.89 65.89 21.29
CA ILE X 62 30.96 64.54 21.85
C ILE X 62 32.09 64.38 22.84
N MET X 63 33.34 64.54 22.38
CA MET X 63 34.49 64.56 23.28
C MET X 63 34.12 65.31 24.56
N ASN X 64 33.78 66.59 24.38
CA ASN X 64 33.36 67.43 25.51
C ASN X 64 32.36 66.78 26.45
N SER X 65 31.47 65.94 25.90
CA SER X 65 30.53 65.22 26.73
C SER X 65 31.27 64.17 27.55
N PHE X 66 32.03 63.35 26.85
CA PHE X 66 32.78 62.23 27.44
C PHE X 66 33.60 62.66 28.65
N VAL X 67 34.28 63.80 28.54
CA VAL X 67 35.05 64.28 29.69
C VAL X 67 34.12 64.50 30.89
N ASN X 68 33.06 65.29 30.66
CA ASN X 68 32.06 65.53 31.73
C ASN X 68 31.44 64.23 32.37
N ASP X 69 31.13 63.23 31.54
CA ASP X 69 30.50 62.02 32.01
C ASP X 69 31.43 61.34 33.02
N VAL X 70 32.64 61.05 32.54
CA VAL X 70 33.71 60.39 33.33
C VAL X 70 34.12 61.24 34.52
N PHE X 71 34.14 62.56 34.35
CA PHE X 71 34.26 63.41 35.55
C PHE X 71 33.25 63.07 36.65
N GLU X 72 31.93 63.08 36.35
CA GLU X 72 30.92 62.82 37.37
C GLU X 72 31.09 61.42 37.89
N ARG X 73 31.29 60.47 37.00
CA ARG X 73 31.29 59.09 37.38
C ARG X 73 32.36 58.87 38.44
N ILE X 74 33.56 59.38 38.15
CA ILE X 74 34.67 59.36 39.05
C ILE X 74 34.33 60.13 40.32
N ALA X 75 34.08 61.43 40.16
CA ALA X 75 33.82 62.30 41.29
C ALA X 75 32.76 61.75 42.23
N GLY X 76 31.63 61.32 41.68
CA GLY X 76 30.56 60.69 42.44
C GLY X 76 31.01 59.51 43.27
N GLU X 77 31.66 58.54 42.63
CA GLU X 77 32.05 57.29 43.30
C GLU X 77 33.12 57.56 44.36
N ALA X 78 33.89 58.63 44.17
CA ALA X 78 34.82 59.07 45.19
C ALA X 78 34.05 59.58 46.41
N SER X 79 33.06 60.42 46.11
CA SER X 79 32.14 60.97 47.12
C SER X 79 31.47 59.90 47.99
N ARG X 80 30.99 58.84 47.35
CA ARG X 80 30.49 57.68 48.09
C ARG X 80 31.52 57.10 49.04
N LEU X 81 32.78 57.00 48.58
CA LEU X 81 33.88 56.43 49.38
C LEU X 81 34.23 57.27 50.61
N ALA X 82 34.34 58.59 50.42
CA ALA X 82 34.42 59.48 51.57
C ALA X 82 33.31 59.13 52.55
N HIS X 83 32.06 59.23 52.08
CA HIS X 83 30.88 58.99 52.91
C HIS X 83 30.89 57.66 53.63
N TYR X 84 31.17 56.59 52.90
CA TYR X 84 31.10 55.24 53.45
C TYR X 84 32.05 55.05 54.60
N ASN X 85 33.09 55.87 54.61
CA ASN X 85 34.17 55.79 55.58
C ASN X 85 34.16 56.96 56.55
N LYS X 86 32.96 57.44 56.84
CA LYS X 86 32.76 58.64 57.66
C LYS X 86 33.90 59.65 57.48
N ARG X 87 34.08 60.14 56.26
CA ARG X 87 35.20 61.03 55.98
C ARG X 87 34.77 62.30 55.24
N SER X 88 35.29 63.45 55.68
CA SER X 88 34.79 64.75 55.24
C SER X 88 35.45 65.29 53.98
N THR X 89 36.36 64.51 53.39
CA THR X 89 37.25 65.06 52.37
C THR X 89 37.66 64.07 51.29
N ILE X 90 37.59 64.53 50.04
CA ILE X 90 38.00 63.74 48.89
C ILE X 90 39.45 64.07 48.55
N THR X 91 40.34 63.14 48.87
CA THR X 91 41.77 63.23 48.54
C THR X 91 42.02 62.27 47.40
N SER X 92 43.14 62.46 46.70
CA SER X 92 43.48 61.58 45.59
C SER X 92 43.52 60.08 45.93
N ARG X 93 43.57 59.73 47.20
CA ARG X 93 43.43 58.32 47.54
C ARG X 93 42.06 57.83 47.09
N GLU X 94 41.02 58.61 47.41
CA GLU X 94 39.62 58.43 46.94
C GLU X 94 39.51 58.37 45.42
N ILE X 95 39.96 59.44 44.75
CA ILE X 95 39.97 59.52 43.28
C ILE X 95 40.67 58.32 42.67
N GLN X 96 41.73 57.86 43.32
CA GLN X 96 42.34 56.62 42.89
C GLN X 96 41.39 55.45 43.01
N THR X 97 40.98 55.11 44.22
CA THR X 97 40.21 53.86 44.34
C THR X 97 38.90 53.93 43.55
N ALA X 98 38.30 55.13 43.51
CA ALA X 98 37.22 55.45 42.56
C ALA X 98 37.55 54.92 41.17
N VAL X 99 38.76 55.18 40.72
CA VAL X 99 39.21 54.76 39.41
C VAL X 99 39.26 53.25 39.28
N ARG X 100 39.63 52.58 40.37
CA ARG X 100 39.77 51.12 40.33
C ARG X 100 38.44 50.40 40.26
N LEU X 101 37.36 51.10 40.65
CA LEU X 101 36.00 50.57 40.53
C LEU X 101 35.40 50.85 39.15
N LEU X 102 35.54 52.11 38.71
CA LEU X 102 34.98 52.57 37.44
C LEU X 102 35.52 52.00 36.15
N LEU X 103 36.84 51.98 36.00
CA LEU X 103 37.49 51.63 34.73
C LEU X 103 37.74 50.13 34.58
N PRO X 104 37.76 49.62 33.34
CA PRO X 104 38.25 48.27 33.13
C PRO X 104 39.80 48.17 33.18
N GLY X 105 40.31 47.00 33.54
CA GLY X 105 41.76 46.74 33.75
C GLY X 105 42.85 47.60 33.10
N GLU X 106 43.22 47.29 31.87
CA GLU X 106 44.34 47.99 31.27
C GLU X 106 44.17 49.50 31.34
N LEU X 107 42.95 49.95 31.07
CA LEU X 107 42.57 51.34 31.19
C LEU X 107 42.82 51.83 32.63
N ALA X 108 42.27 51.09 33.62
CA ALA X 108 42.44 51.46 35.02
C ALA X 108 43.91 51.57 35.41
N LYS X 109 44.66 50.49 35.19
CA LYS X 109 46.08 50.41 35.59
C LYS X 109 46.89 51.60 35.06
N HIS X 110 46.91 51.75 33.74
CA HIS X 110 47.56 52.90 33.15
C HIS X 110 47.14 54.24 33.76
N ALA X 111 45.82 54.50 33.76
CA ALA X 111 45.24 55.71 34.36
C ALA X 111 45.73 55.98 35.78
N VAL X 112 45.71 54.94 36.63
CA VAL X 112 46.26 55.02 37.99
C VAL X 112 47.70 55.48 37.97
N SER X 113 48.55 54.79 37.19
CA SER X 113 49.96 55.14 37.13
C SER X 113 50.09 56.59 36.69
N GLU X 114 49.53 56.88 35.52
CA GLU X 114 49.45 58.22 34.97
C GLU X 114 49.07 59.28 36.01
N GLY X 115 48.08 58.94 36.84
CA GLY X 115 47.57 59.85 37.82
C GLY X 115 48.51 60.08 38.97
N THR X 116 48.96 58.99 39.62
CA THR X 116 49.80 59.09 40.83
C THR X 116 51.18 59.67 40.47
N LYS X 117 51.50 59.58 39.19
CA LYS X 117 52.69 60.22 38.64
C LYS X 117 52.58 61.75 38.74
N ALA X 118 51.51 62.33 38.21
CA ALA X 118 51.38 63.79 38.16
C ALA X 118 51.23 64.44 39.54
N VAL X 119 50.86 63.62 40.51
CA VAL X 119 50.70 64.02 41.91
C VAL X 119 52.07 64.16 42.53
N THR X 120 52.80 63.06 42.51
CA THR X 120 54.22 63.05 42.80
C THR X 120 54.89 64.26 42.13
N LYS X 121 54.79 64.37 40.81
CA LYS X 121 55.33 65.52 40.06
C LYS X 121 54.88 66.86 40.65
N TYR X 122 53.62 66.91 41.06
CA TYR X 122 53.00 68.12 41.61
C TYR X 122 53.49 68.52 43.01
N THR X 123 53.61 67.55 43.91
CA THR X 123 54.17 67.76 45.24
C THR X 123 55.54 68.47 45.15
N SER X 124 56.49 67.79 44.52
CA SER X 124 57.88 68.24 44.41
C SER X 124 58.02 69.66 43.85
N ALA X 125 57.27 69.96 42.78
CA ALA X 125 57.33 71.26 42.11
C ALA X 125 56.38 72.28 42.75
N PRO Y 38 -15.47 -52.29 14.66
CA PRO Y 38 -14.57 -53.40 14.99
C PRO Y 38 -13.70 -53.15 16.25
N HIS Y 39 -12.73 -54.03 16.48
CA HIS Y 39 -11.90 -53.97 17.68
C HIS Y 39 -10.42 -54.28 17.40
N ARG Y 40 -9.53 -53.61 18.14
CA ARG Y 40 -8.09 -53.69 17.90
C ARG Y 40 -7.27 -53.54 19.19
N TYR Y 41 -6.71 -54.66 19.67
CA TYR Y 41 -5.76 -54.64 20.79
C TYR Y 41 -4.56 -53.79 20.46
N ARG Y 42 -4.16 -52.96 21.41
CA ARG Y 42 -3.02 -52.06 21.23
C ARG Y 42 -1.69 -52.81 21.09
N PRO Y 43 -0.69 -52.20 20.42
CA PRO Y 43 0.58 -52.86 20.25
C PRO Y 43 1.23 -53.22 21.58
N GLY Y 44 1.62 -54.49 21.72
CA GLY Y 44 2.30 -54.99 22.89
C GLY Y 44 1.38 -55.74 23.82
N THR Y 45 0.08 -55.66 23.53
CA THR Y 45 -0.94 -56.21 24.40
C THR Y 45 -1.02 -57.71 24.20
N VAL Y 46 -0.90 -58.16 22.96
CA VAL Y 46 -0.98 -59.60 22.68
C VAL Y 46 0.37 -60.28 22.97
N ALA Y 47 1.44 -59.48 22.94
CA ALA Y 47 2.77 -60.00 23.23
C ALA Y 47 2.80 -60.50 24.66
N LEU Y 48 2.47 -59.60 25.58
CA LEU Y 48 2.30 -59.89 27.00
C LEU Y 48 1.38 -61.08 27.24
N ARG Y 49 0.27 -61.14 26.52
CA ARG Y 49 -0.62 -62.28 26.63
C ARG Y 49 0.11 -63.55 26.23
N GLU Y 50 0.74 -63.53 25.04
CA GLU Y 50 1.43 -64.70 24.48
C GLU Y 50 2.56 -65.20 25.37
N ILE Y 51 3.33 -64.26 25.94
CA ILE Y 51 4.35 -64.61 26.90
C ILE Y 51 3.72 -65.48 27.96
N ARG Y 52 2.66 -64.98 28.59
CA ARG Y 52 2.00 -65.70 29.66
C ARG Y 52 1.49 -67.04 29.19
N ARG Y 53 0.95 -67.09 27.97
CA ARG Y 53 0.52 -68.38 27.44
C ARG Y 53 1.70 -69.34 27.47
N TYR Y 54 2.79 -68.97 26.80
CA TYR Y 54 3.88 -69.91 26.56
C TYR Y 54 4.71 -70.20 27.79
N GLN Y 55 4.65 -69.29 28.77
CA GLN Y 55 5.28 -69.55 30.08
C GLN Y 55 4.46 -70.49 31.03
N LYS Y 56 3.17 -70.70 30.75
CA LYS Y 56 2.41 -71.69 31.51
C LYS Y 56 2.66 -73.11 31.03
N SER Y 57 2.87 -73.27 29.72
CA SER Y 57 3.00 -74.62 29.16
C SER Y 57 4.44 -75.05 28.92
N THR Y 58 4.56 -76.27 28.38
CA THR Y 58 5.82 -77.02 28.26
C THR Y 58 6.01 -77.68 26.88
N GLU Y 59 4.90 -77.80 26.15
CA GLU Y 59 4.83 -78.33 24.79
C GLU Y 59 5.77 -77.56 23.89
N LEU Y 60 6.43 -78.30 22.99
CA LEU Y 60 7.46 -77.78 22.08
C LEU Y 60 6.91 -76.74 21.14
N LEU Y 61 7.76 -75.78 20.79
CA LEU Y 61 7.30 -74.59 20.08
C LEU Y 61 7.61 -74.61 18.59
N ILE Y 62 8.72 -75.27 18.23
CA ILE Y 62 9.09 -75.51 16.86
C ILE Y 62 8.23 -76.68 16.42
N ARG Y 63 7.81 -76.66 15.15
CA ARG Y 63 6.98 -77.73 14.62
C ARG Y 63 7.85 -78.93 14.38
N LYS Y 64 7.21 -80.09 14.41
CA LYS Y 64 7.92 -81.34 14.66
C LYS Y 64 8.65 -81.77 13.42
N LEU Y 65 7.99 -81.55 12.28
CA LEU Y 65 8.41 -82.12 11.02
C LEU Y 65 9.55 -81.30 10.42
N PRO Y 66 9.33 -79.99 10.21
CA PRO Y 66 10.42 -79.09 9.89
C PRO Y 66 11.65 -79.42 10.71
N PHE Y 67 11.53 -79.43 12.03
CA PHE Y 67 12.66 -79.71 12.89
C PHE Y 67 13.49 -80.90 12.45
N GLN Y 68 12.78 -81.98 12.07
CA GLN Y 68 13.42 -83.24 11.80
C GLN Y 68 14.19 -83.11 10.47
N ARG Y 69 13.48 -82.67 9.44
CA ARG Y 69 14.11 -82.38 8.16
C ARG Y 69 15.41 -81.63 8.39
N LEU Y 70 15.38 -80.57 9.20
CA LEU Y 70 16.62 -79.82 9.50
C LEU Y 70 17.71 -80.74 10.03
N VAL Y 71 17.44 -81.47 11.10
CA VAL Y 71 18.43 -82.32 11.74
C VAL Y 71 18.96 -83.38 10.77
N ARG Y 72 18.08 -84.03 10.01
CA ARG Y 72 18.53 -84.98 8.98
C ARG Y 72 19.51 -84.34 7.94
N GLU Y 73 19.18 -83.16 7.44
CA GLU Y 73 20.13 -82.40 6.66
C GLU Y 73 21.47 -82.36 7.37
N ILE Y 74 21.66 -81.41 8.28
CA ILE Y 74 22.94 -81.23 9.00
C ILE Y 74 23.73 -82.54 9.25
N ALA Y 75 23.01 -83.62 9.57
CA ALA Y 75 23.68 -84.86 9.92
C ALA Y 75 24.22 -85.55 8.69
N GLN Y 76 23.43 -85.53 7.62
CA GLN Y 76 23.82 -86.02 6.28
C GLN Y 76 25.16 -85.42 5.87
N ASP Y 77 25.20 -84.09 5.87
CA ASP Y 77 26.39 -83.29 5.60
C ASP Y 77 27.58 -83.51 6.55
N PHE Y 78 27.52 -84.56 7.37
CA PHE Y 78 28.59 -84.95 8.32
C PHE Y 78 28.93 -86.41 8.04
N LYS Y 79 27.88 -87.16 7.73
CA LYS Y 79 27.98 -88.54 7.30
C LYS Y 79 26.65 -88.90 6.66
N THR Y 80 26.74 -89.53 5.50
CA THR Y 80 25.58 -89.91 4.75
C THR Y 80 25.07 -91.18 5.38
N ASP Y 81 23.85 -91.56 4.99
CA ASP Y 81 23.33 -92.88 5.30
C ASP Y 81 23.16 -93.12 6.81
N LEU Y 82 22.68 -92.09 7.52
CA LEU Y 82 22.32 -92.18 8.96
C LEU Y 82 20.82 -92.28 9.18
N ARG Y 83 20.44 -93.15 10.12
CA ARG Y 83 19.06 -93.18 10.62
C ARG Y 83 18.94 -92.62 12.07
N PHE Y 84 17.71 -92.31 12.50
CA PHE Y 84 17.45 -91.79 13.85
C PHE Y 84 16.33 -92.52 14.59
N GLN Y 85 16.61 -92.94 15.82
CA GLN Y 85 15.55 -93.18 16.81
C GLN Y 85 14.67 -91.94 16.97
N SER Y 86 13.37 -92.10 16.82
CA SER Y 86 12.47 -90.94 16.83
C SER Y 86 12.60 -90.18 18.14
N SER Y 87 12.96 -90.90 19.20
CA SER Y 87 13.28 -90.29 20.48
C SER Y 87 14.58 -89.48 20.46
N ALA Y 88 15.50 -89.79 19.54
CA ALA Y 88 16.81 -89.10 19.44
C ALA Y 88 16.65 -87.74 18.81
N VAL Y 89 15.72 -87.62 17.87
CA VAL Y 89 15.38 -86.31 17.30
C VAL Y 89 14.84 -85.53 18.47
N MET Y 90 13.75 -86.08 19.04
CA MET Y 90 13.04 -85.47 20.17
C MET Y 90 13.96 -85.01 21.31
N ALA Y 91 15.03 -85.75 21.56
CA ALA Y 91 16.05 -85.29 22.49
C ALA Y 91 16.67 -83.98 22.00
N LEU Y 92 17.31 -84.00 20.83
CA LEU Y 92 17.91 -82.79 20.21
C LEU Y 92 16.99 -81.60 20.20
N GLN Y 93 15.70 -81.81 19.91
CA GLN Y 93 14.76 -80.68 19.99
C GLN Y 93 14.58 -80.16 21.41
N GLU Y 94 14.22 -81.06 22.34
CA GLU Y 94 14.19 -80.70 23.74
C GLU Y 94 15.42 -79.85 24.07
N ALA Y 95 16.57 -80.33 23.67
CA ALA Y 95 17.81 -79.64 24.00
C ALA Y 95 17.91 -78.31 23.26
N SER Y 96 17.25 -78.22 22.11
CA SER Y 96 17.41 -77.07 21.21
C SER Y 96 16.64 -75.88 21.73
N GLU Y 97 15.34 -76.11 21.90
CA GLU Y 97 14.42 -75.12 22.44
C GLU Y 97 14.90 -74.61 23.84
N ALA Y 98 15.08 -75.48 24.81
CA ALA Y 98 15.72 -75.06 26.06
C ALA Y 98 16.81 -73.98 25.91
N TYR Y 99 17.71 -74.21 24.97
CA TYR Y 99 18.86 -73.37 24.70
C TYR Y 99 18.44 -72.03 24.22
N LEU Y 100 17.44 -72.03 23.35
CA LEU Y 100 17.10 -70.84 22.62
C LEU Y 100 16.28 -70.00 23.54
N VAL Y 101 15.47 -70.67 24.35
CA VAL Y 101 14.68 -69.96 25.34
C VAL Y 101 15.62 -69.38 26.41
N ALA Y 102 16.56 -70.17 26.89
CA ALA Y 102 17.62 -69.64 27.74
C ALA Y 102 18.22 -68.44 27.02
N LEU Y 103 18.54 -68.60 25.73
CA LEU Y 103 19.13 -67.51 24.92
C LEU Y 103 18.34 -66.20 24.84
N PHE Y 104 17.11 -66.30 24.37
CA PHE Y 104 16.21 -65.18 24.40
C PHE Y 104 16.14 -64.50 25.77
N GLU Y 105 15.99 -65.28 26.85
CA GLU Y 105 16.11 -64.77 28.23
C GLU Y 105 17.26 -63.76 28.34
N ASP Y 106 18.49 -64.21 28.07
CA ASP Y 106 19.68 -63.38 28.17
C ASP Y 106 19.74 -62.33 27.08
N THR Y 107 19.20 -62.63 25.90
CA THR Y 107 19.12 -61.58 24.87
C THR Y 107 18.29 -60.49 25.50
N ASN Y 108 17.10 -60.85 25.93
CA ASN Y 108 16.16 -59.87 26.47
C ASN Y 108 16.81 -58.94 27.49
N LEU Y 109 17.71 -59.46 28.30
CA LEU Y 109 18.35 -58.68 29.33
C LEU Y 109 19.20 -57.63 28.70
N CYS Y 110 19.81 -57.99 27.57
CA CYS Y 110 20.70 -57.10 26.84
C CYS Y 110 19.97 -55.93 26.18
N ALA Y 111 18.80 -56.22 25.61
CA ALA Y 111 17.88 -55.21 25.12
C ALA Y 111 17.60 -54.21 26.22
N ILE Y 112 17.19 -54.74 27.39
CA ILE Y 112 16.86 -53.90 28.53
C ILE Y 112 18.09 -53.16 29.06
N HIS Y 113 19.27 -53.72 28.86
CA HIS Y 113 20.45 -53.06 29.37
C HIS Y 113 20.63 -51.74 28.65
N ALA Y 114 20.17 -51.72 27.40
CA ALA Y 114 20.42 -50.63 26.47
C ALA Y 114 19.23 -49.69 26.42
N LYS Y 115 18.50 -49.62 27.54
CA LYS Y 115 17.33 -48.78 27.67
C LYS Y 115 16.34 -49.01 26.52
N ARG Y 116 16.40 -50.22 25.96
CA ARG Y 116 15.53 -50.66 24.86
C ARG Y 116 14.59 -51.76 25.35
N VAL Y 117 13.60 -52.10 24.54
CA VAL Y 117 12.57 -53.08 24.87
C VAL Y 117 12.44 -54.13 23.76
N THR Y 118 13.06 -53.80 22.63
CA THR Y 118 13.09 -54.62 21.42
C THR Y 118 14.43 -55.36 21.33
N ILE Y 119 14.40 -56.68 21.17
CA ILE Y 119 15.66 -57.45 20.99
C ILE Y 119 16.21 -57.41 19.56
N MET Y 120 17.54 -57.41 19.44
CA MET Y 120 18.19 -57.15 18.17
C MET Y 120 19.34 -58.13 17.99
N PRO Y 121 19.72 -58.43 16.75
CA PRO Y 121 20.84 -59.30 16.61
C PRO Y 121 21.99 -58.88 17.54
N LYS Y 122 22.31 -57.58 17.61
CA LYS Y 122 23.47 -57.20 18.43
C LYS Y 122 23.33 -57.64 19.87
N ASP Y 123 22.11 -57.60 20.40
CA ASP Y 123 21.86 -58.16 21.74
C ASP Y 123 22.29 -59.63 21.80
N ILE Y 124 21.59 -60.51 21.06
CA ILE Y 124 22.03 -61.92 20.95
C ILE Y 124 23.56 -62.02 20.93
N GLN Y 125 24.18 -61.17 20.13
CA GLN Y 125 25.62 -61.21 19.91
C GLN Y 125 26.41 -60.93 21.17
N LEU Y 126 25.90 -60.04 22.00
CA LEU Y 126 26.55 -59.74 23.27
C LEU Y 126 26.38 -60.89 24.26
N ALA Y 127 25.21 -61.51 24.24
CA ALA Y 127 24.95 -62.64 25.13
C ALA Y 127 25.92 -63.79 24.84
N ARG Y 128 26.11 -64.07 23.54
CA ARG Y 128 26.97 -65.16 23.12
C ARG Y 128 28.43 -64.82 23.39
N ARG Y 129 28.87 -63.60 23.11
CA ARG Y 129 30.24 -63.28 23.47
C ARG Y 129 30.45 -63.55 24.96
N ILE Y 130 29.52 -63.09 25.79
CA ILE Y 130 29.63 -63.17 27.26
C ILE Y 130 29.52 -64.61 27.81
N ARG Y 131 28.50 -65.36 27.35
CA ARG Y 131 28.44 -66.80 27.55
C ARG Y 131 29.77 -67.49 27.15
N GLY Y 132 30.55 -66.82 26.33
CA GLY Y 132 31.76 -67.43 25.81
C GLY Y 132 31.45 -68.51 24.81
N GLU Y 133 30.42 -68.28 24.00
CA GLU Y 133 30.16 -69.10 22.83
C GLU Y 133 30.95 -68.53 21.61
N ARG Y 134 31.09 -69.35 20.56
CA ARG Y 134 31.69 -68.91 19.27
C ARG Y 134 30.98 -69.52 18.04
N LYS Z 20 16.01 -88.88 -1.14
CA LYS Z 20 15.82 -87.66 -1.97
C LYS Z 20 16.42 -86.40 -1.34
N VAL Z 21 16.98 -85.54 -2.19
CA VAL Z 21 17.92 -84.51 -1.75
C VAL Z 21 17.25 -83.50 -0.84
N LEU Z 22 18.02 -82.97 0.12
CA LEU Z 22 17.52 -82.06 1.16
C LEU Z 22 18.25 -80.74 1.15
N ARG Z 23 17.46 -79.67 1.10
CA ARG Z 23 17.97 -78.34 0.80
C ARG Z 23 17.12 -77.26 1.48
N ASP Z 24 17.80 -76.26 2.04
CA ASP Z 24 17.20 -75.07 2.68
C ASP Z 24 16.33 -75.30 3.92
N ASN Z 25 16.42 -76.48 4.53
CA ASN Z 25 15.52 -76.85 5.64
C ASN Z 25 15.47 -75.92 6.88
N ILE Z 26 16.60 -75.31 7.25
CA ILE Z 26 16.60 -74.22 8.24
C ILE Z 26 15.41 -73.27 8.06
N GLN Z 27 14.84 -73.16 6.87
CA GLN Z 27 13.71 -72.23 6.74
C GLN Z 27 12.39 -72.91 7.18
N GLY Z 28 12.54 -74.14 7.67
CA GLY Z 28 11.44 -74.81 8.36
C GLY Z 28 11.15 -74.08 9.65
N ILE Z 29 12.23 -73.67 10.33
CA ILE Z 29 12.21 -72.80 11.50
C ILE Z 29 11.52 -71.48 11.17
N THR Z 30 10.23 -71.56 10.86
CA THR Z 30 9.37 -70.43 10.58
C THR Z 30 9.50 -69.30 11.59
N LYS Z 31 9.04 -68.11 11.22
CA LYS Z 31 9.09 -66.92 12.07
C LYS Z 31 8.14 -66.93 13.28
N PRO Z 32 6.90 -67.45 13.13
CA PRO Z 32 6.04 -67.58 14.29
C PRO Z 32 6.61 -68.48 15.39
N ALA Z 33 7.39 -69.51 15.05
CA ALA Z 33 7.99 -70.36 16.05
C ALA Z 33 9.15 -69.62 16.74
N ILE Z 34 10.17 -69.24 15.99
CA ILE Z 34 11.24 -68.39 16.53
C ILE Z 34 10.62 -67.27 17.37
N ARG Z 35 9.31 -67.07 17.20
CA ARG Z 35 8.56 -66.10 17.99
C ARG Z 35 8.13 -66.75 19.33
N ARG Z 36 7.27 -67.76 19.22
CA ARG Z 36 6.88 -68.57 20.34
C ARG Z 36 8.04 -68.85 21.34
N LEU Z 37 9.17 -69.35 20.87
CA LEU Z 37 10.32 -69.49 21.80
C LEU Z 37 10.68 -68.16 22.50
N ALA Z 38 10.78 -67.08 21.76
CA ALA Z 38 11.14 -65.78 22.37
C ALA Z 38 10.16 -65.32 23.45
N ARG Z 39 8.94 -65.91 23.44
CA ARG Z 39 7.88 -65.46 24.34
C ARG Z 39 8.02 -66.21 25.65
N ARG Z 40 8.16 -67.52 25.57
CA ARG Z 40 8.58 -68.29 26.70
C ARG Z 40 9.90 -67.71 27.18
N GLY Z 41 10.52 -66.87 26.38
CA GLY Z 41 11.82 -66.32 26.79
C GLY Z 41 11.66 -64.96 27.43
N GLY Z 42 10.44 -64.45 27.44
CA GLY Z 42 10.15 -63.21 28.14
C GLY Z 42 10.33 -61.97 27.29
N VAL Z 43 10.58 -62.18 26.01
CA VAL Z 43 10.72 -61.10 25.04
C VAL Z 43 9.35 -60.66 24.49
N LYS Z 44 9.18 -59.35 24.44
CA LYS Z 44 7.95 -58.69 24.07
C LYS Z 44 8.05 -58.09 22.67
N ARG Z 45 9.17 -57.40 22.42
CA ARG Z 45 9.39 -56.75 21.13
C ARG Z 45 10.59 -57.31 20.38
N ILE Z 46 10.31 -57.84 19.18
CA ILE Z 46 11.29 -58.55 18.36
C ILE Z 46 11.65 -57.81 17.07
N SER Z 47 12.92 -57.40 16.97
CA SER Z 47 13.46 -56.78 15.74
C SER Z 47 13.50 -57.76 14.57
N GLY Z 48 13.17 -57.29 13.38
CA GLY Z 48 13.07 -58.14 12.18
C GLY Z 48 14.34 -58.89 11.78
N LEU Z 49 15.49 -58.30 12.10
CA LEU Z 49 16.77 -58.94 11.83
C LEU Z 49 17.13 -60.06 12.80
N ILE Z 50 16.27 -60.30 13.78
CA ILE Z 50 16.45 -61.39 14.74
C ILE Z 50 16.24 -62.76 14.10
N TYR Z 51 15.18 -62.94 13.31
CA TYR Z 51 14.82 -64.29 12.82
C TYR Z 51 15.96 -64.98 12.09
N GLU Z 52 16.77 -64.25 11.31
CA GLU Z 52 17.87 -64.92 10.62
C GLU Z 52 19.01 -65.19 11.56
N GLU Z 53 19.28 -64.28 12.49
CA GLU Z 53 20.36 -64.55 13.44
C GLU Z 53 20.04 -65.82 14.29
N THR Z 54 18.74 -66.02 14.58
CA THR Z 54 18.38 -67.15 15.42
C THR Z 54 18.65 -68.45 14.69
N ARG Z 55 18.25 -68.48 13.41
CA ARG Z 55 18.54 -69.65 12.57
C ARG Z 55 20.04 -69.89 12.49
N GLY Z 56 20.80 -68.79 12.44
CA GLY Z 56 22.23 -68.87 12.37
C GLY Z 56 22.71 -69.66 13.55
N VAL Z 57 22.27 -69.21 14.72
CA VAL Z 57 22.61 -69.75 16.04
C VAL Z 57 22.13 -71.19 16.23
N LEU Z 58 20.89 -71.45 15.84
CA LEU Z 58 20.33 -72.78 16.00
C LEU Z 58 21.18 -73.76 15.22
N LYS Z 59 21.63 -73.34 14.03
CA LYS Z 59 22.48 -74.15 13.18
C LYS Z 59 23.84 -74.48 13.83
N VAL Z 60 24.57 -73.43 14.30
CA VAL Z 60 25.85 -73.66 14.98
C VAL Z 60 25.58 -74.59 16.15
N PHE Z 61 24.41 -74.42 16.79
CA PHE Z 61 24.03 -75.30 17.90
C PHE Z 61 23.85 -76.74 17.44
N LEU Z 62 22.94 -77.00 16.49
CA LEU Z 62 22.74 -78.38 16.02
C LEU Z 62 24.00 -79.01 15.37
N GLU Z 63 24.83 -78.15 14.75
CA GLU Z 63 26.02 -78.69 14.14
C GLU Z 63 26.91 -79.15 15.26
N ASN Z 64 26.84 -78.51 16.42
CA ASN Z 64 27.71 -78.99 17.49
C ASN Z 64 27.27 -80.27 18.17
N VAL Z 65 25.97 -80.36 18.44
CA VAL Z 65 25.51 -81.53 19.16
C VAL Z 65 25.65 -82.71 18.22
N ILE Z 66 25.35 -82.53 16.93
CA ILE Z 66 25.32 -83.69 16.02
C ILE Z 66 26.70 -84.15 15.54
N ARG Z 67 27.62 -83.21 15.33
CA ARG Z 67 29.00 -83.61 15.15
C ARG Z 67 29.38 -84.63 16.22
N ASP Z 68 29.11 -84.28 17.49
CA ASP Z 68 29.39 -85.19 18.62
C ASP Z 68 28.48 -86.42 18.69
N ALA Z 69 27.17 -86.24 18.55
CA ALA Z 69 26.24 -87.37 18.58
C ALA Z 69 26.77 -88.40 17.61
N VAL Z 70 27.05 -87.95 16.39
CA VAL Z 70 27.51 -88.78 15.29
C VAL Z 70 28.82 -89.48 15.62
N THR Z 71 29.82 -88.75 16.06
CA THR Z 71 31.04 -89.38 16.52
C THR Z 71 30.83 -90.54 17.48
N TYR Z 72 29.89 -90.42 18.42
CA TYR Z 72 29.50 -91.56 19.23
C TYR Z 72 28.90 -92.65 18.32
N THR Z 73 28.00 -92.29 17.40
CA THR Z 73 27.34 -93.29 16.55
C THR Z 73 28.35 -94.06 15.70
N GLU Z 74 29.36 -93.35 15.22
CA GLU Z 74 30.43 -93.94 14.43
C GLU Z 74 31.25 -94.87 15.30
N HIS Z 75 31.49 -94.47 16.54
CA HIS Z 75 32.28 -95.31 17.41
C HIS Z 75 31.51 -96.58 17.79
N ALA Z 76 30.23 -96.42 18.10
CA ALA Z 76 29.40 -97.58 18.36
C ALA Z 76 29.19 -98.43 17.10
N LYS Z 77 29.87 -98.05 15.99
CA LYS Z 77 29.78 -98.77 14.70
C LYS Z 77 28.34 -98.98 14.22
N ARG Z 78 27.56 -97.91 14.17
CA ARG Z 78 26.14 -98.00 13.87
C ARG Z 78 25.73 -97.10 12.71
N LYS Z 79 24.61 -97.43 12.08
CA LYS Z 79 24.01 -96.61 11.03
C LYS Z 79 22.80 -95.86 11.59
N THR Z 80 22.47 -96.12 12.85
CA THR Z 80 21.32 -95.46 13.49
C THR Z 80 21.81 -94.69 14.68
N VAL Z 81 21.40 -93.42 14.73
CA VAL Z 81 21.72 -92.52 15.84
C VAL Z 81 20.66 -92.66 16.92
N THR Z 82 21.11 -92.97 18.13
CA THR Z 82 20.22 -93.28 19.25
C THR Z 82 20.01 -92.10 20.18
N ALA Z 83 18.91 -92.17 20.94
CA ALA Z 83 18.65 -91.16 21.97
C ALA Z 83 19.88 -90.97 22.88
N MET Z 84 20.57 -92.07 23.16
CA MET Z 84 21.74 -92.03 24.02
C MET Z 84 22.93 -91.28 23.47
N ASP Z 85 23.17 -91.37 22.15
CA ASP Z 85 24.31 -90.69 21.54
C ASP Z 85 24.09 -89.21 21.66
N VAL Z 86 22.86 -88.78 21.37
CA VAL Z 86 22.45 -87.41 21.61
C VAL Z 86 22.72 -86.97 23.06
N VAL Z 87 22.32 -87.79 24.03
CA VAL Z 87 22.34 -87.34 25.42
C VAL Z 87 23.77 -87.20 25.93
N TYR Z 88 24.61 -88.11 25.48
CA TYR Z 88 26.01 -88.09 25.78
C TYR Z 88 26.71 -86.86 25.19
N ALA Z 89 26.18 -86.39 24.05
CA ALA Z 89 26.78 -85.31 23.33
C ALA Z 89 26.52 -84.05 24.13
N LEU Z 90 25.23 -83.76 24.36
CA LEU Z 90 24.80 -82.71 25.27
C LEU Z 90 25.61 -82.70 26.58
N LYS Z 91 25.66 -83.83 27.28
CA LYS Z 91 26.45 -83.88 28.50
C LYS Z 91 27.86 -83.33 28.23
N ARG Z 92 28.48 -83.81 27.14
CA ARG Z 92 29.81 -83.37 26.67
C ARG Z 92 29.90 -81.86 26.56
N GLN Z 93 28.90 -81.27 25.89
CA GLN Z 93 28.86 -79.83 25.64
C GLN Z 93 28.34 -79.06 26.84
N GLY Z 94 28.31 -79.68 28.01
CA GLY Z 94 27.82 -79.03 29.21
C GLY Z 94 26.38 -78.54 29.11
N ARG Z 95 25.53 -79.33 28.44
CA ARG Z 95 24.11 -79.06 28.34
C ARG Z 95 23.36 -80.34 28.66
N THR Z 96 23.64 -80.87 29.86
CA THR Z 96 23.06 -82.15 30.32
C THR Z 96 21.54 -82.15 30.20
N LEU Z 97 20.98 -83.29 29.78
CA LEU Z 97 19.53 -83.39 29.56
C LEU Z 97 18.94 -84.64 30.21
N TYR Z 98 17.89 -84.42 31.01
CA TYR Z 98 17.18 -85.50 31.66
C TYR Z 98 15.91 -85.79 30.87
N GLY Z 99 15.51 -87.06 30.83
CA GLY Z 99 14.26 -87.45 30.22
C GLY Z 99 14.35 -88.50 29.14
N PHE Z 100 15.59 -88.86 28.73
CA PHE Z 100 15.78 -89.73 27.58
C PHE Z 100 16.76 -90.88 27.78
N GLY Z 101 17.03 -91.26 29.01
CA GLY Z 101 18.02 -92.28 29.32
C GLY Z 101 19.25 -91.61 29.89
N GLY Z 102 20.19 -92.40 30.38
CA GLY Z 102 21.44 -91.87 30.94
C GLY Z 102 21.51 -91.74 32.46
N THR AA 17 63.50 -99.21 23.81
CA THR AA 17 62.25 -98.48 24.21
C THR AA 17 61.04 -98.83 23.31
N ARG AA 18 60.18 -97.84 23.08
CA ARG AA 18 59.04 -97.93 22.18
C ARG AA 18 58.79 -96.58 21.54
N SER AA 19 59.33 -95.53 22.18
CA SER AA 19 59.34 -94.19 21.62
C SER AA 19 60.08 -94.26 20.29
N SER AA 20 61.26 -94.88 20.33
CA SER AA 20 62.02 -95.29 19.16
C SER AA 20 61.16 -96.03 18.13
N ARG AA 21 60.60 -97.16 18.56
CA ARG AA 21 59.87 -98.07 17.69
C ARG AA 21 58.61 -97.44 17.05
N ALA AA 22 58.33 -96.19 17.42
CA ALA AA 22 57.19 -95.46 16.91
C ALA AA 22 57.61 -94.05 16.47
N GLY AA 23 58.92 -93.80 16.57
CA GLY AA 23 59.53 -92.56 16.10
C GLY AA 23 59.16 -91.37 16.95
N LEU AA 24 58.74 -91.67 18.17
CA LEU AA 24 58.24 -90.66 19.07
C LEU AA 24 59.33 -90.19 20.01
N GLN AA 25 59.19 -88.93 20.44
CA GLN AA 25 60.03 -88.34 21.45
C GLN AA 25 59.41 -88.52 22.83
N PHE AA 26 58.12 -88.83 22.85
CA PHE AA 26 57.36 -88.86 24.10
C PHE AA 26 57.27 -90.25 24.70
N PRO AA 27 57.54 -90.35 26.02
CA PRO AA 27 57.75 -91.62 26.69
C PRO AA 27 56.53 -92.51 26.57
N VAL AA 28 56.59 -93.43 25.61
CA VAL AA 28 55.54 -94.41 25.36
C VAL AA 28 55.32 -95.35 26.54
N GLY AA 29 56.36 -95.56 27.34
CA GLY AA 29 56.27 -96.35 28.57
C GLY AA 29 55.48 -95.62 29.65
N ARG AA 30 56.04 -94.52 30.15
CA ARG AA 30 55.34 -93.61 31.07
C ARG AA 30 53.84 -93.58 30.85
N VAL AA 31 53.44 -93.38 29.60
CA VAL AA 31 52.04 -93.22 29.24
C VAL AA 31 51.23 -94.50 29.51
N HIS AA 32 51.81 -95.65 29.20
CA HIS AA 32 51.11 -96.93 29.37
C HIS AA 32 50.89 -97.20 30.85
N ARG AA 33 51.82 -96.73 31.67
CA ARG AA 33 51.73 -96.89 33.11
C ARG AA 33 50.55 -96.07 33.60
N LEU AA 34 50.53 -94.80 33.19
CA LEU AA 34 49.56 -93.83 33.66
C LEU AA 34 48.11 -94.16 33.33
N LEU AA 35 47.90 -94.78 32.18
CA LEU AA 35 46.56 -95.16 31.78
C LEU AA 35 46.04 -96.28 32.67
N ARG AA 36 46.91 -97.25 32.96
CA ARG AA 36 46.54 -98.43 33.76
C ARG AA 36 46.25 -98.04 35.19
N LYS AA 37 47.11 -97.17 35.74
CA LYS AA 37 47.02 -96.74 37.12
C LYS AA 37 45.96 -95.67 37.40
N GLY AA 38 45.67 -94.83 36.40
CA GLY AA 38 44.71 -93.72 36.55
C GLY AA 38 43.25 -94.11 36.41
N ASN AA 39 42.97 -95.41 36.41
CA ASN AA 39 41.60 -95.90 36.58
C ASN AA 39 40.63 -95.48 35.48
N TYR AA 40 41.07 -95.66 34.24
CA TYR AA 40 40.25 -95.35 33.08
C TYR AA 40 39.51 -96.58 32.57
N ALA AA 41 40.14 -97.74 32.70
CA ALA AA 41 39.47 -99.02 32.41
C ALA AA 41 40.20 -100.20 32.99
N GLU AA 42 39.48 -101.33 33.02
CA GLU AA 42 40.01 -102.60 33.48
C GLU AA 42 41.31 -102.95 32.76
N ARG AA 43 41.23 -103.09 31.43
CA ARG AA 43 42.39 -103.39 30.57
C ARG AA 43 42.74 -102.24 29.60
N VAL AA 44 44.00 -102.24 29.14
CA VAL AA 44 44.57 -101.16 28.32
C VAL AA 44 45.39 -101.68 27.13
N GLY AA 45 44.88 -101.44 25.93
CA GLY AA 45 45.56 -101.85 24.69
C GLY AA 45 47.02 -101.42 24.48
N ALA AA 46 47.67 -102.06 23.51
CA ALA AA 46 49.09 -101.77 23.21
C ALA AA 46 49.25 -100.54 22.33
N GLY AA 47 48.28 -100.29 21.46
CA GLY AA 47 48.36 -99.16 20.54
C GLY AA 47 48.16 -97.82 21.22
N ALA AA 48 47.29 -97.81 22.23
CA ALA AA 48 46.81 -96.56 22.84
C ALA AA 48 47.89 -95.69 23.55
N PRO AA 49 48.80 -96.31 24.31
CA PRO AA 49 49.88 -95.47 24.86
C PRO AA 49 50.71 -94.84 23.76
N VAL AA 50 50.70 -95.48 22.59
CA VAL AA 50 51.44 -94.99 21.44
C VAL AA 50 50.58 -93.94 20.73
N TYR AA 51 49.35 -94.28 20.40
CA TYR AA 51 48.48 -93.31 19.77
C TYR AA 51 48.47 -92.01 20.57
N LEU AA 52 48.28 -92.11 21.87
CA LEU AA 52 48.15 -90.93 22.73
C LEU AA 52 49.46 -90.16 22.90
N ALA AA 53 50.54 -90.85 23.28
CA ALA AA 53 51.84 -90.20 23.43
C ALA AA 53 52.16 -89.34 22.19
N ALA AA 54 51.65 -89.79 21.05
CA ALA AA 54 51.86 -89.17 19.74
C ALA AA 54 51.08 -87.88 19.64
N VAL AA 55 49.81 -87.96 20.02
CA VAL AA 55 48.88 -86.83 20.00
C VAL AA 55 49.35 -85.81 21.00
N LEU AA 56 49.84 -86.27 22.14
CA LEU AA 56 50.47 -85.40 23.10
C LEU AA 56 51.69 -84.75 22.50
N GLU AA 57 52.54 -85.57 21.86
CA GLU AA 57 53.73 -85.05 21.17
C GLU AA 57 53.35 -84.07 20.07
N TYR AA 58 52.38 -84.45 19.24
CA TYR AA 58 51.92 -83.57 18.19
C TYR AA 58 51.59 -82.17 18.71
N LEU AA 59 50.70 -82.11 19.71
CA LEU AA 59 50.17 -80.84 20.23
C LEU AA 59 51.21 -80.00 20.94
N THR AA 60 52.12 -80.64 21.68
CA THR AA 60 53.17 -79.88 22.34
C THR AA 60 54.12 -79.25 21.31
N ALA AA 61 54.17 -79.86 20.12
CA ALA AA 61 54.93 -79.31 19.01
C ALA AA 61 54.29 -78.02 18.48
N GLU AA 62 52.99 -78.08 18.21
CA GLU AA 62 52.26 -76.92 17.69
C GLU AA 62 52.39 -75.70 18.58
N ILE AA 63 52.37 -75.93 19.89
CA ILE AA 63 52.53 -74.85 20.86
C ILE AA 63 53.95 -74.32 20.82
N LEU AA 64 54.91 -75.24 20.92
CA LEU AA 64 56.32 -74.88 20.93
C LEU AA 64 56.71 -74.15 19.65
N GLU AA 65 56.17 -74.64 18.53
CA GLU AA 65 56.20 -73.94 17.25
C GLU AA 65 55.87 -72.45 17.45
N LEU AA 66 54.59 -72.17 17.66
CA LEU AA 66 54.05 -70.81 17.59
C LEU AA 66 54.52 -69.90 18.71
N ALA AA 67 54.87 -70.49 19.85
CA ALA AA 67 55.47 -69.73 20.94
C ALA AA 67 56.87 -69.28 20.54
N GLY AA 68 57.71 -70.22 20.12
CA GLY AA 68 59.05 -69.91 19.62
C GLY AA 68 59.02 -68.78 18.60
N ASN AA 69 58.25 -68.97 17.53
CA ASN AA 69 57.90 -67.89 16.61
C ASN AA 69 57.74 -66.60 17.39
N ALA AA 70 56.77 -66.60 18.30
CA ALA AA 70 56.45 -65.44 19.14
C ALA AA 70 57.65 -64.89 19.91
N ALA AA 71 58.52 -65.77 20.39
CA ALA AA 71 59.74 -65.34 21.07
C ALA AA 71 60.73 -64.69 20.08
N ARG AA 72 60.76 -65.19 18.84
CA ARG AA 72 61.52 -64.53 17.77
C ARG AA 72 60.92 -63.16 17.55
N ASP AA 73 59.62 -63.13 17.29
CA ASP AA 73 58.87 -61.88 17.05
C ASP AA 73 59.10 -60.88 18.18
N ASN AA 74 59.19 -61.39 19.41
CA ASN AA 74 59.39 -60.55 20.60
C ASN AA 74 60.88 -60.50 20.96
N LYS AA 75 61.71 -61.00 20.05
CA LYS AA 75 63.18 -60.87 20.07
C LYS AA 75 63.87 -61.42 21.33
N LYS AA 76 63.68 -62.71 21.57
CA LYS AA 76 64.27 -63.41 22.71
C LYS AA 76 64.60 -64.82 22.25
N THR AA 77 65.66 -65.41 22.81
CA THR AA 77 65.97 -66.81 22.49
C THR AA 77 65.21 -67.78 23.39
N ARG AA 78 64.82 -67.32 24.59
CA ARG AA 78 64.09 -68.16 25.54
C ARG AA 78 62.61 -67.83 25.68
N ILE AA 79 61.79 -68.89 25.64
CA ILE AA 79 60.33 -68.82 25.76
C ILE AA 79 59.89 -68.62 27.21
N ILE AA 80 59.20 -67.51 27.47
CA ILE AA 80 58.55 -67.30 28.75
C ILE AA 80 57.05 -67.50 28.60
N PRO AA 81 56.34 -67.63 29.74
CA PRO AA 81 54.89 -67.84 29.71
C PRO AA 81 54.13 -66.95 28.73
N ARG AA 82 54.52 -65.68 28.63
CA ARG AA 82 53.85 -64.76 27.70
C ARG AA 82 53.82 -65.32 26.28
N HIS AA 83 54.97 -65.81 25.82
CA HIS AA 83 55.10 -66.32 24.46
C HIS AA 83 54.15 -67.46 24.24
N LEU AA 84 53.91 -68.23 25.29
CA LEU AA 84 52.91 -69.27 25.22
C LEU AA 84 51.53 -68.64 25.05
N GLN AA 85 51.17 -67.75 25.97
CA GLN AA 85 49.90 -67.04 25.91
C GLN AA 85 49.64 -66.42 24.52
N LEU AA 86 50.60 -65.64 24.02
CA LEU AA 86 50.47 -65.04 22.70
C LEU AA 86 50.21 -66.10 21.64
N ALA AA 87 50.98 -67.19 21.69
CA ALA AA 87 50.85 -68.25 20.71
C ALA AA 87 49.45 -68.83 20.75
N VAL AA 88 48.91 -68.92 21.97
CA VAL AA 88 47.68 -69.63 22.24
C VAL AA 88 46.48 -68.78 21.87
N ARG AA 89 46.44 -67.56 22.38
CA ARG AA 89 45.30 -66.69 22.16
C ARG AA 89 45.21 -66.23 20.71
N ASN AA 90 46.37 -66.08 20.05
CA ASN AA 90 46.37 -65.75 18.64
C ASN AA 90 45.98 -66.89 17.72
N ASP AA 91 46.28 -68.12 18.11
CA ASP AA 91 45.77 -69.28 17.36
C ASP AA 91 44.30 -69.51 17.65
N GLU AA 92 43.48 -69.45 16.61
CA GLU AA 92 42.04 -69.62 16.75
C GLU AA 92 41.69 -71.02 17.29
N GLU AA 93 42.32 -72.06 16.74
CA GLU AA 93 42.06 -73.44 17.16
C GLU AA 93 42.64 -73.83 18.51
N LEU AA 94 43.83 -73.33 18.86
CA LEU AA 94 44.43 -73.64 20.17
C LEU AA 94 43.67 -72.94 21.27
N ASN AA 95 43.34 -71.67 21.04
CA ASN AA 95 42.59 -70.86 21.99
C ASN AA 95 41.27 -71.49 22.39
N LYS AA 96 40.60 -72.14 21.44
CA LYS AA 96 39.37 -72.81 21.78
C LYS AA 96 39.77 -73.88 22.77
N LEU AA 97 40.58 -74.82 22.32
CA LEU AA 97 41.02 -75.92 23.18
C LEU AA 97 41.29 -75.43 24.62
N LEU AA 98 42.13 -74.42 24.78
CA LEU AA 98 42.39 -73.86 26.10
C LEU AA 98 41.48 -72.65 26.36
N GLY AA 99 40.20 -72.84 26.03
CA GLY AA 99 39.14 -71.87 26.29
C GLY AA 99 38.86 -71.61 27.76
N ARG AA 100 39.05 -72.61 28.61
CA ARG AA 100 38.86 -72.45 30.07
C ARG AA 100 40.16 -72.49 30.88
N VAL AA 101 41.30 -72.11 30.29
CA VAL AA 101 42.56 -72.20 31.03
C VAL AA 101 43.22 -70.86 31.19
N THR AA 102 43.45 -70.48 32.42
CA THR AA 102 44.27 -69.31 32.66
C THR AA 102 45.75 -69.74 32.74
N ILE AA 103 46.59 -69.11 31.93
CA ILE AA 103 48.04 -69.41 31.89
C ILE AA 103 48.79 -68.41 32.76
N ALA AA 104 49.39 -68.89 33.84
CA ALA AA 104 50.18 -68.02 34.74
C ALA AA 104 51.15 -67.10 34.00
N GLN AA 105 51.13 -65.82 34.36
CA GLN AA 105 51.98 -64.81 33.72
C GLN AA 105 51.76 -64.73 32.21
N GLY AA 106 50.50 -64.85 31.80
CA GLY AA 106 50.18 -64.77 30.39
C GLY AA 106 49.97 -63.35 29.93
N GLY AA 107 49.36 -62.53 30.78
CA GLY AA 107 48.90 -61.22 30.35
C GLY AA 107 47.74 -61.41 29.39
N VAL AA 108 47.38 -60.33 28.71
CA VAL AA 108 46.32 -60.38 27.69
C VAL AA 108 46.88 -59.94 26.35
N LEU AA 109 46.14 -60.25 25.28
CA LEU AA 109 46.46 -59.69 23.97
C LEU AA 109 46.13 -58.21 24.02
N PRO AA 110 46.87 -57.38 23.25
CA PRO AA 110 46.47 -55.99 23.16
C PRO AA 110 45.23 -55.87 22.28
N ASN AA 111 44.19 -55.26 22.83
CA ASN AA 111 42.93 -55.03 22.16
C ASN AA 111 42.24 -53.85 22.85
N ILE AA 112 41.97 -52.80 22.10
CA ILE AA 112 41.37 -51.56 22.60
C ILE AA 112 40.15 -51.30 21.75
N GLN AA 113 38.98 -51.20 22.36
CA GLN AA 113 37.75 -51.02 21.59
C GLN AA 113 37.74 -49.70 20.84
N SER AA 114 37.31 -49.75 19.58
CA SER AA 114 37.19 -48.57 18.71
C SER AA 114 36.73 -47.33 19.47
N VAL AA 115 35.45 -47.28 19.79
CA VAL AA 115 34.83 -46.09 20.40
C VAL AA 115 35.60 -45.50 21.58
N LEU AA 116 36.56 -46.25 22.08
CA LEU AA 116 37.42 -45.78 23.16
C LEU AA 116 38.57 -44.94 22.62
N LEU AA 117 38.99 -45.23 21.38
CA LEU AA 117 40.06 -44.48 20.70
C LEU AA 117 39.73 -42.99 20.47
N PRO AA 118 40.77 -42.12 20.44
CA PRO AA 118 40.56 -40.68 20.21
C PRO AA 118 40.02 -40.37 18.81
N LYS AA 119 39.44 -39.18 18.65
CA LYS AA 119 38.84 -38.80 17.38
C LYS AA 119 39.71 -37.81 16.62
N LYS BA 32 65.61 -87.34 48.96
CA LYS BA 32 65.02 -86.13 48.29
C LYS BA 32 64.16 -86.57 47.10
N THR BA 33 62.85 -86.70 47.36
CA THR BA 33 61.87 -87.34 46.45
C THR BA 33 62.04 -87.09 44.95
N ARG BA 34 61.75 -88.13 44.19
CA ARG BA 34 62.07 -88.23 42.76
C ARG BA 34 60.88 -87.85 41.88
N LYS BA 35 60.40 -86.61 42.00
CA LYS BA 35 59.21 -86.15 41.26
C LYS BA 35 59.37 -86.11 39.73
N GLU BA 36 58.48 -86.82 39.05
CA GLU BA 36 58.48 -86.92 37.58
C GLU BA 36 57.93 -85.68 36.87
N SER BA 37 58.17 -85.60 35.57
CA SER BA 37 57.48 -84.62 34.70
C SER BA 37 57.68 -85.03 33.24
N TYR BA 38 57.27 -84.15 32.32
CA TYR BA 38 57.51 -84.33 30.89
C TYR BA 38 58.65 -83.44 30.39
N ALA BA 39 59.29 -82.70 31.30
CA ALA BA 39 60.28 -81.65 30.96
C ALA BA 39 61.24 -81.96 29.83
N ILE BA 40 62.00 -83.05 29.96
CA ILE BA 40 63.06 -83.38 28.99
C ILE BA 40 62.54 -83.65 27.58
N TYR BA 41 61.33 -84.20 27.48
CA TYR BA 41 60.72 -84.56 26.19
C TYR BA 41 60.15 -83.33 25.49
N VAL BA 42 59.56 -82.45 26.29
CA VAL BA 42 59.16 -81.12 25.83
C VAL BA 42 60.35 -80.49 25.13
N TYR BA 43 61.50 -80.50 25.80
CA TYR BA 43 62.75 -79.95 25.27
C TYR BA 43 63.16 -80.57 23.93
N LYS BA 44 63.36 -81.89 23.92
CA LYS BA 44 63.67 -82.62 22.70
C LYS BA 44 62.75 -82.22 21.54
N VAL BA 45 61.45 -82.11 21.81
CA VAL BA 45 60.49 -81.68 20.79
C VAL BA 45 60.70 -80.21 20.41
N LEU BA 46 61.07 -79.40 21.40
CA LEU BA 46 61.42 -77.99 21.15
C LEU BA 46 62.56 -77.92 20.13
N LYS BA 47 63.57 -78.76 20.31
CA LYS BA 47 64.70 -78.83 19.38
C LYS BA 47 64.24 -79.28 17.99
N GLN BA 48 63.35 -80.27 17.96
CA GLN BA 48 62.76 -80.73 16.71
C GLN BA 48 62.07 -79.64 15.90
N VAL BA 49 61.68 -78.53 16.54
CA VAL BA 49 60.92 -77.49 15.85
C VAL BA 49 61.63 -76.14 15.79
N HIS BA 50 62.37 -75.82 16.84
CA HIS BA 50 63.09 -74.55 16.93
C HIS BA 50 64.49 -74.75 17.49
N PRO BA 51 65.36 -75.47 16.74
CA PRO BA 51 66.66 -75.93 17.26
C PRO BA 51 67.45 -74.87 18.03
N ASP BA 52 67.45 -73.63 17.55
CA ASP BA 52 68.20 -72.56 18.19
C ASP BA 52 67.32 -71.69 19.09
N THR BA 53 66.57 -72.33 19.99
CA THR BA 53 65.68 -71.61 20.93
C THR BA 53 65.59 -72.34 22.28
N GLY BA 54 65.41 -71.58 23.36
CA GLY BA 54 65.33 -72.16 24.71
C GLY BA 54 64.05 -71.84 25.48
N ILE BA 55 63.99 -72.26 26.75
CA ILE BA 55 62.77 -72.14 27.56
C ILE BA 55 63.07 -71.79 29.03
N SER BA 56 62.13 -71.09 29.68
CA SER BA 56 62.24 -70.79 31.10
C SER BA 56 61.51 -71.84 31.93
N SER BA 57 61.89 -71.95 33.20
CA SER BA 57 61.26 -72.88 34.13
C SER BA 57 59.78 -72.57 34.25
N LYS BA 58 59.46 -71.28 34.37
CA LYS BA 58 58.08 -70.83 34.48
C LYS BA 58 57.20 -71.27 33.30
N ALA BA 59 57.75 -71.23 32.09
CA ALA BA 59 57.05 -71.70 30.90
C ALA BA 59 57.08 -73.22 30.82
N MET BA 60 58.10 -73.82 31.43
CA MET BA 60 58.26 -75.27 31.44
C MET BA 60 57.15 -75.91 32.26
N SER BA 61 56.81 -75.27 33.36
CA SER BA 61 55.70 -75.72 34.18
C SER BA 61 54.43 -75.71 33.33
N ILE BA 62 54.19 -74.59 32.65
CA ILE BA 62 53.02 -74.44 31.79
C ILE BA 62 52.92 -75.53 30.72
N MET BA 63 54.07 -75.90 30.15
CA MET BA 63 54.10 -76.99 29.18
C MET BA 63 53.78 -78.31 29.84
N ASN BA 64 54.34 -78.54 31.02
CA ASN BA 64 54.00 -79.74 31.77
C ASN BA 64 52.53 -79.78 32.24
N SER BA 65 52.01 -78.65 32.69
CA SER BA 65 50.60 -78.57 33.06
C SER BA 65 49.76 -78.92 31.84
N PHE BA 66 50.09 -78.27 30.72
CA PHE BA 66 49.37 -78.45 29.48
C PHE BA 66 49.29 -79.92 29.12
N VAL BA 67 50.41 -80.62 29.26
CA VAL BA 67 50.48 -82.04 28.90
C VAL BA 67 49.54 -82.89 29.74
N ASN BA 68 49.65 -82.73 31.08
CA ASN BA 68 48.80 -83.47 32.00
C ASN BA 68 47.31 -83.18 31.79
N ASP BA 69 46.95 -81.90 31.60
CA ASP BA 69 45.56 -81.55 31.36
C ASP BA 69 45.03 -82.27 30.12
N VAL BA 70 45.81 -82.21 29.03
CA VAL BA 70 45.38 -82.79 27.79
C VAL BA 70 45.29 -84.31 27.94
N PHE BA 71 46.28 -84.90 28.61
CA PHE BA 71 46.28 -86.32 28.93
C PHE BA 71 45.00 -86.76 29.67
N GLU BA 72 44.60 -86.01 30.71
CA GLU BA 72 43.37 -86.33 31.44
C GLU BA 72 42.16 -86.28 30.51
N ARG BA 73 42.00 -85.15 29.82
CA ARG BA 73 40.80 -84.92 29.03
C ARG BA 73 40.60 -86.02 27.99
N ILE BA 74 41.71 -86.45 27.37
CA ILE BA 74 41.63 -87.48 26.34
C ILE BA 74 41.37 -88.83 27.00
N ALA BA 75 42.19 -89.14 28.00
CA ALA BA 75 42.02 -90.37 28.77
C ALA BA 75 40.59 -90.51 29.32
N GLY BA 76 40.07 -89.44 29.94
CA GLY BA 76 38.74 -89.38 30.49
C GLY BA 76 37.66 -89.71 29.50
N GLU BA 77 37.67 -89.03 28.35
CA GLU BA 77 36.71 -89.25 27.25
C GLU BA 77 36.71 -90.68 26.78
N ALA BA 78 37.93 -91.20 26.62
CA ALA BA 78 38.16 -92.55 26.22
C ALA BA 78 37.49 -93.49 27.21
N SER BA 79 37.75 -93.22 28.48
CA SER BA 79 37.12 -93.98 29.56
C SER BA 79 35.59 -94.08 29.47
N ARG BA 80 34.90 -92.97 29.20
CA ARG BA 80 33.45 -92.99 29.11
C ARG BA 80 33.03 -93.79 27.89
N LEU BA 81 33.68 -93.51 26.76
CA LEU BA 81 33.54 -94.24 25.50
C LEU BA 81 33.44 -95.76 25.69
N ALA BA 82 34.48 -96.33 26.31
CA ALA BA 82 34.45 -97.73 26.73
C ALA BA 82 33.16 -98.08 27.47
N HIS BA 83 32.94 -97.44 28.63
CA HIS BA 83 31.72 -97.67 29.42
C HIS BA 83 30.45 -97.62 28.57
N TYR BA 84 30.27 -96.51 27.87
CA TYR BA 84 29.10 -96.29 27.03
C TYR BA 84 28.82 -97.48 26.13
N ASN BA 85 29.90 -98.16 25.72
CA ASN BA 85 29.81 -99.23 24.76
C ASN BA 85 30.02 -100.60 25.39
N LYS BA 86 29.76 -100.68 26.70
CA LYS BA 86 29.84 -101.93 27.46
C LYS BA 86 31.06 -102.75 27.07
N ARG BA 87 32.23 -102.13 27.19
CA ARG BA 87 33.49 -102.76 26.82
C ARG BA 87 34.58 -102.35 27.79
N SER BA 88 35.53 -103.25 28.01
CA SER BA 88 36.49 -103.14 29.10
C SER BA 88 37.85 -102.59 28.71
N THR BA 89 38.04 -102.30 27.43
CA THR BA 89 39.38 -101.97 26.97
C THR BA 89 39.44 -100.62 26.26
N ILE BA 90 40.47 -99.85 26.63
CA ILE BA 90 40.77 -98.57 25.99
C ILE BA 90 41.86 -98.81 24.95
N THR BA 91 41.44 -98.94 23.70
CA THR BA 91 42.35 -99.16 22.59
C THR BA 91 42.70 -97.84 21.92
N SER BA 92 43.64 -97.92 20.97
CA SER BA 92 44.02 -96.76 20.15
C SER BA 92 42.80 -96.15 19.48
N ARG BA 93 41.78 -96.97 19.20
CA ARG BA 93 40.54 -96.53 18.57
C ARG BA 93 39.76 -95.63 19.52
N GLU BA 94 39.52 -96.13 20.73
CA GLU BA 94 38.93 -95.30 21.78
C GLU BA 94 39.70 -94.01 21.88
N ILE BA 95 41.02 -94.08 22.05
CA ILE BA 95 41.82 -92.86 22.12
C ILE BA 95 41.50 -91.98 20.94
N GLN BA 96 41.44 -92.59 19.77
CA GLN BA 96 41.25 -91.84 18.56
C GLN BA 96 39.98 -91.02 18.66
N THR BA 97 38.84 -91.67 18.79
CA THR BA 97 37.57 -90.95 18.77
C THR BA 97 37.47 -89.91 19.90
N ALA BA 98 38.04 -90.24 21.06
CA ALA BA 98 38.25 -89.28 22.16
C ALA BA 98 38.84 -87.96 21.67
N VAL BA 99 39.94 -88.09 20.94
CA VAL BA 99 40.62 -87.01 20.24
C VAL BA 99 39.68 -86.24 19.32
N ARG BA 100 38.79 -86.95 18.63
CA ARG BA 100 37.89 -86.28 17.69
C ARG BA 100 36.79 -85.49 18.37
N LEU BA 101 36.43 -85.91 19.58
CA LEU BA 101 35.50 -85.16 20.40
C LEU BA 101 36.25 -84.03 21.12
N LEU BA 102 37.48 -84.27 21.52
CA LEU BA 102 38.17 -83.25 22.28
C LEU BA 102 38.75 -82.09 21.49
N LEU BA 103 39.08 -82.32 20.22
CA LEU BA 103 39.84 -81.35 19.44
C LEU BA 103 39.05 -80.66 18.33
N PRO BA 104 39.40 -79.39 18.07
CA PRO BA 104 38.85 -78.52 17.00
C PRO BA 104 39.26 -78.96 15.59
N GLY BA 105 38.26 -79.32 14.78
CA GLY BA 105 38.42 -79.64 13.33
C GLY BA 105 39.83 -79.87 12.79
N GLU BA 106 40.68 -78.83 12.80
CA GLU BA 106 41.99 -78.92 12.14
C GLU BA 106 43.01 -79.62 13.01
N LEU BA 107 43.01 -79.30 14.29
CA LEU BA 107 43.99 -79.79 15.23
C LEU BA 107 43.78 -81.28 15.49
N ALA BA 108 42.51 -81.67 15.50
CA ALA BA 108 42.08 -83.06 15.50
C ALA BA 108 42.64 -83.80 14.31
N LYS BA 109 42.48 -83.19 13.13
CA LYS BA 109 42.85 -83.78 11.85
C LYS BA 109 44.31 -84.22 11.87
N HIS BA 110 45.21 -83.29 12.14
CA HIS BA 110 46.62 -83.62 12.25
C HIS BA 110 46.88 -84.67 13.32
N ALA BA 111 46.26 -84.48 14.49
CA ALA BA 111 46.39 -85.41 15.62
C ALA BA 111 46.11 -86.86 15.23
N VAL BA 112 45.01 -87.08 14.51
CA VAL BA 112 44.68 -88.44 14.06
C VAL BA 112 45.80 -88.98 13.16
N SER BA 113 46.29 -88.14 12.26
CA SER BA 113 47.48 -88.45 11.45
C SER BA 113 48.55 -89.02 12.35
N GLU BA 114 49.24 -88.13 13.04
CA GLU BA 114 50.37 -88.49 13.90
C GLU BA 114 50.06 -89.71 14.75
N GLY BA 115 48.80 -89.79 15.20
CA GLY BA 115 48.30 -90.93 15.93
C GLY BA 115 48.34 -92.21 15.12
N THR BA 116 47.64 -92.23 13.98
CA THR BA 116 47.60 -93.42 13.15
C THR BA 116 49.00 -93.79 12.61
N LYS BA 117 49.80 -92.77 12.28
CA LYS BA 117 51.18 -92.94 11.84
C LYS BA 117 52.03 -93.69 12.86
N ALA BA 118 52.32 -93.06 13.99
CA ALA BA 118 53.22 -93.64 15.01
C ALA BA 118 52.79 -95.04 15.45
N VAL BA 119 51.48 -95.29 15.43
CA VAL BA 119 50.93 -96.60 15.75
C VAL BA 119 51.35 -97.63 14.69
N THR BA 120 51.08 -97.35 13.41
CA THR BA 120 51.46 -98.26 12.32
C THR BA 120 52.96 -98.48 12.32
N LYS BA 121 53.72 -97.40 12.48
CA LYS BA 121 55.18 -97.45 12.56
C LYS BA 121 55.65 -98.29 13.75
N TYR BA 122 54.88 -98.25 14.83
CA TYR BA 122 55.14 -99.05 16.01
C TYR BA 122 54.88 -100.52 15.68
N THR BA 123 53.72 -100.81 15.11
CA THR BA 123 53.38 -102.19 14.76
C THR BA 123 54.27 -102.77 13.65
N SER BA 124 55.06 -101.90 13.00
CA SER BA 124 56.12 -102.34 12.09
C SER BA 124 57.18 -103.05 12.91
N ALA BA 125 57.94 -102.26 13.68
CA ALA BA 125 59.00 -102.76 14.55
C ALA BA 125 58.45 -103.68 15.65
N LYS BA 126 59.35 -104.46 16.26
CA LYS BA 126 59.01 -105.41 17.33
C LYS BA 126 60.29 -105.91 18.02
N HIS CA 39 52.53 -28.88 30.46
CA HIS CA 39 51.08 -28.67 30.17
C HIS CA 39 50.19 -29.80 30.72
N ARG CA 40 48.98 -29.90 30.18
CA ARG CA 40 47.97 -30.83 30.66
C ARG CA 40 47.50 -31.77 29.54
N TYR CA 41 47.50 -33.07 29.81
CA TYR CA 41 46.95 -34.06 28.88
C TYR CA 41 45.44 -34.17 29.02
N ARG CA 42 44.76 -34.17 27.88
CA ARG CA 42 43.30 -34.22 27.84
C ARG CA 42 42.76 -35.47 28.54
N PRO CA 43 41.80 -35.28 29.48
CA PRO CA 43 41.11 -36.36 30.19
C PRO CA 43 40.83 -37.58 29.32
N GLY CA 44 41.49 -38.70 29.65
CA GLY CA 44 41.29 -39.97 28.96
C GLY CA 44 42.46 -40.44 28.13
N THR CA 45 43.49 -39.60 28.04
CA THR CA 45 44.58 -39.87 27.10
C THR CA 45 45.72 -40.63 27.75
N VAL CA 46 45.87 -40.47 29.06
CA VAL CA 46 46.77 -41.32 29.83
C VAL CA 46 46.11 -42.67 30.07
N ALA CA 47 44.77 -42.67 30.13
CA ALA CA 47 43.98 -43.89 30.23
C ALA CA 47 44.33 -44.83 29.08
N LEU CA 48 44.19 -44.32 27.86
CA LEU CA 48 44.58 -45.08 26.67
C LEU CA 48 46.03 -45.52 26.74
N ARG CA 49 46.91 -44.60 27.15
CA ARG CA 49 48.34 -44.91 27.30
C ARG CA 49 48.60 -46.01 28.33
N GLU CA 50 47.88 -45.97 29.45
CA GLU CA 50 48.01 -47.00 30.49
C GLU CA 50 47.51 -48.36 30.02
N ILE CA 51 46.38 -48.39 29.32
CA ILE CA 51 45.86 -49.65 28.76
C ILE CA 51 47.00 -50.32 27.99
N ARG CA 52 47.61 -49.57 27.09
CA ARG CA 52 48.70 -50.07 26.24
C ARG CA 52 49.81 -50.71 27.06
N ARG CA 53 50.18 -50.01 28.14
CA ARG CA 53 51.27 -50.41 29.02
C ARG CA 53 51.02 -51.72 29.75
N TYR CA 54 49.77 -51.93 30.17
CA TYR CA 54 49.40 -53.10 30.98
C TYR CA 54 49.10 -54.34 30.17
N GLN CA 55 48.55 -54.15 28.98
CA GLN CA 55 48.30 -55.26 28.07
C GLN CA 55 49.62 -55.77 27.48
N LYS CA 56 50.65 -54.91 27.52
CA LYS CA 56 51.98 -55.29 27.09
C LYS CA 56 52.77 -56.03 28.17
N SER CA 57 52.36 -55.89 29.42
CA SER CA 57 53.07 -56.50 30.53
C SER CA 57 52.27 -57.67 31.13
N THR CA 58 52.97 -58.53 31.86
CA THR CA 58 52.33 -59.70 32.47
C THR CA 58 52.52 -59.73 33.98
N GLU CA 59 53.09 -58.67 34.53
CA GLU CA 59 53.28 -58.59 35.97
C GLU CA 59 51.96 -58.34 36.71
N LEU CA 60 51.88 -58.88 37.93
CA LEU CA 60 50.65 -58.83 38.73
C LEU CA 60 50.38 -57.45 39.28
N LEU CA 61 49.10 -57.12 39.42
CA LEU CA 61 48.70 -55.73 39.60
C LEU CA 61 48.21 -55.40 41.02
N ILE CA 62 47.91 -56.42 41.81
CA ILE CA 62 47.66 -56.21 43.23
C ILE CA 62 48.94 -56.57 43.95
N ARG CA 63 49.47 -55.64 44.74
CA ARG CA 63 50.66 -55.91 45.55
C ARG CA 63 50.40 -57.07 46.52
N LYS CA 64 51.38 -57.95 46.63
CA LYS CA 64 51.21 -59.28 47.21
C LYS CA 64 50.67 -59.33 48.62
N LEU CA 65 51.13 -58.44 49.48
CA LEU CA 65 50.88 -58.56 50.92
C LEU CA 65 49.46 -58.23 51.37
N PRO CA 66 48.87 -57.11 50.87
CA PRO CA 66 47.46 -56.89 51.14
C PRO CA 66 46.65 -58.10 50.70
N PHE CA 67 46.89 -58.53 49.46
CA PHE CA 67 46.25 -59.69 48.88
C PHE CA 67 46.46 -60.90 49.77
N GLN CA 68 47.72 -61.14 50.14
CA GLN CA 68 48.04 -62.27 50.98
C GLN CA 68 47.26 -62.21 52.28
N ARG CA 69 47.16 -61.01 52.87
CA ARG CA 69 46.41 -60.86 54.11
C ARG CA 69 44.93 -61.08 53.90
N LEU CA 70 44.44 -60.70 52.73
CA LEU CA 70 43.04 -60.96 52.40
C LEU CA 70 42.78 -62.46 52.31
N VAL CA 71 43.74 -63.20 51.78
CA VAL CA 71 43.61 -64.64 51.58
C VAL CA 71 43.51 -65.38 52.90
N ARG CA 72 44.43 -65.09 53.81
CA ARG CA 72 44.48 -65.70 55.14
C ARG CA 72 43.22 -65.44 55.94
N GLU CA 73 42.75 -64.19 55.90
CA GLU CA 73 41.49 -63.80 56.53
C GLU CA 73 40.35 -64.71 56.10
N ILE CA 74 40.16 -64.84 54.78
CA ILE CA 74 39.03 -65.56 54.21
C ILE CA 74 39.07 -67.05 54.55
N ALA CA 75 40.27 -67.62 54.60
CA ALA CA 75 40.47 -69.04 54.89
C ALA CA 75 40.25 -69.35 56.37
N GLN CA 76 40.70 -68.44 57.24
CA GLN CA 76 40.48 -68.56 58.68
C GLN CA 76 39.01 -68.82 58.99
N ASP CA 77 38.13 -68.18 58.23
CA ASP CA 77 36.68 -68.39 58.35
C ASP CA 77 36.24 -69.82 58.01
N PHE CA 78 37.11 -70.58 57.35
CA PHE CA 78 36.79 -71.95 57.00
C PHE CA 78 37.51 -72.95 57.89
N LYS CA 79 38.74 -72.60 58.29
CA LYS CA 79 39.52 -73.43 59.21
C LYS CA 79 40.62 -72.65 59.90
N THR CA 80 40.82 -72.96 61.18
CA THR CA 80 41.75 -72.24 62.05
C THR CA 80 43.15 -72.84 62.01
N ASP CA 81 44.14 -72.02 62.38
CA ASP CA 81 45.53 -72.47 62.53
C ASP CA 81 45.98 -73.15 61.24
N LEU CA 82 46.01 -72.36 60.15
CA LEU CA 82 46.34 -72.87 58.82
C LEU CA 82 47.58 -72.22 58.26
N ARG CA 83 48.30 -72.95 57.42
CA ARG CA 83 49.48 -72.44 56.73
C ARG CA 83 49.32 -72.51 55.22
N PHE CA 84 49.90 -71.55 54.52
CA PHE CA 84 49.83 -71.53 53.07
C PHE CA 84 51.19 -71.67 52.44
N GLN CA 85 51.30 -72.50 51.40
CA GLN CA 85 52.49 -72.49 50.57
C GLN CA 85 52.53 -71.20 49.77
N SER CA 86 53.70 -70.58 49.67
CA SER CA 86 53.86 -69.31 48.94
C SER CA 86 53.43 -69.46 47.47
N SER CA 87 53.62 -70.65 46.92
CA SER CA 87 53.09 -70.98 45.60
C SER CA 87 51.57 -71.09 45.63
N ALA CA 88 51.02 -71.48 46.77
CA ALA CA 88 49.57 -71.61 46.90
C ALA CA 88 48.92 -70.25 46.86
N VAL CA 89 49.63 -69.24 47.36
CA VAL CA 89 49.12 -67.88 47.36
C VAL CA 89 49.25 -67.26 45.96
N MET CA 90 50.40 -67.48 45.32
CA MET CA 90 50.61 -67.02 43.94
C MET CA 90 49.53 -67.59 43.03
N ALA CA 91 49.33 -68.91 43.11
CA ALA CA 91 48.30 -69.60 42.32
C ALA CA 91 46.96 -68.90 42.41
N LEU CA 92 46.49 -68.70 43.66
CA LEU CA 92 45.29 -67.93 43.91
C LEU CA 92 45.37 -66.56 43.25
N GLN CA 93 46.49 -65.85 43.45
CA GLN CA 93 46.63 -64.50 42.91
C GLN CA 93 46.46 -64.45 41.41
N GLU CA 94 47.18 -65.32 40.71
CA GLU CA 94 47.09 -65.40 39.27
C GLU CA 94 45.64 -65.67 38.85
N ALA CA 95 45.06 -66.73 39.42
CA ALA CA 95 43.71 -67.17 39.09
C ALA CA 95 42.70 -66.05 39.25
N SER CA 96 42.89 -65.24 40.28
CA SER CA 96 41.96 -64.18 40.66
C SER CA 96 42.09 -62.98 39.73
N GLU CA 97 43.31 -62.49 39.56
CA GLU CA 97 43.53 -61.38 38.66
C GLU CA 97 43.05 -61.73 37.24
N ALA CA 98 43.67 -62.74 36.63
CA ALA CA 98 43.25 -63.22 35.32
C ALA CA 98 41.74 -63.18 35.16
N TYR CA 99 41.04 -63.64 36.20
CA TYR CA 99 39.57 -63.69 36.26
C TYR CA 99 38.92 -62.32 36.22
N LEU CA 100 39.52 -61.39 36.94
CA LEU CA 100 38.96 -60.06 37.12
C LEU CA 100 39.13 -59.26 35.86
N VAL CA 101 40.20 -59.57 35.14
CA VAL CA 101 40.58 -58.87 33.91
C VAL CA 101 39.59 -59.29 32.83
N ALA CA 102 39.56 -60.59 32.57
CA ALA CA 102 38.48 -61.20 31.83
C ALA CA 102 37.16 -60.50 32.17
N LEU CA 103 36.83 -60.45 33.46
CA LEU CA 103 35.58 -59.80 33.88
C LEU CA 103 35.42 -58.34 33.45
N PHE CA 104 36.46 -57.54 33.60
CA PHE CA 104 36.39 -56.16 33.15
C PHE CA 104 36.16 -56.09 31.64
N GLU CA 105 36.93 -56.89 30.89
CA GLU CA 105 36.69 -57.09 29.46
C GLU CA 105 35.19 -57.18 29.21
N ASP CA 106 34.54 -58.18 29.78
CA ASP CA 106 33.13 -58.40 29.48
C ASP CA 106 32.27 -57.28 30.07
N THR CA 107 32.71 -56.72 31.17
CA THR CA 107 32.00 -55.61 31.78
C THR CA 107 31.98 -54.49 30.76
N ASN CA 108 33.18 -54.09 30.38
CA ASN CA 108 33.43 -53.05 29.40
C ASN CA 108 32.59 -53.15 28.12
N LEU CA 109 32.31 -54.37 27.68
CA LEU CA 109 31.46 -54.56 26.50
C LEU CA 109 30.03 -54.14 26.79
N CYS CA 110 29.56 -54.45 28.00
CA CYS CA 110 28.21 -54.05 28.39
C CYS CA 110 28.10 -52.52 28.46
N ALA CA 111 29.09 -51.87 29.06
CA ALA CA 111 29.17 -50.41 29.08
C ALA CA 111 28.95 -49.94 27.68
N ILE CA 112 29.81 -50.41 26.78
CA ILE CA 112 29.72 -50.08 25.35
C ILE CA 112 28.36 -50.43 24.76
N HIS CA 113 27.77 -51.55 25.15
CA HIS CA 113 26.48 -51.92 24.61
C HIS CA 113 25.42 -50.86 24.91
N ALA CA 114 25.64 -50.15 26.02
CA ALA CA 114 24.70 -49.12 26.50
C ALA CA 114 25.12 -47.71 26.03
N LYS CA 115 25.84 -47.66 24.91
CA LYS CA 115 26.34 -46.42 24.31
C LYS CA 115 27.17 -45.59 25.30
N ARG CA 116 27.59 -46.24 26.39
CA ARG CA 116 28.43 -45.62 27.42
C ARG CA 116 29.93 -45.86 27.19
N VAL CA 117 30.77 -45.27 28.02
CA VAL CA 117 32.22 -45.42 27.91
C VAL CA 117 32.84 -45.64 29.29
N THR CA 118 31.98 -45.49 30.30
CA THR CA 118 32.33 -45.70 31.68
C THR CA 118 31.68 -47.00 32.14
N ILE CA 119 32.46 -47.90 32.72
CA ILE CA 119 31.89 -49.09 33.33
C ILE CA 119 31.23 -48.76 34.67
N MET CA 120 30.14 -49.46 34.98
CA MET CA 120 29.34 -49.16 36.15
C MET CA 120 28.90 -50.48 36.76
N PRO CA 121 28.60 -50.48 38.07
CA PRO CA 121 28.26 -51.76 38.70
C PRO CA 121 27.14 -52.50 37.97
N LYS CA 122 26.25 -51.77 37.31
CA LYS CA 122 25.11 -52.42 36.63
C LYS CA 122 25.56 -53.29 35.46
N ASP CA 123 26.77 -53.02 34.96
CA ASP CA 123 27.38 -53.77 33.87
C ASP CA 123 27.88 -55.11 34.39
N ILE CA 124 28.80 -55.05 35.36
CA ILE CA 124 29.28 -56.21 36.09
C ILE CA 124 28.14 -57.18 36.43
N GLN CA 125 27.05 -56.65 37.00
CA GLN CA 125 25.90 -57.47 37.36
C GLN CA 125 25.33 -58.19 36.14
N LEU CA 126 25.20 -57.47 35.02
CA LEU CA 126 24.75 -58.08 33.77
C LEU CA 126 25.76 -59.10 33.23
N ALA CA 127 27.05 -58.77 33.32
CA ALA CA 127 28.09 -59.66 32.82
C ALA CA 127 27.98 -60.98 33.54
N ARG CA 128 28.15 -60.91 34.85
CA ARG CA 128 28.05 -62.06 35.74
C ARG CA 128 26.73 -62.81 35.60
N ARG CA 129 25.63 -62.07 35.52
CA ARG CA 129 24.33 -62.69 35.35
C ARG CA 129 24.36 -63.61 34.16
N ILE CA 130 24.89 -63.13 33.05
CA ILE CA 130 24.86 -63.88 31.80
C ILE CA 130 25.86 -65.01 31.79
N ARG CA 131 27.01 -64.79 32.41
CA ARG CA 131 27.98 -65.84 32.69
C ARG CA 131 27.32 -66.97 33.46
N GLY CA 132 26.31 -66.62 34.25
CA GLY CA 132 25.66 -67.56 35.16
C GLY CA 132 26.46 -67.72 36.44
N GLU CA 133 27.22 -66.69 36.81
CA GLU CA 133 27.97 -66.68 38.05
C GLU CA 133 27.00 -66.31 39.16
N ARG CA 134 26.65 -65.03 39.19
CA ARG CA 134 25.52 -64.54 39.96
C ARG CA 134 24.20 -65.12 39.39
N ALA CA 135 23.16 -65.07 40.22
CA ALA CA 135 21.82 -65.57 39.89
C ALA CA 135 21.17 -64.77 38.76
N ASN DA 25 41.46 -54.78 55.68
CA ASN DA 25 41.76 -56.05 54.97
C ASN DA 25 41.29 -56.11 53.51
N ILE DA 26 39.99 -56.26 53.30
CA ILE DA 26 39.41 -56.22 51.95
C ILE DA 26 39.77 -54.88 51.33
N GLN DA 27 39.55 -53.80 52.06
CA GLN DA 27 39.90 -52.45 51.60
C GLN DA 27 41.40 -52.35 51.31
N GLY DA 28 42.13 -53.42 51.61
CA GLY DA 28 43.54 -53.55 51.23
C GLY DA 28 43.72 -53.71 49.73
N ILE DA 29 42.65 -54.13 49.06
CA ILE DA 29 42.58 -54.15 47.60
C ILE DA 29 42.36 -52.69 47.17
N THR DA 30 43.47 -52.02 46.89
CA THR DA 30 43.47 -50.57 46.69
C THR DA 30 42.78 -50.15 45.38
N LYS DA 31 42.17 -48.97 45.41
CA LYS DA 31 41.61 -48.33 44.23
C LYS DA 31 42.58 -48.36 43.02
N PRO DA 32 43.84 -47.90 43.19
CA PRO DA 32 44.76 -47.96 42.05
C PRO DA 32 45.00 -49.37 41.52
N ALA DA 33 45.06 -50.37 42.41
CA ALA DA 33 45.26 -51.76 42.00
C ALA DA 33 44.08 -52.21 41.12
N ILE DA 34 42.87 -51.95 41.60
CA ILE DA 34 41.64 -52.22 40.86
C ILE DA 34 41.63 -51.47 39.53
N ARG DA 35 42.25 -50.29 39.52
CA ARG DA 35 42.31 -49.47 38.32
C ARG DA 35 43.18 -50.15 37.26
N ARG DA 36 44.36 -50.62 37.70
CA ARG DA 36 45.29 -51.31 36.81
C ARG DA 36 44.65 -52.54 36.17
N LEU DA 37 43.94 -53.33 36.96
CA LEU DA 37 43.30 -54.54 36.47
C LEU DA 37 42.28 -54.19 35.39
N ALA DA 38 41.54 -53.12 35.59
CA ALA DA 38 40.58 -52.70 34.59
C ALA DA 38 41.28 -52.16 33.33
N ARG DA 39 42.47 -51.58 33.49
CA ARG DA 39 43.25 -51.10 32.34
C ARG DA 39 43.70 -52.27 31.47
N ARG DA 40 44.37 -53.24 32.09
CA ARG DA 40 44.68 -54.51 31.44
C ARG DA 40 43.40 -55.16 30.93
N GLY DA 41 42.28 -54.77 31.54
CA GLY DA 41 40.96 -55.24 31.14
C GLY DA 41 40.42 -54.60 29.88
N GLY DA 42 41.00 -53.47 29.50
CA GLY DA 42 40.58 -52.74 28.30
C GLY DA 42 39.65 -51.58 28.58
N VAL DA 43 39.46 -51.28 29.87
CA VAL DA 43 38.52 -50.27 30.35
C VAL DA 43 39.14 -48.86 30.38
N LYS DA 44 38.41 -47.88 29.86
CA LYS DA 44 38.93 -46.51 29.81
C LYS DA 44 38.47 -45.65 30.99
N ARG DA 45 37.18 -45.72 31.32
CA ARG DA 45 36.60 -44.84 32.34
C ARG DA 45 35.87 -45.63 33.44
N ILE DA 46 36.15 -45.29 34.69
CA ILE DA 46 35.65 -46.05 35.84
C ILE DA 46 34.82 -45.23 36.85
N SER DA 47 33.55 -45.61 37.02
CA SER DA 47 32.68 -45.10 38.07
C SER DA 47 33.23 -45.36 39.48
N GLY DA 48 32.84 -44.54 40.44
CA GLY DA 48 33.29 -44.68 41.82
C GLY DA 48 32.81 -45.95 42.51
N LEU DA 49 31.57 -46.33 42.21
CA LEU DA 49 30.91 -47.43 42.90
C LEU DA 49 31.45 -48.81 42.48
N ILE DA 50 32.10 -48.85 41.32
CA ILE DA 50 32.79 -50.03 40.81
C ILE DA 50 33.73 -50.64 41.84
N TYR DA 51 34.60 -49.82 42.41
CA TYR DA 51 35.68 -50.28 43.30
C TYR DA 51 35.18 -51.23 44.37
N GLU DA 52 34.16 -50.79 45.10
CA GLU DA 52 33.50 -51.62 46.11
C GLU DA 52 32.86 -52.84 45.48
N GLU DA 53 32.17 -52.65 44.35
CA GLU DA 53 31.56 -53.79 43.66
C GLU DA 53 32.59 -54.87 43.33
N THR DA 54 33.69 -54.44 42.73
CA THR DA 54 34.85 -55.29 42.48
C THR DA 54 35.21 -56.13 43.70
N ARG DA 55 35.18 -55.50 44.87
CA ARG DA 55 35.60 -56.13 46.12
C ARG DA 55 34.70 -57.27 46.51
N GLY DA 56 33.40 -57.05 46.51
CA GLY DA 56 32.45 -58.13 46.78
C GLY DA 56 32.67 -59.29 45.81
N VAL DA 57 32.80 -58.93 44.54
CA VAL DA 57 33.09 -59.86 43.46
C VAL DA 57 34.33 -60.70 43.73
N LEU DA 58 35.43 -60.04 44.06
CA LEU DA 58 36.69 -60.72 44.30
C LEU DA 58 36.56 -61.62 45.49
N LYS DA 59 35.86 -61.12 46.52
CA LYS DA 59 35.66 -61.84 47.76
C LYS DA 59 34.95 -63.16 47.48
N VAL DA 60 33.78 -63.07 46.82
CA VAL DA 60 32.98 -64.24 46.44
C VAL DA 60 33.88 -65.26 45.75
N PHE DA 61 34.68 -64.75 44.82
CA PHE DA 61 35.58 -65.57 44.05
C PHE DA 61 36.51 -66.39 44.94
N LEU DA 62 37.37 -65.69 45.71
CA LEU DA 62 38.28 -66.37 46.63
C LEU DA 62 37.55 -67.33 47.57
N GLU DA 63 36.47 -66.85 48.19
CA GLU DA 63 35.73 -67.70 49.08
C GLU DA 63 35.52 -69.05 48.43
N ASN DA 64 34.78 -69.07 47.31
CA ASN DA 64 34.43 -70.34 46.68
C ASN DA 64 35.66 -71.22 46.40
N VAL DA 65 36.72 -70.58 45.91
CA VAL DA 65 37.95 -71.28 45.54
C VAL DA 65 38.66 -71.78 46.77
N ILE DA 66 38.72 -70.94 47.79
CA ILE DA 66 39.36 -71.32 49.05
C ILE DA 66 38.53 -72.32 49.86
N ARG DA 67 37.20 -72.22 49.78
CA ARG DA 67 36.35 -73.22 50.41
C ARG DA 67 36.68 -74.61 49.87
N ASP DA 68 36.68 -74.73 48.55
CA ASP DA 68 37.03 -75.97 47.85
C ASP DA 68 38.47 -76.38 48.17
N ALA DA 69 39.39 -75.41 48.12
CA ALA DA 69 40.79 -75.66 48.43
C ALA DA 69 40.90 -76.30 49.80
N VAL DA 70 40.42 -75.58 50.81
CA VAL DA 70 40.56 -76.04 52.18
C VAL DA 70 39.99 -77.46 52.31
N THR DA 71 38.76 -77.66 51.80
CA THR DA 71 38.17 -79.00 51.79
C THR DA 71 39.16 -80.06 51.34
N TYR DA 72 40.01 -79.74 50.35
CA TYR DA 72 41.04 -80.68 49.92
C TYR DA 72 42.07 -80.86 51.04
N THR DA 73 42.53 -79.75 51.63
CA THR DA 73 43.45 -79.82 52.77
C THR DA 73 42.85 -80.58 53.95
N GLU DA 74 41.63 -80.21 54.35
CA GLU DA 74 40.93 -80.94 55.42
C GLU DA 74 40.91 -82.44 55.13
N HIS DA 75 40.78 -82.81 53.86
CA HIS DA 75 40.69 -84.23 53.51
C HIS DA 75 42.07 -84.88 53.39
N ALA DA 76 43.09 -84.04 53.23
CA ALA DA 76 44.47 -84.50 53.15
C ALA DA 76 45.09 -84.52 54.54
N LYS DA 77 44.26 -84.17 55.54
CA LYS DA 77 44.69 -84.08 56.93
C LYS DA 77 45.98 -83.26 57.07
N ARG DA 78 45.96 -82.05 56.55
CA ARG DA 78 47.12 -81.20 56.65
C ARG DA 78 46.75 -79.84 57.23
N LYS DA 79 47.70 -79.23 57.94
CA LYS DA 79 47.50 -77.87 58.44
C LYS DA 79 48.09 -76.86 57.47
N THR DA 80 48.56 -77.36 56.32
CA THR DA 80 49.14 -76.49 55.30
C THR DA 80 48.51 -76.69 53.91
N VAL DA 81 47.60 -75.78 53.57
CA VAL DA 81 47.03 -75.66 52.23
C VAL DA 81 48.16 -75.56 51.18
N THR DA 82 48.15 -76.50 50.23
CA THR DA 82 49.19 -76.59 49.21
C THR DA 82 48.77 -75.83 47.96
N ALA DA 83 49.63 -75.80 46.95
CA ALA DA 83 49.26 -75.26 45.65
C ALA DA 83 48.30 -76.21 44.94
N MET DA 84 48.51 -77.51 45.13
CA MET DA 84 47.72 -78.52 44.46
C MET DA 84 46.25 -78.54 44.90
N ASP DA 85 46.00 -78.15 46.14
CA ASP DA 85 44.63 -77.99 46.63
C ASP DA 85 43.99 -76.84 45.88
N VAL DA 86 44.69 -75.70 45.83
CA VAL DA 86 44.26 -74.57 45.03
C VAL DA 86 43.98 -75.04 43.60
N VAL DA 87 45.02 -75.51 42.92
CA VAL DA 87 44.89 -76.00 41.55
C VAL DA 87 43.69 -76.95 41.38
N TYR DA 88 43.51 -77.88 42.30
CA TYR DA 88 42.37 -78.79 42.19
C TYR DA 88 41.06 -78.03 42.31
N ALA DA 89 41.09 -76.94 43.05
CA ALA DA 89 39.88 -76.18 43.31
C ALA DA 89 39.46 -75.47 42.05
N LEU DA 90 40.42 -74.76 41.46
CA LEU DA 90 40.21 -74.04 40.22
C LEU DA 90 39.70 -74.97 39.12
N LYS DA 91 40.22 -76.19 39.07
CA LYS DA 91 39.69 -77.19 38.12
C LYS DA 91 38.21 -77.44 38.39
N ARG DA 92 37.89 -77.97 39.57
CA ARG DA 92 36.52 -78.07 40.06
C ARG DA 92 35.64 -76.94 39.55
N GLN DA 93 36.12 -75.71 39.65
CA GLN DA 93 35.34 -74.52 39.33
C GLN DA 93 35.42 -74.08 37.86
N GLY DA 94 36.14 -74.84 37.05
CA GLY DA 94 36.26 -74.51 35.64
C GLY DA 94 37.06 -73.25 35.39
N ARG DA 95 38.07 -73.03 36.22
CA ARG DA 95 38.99 -71.92 36.05
C ARG DA 95 40.43 -72.43 36.13
N THR DA 96 40.68 -73.54 35.44
CA THR DA 96 41.96 -74.25 35.39
C THR DA 96 43.14 -73.31 35.25
N LEU DA 97 44.19 -73.56 36.03
CA LEU DA 97 45.40 -72.76 35.99
C LEU DA 97 46.65 -73.62 35.75
N TYR DA 98 47.54 -73.10 34.90
CA TYR DA 98 48.75 -73.80 34.51
C TYR DA 98 49.95 -73.14 35.16
N GLY DA 99 50.87 -73.97 35.66
CA GLY DA 99 52.13 -73.46 36.15
C GLY DA 99 52.35 -73.62 37.64
N PHE DA 100 51.62 -74.54 38.24
CA PHE DA 100 51.80 -74.84 39.65
C PHE DA 100 51.67 -76.34 39.89
N GLY DA 101 52.12 -77.11 38.91
CA GLY DA 101 52.00 -78.55 38.95
C GLY DA 101 50.66 -78.99 38.42
N GLY DA 102 50.42 -78.79 37.12
CA GLY DA 102 49.19 -79.27 36.48
C GLY DA 102 49.07 -80.78 36.66
N ALA EA 15 17.68 -108.85 59.40
CA ALA EA 15 17.47 -108.60 57.95
C ALA EA 15 18.68 -109.00 57.09
N LYS EA 16 18.41 -109.40 55.85
CA LYS EA 16 19.47 -109.81 54.91
C LYS EA 16 19.95 -108.61 54.06
N THR EA 17 19.02 -107.93 53.41
CA THR EA 17 19.32 -106.73 52.61
C THR EA 17 20.18 -105.71 53.37
N ARG EA 18 21.36 -105.40 52.83
CA ARG EA 18 22.24 -104.37 53.39
C ARG EA 18 21.52 -103.03 53.49
N SER EA 19 20.48 -102.89 52.67
CA SER EA 19 19.62 -101.73 52.71
C SER EA 19 18.96 -101.63 54.06
N SER EA 20 18.44 -102.78 54.52
CA SER EA 20 17.75 -102.82 55.79
C SER EA 20 18.71 -102.60 56.96
N ARG EA 21 19.87 -103.26 56.93
CA ARG EA 21 20.91 -102.97 57.91
C ARG EA 21 21.20 -101.48 58.05
N ALA EA 22 20.97 -100.72 56.99
CA ALA EA 22 21.23 -99.29 57.01
C ALA EA 22 19.94 -98.51 57.13
N GLY EA 23 18.83 -99.23 57.13
CA GLY EA 23 17.52 -98.62 57.20
C GLY EA 23 17.38 -97.62 56.09
N LEU EA 24 17.50 -98.13 54.87
CA LEU EA 24 17.44 -97.33 53.65
C LEU EA 24 16.52 -97.95 52.64
N GLN EA 25 15.94 -97.07 51.82
CA GLN EA 25 15.13 -97.49 50.68
C GLN EA 25 15.96 -97.87 49.45
N PHE EA 26 17.16 -97.31 49.34
CA PHE EA 26 17.98 -97.48 48.16
C PHE EA 26 18.79 -98.78 48.19
N PRO EA 27 18.97 -99.43 47.01
CA PRO EA 27 19.66 -100.71 46.99
C PRO EA 27 21.18 -100.57 47.09
N VAL EA 28 21.71 -100.81 48.29
CA VAL EA 28 23.12 -100.66 48.62
C VAL EA 28 23.98 -101.68 47.88
N GLY EA 29 23.36 -102.79 47.47
CA GLY EA 29 24.04 -103.80 46.64
C GLY EA 29 24.30 -103.27 45.24
N ARG EA 30 23.29 -102.62 44.67
CA ARG EA 30 23.41 -101.98 43.36
C ARG EA 30 24.51 -100.89 43.42
N VAL EA 31 24.35 -99.92 44.30
CA VAL EA 31 25.34 -98.86 44.43
C VAL EA 31 26.74 -99.43 44.62
N HIS EA 32 26.82 -100.68 45.06
CA HIS EA 32 28.12 -101.30 45.31
C HIS EA 32 28.71 -101.85 44.02
N ARG EA 33 27.89 -102.58 43.28
CA ARG EA 33 28.31 -103.12 41.99
C ARG EA 33 28.74 -101.97 41.09
N LEU EA 34 27.88 -100.97 40.95
CA LEU EA 34 28.17 -99.82 40.09
C LEU EA 34 29.53 -99.20 40.42
N LEU EA 35 29.79 -98.88 41.68
CA LEU EA 35 31.07 -98.27 42.03
C LEU EA 35 32.29 -99.08 41.58
N ARG EA 36 32.13 -100.39 41.45
CA ARG EA 36 33.23 -101.25 40.99
C ARG EA 36 33.29 -101.36 39.46
N LYS EA 37 32.18 -101.70 38.84
CA LYS EA 37 32.07 -101.69 37.38
C LYS EA 37 32.06 -100.24 36.86
N GLY EA 38 32.99 -99.42 37.35
CA GLY EA 38 32.97 -98.00 37.05
C GLY EA 38 34.32 -97.36 37.16
N ASN EA 39 35.32 -98.13 37.57
CA ASN EA 39 36.68 -97.67 37.46
C ASN EA 39 36.85 -96.30 38.09
N TYR EA 40 36.54 -96.22 39.39
CA TYR EA 40 36.74 -95.00 40.15
C TYR EA 40 37.96 -95.21 41.02
N ALA EA 41 38.15 -96.47 41.42
CA ALA EA 41 39.36 -96.91 42.08
C ALA EA 41 39.46 -98.43 42.10
N GLU EA 42 40.68 -98.89 42.32
CA GLU EA 42 40.95 -100.31 42.50
C GLU EA 42 39.87 -100.90 43.40
N ARG EA 43 39.87 -100.42 44.63
CA ARG EA 43 39.08 -101.02 45.68
C ARG EA 43 38.06 -100.02 46.22
N VAL EA 44 36.94 -100.56 46.69
CA VAL EA 44 35.87 -99.77 47.28
C VAL EA 44 35.68 -100.17 48.74
N GLY EA 45 35.60 -99.19 49.64
CA GLY EA 45 35.21 -99.44 51.02
C GLY EA 45 33.81 -100.04 51.11
N ALA EA 46 33.32 -100.28 52.31
CA ALA EA 46 31.98 -100.84 52.47
C ALA EA 46 31.02 -99.83 53.01
N GLY EA 47 31.54 -98.71 53.50
CA GLY EA 47 30.69 -97.62 53.99
C GLY EA 47 30.31 -96.63 52.92
N ALA EA 48 31.19 -96.53 51.92
CA ALA EA 48 31.00 -95.67 50.76
C ALA EA 48 29.70 -95.95 49.95
N PRO EA 49 29.41 -97.21 49.60
CA PRO EA 49 28.10 -97.49 48.99
C PRO EA 49 26.97 -96.99 49.85
N VAL EA 50 27.02 -97.38 51.13
CA VAL EA 50 25.99 -97.07 52.13
C VAL EA 50 25.74 -95.58 52.17
N TYR EA 51 26.80 -94.83 52.44
CA TYR EA 51 26.76 -93.39 52.48
C TYR EA 51 26.13 -92.85 51.19
N LEU EA 52 26.76 -93.16 50.06
CA LEU EA 52 26.23 -92.75 48.76
C LEU EA 52 24.77 -93.19 48.54
N ALA EA 53 24.42 -94.43 48.87
CA ALA EA 53 23.05 -94.89 48.61
C ALA EA 53 22.04 -94.06 49.38
N ALA EA 54 22.50 -93.57 50.54
CA ALA EA 54 21.71 -92.72 51.42
C ALA EA 54 21.57 -91.30 50.92
N VAL EA 55 22.70 -90.72 50.52
CA VAL EA 55 22.71 -89.38 49.92
C VAL EA 55 21.86 -89.34 48.66
N LEU EA 56 21.94 -90.38 47.84
CA LEU EA 56 21.03 -90.46 46.72
C LEU EA 56 19.58 -90.31 47.20
N GLU EA 57 19.20 -91.06 48.23
CA GLU EA 57 17.86 -91.04 48.89
C GLU EA 57 17.45 -89.69 49.47
N TYR EA 58 18.37 -89.06 50.20
CA TYR EA 58 18.06 -87.75 50.75
C TYR EA 58 17.54 -86.88 49.61
N LEU EA 59 18.34 -86.77 48.54
CA LEU EA 59 18.01 -85.93 47.37
C LEU EA 59 16.75 -86.34 46.60
N THR EA 60 16.56 -87.63 46.30
CA THR EA 60 15.33 -87.96 45.61
C THR EA 60 14.14 -87.58 46.46
N ALA EA 61 14.26 -87.78 47.78
CA ALA EA 61 13.27 -87.35 48.76
C ALA EA 61 13.07 -85.84 48.78
N GLU EA 62 14.16 -85.12 49.08
CA GLU EA 62 14.15 -83.67 49.02
C GLU EA 62 13.45 -83.14 47.78
N ILE EA 63 13.62 -83.78 46.62
CA ILE EA 63 13.02 -83.28 45.37
C ILE EA 63 11.58 -83.71 45.25
N LEU EA 64 11.34 -85.00 45.33
CA LEU EA 64 9.97 -85.52 45.31
C LEU EA 64 9.02 -84.74 46.24
N GLU EA 65 9.55 -84.32 47.41
CA GLU EA 65 8.79 -83.52 48.36
C GLU EA 65 8.25 -82.29 47.68
N LEU EA 66 9.14 -81.45 47.17
CA LEU EA 66 8.77 -80.19 46.48
C LEU EA 66 8.00 -80.37 45.16
N ALA EA 67 8.20 -81.51 44.51
CA ALA EA 67 7.47 -81.79 43.27
C ALA EA 67 6.00 -82.03 43.58
N GLY EA 68 5.75 -82.96 44.51
CA GLY EA 68 4.40 -83.23 45.06
C GLY EA 68 3.62 -82.01 45.48
N ASN EA 69 4.33 -81.07 46.11
CA ASN EA 69 3.69 -79.83 46.48
C ASN EA 69 3.31 -79.07 45.25
N ALA EA 70 4.18 -79.15 44.24
CA ALA EA 70 3.95 -78.47 42.98
C ALA EA 70 2.78 -79.16 42.29
N ALA EA 71 2.73 -80.47 42.39
CA ALA EA 71 1.66 -81.23 41.77
C ALA EA 71 0.35 -80.84 42.42
N ARG EA 72 0.38 -80.70 43.76
CA ARG EA 72 -0.80 -80.39 44.59
C ARG EA 72 -1.45 -79.07 44.18
N ASP EA 73 -0.67 -78.00 44.16
CA ASP EA 73 -1.18 -76.68 43.75
C ASP EA 73 -1.80 -76.77 42.36
N ASN EA 74 -1.18 -77.53 41.48
CA ASN EA 74 -1.76 -77.72 40.15
C ASN EA 74 -2.87 -78.79 40.14
N LYS EA 75 -3.49 -78.98 41.30
CA LYS EA 75 -4.59 -79.94 41.52
C LYS EA 75 -4.37 -81.33 40.92
N LYS EA 76 -3.17 -81.89 41.08
CA LYS EA 76 -2.91 -83.15 40.41
C LYS EA 76 -2.32 -84.23 41.29
N THR EA 77 -2.83 -85.43 41.04
CA THR EA 77 -2.47 -86.72 41.64
C THR EA 77 -1.08 -87.18 41.23
N ARG EA 78 -0.64 -86.76 40.06
CA ARG EA 78 0.52 -87.41 39.44
C ARG EA 78 1.57 -86.40 39.05
N ILE EA 79 2.79 -86.60 39.56
CA ILE EA 79 3.97 -85.75 39.29
C ILE EA 79 4.47 -85.90 37.84
N ILE EA 80 4.28 -84.85 37.03
CA ILE EA 80 4.76 -84.75 35.67
C ILE EA 80 5.93 -83.70 35.63
N PRO EA 81 6.83 -83.78 34.63
CA PRO EA 81 8.08 -82.99 34.74
C PRO EA 81 7.93 -81.48 34.99
N ARG EA 82 6.87 -80.82 34.50
CA ARG EA 82 6.64 -79.44 34.90
C ARG EA 82 6.79 -79.39 36.42
N HIS EA 83 6.14 -80.32 37.10
CA HIS EA 83 6.18 -80.38 38.56
C HIS EA 83 7.61 -80.55 39.07
N LEU EA 84 8.45 -81.27 38.35
CA LEU EA 84 9.84 -81.36 38.82
C LEU EA 84 10.53 -80.02 38.56
N GLN EA 85 10.22 -79.41 37.42
CA GLN EA 85 10.86 -78.19 37.00
C GLN EA 85 10.56 -77.04 37.97
N LEU EA 86 9.27 -76.72 38.12
CA LEU EA 86 8.78 -75.83 39.20
C LEU EA 86 9.48 -76.08 40.56
N ALA EA 87 9.50 -77.36 40.98
CA ALA EA 87 10.23 -77.74 42.15
C ALA EA 87 11.69 -77.19 42.08
N VAL EA 88 12.48 -77.69 41.13
CA VAL EA 88 13.89 -77.36 41.02
C VAL EA 88 14.26 -75.87 40.95
N ARG EA 89 13.56 -75.08 40.14
CA ARG EA 89 14.00 -73.72 39.91
C ARG EA 89 13.43 -72.78 40.96
N ASN EA 90 12.46 -73.26 41.72
CA ASN EA 90 11.99 -72.50 42.88
C ASN EA 90 12.88 -72.65 44.13
N ASP EA 91 13.61 -73.76 44.23
CA ASP EA 91 14.55 -73.93 45.30
C ASP EA 91 15.98 -73.40 45.04
N GLU EA 92 16.28 -72.20 45.52
CA GLU EA 92 17.63 -71.65 45.34
C GLU EA 92 18.65 -72.77 45.16
N GLU EA 93 18.77 -73.64 46.17
CA GLU EA 93 19.82 -74.65 46.22
C GLU EA 93 19.76 -75.82 45.23
N LEU EA 94 18.60 -76.48 45.10
CA LEU EA 94 18.43 -77.56 44.12
C LEU EA 94 18.71 -77.01 42.74
N ASN EA 95 18.14 -75.83 42.48
CA ASN EA 95 18.35 -75.11 41.24
C ASN EA 95 19.80 -74.91 40.84
N LYS EA 96 20.72 -74.92 41.81
CA LYS EA 96 22.12 -74.67 41.55
C LYS EA 96 22.81 -75.99 41.30
N LEU EA 97 22.52 -76.99 42.12
CA LEU EA 97 22.90 -78.37 41.78
C LEU EA 97 22.58 -78.71 40.32
N LEU EA 98 21.41 -78.30 39.84
CA LEU EA 98 21.01 -78.58 38.46
C LEU EA 98 20.98 -77.31 37.62
N GLY EA 99 21.97 -76.46 37.83
CA GLY EA 99 22.05 -75.19 37.15
C GLY EA 99 22.45 -75.34 35.70
N ARG EA 100 23.11 -76.43 35.34
CA ARG EA 100 23.38 -76.73 33.94
C ARG EA 100 22.59 -77.95 33.44
N VAL EA 101 21.29 -78.05 33.75
CA VAL EA 101 20.56 -79.28 33.38
C VAL EA 101 19.19 -79.02 32.78
N THR EA 102 18.78 -79.88 31.89
CA THR EA 102 17.53 -79.59 31.23
C THR EA 102 16.60 -80.68 31.52
N ILE EA 103 15.38 -80.30 31.83
CA ILE EA 103 14.36 -81.31 32.05
C ILE EA 103 13.42 -81.34 30.88
N ALA EA 104 13.52 -82.42 30.10
CA ALA EA 104 12.46 -82.69 29.08
C ALA EA 104 11.04 -82.26 29.57
N GLN EA 105 10.34 -81.44 28.82
CA GLN EA 105 8.99 -81.01 29.22
C GLN EA 105 8.85 -80.11 30.48
N GLY EA 106 9.97 -79.79 31.12
CA GLY EA 106 10.03 -78.70 32.08
C GLY EA 106 9.27 -77.42 31.77
N GLY EA 107 9.57 -76.72 30.69
CA GLY EA 107 8.99 -75.38 30.50
C GLY EA 107 9.88 -74.44 31.28
N VAL EA 108 9.48 -73.17 31.41
CA VAL EA 108 10.23 -72.21 32.27
C VAL EA 108 9.38 -71.58 33.39
N LEU EA 109 10.02 -70.90 34.34
CA LEU EA 109 9.26 -70.17 35.40
C LEU EA 109 8.61 -68.91 34.88
N PRO EA 110 7.32 -68.68 35.24
CA PRO EA 110 6.65 -67.45 34.84
C PRO EA 110 7.32 -66.28 35.51
N ASN EA 111 8.00 -65.48 34.69
CA ASN EA 111 8.70 -64.27 35.10
C ASN EA 111 8.73 -63.34 33.89
N ILE EA 112 8.09 -62.18 34.03
CA ILE EA 112 8.01 -61.15 33.00
C ILE EA 112 8.68 -59.90 33.53
N GLN EA 113 9.62 -59.36 32.76
CA GLN EA 113 10.42 -58.22 33.20
C GLN EA 113 9.53 -57.00 33.38
N SER EA 114 9.93 -56.15 34.33
CA SER EA 114 9.19 -54.94 34.72
C SER EA 114 8.89 -54.04 33.54
N VAL EA 115 9.96 -53.55 32.90
CA VAL EA 115 9.87 -52.54 31.84
C VAL EA 115 8.97 -52.96 30.66
N LEU EA 116 8.54 -54.21 30.64
CA LEU EA 116 7.66 -54.71 29.57
C LEU EA 116 6.19 -54.64 29.97
N LEU EA 117 5.94 -54.33 31.24
CA LEU EA 117 4.60 -54.18 31.81
C LEU EA 117 4.02 -52.78 31.56
N PRO EA 118 2.74 -52.70 31.16
CA PRO EA 118 2.06 -51.42 30.91
C PRO EA 118 1.95 -50.55 32.17
N LYS EA 119 1.91 -49.23 32.00
CA LYS EA 119 1.88 -48.30 33.14
C LYS EA 119 0.50 -47.67 33.36
N THR FA 33 14.77 -107.70 27.25
CA THR FA 33 15.84 -107.94 28.26
C THR FA 33 15.69 -107.05 29.49
N ARG FA 34 16.51 -107.29 30.52
CA ARG FA 34 16.46 -106.53 31.77
C ARG FA 34 17.01 -105.11 31.58
N LYS FA 35 16.13 -104.13 31.74
CA LYS FA 35 16.55 -102.75 31.88
C LYS FA 35 16.38 -102.32 33.34
N GLU FA 36 17.51 -102.27 34.05
CA GLU FA 36 17.50 -101.82 35.44
C GLU FA 36 17.12 -100.36 35.54
N SER FA 37 16.65 -99.97 36.73
CA SER FA 37 16.11 -98.63 37.00
C SER FA 37 15.93 -98.45 38.49
N TYR FA 38 15.98 -97.19 38.92
CA TYR FA 38 15.65 -96.81 40.27
C TYR FA 38 14.16 -96.54 40.40
N ALA FA 39 13.35 -97.19 39.58
CA ALA FA 39 11.92 -96.87 39.54
C ALA FA 39 11.19 -97.31 40.81
N ILE FA 40 11.66 -98.39 41.44
CA ILE FA 40 11.00 -98.91 42.62
C ILE FA 40 11.38 -98.06 43.83
N TYR FA 41 12.68 -97.87 44.03
CA TYR FA 41 13.18 -97.03 45.11
C TYR FA 41 12.62 -95.63 45.03
N VAL FA 42 12.47 -95.08 43.83
CA VAL FA 42 11.87 -93.76 43.77
C VAL FA 42 10.41 -93.85 44.18
N TYR FA 43 9.69 -94.87 43.72
CA TYR FA 43 8.31 -95.04 44.17
C TYR FA 43 8.27 -95.10 45.71
N LYS FA 44 9.00 -96.07 46.25
CA LYS FA 44 9.05 -96.25 47.69
C LYS FA 44 9.11 -94.90 48.37
N VAL FA 45 10.19 -94.15 48.14
CA VAL FA 45 10.38 -92.84 48.76
C VAL FA 45 9.23 -91.86 48.49
N LEU FA 46 8.78 -91.76 47.25
CA LEU FA 46 7.57 -90.95 47.01
C LEU FA 46 6.41 -91.39 47.92
N LYS FA 47 6.21 -92.70 48.11
CA LYS FA 47 5.06 -93.14 48.92
C LYS FA 47 5.23 -92.77 50.37
N GLN FA 48 6.42 -93.01 50.88
CA GLN FA 48 6.82 -92.42 52.13
C GLN FA 48 6.55 -90.93 52.24
N VAL FA 49 6.65 -90.17 51.17
CA VAL FA 49 6.62 -88.71 51.31
C VAL FA 49 5.35 -88.03 50.83
N HIS FA 50 4.70 -88.62 49.84
CA HIS FA 50 3.40 -88.11 49.37
C HIS FA 50 2.51 -89.27 48.98
N PRO FA 51 2.04 -90.05 49.97
CA PRO FA 51 1.30 -91.32 49.76
C PRO FA 51 0.08 -91.29 48.82
N ASP FA 52 -0.56 -90.16 48.59
CA ASP FA 52 -1.66 -90.18 47.62
C ASP FA 52 -1.21 -89.62 46.26
N THR FA 53 0.01 -89.97 45.85
CA THR FA 53 0.60 -89.28 44.71
C THR FA 53 1.39 -90.19 43.78
N GLY FA 54 1.06 -90.11 42.49
CA GLY FA 54 1.69 -90.95 41.48
C GLY FA 54 2.63 -90.20 40.55
N ILE FA 55 3.49 -90.97 39.88
CA ILE FA 55 4.45 -90.36 38.98
C ILE FA 55 4.22 -90.84 37.55
N SER FA 56 4.30 -89.90 36.60
CA SER FA 56 4.19 -90.21 35.16
C SER FA 56 5.42 -90.87 34.62
N SER FA 57 5.23 -91.65 33.58
CA SER FA 57 6.32 -92.28 32.83
C SER FA 57 7.53 -91.37 32.55
N LYS FA 58 7.28 -90.17 32.05
CA LYS FA 58 8.31 -89.20 31.76
C LYS FA 58 9.00 -88.72 33.04
N ALA FA 59 8.19 -88.25 33.99
CA ALA FA 59 8.66 -87.88 35.32
C ALA FA 59 9.55 -88.96 35.93
N MET FA 60 9.08 -90.20 35.91
CA MET FA 60 9.92 -91.26 36.44
C MET FA 60 11.24 -91.17 35.74
N SER FA 61 11.18 -91.24 34.39
CA SER FA 61 12.36 -91.22 33.55
C SER FA 61 13.33 -90.13 34.02
N ILE FA 62 12.86 -88.88 34.06
CA ILE FA 62 13.62 -87.75 34.59
C ILE FA 62 14.26 -88.06 35.93
N MET FA 63 13.44 -88.30 36.95
CA MET FA 63 13.95 -88.78 38.24
C MET FA 63 15.10 -89.74 38.02
N ASN FA 64 14.79 -90.84 37.33
CA ASN FA 64 15.81 -91.85 37.01
C ASN FA 64 17.09 -91.29 36.45
N SER FA 65 17.00 -90.20 35.69
CA SER FA 65 18.19 -89.54 35.17
C SER FA 65 18.95 -88.89 36.31
N PHE FA 66 18.23 -88.07 37.07
CA PHE FA 66 18.78 -87.29 38.18
C PHE FA 66 19.61 -88.15 39.14
N VAL FA 67 19.10 -89.33 39.47
CA VAL FA 67 19.85 -90.22 40.35
C VAL FA 67 21.20 -90.56 39.72
N ASN FA 68 21.14 -91.06 38.47
CA ASN FA 68 22.38 -91.38 37.73
C ASN FA 68 23.40 -90.19 37.60
N ASP FA 69 22.91 -88.97 37.36
CA ASP FA 69 23.78 -87.83 37.18
C ASP FA 69 24.59 -87.59 38.46
N VAL FA 70 23.85 -87.43 39.56
CA VAL FA 70 24.40 -87.19 40.90
C VAL FA 70 25.25 -88.37 41.36
N PHE FA 71 24.82 -89.59 41.03
CA PHE FA 71 25.74 -90.72 41.21
C PHE FA 71 27.14 -90.49 40.59
N GLU FA 72 27.22 -90.19 39.28
CA GLU FA 72 28.52 -90.01 38.64
C GLU FA 72 29.24 -88.85 39.26
N ARG FA 73 28.52 -87.75 39.47
CA ARG FA 73 29.14 -86.54 39.90
C ARG FA 73 29.89 -86.79 41.21
N ILE FA 74 29.15 -87.42 42.14
CA ILE FA 74 29.70 -87.83 43.41
C ILE FA 74 30.84 -88.82 43.20
N ALA FA 75 30.51 -89.96 42.61
CA ALA FA 75 31.48 -91.04 42.42
C ALA FA 75 32.78 -90.55 41.79
N GLY FA 76 32.66 -89.80 40.69
CA GLY FA 76 33.79 -89.20 40.02
C GLY FA 76 34.67 -88.37 40.93
N GLU FA 77 34.07 -87.41 41.62
CA GLU FA 77 34.84 -86.46 42.46
C GLU FA 77 35.48 -87.18 43.64
N ALA FA 78 34.86 -88.29 44.05
CA ALA FA 78 35.47 -89.13 45.08
C ALA FA 78 36.74 -89.76 44.51
N SER FA 79 36.58 -90.33 43.30
CA SER FA 79 37.68 -90.93 42.54
C SER FA 79 38.90 -90.01 42.38
N ARG FA 80 38.65 -88.75 42.04
CA ARG FA 80 39.71 -87.75 42.02
C ARG FA 80 40.40 -87.63 43.37
N LEU FA 81 39.64 -87.65 44.46
CA LEU FA 81 40.18 -87.51 45.82
C LEU FA 81 41.08 -88.68 46.24
N ALA FA 82 40.61 -89.90 45.98
CA ALA FA 82 41.49 -91.05 46.11
C ALA FA 82 42.80 -90.76 45.39
N HIS FA 83 42.70 -90.51 44.06
CA HIS FA 83 43.86 -90.28 43.21
C HIS FA 83 44.79 -89.20 43.72
N TYR FA 84 44.23 -88.04 44.08
CA TYR FA 84 45.04 -86.89 44.45
C TYR FA 84 45.88 -87.17 45.67
N ASN FA 85 45.43 -88.14 46.44
CA ASN FA 85 46.04 -88.51 47.72
C ASN FA 85 46.72 -89.86 47.65
N LYS FA 86 47.25 -90.17 46.47
CA LYS FA 86 47.85 -91.47 46.19
C LYS FA 86 47.16 -92.61 46.98
N ARG FA 87 45.87 -92.79 46.74
CA ARG FA 87 45.12 -93.77 47.51
C ARG FA 87 44.29 -94.72 46.62
N SER FA 88 44.33 -96.01 46.93
CA SER FA 88 43.80 -97.06 46.05
C SER FA 88 42.33 -97.36 46.23
N THR FA 89 41.68 -96.64 47.14
CA THR FA 89 40.36 -97.08 47.61
C THR FA 89 39.42 -95.93 47.98
N ILE FA 90 38.18 -96.03 47.50
CA ILE FA 90 37.13 -95.07 47.81
C ILE FA 90 36.34 -95.57 49.01
N THR FA 91 36.55 -94.92 50.15
CA THR FA 91 35.82 -95.19 51.39
C THR FA 91 34.87 -94.04 51.59
N SER FA 92 33.85 -94.25 52.43
CA SER FA 92 32.88 -93.19 52.70
C SER FA 92 33.48 -91.86 53.18
N ARG FA 93 34.73 -91.86 53.62
CA ARG FA 93 35.37 -90.57 53.91
C ARG FA 93 35.42 -89.74 52.63
N GLU FA 94 35.88 -90.38 51.53
CA GLU FA 94 35.86 -89.83 50.16
C GLU FA 94 34.49 -89.37 49.71
N ILE FA 95 33.52 -90.29 49.72
CA ILE FA 95 32.12 -90.01 49.36
C ILE FA 95 31.58 -88.85 50.17
N GLN FA 96 31.98 -88.77 51.43
CA GLN FA 96 31.64 -87.59 52.19
C GLN FA 96 32.25 -86.34 51.62
N THR FA 97 33.56 -86.23 51.60
CA THR FA 97 34.14 -84.95 51.20
C THR FA 97 33.77 -84.57 49.78
N ALA FA 98 33.66 -85.60 48.91
CA ALA FA 98 33.02 -85.46 47.58
C ALA FA 98 31.73 -84.66 47.69
N VAL FA 99 30.91 -85.03 48.67
CA VAL FA 99 29.63 -84.38 48.88
C VAL FA 99 29.78 -82.91 49.26
N ARG FA 100 30.83 -82.62 50.04
CA ARG FA 100 31.04 -81.26 50.51
C ARG FA 100 31.49 -80.31 49.42
N LEU FA 101 32.03 -80.87 48.33
CA LEU FA 101 32.41 -80.08 47.14
C LEU FA 101 31.23 -79.91 46.19
N LEU FA 102 30.54 -81.00 45.90
CA LEU FA 102 29.42 -81.03 44.97
C LEU FA 102 28.16 -80.25 45.30
N LEU FA 103 27.64 -80.44 46.52
CA LEU FA 103 26.34 -79.91 46.92
C LEU FA 103 26.42 -78.49 47.48
N PRO FA 104 25.33 -77.70 47.33
CA PRO FA 104 25.26 -76.45 48.08
C PRO FA 104 24.88 -76.66 49.56
N GLY FA 105 25.31 -75.72 50.42
CA GLY FA 105 25.14 -75.80 51.90
C GLY FA 105 24.05 -76.65 52.55
N GLU FA 106 22.85 -76.11 52.67
CA GLU FA 106 21.83 -76.83 53.43
C GLU FA 106 21.66 -78.25 52.91
N LEU FA 107 21.66 -78.38 51.59
CA LEU FA 107 21.62 -79.67 50.93
C LEU FA 107 22.81 -80.54 51.38
N ALA FA 108 24.03 -80.00 51.28
CA ALA FA 108 25.23 -80.73 51.68
C ALA FA 108 25.14 -81.20 53.13
N LYS FA 109 24.95 -80.25 54.05
CA LYS FA 109 24.91 -80.52 55.50
C LYS FA 109 23.96 -81.67 55.85
N HIS FA 110 22.69 -81.49 55.52
CA HIS FA 110 21.72 -82.56 55.71
C HIS FA 110 22.15 -83.90 55.13
N ALA FA 111 22.50 -83.91 53.83
CA ALA FA 111 22.98 -85.10 53.13
C ALA FA 111 24.12 -85.81 53.86
N VAL FA 112 25.13 -85.04 54.29
CA VAL FA 112 26.23 -85.55 55.11
C VAL FA 112 25.70 -86.25 56.37
N SER FA 113 24.87 -85.54 57.14
CA SER FA 113 24.34 -86.12 58.37
C SER FA 113 23.60 -87.42 58.02
N GLU FA 114 22.61 -87.29 57.15
CA GLU FA 114 21.87 -88.41 56.62
C GLU FA 114 22.74 -89.60 56.25
N GLY FA 115 23.86 -89.31 55.60
CA GLY FA 115 24.77 -90.34 55.13
C GLY FA 115 25.52 -91.01 56.24
N THR FA 116 26.22 -90.23 57.07
CA THR FA 116 27.09 -90.78 58.13
C THR FA 116 26.25 -91.49 59.20
N LYS FA 117 24.96 -91.14 59.22
CA LYS FA 117 24.00 -91.83 60.05
C LYS FA 117 23.83 -93.29 59.61
N ALA FA 118 23.52 -93.51 58.33
CA ALA FA 118 23.21 -94.86 57.84
C ALA FA 118 24.43 -95.81 57.87
N VAL FA 119 25.61 -95.20 57.95
CA VAL FA 119 26.89 -95.90 58.04
C VAL FA 119 27.06 -96.44 59.44
N THR FA 120 27.04 -95.52 60.38
CA THR FA 120 26.90 -95.83 61.79
C THR FA 120 25.85 -96.94 61.98
N LYS FA 121 24.62 -96.70 61.53
CA LYS FA 121 23.53 -97.71 61.58
C LYS FA 121 23.96 -99.04 60.98
N TYR FA 122 24.70 -98.96 59.88
CA TYR FA 122 25.16 -100.14 59.13
C TYR FA 122 26.25 -100.96 59.83
N THR FA 123 27.25 -100.29 60.39
CA THR FA 123 28.29 -100.93 61.18
C THR FA 123 27.69 -101.82 62.27
N SER FA 124 26.95 -101.19 63.19
CA SER FA 124 26.37 -101.84 64.35
C SER FA 124 25.52 -103.08 64.01
N ALA FA 125 24.68 -102.96 62.98
CA ALA FA 125 23.78 -104.04 62.56
C ALA FA 125 24.45 -105.00 61.57
#